data_4EBA
#
_entry.id   4EBA
#
_cell.length_a   162.040
_cell.length_b   162.040
_cell.length_c   177.540
_cell.angle_alpha   90.00
_cell.angle_beta   90.00
_cell.angle_gamma   120.00
#
_symmetry.space_group_name_H-M   'P 32'
#
loop_
_entity.id
_entity.type
_entity.pdbx_description
1 polymer "mRNA 3'-end-processing protein RNA14"
2 polymer Rna15
#
loop_
_entity_poly.entity_id
_entity_poly.type
_entity_poly.pdbx_seq_one_letter_code
_entity_poly.pdbx_strand_id
1 'polypeptide(L)'
;MSTSLRPTSRVRDESDVIGKLNDMIEEQPTDIFLYVKLLKHHVSLKQWKQVYETFDKLHDRFPLMANIWCMRLSLEFDKM
EELDAAVIEPVLARCLSKELGNNDLSLWLSYITYVRKKNDIITGGEEARNIVIQAFQVVVDKCAIFEPKSIQFWNEYLHF
LEHWKPVNKFEEQQRVQYIRKLYKTLLCQPMDCLESMWQRYTQWEQDVNQLTARRHIGELSAQYMNARSLYQDWLNITKG
LKRNLPITLNQATESNLPKPNEYDVQQLLIWLEWIRWESDNKLELSDDLHKARMTYVYMQAAQHVCFAPEIWFNMANYQG
EKNTDSTVITKYLKLGQQCIPNSAVLAFSLSEQYELNTKIPEIETTILSCIDRIHLDLAALMEDDPTNESAINQLKSKLT
YVYCVYMNTMKRIQGLAASRKIFGKCRRLKKLVTPDIYLENAYIEYHISKDTKTACKVLELGLKYFATDGEYINKYLDFL
IYVNEESQVKSLFESSIDKISDSHLLKMIFQKVIFFESKVGSLNSVRTLEKRFFEKFPEVNKLEEFTNKYKVLDVNYLQR
LELDYMVRDVMPEAIALDRGSNNLKRTMREEEDGQAFKKFKANEDPIPPEIVELLKVLPKRQYFKVTIFEAHAFSEFLSD
KVTIQ
;
A,B,C,D,E,F
2 'polypeptide(L)'
;MGSSHHHHHHSSGLVPRGSHMVEDVKFPWLPVGVDVNINMTTPAMCISSELGKLQKDQQMALLKVIQHFCKDDKETFVAL
LEEAPQLSYAIAELLLSNGVCSVDQLTQLAMASKQRPEEQTDNTVEDGLDEEKVDLLRQVLQLQDSDIAMLPQDEKMAVW
ELKQRAMKGEFGHL
;
G,I,H
#
# COMPACT_ATOMS: atom_id res chain seq x y z
N GLU A 14 -9.91 -16.70 84.86
CA GLU A 14 -8.68 -17.40 84.42
C GLU A 14 -7.73 -16.48 83.69
N SER A 15 -6.51 -16.37 84.22
CA SER A 15 -5.49 -15.51 83.63
C SER A 15 -4.29 -16.32 83.15
N ASP A 16 -4.57 -17.39 82.40
CA ASP A 16 -3.52 -18.25 81.82
C ASP A 16 -3.43 -17.97 80.32
N VAL A 17 -2.81 -16.84 79.97
CA VAL A 17 -2.65 -16.43 78.60
C VAL A 17 -1.97 -17.52 77.77
N ILE A 18 -1.39 -18.52 78.44
CA ILE A 18 -0.73 -19.63 77.75
C ILE A 18 -1.76 -20.58 77.13
N GLY A 19 -2.78 -20.94 77.90
CA GLY A 19 -3.81 -21.81 77.38
C GLY A 19 -4.78 -20.98 76.57
N LYS A 20 -4.63 -19.66 76.67
CA LYS A 20 -5.48 -18.74 75.94
C LYS A 20 -4.97 -18.67 74.50
N LEU A 21 -3.81 -18.06 74.35
CA LEU A 21 -3.17 -17.89 73.04
C LEU A 21 -3.12 -19.17 72.21
N ASN A 22 -2.91 -20.34 72.84
CA ASN A 22 -2.82 -21.58 72.08
C ASN A 22 -4.11 -21.92 71.33
N ASP A 23 -5.26 -21.66 71.95
CA ASP A 23 -6.52 -21.92 71.28
C ASP A 23 -6.59 -20.94 70.11
N MET A 24 -6.34 -19.68 70.41
CA MET A 24 -6.34 -18.58 69.44
C MET A 24 -5.46 -18.91 68.25
N ILE A 25 -4.29 -19.47 68.55
CA ILE A 25 -3.30 -19.87 67.56
C ILE A 25 -3.84 -21.06 66.76
N GLU A 26 -4.78 -21.78 67.35
CA GLU A 26 -5.36 -22.93 66.66
C GLU A 26 -6.33 -22.40 65.60
N GLU A 27 -7.30 -21.61 66.06
CA GLU A 27 -8.32 -21.03 65.20
C GLU A 27 -7.75 -20.15 64.06
N GLN A 28 -6.49 -19.72 64.16
CA GLN A 28 -5.84 -18.89 63.13
C GLN A 28 -4.32 -19.09 63.15
N PRO A 29 -3.86 -20.30 62.77
CA PRO A 29 -2.46 -20.75 62.72
C PRO A 29 -1.52 -20.06 61.74
N THR A 30 -2.05 -19.23 60.86
CA THR A 30 -1.20 -18.53 59.91
C THR A 30 -0.92 -17.12 60.38
N ASP A 31 -1.53 -16.75 61.52
CA ASP A 31 -1.32 -15.43 62.14
C ASP A 31 -0.02 -15.59 62.91
N ILE A 32 1.10 -15.33 62.22
CA ILE A 32 2.45 -15.49 62.78
C ILE A 32 2.68 -14.82 64.11
N PHE A 33 2.33 -13.55 64.18
CA PHE A 33 2.46 -12.78 65.40
C PHE A 33 1.91 -13.47 66.65
N LEU A 34 0.87 -14.28 66.49
CA LEU A 34 0.29 -14.97 67.63
C LEU A 34 1.27 -15.95 68.23
N TYR A 35 2.09 -16.60 67.41
CA TYR A 35 3.06 -17.54 67.95
C TYR A 35 4.12 -16.71 68.67
N VAL A 36 4.43 -15.54 68.09
CA VAL A 36 5.41 -14.60 68.64
C VAL A 36 4.96 -14.14 70.02
N LYS A 37 3.70 -13.69 70.11
CA LYS A 37 3.12 -13.26 71.36
C LYS A 37 3.38 -14.33 72.41
N LEU A 38 3.12 -15.58 72.04
CA LEU A 38 3.32 -16.73 72.91
C LEU A 38 4.80 -16.97 73.19
N LEU A 39 5.65 -16.69 72.20
CA LEU A 39 7.08 -16.89 72.40
C LEU A 39 7.58 -15.82 73.38
N LYS A 40 7.15 -14.57 73.16
CA LYS A 40 7.54 -13.46 74.02
C LYS A 40 6.97 -13.59 75.43
N HIS A 41 6.68 -14.82 75.84
CA HIS A 41 6.14 -15.10 77.15
C HIS A 41 6.81 -16.35 77.67
N HIS A 42 6.72 -17.43 76.90
CA HIS A 42 7.34 -18.69 77.27
C HIS A 42 8.82 -18.43 77.50
N VAL A 43 9.28 -17.28 77.04
CA VAL A 43 10.68 -16.88 77.19
C VAL A 43 10.89 -16.08 78.47
N SER A 44 10.05 -15.07 78.69
CA SER A 44 10.17 -14.23 79.89
C SER A 44 10.18 -15.06 81.16
N LEU A 45 9.74 -16.32 81.05
CA LEU A 45 9.70 -17.23 82.18
C LEU A 45 10.61 -18.42 81.91
N LYS A 46 11.69 -18.17 81.18
CA LYS A 46 12.68 -19.18 80.79
C LYS A 46 12.12 -20.60 80.70
N GLN A 47 10.91 -20.70 80.16
CA GLN A 47 10.23 -21.97 79.99
C GLN A 47 10.74 -22.66 78.74
N TRP A 48 12.06 -22.78 78.67
CA TRP A 48 12.74 -23.39 77.54
C TRP A 48 12.24 -24.76 77.10
N LYS A 49 11.35 -25.38 77.89
CA LYS A 49 10.81 -26.68 77.51
C LYS A 49 9.59 -26.42 76.64
N GLN A 50 9.01 -25.24 76.82
CA GLN A 50 7.83 -24.81 76.09
C GLN A 50 8.16 -23.98 74.84
N VAL A 51 9.06 -23.02 74.99
CA VAL A 51 9.48 -22.17 73.88
C VAL A 51 9.84 -22.97 72.63
N TYR A 52 10.37 -24.18 72.82
CA TYR A 52 10.76 -25.01 71.69
C TYR A 52 9.63 -25.81 71.04
N GLU A 53 8.58 -26.09 71.80
CA GLU A 53 7.45 -26.82 71.24
C GLU A 53 6.75 -25.90 70.26
N THR A 54 6.34 -24.73 70.76
CA THR A 54 5.67 -23.69 69.95
C THR A 54 6.47 -23.31 68.71
N PHE A 55 7.70 -22.86 68.92
CA PHE A 55 8.61 -22.47 67.84
C PHE A 55 8.69 -23.57 66.77
N ASP A 56 8.56 -24.83 67.18
CA ASP A 56 8.58 -25.96 66.25
C ASP A 56 7.24 -26.07 65.53
N LYS A 57 6.14 -25.89 66.26
CA LYS A 57 4.78 -25.94 65.68
C LYS A 57 4.74 -24.98 64.50
N LEU A 58 5.24 -23.77 64.72
CA LEU A 58 5.30 -22.75 63.69
C LEU A 58 6.19 -23.24 62.57
N HIS A 59 7.33 -23.83 62.93
CA HIS A 59 8.27 -24.36 61.94
C HIS A 59 7.59 -25.30 60.94
N ASP A 60 6.72 -26.16 61.46
CA ASP A 60 6.00 -27.14 60.63
C ASP A 60 5.17 -26.47 59.52
N ARG A 61 4.47 -25.41 59.88
CA ARG A 61 3.62 -24.70 58.94
C ARG A 61 4.36 -23.79 57.96
N PHE A 62 5.36 -23.08 58.47
CA PHE A 62 6.14 -22.15 57.65
C PHE A 62 7.59 -22.61 57.46
N PRO A 63 7.78 -23.86 57.05
CA PRO A 63 9.16 -24.31 56.88
C PRO A 63 10.06 -23.40 56.02
N LEU A 64 9.51 -22.46 55.26
CA LEU A 64 10.40 -21.61 54.46
C LEU A 64 10.48 -20.13 54.81
N MET A 65 9.87 -19.72 55.94
CA MET A 65 9.91 -18.31 56.38
C MET A 65 11.25 -18.10 57.03
N ALA A 66 12.19 -17.54 56.27
CA ALA A 66 13.53 -17.29 56.76
C ALA A 66 13.53 -16.67 58.14
N ASN A 67 12.97 -15.46 58.25
CA ASN A 67 12.94 -14.77 59.55
C ASN A 67 12.59 -15.72 60.70
N ILE A 68 11.52 -16.50 60.56
CA ILE A 68 11.17 -17.46 61.59
C ILE A 68 12.45 -18.17 62.05
N TRP A 69 13.18 -18.74 61.09
CA TRP A 69 14.41 -19.45 61.43
C TRP A 69 15.45 -18.53 62.03
N CYS A 70 15.43 -17.28 61.58
CA CYS A 70 16.37 -16.31 62.11
C CYS A 70 15.95 -16.10 63.56
N MET A 71 14.71 -15.70 63.78
CA MET A 71 14.21 -15.47 65.15
C MET A 71 14.43 -16.68 66.06
N ARG A 72 14.76 -17.82 65.47
CA ARG A 72 15.01 -19.04 66.23
C ARG A 72 16.48 -19.14 66.63
N LEU A 73 17.36 -18.57 65.81
CA LEU A 73 18.79 -18.60 66.11
C LEU A 73 19.13 -17.43 67.04
N SER A 74 18.48 -16.29 66.83
CA SER A 74 18.74 -15.13 67.66
C SER A 74 18.13 -15.30 69.04
N LEU A 75 17.79 -16.55 69.38
CA LEU A 75 17.23 -16.83 70.70
C LEU A 75 18.16 -17.79 71.42
N GLU A 76 19.06 -18.41 70.68
CA GLU A 76 20.03 -19.32 71.27
C GLU A 76 21.27 -18.47 71.47
N PHE A 77 21.41 -17.47 70.60
CA PHE A 77 22.54 -16.56 70.67
C PHE A 77 22.27 -15.56 71.77
N ASP A 78 21.67 -16.07 72.84
CA ASP A 78 21.35 -15.28 74.02
C ASP A 78 21.56 -16.16 75.25
N LYS A 79 22.82 -16.50 75.52
CA LYS A 79 23.20 -17.34 76.64
C LYS A 79 24.66 -17.78 76.54
N GLU A 82 27.98 -18.83 76.27
CA GLU A 82 28.44 -19.42 75.02
C GLU A 82 27.37 -20.25 74.34
N LEU A 83 27.73 -20.80 73.18
CA LEU A 83 26.83 -21.63 72.38
C LEU A 83 27.02 -23.12 72.69
N ASP A 84 26.54 -23.97 71.79
CA ASP A 84 26.64 -25.42 71.92
C ASP A 84 26.05 -26.13 70.70
N ALA A 85 26.90 -26.87 69.98
CA ALA A 85 26.52 -27.61 68.78
C ALA A 85 25.62 -28.80 69.12
N ALA A 86 24.75 -28.63 70.11
CA ALA A 86 23.86 -29.69 70.54
C ALA A 86 22.45 -29.20 70.30
N VAL A 87 22.26 -27.89 70.53
CA VAL A 87 20.97 -27.27 70.34
C VAL A 87 20.87 -26.69 68.93
N ILE A 88 21.87 -25.89 68.57
CA ILE A 88 21.90 -25.24 67.27
C ILE A 88 22.08 -26.18 66.08
N GLU A 89 22.86 -27.24 66.25
CA GLU A 89 23.09 -28.21 65.17
C GLU A 89 21.82 -28.80 64.58
N PRO A 90 20.87 -29.24 65.45
CA PRO A 90 19.61 -29.81 64.96
C PRO A 90 18.88 -28.86 64.05
N VAL A 91 18.72 -27.61 64.50
CA VAL A 91 18.03 -26.59 63.73
C VAL A 91 18.60 -26.40 62.33
N LEU A 92 19.87 -25.99 62.26
CA LEU A 92 20.50 -25.77 60.97
C LEU A 92 20.30 -26.99 60.09
N ALA A 93 20.25 -28.15 60.74
CA ALA A 93 20.03 -29.41 60.03
C ALA A 93 18.68 -29.27 59.35
N ARG A 94 17.66 -29.01 60.16
CA ARG A 94 16.30 -28.83 59.67
C ARG A 94 16.24 -27.85 58.51
N CYS A 95 16.14 -26.56 58.83
CA CYS A 95 16.03 -25.51 57.83
C CYS A 95 17.06 -25.44 56.70
N LEU A 96 18.30 -25.84 56.97
CA LEU A 96 19.30 -25.77 55.93
C LEU A 96 19.34 -27.00 55.04
N SER A 97 18.50 -27.99 55.36
CA SER A 97 18.39 -29.26 54.62
C SER A 97 18.27 -29.11 53.09
N LYS A 98 18.29 -30.24 52.39
CA LYS A 98 18.17 -30.20 50.94
C LYS A 98 16.70 -30.10 50.60
N GLU A 99 15.84 -30.64 51.45
CA GLU A 99 14.41 -30.60 51.23
C GLU A 99 13.81 -29.25 51.52
N LEU A 100 14.59 -28.37 52.13
CA LEU A 100 14.12 -27.02 52.42
C LEU A 100 15.26 -26.07 52.10
N GLY A 101 15.49 -25.82 50.82
CA GLY A 101 16.58 -24.95 50.44
C GLY A 101 16.44 -23.54 50.97
N ASN A 102 16.45 -23.34 52.29
CA ASN A 102 16.30 -22.01 52.84
C ASN A 102 17.50 -21.14 52.50
N ASN A 103 17.47 -20.61 51.29
CA ASN A 103 18.54 -19.78 50.73
C ASN A 103 18.27 -18.27 50.91
N ASP A 104 18.11 -17.85 52.16
CA ASP A 104 17.86 -16.44 52.48
C ASP A 104 19.15 -15.93 53.11
N LEU A 105 19.61 -14.76 52.66
CA LEU A 105 20.84 -14.14 53.19
C LEU A 105 20.85 -13.83 54.69
N SER A 106 19.78 -13.23 55.19
CA SER A 106 19.67 -12.87 56.60
C SER A 106 19.73 -14.11 57.49
N LEU A 107 19.91 -15.28 56.89
CA LEU A 107 20.00 -16.50 57.67
C LEU A 107 21.43 -17.02 57.60
N TRP A 108 21.93 -17.17 56.38
CA TRP A 108 23.29 -17.62 56.18
C TRP A 108 24.24 -16.77 57.01
N LEU A 109 23.79 -15.58 57.38
CA LEU A 109 24.63 -14.71 58.21
C LEU A 109 24.66 -15.31 59.60
N SER A 110 23.49 -15.74 60.09
CA SER A 110 23.40 -16.34 61.41
C SER A 110 24.16 -17.67 61.45
N TYR A 111 24.30 -18.30 60.30
CA TYR A 111 25.04 -19.55 60.18
C TYR A 111 26.54 -19.23 60.17
N ILE A 112 26.91 -18.17 59.46
CA ILE A 112 28.31 -17.79 59.40
C ILE A 112 28.77 -17.36 60.79
N THR A 113 27.87 -16.74 61.55
CA THR A 113 28.21 -16.31 62.91
C THR A 113 28.65 -17.52 63.71
N TYR A 114 27.99 -18.65 63.47
CA TYR A 114 28.28 -19.91 64.15
C TYR A 114 29.62 -20.46 63.70
N VAL A 115 29.76 -20.65 62.39
CA VAL A 115 31.00 -21.15 61.83
C VAL A 115 32.15 -20.18 62.20
N ARG A 116 31.79 -19.12 62.93
CA ARG A 116 32.77 -18.12 63.36
C ARG A 116 33.23 -18.47 64.78
N LYS A 117 32.29 -18.46 65.72
CA LYS A 117 32.61 -18.77 67.11
C LYS A 117 33.15 -20.19 67.22
N LYS A 118 32.32 -21.17 66.85
CA LYS A 118 32.72 -22.58 66.89
C LYS A 118 33.74 -22.89 65.81
N ASN A 119 34.85 -22.14 65.79
CA ASN A 119 35.89 -22.36 64.80
C ASN A 119 37.01 -21.31 64.82
N ASP A 120 37.33 -20.81 66.01
CA ASP A 120 38.36 -19.79 66.17
C ASP A 120 39.51 -19.96 65.17
N ILE A 121 39.98 -18.85 64.61
CA ILE A 121 41.08 -18.84 63.63
C ILE A 121 42.37 -19.18 64.38
N ILE A 122 42.57 -18.52 65.51
CA ILE A 122 43.74 -18.72 66.37
C ILE A 122 43.81 -20.19 66.78
N THR A 123 42.99 -20.55 67.76
CA THR A 123 42.92 -21.91 68.29
C THR A 123 43.08 -23.00 67.25
N GLY A 124 42.11 -23.10 66.34
CA GLY A 124 42.17 -24.11 65.31
C GLY A 124 43.45 -24.05 64.50
N GLY A 125 43.58 -23.04 63.64
CA GLY A 125 44.77 -22.91 62.83
C GLY A 125 44.49 -22.97 61.35
N GLU A 126 45.47 -23.43 60.58
CA GLU A 126 45.36 -23.55 59.13
C GLU A 126 44.04 -24.10 58.64
N GLU A 127 43.64 -25.24 59.21
CA GLU A 127 42.40 -25.90 58.82
C GLU A 127 41.16 -25.29 59.48
N ALA A 128 41.35 -24.56 60.59
CA ALA A 128 40.22 -23.93 61.27
C ALA A 128 39.74 -22.71 60.46
N ARG A 129 40.63 -21.73 60.29
CA ARG A 129 40.30 -20.53 59.53
C ARG A 129 39.85 -20.95 58.12
N ASN A 130 40.53 -21.93 57.55
CA ASN A 130 40.21 -22.41 56.21
C ASN A 130 38.81 -23.02 56.13
N ILE A 131 38.23 -23.29 57.29
CA ILE A 131 36.88 -23.86 57.37
C ILE A 131 35.86 -22.72 57.25
N VAL A 132 36.15 -21.60 57.92
CA VAL A 132 35.27 -20.43 57.89
C VAL A 132 35.11 -19.93 56.44
N ILE A 133 36.10 -20.22 55.58
CA ILE A 133 36.00 -19.83 54.18
C ILE A 133 34.88 -20.63 53.53
N GLN A 134 34.83 -21.92 53.87
CA GLN A 134 33.80 -22.84 53.35
C GLN A 134 32.44 -22.20 53.56
N ALA A 135 32.16 -21.87 54.82
CA ALA A 135 30.92 -21.24 55.17
C ALA A 135 30.75 -20.14 54.18
N PHE A 136 31.47 -19.04 54.39
CA PHE A 136 31.40 -17.91 53.51
C PHE A 136 31.29 -18.31 52.04
N GLN A 137 32.18 -19.20 51.59
CA GLN A 137 32.16 -19.59 50.19
C GLN A 137 30.86 -20.20 49.70
N VAL A 138 30.27 -21.11 50.49
CA VAL A 138 29.01 -21.71 50.10
C VAL A 138 27.96 -20.64 49.87
N VAL A 139 27.72 -19.85 50.92
CA VAL A 139 26.75 -18.76 50.89
C VAL A 139 26.93 -17.92 49.64
N VAL A 140 28.15 -17.91 49.11
CA VAL A 140 28.45 -17.16 47.91
C VAL A 140 27.87 -17.86 46.71
N ASP A 141 28.19 -19.14 46.56
CA ASP A 141 27.75 -19.92 45.42
C ASP A 141 26.25 -20.21 45.38
N LYS A 142 25.63 -20.20 46.56
CA LYS A 142 24.19 -20.48 46.70
C LYS A 142 23.29 -19.25 46.71
N CYS A 143 23.64 -18.30 47.56
CA CYS A 143 22.86 -17.08 47.76
C CYS A 143 23.48 -15.75 47.31
N ALA A 144 24.40 -15.23 48.12
CA ALA A 144 25.09 -13.97 47.90
C ALA A 144 25.36 -13.50 46.48
N ILE A 145 25.55 -14.41 45.53
CA ILE A 145 25.81 -14.01 44.16
C ILE A 145 24.54 -13.85 43.32
N PHE A 146 23.39 -13.95 44.00
CA PHE A 146 22.11 -13.81 43.32
C PHE A 146 21.39 -12.60 43.86
N GLU A 147 21.35 -12.49 45.18
CA GLU A 147 20.72 -11.36 45.84
C GLU A 147 21.55 -10.10 45.54
N PRO A 148 20.92 -9.05 44.99
CA PRO A 148 21.63 -7.82 44.69
C PRO A 148 21.91 -6.94 45.90
N LYS A 149 20.96 -6.84 46.81
CA LYS A 149 21.17 -6.04 48.00
C LYS A 149 21.91 -6.89 49.02
N SER A 150 23.13 -7.29 48.68
CA SER A 150 23.96 -8.14 49.54
C SER A 150 25.21 -7.43 50.05
N ILE A 151 25.13 -6.12 50.25
CA ILE A 151 26.28 -5.39 50.73
C ILE A 151 26.77 -5.94 52.08
N GLN A 152 25.89 -5.93 53.08
CA GLN A 152 26.20 -6.43 54.42
C GLN A 152 27.12 -7.65 54.45
N PHE A 153 26.85 -8.61 53.57
CA PHE A 153 27.61 -9.85 53.49
C PHE A 153 29.04 -9.67 53.03
N TRP A 154 29.21 -9.63 51.70
CA TRP A 154 30.52 -9.49 51.09
C TRP A 154 31.48 -8.71 51.97
N ASN A 155 30.97 -7.67 52.62
CA ASN A 155 31.83 -6.87 53.48
C ASN A 155 32.40 -7.72 54.61
N GLU A 156 31.54 -8.33 55.41
CA GLU A 156 32.01 -9.13 56.53
C GLU A 156 32.96 -10.23 56.09
N TYR A 157 32.83 -10.66 54.82
CA TYR A 157 33.66 -11.72 54.24
C TYR A 157 35.01 -11.18 53.78
N LEU A 158 35.00 -10.04 53.07
CA LEU A 158 36.25 -9.45 52.60
C LEU A 158 37.00 -8.94 53.83
N HIS A 159 36.26 -8.44 54.81
CA HIS A 159 36.82 -7.94 56.07
C HIS A 159 37.55 -9.11 56.71
N PHE A 160 37.09 -10.31 56.37
CA PHE A 160 37.67 -11.54 56.87
C PHE A 160 38.91 -11.86 56.03
N LEU A 161 38.84 -11.60 54.73
CA LEU A 161 39.99 -11.85 53.87
C LEU A 161 40.97 -10.69 53.98
N GLU A 162 40.55 -9.61 54.64
CA GLU A 162 41.41 -8.44 54.84
C GLU A 162 42.18 -8.65 56.13
N HIS A 163 41.48 -8.73 57.25
CA HIS A 163 42.15 -8.93 58.52
C HIS A 163 43.06 -10.16 58.52
N TRP A 164 43.03 -10.95 57.44
CA TRP A 164 43.88 -12.13 57.40
C TRP A 164 45.37 -11.79 57.33
N LYS A 165 46.07 -12.08 58.43
CA LYS A 165 47.50 -11.82 58.58
C LYS A 165 48.37 -12.96 58.03
N PRO A 166 48.81 -12.85 56.77
CA PRO A 166 49.65 -13.90 56.17
C PRO A 166 50.67 -14.33 57.21
N VAL A 167 50.89 -15.64 57.33
CA VAL A 167 51.84 -16.13 58.31
C VAL A 167 53.09 -16.67 57.59
N ASN A 168 52.98 -16.87 56.27
CA ASN A 168 54.08 -17.38 55.47
C ASN A 168 53.98 -17.07 53.96
N LYS A 169 55.00 -17.50 53.21
CA LYS A 169 55.05 -17.28 51.76
C LYS A 169 53.83 -17.81 51.03
N PHE A 170 53.31 -18.96 51.44
CA PHE A 170 52.15 -19.54 50.78
C PHE A 170 50.83 -18.93 51.25
N GLU A 171 50.77 -18.46 52.49
CA GLU A 171 49.56 -17.85 53.00
C GLU A 171 49.29 -16.48 52.39
N GLU A 172 50.32 -15.63 52.36
CA GLU A 172 50.18 -14.30 51.78
C GLU A 172 49.89 -14.42 50.28
N GLN A 173 50.27 -15.55 49.70
CA GLN A 173 50.04 -15.82 48.29
C GLN A 173 48.59 -16.25 48.12
N GLN A 174 48.19 -17.27 48.88
CA GLN A 174 46.84 -17.81 48.84
C GLN A 174 45.87 -16.70 49.24
N ARG A 175 46.41 -15.69 49.92
CA ARG A 175 45.64 -14.55 50.39
C ARG A 175 45.09 -13.76 49.21
N VAL A 176 45.96 -13.44 48.25
CA VAL A 176 45.56 -12.70 47.06
C VAL A 176 44.83 -13.65 46.11
N GLN A 177 45.05 -14.95 46.30
CA GLN A 177 44.39 -15.97 45.50
C GLN A 177 42.89 -15.87 45.74
N TYR A 178 42.53 -15.78 47.01
CA TYR A 178 41.14 -15.68 47.42
C TYR A 178 40.55 -14.29 47.28
N ILE A 179 41.23 -13.31 47.84
CA ILE A 179 40.75 -11.92 47.77
C ILE A 179 40.42 -11.46 46.35
N ARG A 180 41.21 -11.90 45.38
CA ARG A 180 40.95 -11.54 43.98
C ARG A 180 39.72 -12.26 43.49
N LYS A 181 39.67 -13.56 43.75
CA LYS A 181 38.53 -14.39 43.38
C LYS A 181 37.26 -13.68 43.81
N LEU A 182 37.17 -13.45 45.11
CA LEU A 182 36.05 -12.79 45.76
C LEU A 182 35.69 -11.49 45.04
N TYR A 183 36.68 -10.69 44.70
CA TYR A 183 36.42 -9.45 43.97
C TYR A 183 35.92 -9.80 42.56
N LYS A 184 36.74 -10.55 41.81
CA LYS A 184 36.39 -10.96 40.44
C LYS A 184 35.05 -11.66 40.35
N THR A 185 34.42 -11.89 41.49
CA THR A 185 33.14 -12.57 41.51
C THR A 185 31.96 -11.67 41.82
N LEU A 186 32.05 -10.85 42.87
CA LEU A 186 30.94 -9.99 43.20
C LEU A 186 30.83 -8.80 42.24
N LEU A 187 31.91 -8.50 41.56
CA LEU A 187 31.93 -7.39 40.60
C LEU A 187 31.41 -7.78 39.22
N CYS A 188 30.41 -8.67 39.20
CA CYS A 188 29.79 -9.13 37.97
C CYS A 188 28.31 -9.32 38.23
N GLN A 189 27.94 -9.23 39.50
CA GLN A 189 26.56 -9.42 39.95
C GLN A 189 25.93 -8.11 40.37
N PRO A 190 24.80 -7.73 39.74
CA PRO A 190 24.15 -6.48 40.11
C PRO A 190 24.05 -6.35 41.63
N MET A 191 24.83 -5.46 42.21
CA MET A 191 24.82 -5.29 43.66
C MET A 191 24.83 -3.84 44.12
N ASP A 192 24.18 -3.62 45.26
CA ASP A 192 24.06 -2.30 45.85
C ASP A 192 25.40 -1.75 46.36
N CYS A 193 26.49 -2.26 45.82
CA CYS A 193 27.82 -1.82 46.22
C CYS A 193 28.81 -1.94 45.07
N LEU A 194 28.36 -2.47 43.94
CA LEU A 194 29.23 -2.63 42.78
C LEU A 194 30.24 -1.49 42.66
N GLU A 195 29.77 -0.26 42.88
CA GLU A 195 30.64 0.91 42.76
C GLU A 195 31.63 1.04 43.92
N SER A 196 31.13 1.11 45.15
CA SER A 196 31.99 1.24 46.32
C SER A 196 33.01 0.10 46.47
N MET A 197 32.62 -1.09 46.01
CA MET A 197 33.51 -2.26 46.06
C MET A 197 34.50 -2.17 44.93
N TRP A 198 34.13 -1.45 43.88
CA TRP A 198 35.02 -1.28 42.75
C TRP A 198 36.09 -0.25 43.09
N GLN A 199 35.75 0.65 44.02
CA GLN A 199 36.67 1.70 44.46
C GLN A 199 37.69 1.07 45.40
N ARG A 200 37.31 -0.05 46.01
CA ARG A 200 38.17 -0.77 46.94
C ARG A 200 38.98 -1.86 46.26
N TYR A 201 38.57 -2.27 45.06
CA TYR A 201 39.28 -3.30 44.32
C TYR A 201 40.37 -2.69 43.49
N THR A 202 40.05 -1.54 42.91
CA THR A 202 40.97 -0.79 42.07
C THR A 202 42.19 -0.30 42.87
N GLN A 203 41.96 0.06 44.14
CA GLN A 203 43.03 0.53 45.02
C GLN A 203 43.78 -0.65 45.64
N TRP A 204 43.08 -1.75 45.86
CA TRP A 204 43.68 -2.94 46.45
C TRP A 204 44.62 -3.66 45.51
N GLU A 205 44.34 -3.59 44.21
CA GLU A 205 45.18 -4.23 43.23
C GLU A 205 46.54 -3.53 43.07
N GLN A 206 46.60 -2.26 43.50
CA GLN A 206 47.83 -1.46 43.42
C GLN A 206 48.73 -1.58 44.66
N ASP A 207 48.27 -2.33 45.66
CA ASP A 207 49.03 -2.58 46.88
C ASP A 207 49.66 -3.95 46.72
N VAL A 208 49.41 -4.56 45.56
CA VAL A 208 49.92 -5.88 45.23
C VAL A 208 50.75 -5.79 43.96
N ASN A 209 50.31 -4.91 43.05
CA ASN A 209 51.03 -4.73 41.80
C ASN A 209 50.81 -3.32 41.27
N GLN A 210 51.90 -2.61 41.07
CA GLN A 210 51.84 -1.28 40.51
C GLN A 210 52.44 -1.36 39.12
N LEU A 211 52.42 -2.56 38.55
CA LEU A 211 52.95 -2.81 37.22
C LEU A 211 52.16 -3.93 36.58
N THR A 212 51.59 -4.78 37.42
CA THR A 212 50.81 -5.91 36.98
C THR A 212 49.57 -6.13 37.85
N ALA A 213 48.68 -5.15 37.81
CA ALA A 213 47.43 -5.19 38.56
C ALA A 213 46.49 -4.13 37.97
N ARG A 214 47.04 -3.35 37.04
CA ARG A 214 46.28 -2.33 36.35
C ARG A 214 45.70 -2.97 35.09
N ARG A 215 45.96 -4.27 34.93
CA ARG A 215 45.45 -5.03 33.78
C ARG A 215 44.32 -5.90 34.32
N HIS A 216 44.37 -6.16 35.63
CA HIS A 216 43.37 -6.96 36.32
C HIS A 216 42.09 -6.15 36.44
N ILE A 217 42.27 -4.83 36.56
CA ILE A 217 41.17 -3.89 36.66
C ILE A 217 40.68 -3.58 35.24
N GLY A 218 41.44 -4.05 34.26
CA GLY A 218 41.11 -3.84 32.86
C GLY A 218 40.60 -5.09 32.14
N GLU A 219 39.93 -5.96 32.91
CA GLU A 219 39.35 -7.19 32.39
C GLU A 219 37.96 -7.33 33.00
N LEU A 220 37.74 -6.63 34.11
CA LEU A 220 36.47 -6.63 34.83
C LEU A 220 35.57 -5.47 34.42
N SER A 221 36.16 -4.32 34.12
CA SER A 221 35.38 -3.14 33.72
C SER A 221 34.26 -3.54 32.74
N ALA A 222 34.59 -4.45 31.82
CA ALA A 222 33.63 -4.93 30.83
C ALA A 222 32.36 -5.38 31.54
N GLN A 223 32.48 -6.48 32.28
CA GLN A 223 31.36 -7.02 33.03
C GLN A 223 30.93 -6.09 34.15
N TYR A 224 31.89 -5.54 34.87
CA TYR A 224 31.62 -4.62 35.98
C TYR A 224 30.51 -3.63 35.65
N MET A 225 30.71 -2.90 34.55
CA MET A 225 29.72 -1.91 34.13
C MET A 225 28.37 -2.57 33.87
N ASN A 226 28.34 -3.57 32.99
CA ASN A 226 27.09 -4.26 32.67
C ASN A 226 26.38 -4.65 33.95
N ALA A 227 27.15 -4.95 35.00
CA ALA A 227 26.61 -5.33 36.29
C ALA A 227 25.92 -4.11 36.91
N ARG A 228 26.47 -2.93 36.70
CA ARG A 228 25.86 -1.71 37.22
C ARG A 228 24.49 -1.53 36.55
N SER A 229 24.52 -1.28 35.25
CA SER A 229 23.30 -1.06 34.45
C SER A 229 22.19 -1.98 34.90
N LEU A 230 22.43 -3.28 34.78
CA LEU A 230 21.43 -4.26 35.18
C LEU A 230 20.99 -3.95 36.58
N TYR A 231 21.93 -3.61 37.47
CA TYR A 231 21.52 -3.29 38.82
C TYR A 231 20.60 -2.06 38.77
N GLN A 232 20.78 -1.22 37.76
CA GLN A 232 19.94 -0.05 37.62
C GLN A 232 18.56 -0.54 37.23
N ASP A 233 18.51 -1.23 36.09
CA ASP A 233 17.26 -1.77 35.60
C ASP A 233 16.62 -2.42 36.81
N TRP A 234 17.38 -3.30 37.46
CA TRP A 234 16.88 -3.99 38.64
C TRP A 234 16.32 -2.95 39.59
N LEU A 235 17.10 -1.90 39.82
CA LEU A 235 16.72 -0.84 40.75
C LEU A 235 15.35 -0.19 40.47
N ASN A 236 14.99 -0.02 39.21
CA ASN A 236 13.69 0.57 38.85
C ASN A 236 12.61 -0.47 39.14
N ILE A 237 12.77 -1.63 38.50
CA ILE A 237 11.85 -2.73 38.65
C ILE A 237 11.60 -3.02 40.12
N THR A 238 12.64 -2.88 40.92
CA THR A 238 12.59 -3.10 42.35
C THR A 238 11.78 -2.07 43.14
N LYS A 239 11.61 -0.88 42.57
CA LYS A 239 10.90 0.24 43.22
C LYS A 239 10.41 0.01 44.64
N GLY A 240 9.09 0.05 44.83
CA GLY A 240 8.57 -0.15 46.16
C GLY A 240 8.73 -1.57 46.68
N LEU A 241 9.89 -2.18 46.50
CA LEU A 241 10.06 -3.54 46.98
C LEU A 241 10.36 -3.54 48.47
N LYS A 242 9.32 -3.37 49.28
CA LYS A 242 9.47 -3.36 50.72
C LYS A 242 9.77 -4.78 51.17
N ARG A 243 10.98 -4.99 51.69
CA ARG A 243 11.40 -6.30 52.15
C ARG A 243 11.89 -6.16 53.59
N ASN A 244 11.00 -6.36 54.55
CA ASN A 244 11.37 -6.21 55.95
C ASN A 244 10.56 -7.07 56.89
N LEU A 245 11.10 -8.25 57.19
CA LEU A 245 10.41 -9.15 58.10
C LEU A 245 11.18 -9.31 59.42
N PRO A 246 10.50 -9.21 60.56
CA PRO A 246 11.24 -9.36 61.82
C PRO A 246 12.13 -10.60 61.83
N ILE A 247 13.45 -10.38 61.96
CA ILE A 247 14.41 -11.46 62.03
C ILE A 247 14.71 -11.77 63.50
N THR A 248 14.41 -10.78 64.36
CA THR A 248 14.64 -10.90 65.80
C THR A 248 13.31 -11.02 66.50
N LEU A 249 13.17 -12.08 67.29
CA LEU A 249 11.93 -12.32 68.01
C LEU A 249 11.43 -11.08 68.74
N ASN A 250 12.33 -10.12 68.98
CA ASN A 250 11.99 -8.89 69.70
C ASN A 250 11.37 -7.78 68.84
N GLN A 251 11.78 -7.68 67.59
CA GLN A 251 11.25 -6.69 66.66
C GLN A 251 9.97 -7.20 65.96
N ALA A 252 9.51 -8.37 66.40
CA ALA A 252 8.32 -8.98 65.85
C ALA A 252 7.10 -8.23 66.31
N THR A 253 6.91 -7.03 65.77
CA THR A 253 5.74 -6.26 66.15
C THR A 253 4.52 -6.67 65.34
N GLU A 254 3.36 -6.54 65.97
CA GLU A 254 2.09 -6.86 65.34
C GLU A 254 1.85 -5.88 64.19
N SER A 255 2.85 -5.70 63.33
CA SER A 255 2.70 -4.77 62.24
C SER A 255 3.62 -5.07 61.08
N ASN A 256 4.82 -5.57 61.39
CA ASN A 256 5.77 -5.93 60.35
C ASN A 256 5.56 -7.40 59.95
N LEU A 257 4.61 -8.05 60.62
CA LEU A 257 4.24 -9.42 60.33
C LEU A 257 2.88 -9.34 59.65
N PRO A 258 2.69 -10.08 58.54
CA PRO A 258 1.42 -10.08 57.80
C PRO A 258 0.26 -10.83 58.47
N LYS A 259 -0.92 -10.24 58.38
CA LYS A 259 -2.11 -10.84 58.97
C LYS A 259 -2.62 -11.96 58.08
N PRO A 260 -3.32 -12.96 58.65
CA PRO A 260 -3.87 -14.09 57.90
C PRO A 260 -4.41 -13.72 56.52
N ASN A 261 -4.10 -14.56 55.54
CA ASN A 261 -4.55 -14.36 54.16
C ASN A 261 -4.23 -13.00 53.55
N GLU A 262 -3.61 -12.13 54.34
CA GLU A 262 -3.29 -10.78 53.89
C GLU A 262 -2.03 -10.58 53.05
N TYR A 263 -2.15 -9.74 52.03
CA TYR A 263 -1.01 -9.42 51.18
C TYR A 263 -1.24 -8.15 50.38
N ASP A 264 -0.17 -7.38 50.20
CA ASP A 264 -0.28 -6.14 49.45
C ASP A 264 -0.29 -6.48 47.96
N VAL A 265 -1.42 -6.23 47.33
CA VAL A 265 -1.52 -6.54 45.92
C VAL A 265 -0.41 -5.91 45.11
N GLN A 266 -0.15 -4.63 45.34
CA GLN A 266 0.89 -3.95 44.57
C GLN A 266 2.24 -4.64 44.79
N GLN A 267 2.51 -4.94 46.06
CA GLN A 267 3.74 -5.60 46.48
C GLN A 267 4.02 -6.81 45.62
N LEU A 268 3.01 -7.68 45.57
CA LEU A 268 3.10 -8.89 44.81
C LEU A 268 3.58 -8.60 43.38
N LEU A 269 2.83 -7.76 42.68
CA LEU A 269 3.16 -7.41 41.30
C LEU A 269 4.60 -6.95 41.11
N ILE A 270 5.09 -6.19 42.07
CA ILE A 270 6.47 -5.71 41.99
C ILE A 270 7.34 -6.96 41.97
N TRP A 271 7.12 -7.82 42.95
CA TRP A 271 7.87 -9.06 43.04
C TRP A 271 7.84 -9.81 41.70
N LEU A 272 6.64 -10.04 41.19
CA LEU A 272 6.48 -10.75 39.93
C LEU A 272 7.29 -10.11 38.80
N GLU A 273 7.34 -8.78 38.81
CA GLU A 273 8.06 -8.03 37.79
C GLU A 273 9.54 -8.37 37.80
N TRP A 274 10.05 -8.62 39.01
CA TRP A 274 11.43 -8.98 39.23
C TRP A 274 11.68 -10.34 38.57
N ILE A 275 10.88 -11.31 38.98
CA ILE A 275 10.99 -12.67 38.48
C ILE A 275 10.88 -12.77 36.96
N ARG A 276 10.05 -11.93 36.37
CA ARG A 276 9.92 -11.97 34.93
C ARG A 276 11.19 -11.38 34.32
N TRP A 277 11.88 -10.55 35.08
CA TRP A 277 13.12 -9.93 34.61
C TRP A 277 14.23 -10.97 34.72
N GLU A 278 14.20 -11.70 35.82
CA GLU A 278 15.18 -12.73 36.10
C GLU A 278 15.04 -13.88 35.11
N SER A 279 13.95 -13.89 34.37
CA SER A 279 13.70 -14.96 33.41
C SER A 279 14.37 -14.71 32.09
N ASP A 280 14.35 -13.46 31.65
CA ASP A 280 14.99 -13.08 30.39
C ASP A 280 16.39 -13.66 30.35
N ASN A 281 17.00 -13.70 31.53
CA ASN A 281 18.34 -14.19 31.71
C ASN A 281 19.26 -13.18 31.03
N LYS A 282 19.36 -12.01 31.63
CA LYS A 282 20.19 -10.95 31.11
C LYS A 282 21.67 -11.10 31.53
N LEU A 283 21.94 -11.95 32.51
CA LEU A 283 23.31 -12.20 32.96
C LEU A 283 23.85 -13.37 32.17
N GLU A 284 23.13 -13.76 31.12
CA GLU A 284 23.56 -14.87 30.27
C GLU A 284 24.21 -16.02 31.06
N LEU A 285 23.71 -16.30 32.25
CA LEU A 285 24.28 -17.38 33.06
C LEU A 285 23.93 -18.73 32.48
N SER A 286 24.67 -19.76 32.88
CA SER A 286 24.41 -21.11 32.40
C SER A 286 22.98 -21.45 32.79
N ASP A 287 22.44 -22.55 32.29
CA ASP A 287 21.07 -22.93 32.62
C ASP A 287 20.95 -23.29 34.10
N ASP A 288 21.88 -24.13 34.56
CA ASP A 288 21.90 -24.57 35.95
C ASP A 288 21.89 -23.39 36.90
N LEU A 289 22.72 -22.39 36.62
CA LEU A 289 22.77 -21.21 37.47
C LEU A 289 21.54 -20.36 37.24
N HIS A 290 21.18 -20.13 35.97
CA HIS A 290 20.01 -19.32 35.71
C HIS A 290 18.94 -19.91 36.59
N LYS A 291 18.70 -21.20 36.40
CA LYS A 291 17.70 -21.91 37.17
C LYS A 291 17.93 -21.66 38.66
N ALA A 292 19.20 -21.66 39.05
CA ALA A 292 19.57 -21.42 40.45
C ALA A 292 19.06 -20.05 40.86
N ARG A 293 19.42 -19.05 40.06
CA ARG A 293 19.06 -17.64 40.28
C ARG A 293 17.56 -17.50 40.44
N MET A 294 16.84 -17.89 39.39
CA MET A 294 15.39 -17.86 39.36
C MET A 294 14.82 -18.45 40.66
N THR A 295 15.28 -19.63 41.00
CA THR A 295 14.80 -20.25 42.20
C THR A 295 14.98 -19.34 43.42
N TYR A 296 16.14 -18.67 43.49
CA TYR A 296 16.39 -17.80 44.63
C TYR A 296 15.33 -16.75 44.80
N VAL A 297 15.13 -15.99 43.73
CA VAL A 297 14.15 -14.91 43.75
C VAL A 297 12.74 -15.44 44.07
N TYR A 298 12.33 -16.54 43.45
CA TYR A 298 11.01 -17.13 43.72
C TYR A 298 10.87 -17.35 45.22
N MET A 299 11.81 -18.07 45.81
CA MET A 299 11.83 -18.32 47.24
C MET A 299 11.60 -17.01 47.95
N GLN A 300 12.51 -16.06 47.75
CA GLN A 300 12.36 -14.77 48.38
C GLN A 300 10.89 -14.33 48.30
N ALA A 301 10.40 -14.15 47.08
CA ALA A 301 9.03 -13.72 46.81
C ALA A 301 8.01 -14.41 47.71
N ALA A 302 7.94 -15.73 47.58
CA ALA A 302 7.00 -16.55 48.36
C ALA A 302 7.11 -16.28 49.83
N GLN A 303 8.27 -15.84 50.29
CA GLN A 303 8.37 -15.58 51.71
C GLN A 303 7.60 -14.30 52.04
N HIS A 304 7.90 -13.24 51.29
CA HIS A 304 7.29 -11.92 51.50
C HIS A 304 5.83 -11.76 51.11
N VAL A 305 5.37 -12.58 50.18
CA VAL A 305 3.98 -12.53 49.78
C VAL A 305 3.36 -13.89 50.10
N CYS A 306 3.90 -14.54 51.14
CA CYS A 306 3.44 -15.87 51.55
C CYS A 306 1.94 -16.16 51.51
N PHE A 307 1.11 -15.14 51.63
CA PHE A 307 -0.34 -15.34 51.62
C PHE A 307 -0.98 -15.01 50.30
N ALA A 308 -0.14 -14.84 49.28
CA ALA A 308 -0.58 -14.52 47.92
C ALA A 308 -0.52 -15.80 47.10
N PRO A 309 -1.64 -16.54 47.00
CA PRO A 309 -1.70 -17.79 46.25
C PRO A 309 -1.04 -17.76 44.87
N GLU A 310 -1.08 -16.63 44.20
CA GLU A 310 -0.47 -16.63 42.89
C GLU A 310 1.01 -16.93 42.93
N ILE A 311 1.69 -16.46 43.95
CA ILE A 311 3.12 -16.67 44.02
C ILE A 311 3.50 -18.13 44.18
N TRP A 312 2.69 -18.90 44.91
CA TRP A 312 2.98 -20.32 45.08
C TRP A 312 2.62 -21.02 43.77
N PHE A 313 1.42 -20.75 43.27
CA PHE A 313 0.98 -21.33 42.00
C PHE A 313 1.98 -21.07 40.89
N ASN A 314 2.60 -19.89 40.90
CA ASN A 314 3.59 -19.57 39.87
C ASN A 314 4.92 -20.29 40.06
N MET A 315 5.35 -20.42 41.31
CA MET A 315 6.61 -21.08 41.60
C MET A 315 6.51 -22.59 41.50
N ALA A 316 5.45 -23.15 42.06
CA ALA A 316 5.29 -24.60 42.01
C ALA A 316 5.27 -25.00 40.53
N ASN A 317 4.49 -24.27 39.74
CA ASN A 317 4.39 -24.55 38.31
C ASN A 317 5.62 -24.15 37.56
N TYR A 318 6.72 -23.97 38.28
CA TYR A 318 8.00 -23.61 37.69
C TYR A 318 8.99 -24.67 38.17
N GLN A 319 9.19 -24.74 39.50
CA GLN A 319 10.10 -25.71 40.05
C GLN A 319 9.94 -27.00 39.28
N GLY A 320 8.71 -27.27 38.86
CA GLY A 320 8.45 -28.48 38.11
C GLY A 320 8.60 -28.22 36.63
N GLU A 321 7.92 -27.19 36.14
CA GLU A 321 7.95 -26.82 34.73
C GLU A 321 9.31 -27.10 34.11
N LYS A 322 10.33 -27.19 34.96
CA LYS A 322 11.66 -27.47 34.48
C LYS A 322 11.95 -28.95 34.66
N ASN A 323 12.64 -29.25 35.74
CA ASN A 323 13.09 -30.60 36.08
C ASN A 323 12.06 -31.74 36.20
N THR A 324 12.57 -32.90 36.62
CA THR A 324 11.79 -34.11 36.82
C THR A 324 11.14 -34.16 38.20
N ASP A 325 11.09 -35.35 38.78
CA ASP A 325 10.48 -35.56 40.10
C ASP A 325 9.07 -34.98 40.11
N SER A 326 8.10 -35.77 39.66
CA SER A 326 6.71 -35.33 39.63
C SER A 326 6.27 -34.89 41.04
N THR A 327 7.05 -35.30 42.03
CA THR A 327 6.80 -35.00 43.43
C THR A 327 7.11 -33.57 43.83
N VAL A 328 7.76 -32.83 42.94
CA VAL A 328 8.12 -31.45 43.21
C VAL A 328 6.92 -30.52 43.29
N ILE A 329 6.27 -30.30 42.15
CA ILE A 329 5.10 -29.43 42.03
C ILE A 329 4.17 -29.58 43.24
N THR A 330 3.93 -30.82 43.62
CA THR A 330 3.08 -31.14 44.75
C THR A 330 3.74 -30.67 46.05
N LYS A 331 5.04 -30.89 46.17
CA LYS A 331 5.78 -30.51 47.37
C LYS A 331 5.54 -29.07 47.72
N TYR A 332 5.91 -28.17 46.81
CA TYR A 332 5.72 -26.75 47.06
C TYR A 332 4.26 -26.43 47.27
N LEU A 333 3.43 -26.78 46.30
CA LEU A 333 2.00 -26.53 46.40
C LEU A 333 1.48 -26.84 47.78
N LYS A 334 1.97 -27.92 48.37
CA LYS A 334 1.50 -28.28 49.69
C LYS A 334 1.91 -27.19 50.68
N LEU A 335 3.16 -26.77 50.64
CA LEU A 335 3.63 -25.73 51.55
C LEU A 335 2.79 -24.48 51.39
N GLY A 336 2.53 -24.08 50.15
CA GLY A 336 1.71 -22.91 49.88
C GLY A 336 0.36 -23.11 50.56
N GLN A 337 -0.33 -24.19 50.20
CA GLN A 337 -1.63 -24.53 50.78
C GLN A 337 -1.60 -24.43 52.31
N GLN A 338 -0.42 -24.63 52.92
CA GLN A 338 -0.25 -24.56 54.39
C GLN A 338 -0.37 -23.15 54.91
N CYS A 339 0.11 -22.19 54.12
CA CYS A 339 0.07 -20.77 54.49
C CYS A 339 -1.28 -20.21 54.16
N ILE A 340 -1.96 -20.86 53.22
CA ILE A 340 -3.26 -20.42 52.76
C ILE A 340 -4.17 -21.64 52.68
N PRO A 341 -4.51 -22.22 53.83
CA PRO A 341 -5.36 -23.41 53.96
C PRO A 341 -6.74 -23.29 53.29
N ASN A 342 -7.32 -22.10 53.35
CA ASN A 342 -8.64 -21.83 52.76
C ASN A 342 -8.57 -21.35 51.33
N SER A 343 -7.40 -21.55 50.71
CA SER A 343 -7.14 -21.14 49.33
C SER A 343 -7.73 -22.15 48.39
N ALA A 344 -8.65 -21.69 47.55
CA ALA A 344 -9.30 -22.57 46.59
C ALA A 344 -8.44 -22.75 45.36
N VAL A 345 -7.40 -21.94 45.21
CA VAL A 345 -6.53 -22.09 44.06
C VAL A 345 -5.52 -23.19 44.30
N LEU A 346 -4.91 -23.18 45.48
CA LEU A 346 -3.94 -24.20 45.81
C LEU A 346 -4.69 -25.52 46.01
N ALA A 347 -5.91 -25.42 46.54
CA ALA A 347 -6.74 -26.57 46.78
C ALA A 347 -6.91 -27.36 45.48
N PHE A 348 -7.29 -26.66 44.42
CA PHE A 348 -7.47 -27.26 43.10
C PHE A 348 -6.12 -27.58 42.50
N SER A 349 -5.18 -26.66 42.56
CA SER A 349 -3.85 -26.92 42.03
C SER A 349 -3.27 -28.20 42.64
N LEU A 350 -3.54 -28.42 43.92
CA LEU A 350 -3.05 -29.60 44.63
C LEU A 350 -3.82 -30.88 44.26
N SER A 351 -5.14 -30.80 44.21
CA SER A 351 -5.95 -31.95 43.85
C SER A 351 -5.83 -32.14 42.36
N GLU A 352 -4.85 -31.49 41.76
CA GLU A 352 -4.67 -31.64 40.33
C GLU A 352 -3.45 -32.52 40.23
N GLN A 353 -2.39 -32.15 40.94
CA GLN A 353 -1.16 -32.93 40.94
C GLN A 353 -1.50 -34.31 41.48
N TYR A 354 -2.23 -34.35 42.57
CA TYR A 354 -2.58 -35.63 43.11
C TYR A 354 -3.25 -36.42 42.01
N GLU A 355 -4.31 -35.88 41.41
CA GLU A 355 -5.00 -36.61 40.35
C GLU A 355 -4.00 -37.13 39.34
N LEU A 356 -3.02 -36.31 39.03
CA LEU A 356 -1.98 -36.66 38.09
C LEU A 356 -1.26 -37.95 38.49
N ASN A 357 -0.81 -38.05 39.73
CA ASN A 357 -0.13 -39.27 40.15
C ASN A 357 -1.13 -40.23 40.77
N THR A 358 -2.33 -40.22 40.19
CA THR A 358 -3.45 -41.08 40.61
C THR A 358 -3.63 -41.22 42.11
N LYS A 359 -2.89 -40.46 42.88
CA LYS A 359 -3.07 -40.54 44.31
C LYS A 359 -4.47 -39.95 44.55
N ILE A 360 -5.50 -40.75 44.28
CA ILE A 360 -6.91 -40.37 44.43
C ILE A 360 -7.36 -39.89 45.82
N PRO A 361 -7.32 -40.76 46.84
CA PRO A 361 -7.75 -40.35 48.17
C PRO A 361 -7.24 -38.96 48.51
N GLU A 362 -5.97 -38.73 48.21
CA GLU A 362 -5.32 -37.45 48.46
C GLU A 362 -6.10 -36.29 47.81
N ILE A 363 -6.88 -36.59 46.78
CA ILE A 363 -7.69 -35.59 46.10
C ILE A 363 -8.83 -35.10 46.97
N GLU A 364 -9.51 -36.05 47.61
CA GLU A 364 -10.61 -35.68 48.48
C GLU A 364 -10.10 -34.89 49.68
N THR A 365 -9.14 -35.48 50.39
CA THR A 365 -8.59 -34.85 51.57
C THR A 365 -8.28 -33.39 51.30
N THR A 366 -7.35 -33.18 50.37
CA THR A 366 -6.88 -31.85 50.03
C THR A 366 -8.00 -30.86 49.75
N ILE A 367 -9.04 -31.28 49.05
CA ILE A 367 -10.18 -30.40 48.75
C ILE A 367 -11.04 -30.17 50.02
N LEU A 368 -11.35 -31.23 50.76
CA LEU A 368 -12.16 -31.08 51.98
C LEU A 368 -11.46 -30.13 52.95
N SER A 369 -10.14 -30.26 53.06
CA SER A 369 -9.36 -29.39 53.92
C SER A 369 -9.75 -27.95 53.66
N CYS A 370 -9.75 -27.58 52.39
CA CYS A 370 -10.11 -26.23 52.01
C CYS A 370 -11.54 -26.01 52.48
N ILE A 371 -12.42 -26.94 52.13
CA ILE A 371 -13.81 -26.82 52.56
C ILE A 371 -13.85 -26.44 54.05
N ASP A 372 -13.30 -27.32 54.88
CA ASP A 372 -13.29 -27.11 56.33
C ASP A 372 -12.72 -25.81 56.85
N ARG A 373 -11.60 -25.38 56.29
CA ARG A 373 -11.03 -24.12 56.73
C ARG A 373 -12.02 -23.01 56.38
N ILE A 374 -12.65 -23.10 55.21
CA ILE A 374 -13.61 -22.08 54.79
C ILE A 374 -14.82 -22.15 55.66
N HIS A 375 -15.23 -23.38 55.94
CA HIS A 375 -16.39 -23.64 56.80
C HIS A 375 -16.18 -22.96 58.17
N LEU A 376 -14.94 -23.01 58.63
CA LEU A 376 -14.58 -22.44 59.91
C LEU A 376 -14.53 -20.92 59.86
N ASP A 377 -13.86 -20.36 58.85
CA ASP A 377 -13.77 -18.91 58.71
C ASP A 377 -15.19 -18.38 58.75
N LEU A 378 -16.13 -19.18 58.25
CA LEU A 378 -17.53 -18.79 58.23
C LEU A 378 -18.10 -18.67 59.62
N ALA A 379 -18.10 -19.79 60.36
CA ALA A 379 -18.63 -19.80 61.73
C ALA A 379 -17.96 -18.72 62.55
N ALA A 380 -16.73 -18.37 62.16
CA ALA A 380 -15.95 -17.37 62.83
C ALA A 380 -16.38 -15.95 62.53
N LEU A 381 -16.78 -15.70 61.29
CA LEU A 381 -17.23 -14.37 60.92
C LEU A 381 -18.63 -14.22 61.49
N MET A 382 -19.48 -15.21 61.22
CA MET A 382 -20.86 -15.20 61.70
C MET A 382 -21.02 -14.96 63.21
N GLU A 383 -20.72 -15.96 64.03
CA GLU A 383 -20.83 -15.78 65.48
C GLU A 383 -19.78 -14.78 65.95
N ASP A 384 -19.52 -13.76 65.13
CA ASP A 384 -18.54 -12.74 65.47
C ASP A 384 -18.76 -11.42 64.77
N ASP A 385 -20.02 -11.12 64.50
CA ASP A 385 -20.50 -9.87 63.86
C ASP A 385 -21.38 -10.14 62.65
N PRO A 386 -22.40 -10.99 62.82
CA PRO A 386 -23.33 -11.34 61.74
C PRO A 386 -23.90 -10.08 61.11
N THR A 387 -23.58 -8.94 61.72
CA THR A 387 -24.04 -7.64 61.23
C THR A 387 -23.57 -7.37 59.82
N ASN A 388 -22.36 -7.82 59.50
CA ASN A 388 -21.80 -7.62 58.16
C ASN A 388 -22.22 -8.72 57.21
N GLU A 389 -23.26 -8.48 56.44
CA GLU A 389 -23.73 -9.50 55.51
C GLU A 389 -22.94 -9.41 54.22
N SER A 390 -22.25 -8.28 54.03
CA SER A 390 -21.47 -8.06 52.82
C SER A 390 -20.25 -8.96 52.73
N ALA A 391 -19.78 -9.45 53.86
CA ALA A 391 -18.62 -10.32 53.89
C ALA A 391 -18.98 -11.68 54.39
N ILE A 392 -20.27 -11.88 54.67
CA ILE A 392 -20.71 -13.17 55.16
C ILE A 392 -21.28 -13.99 54.02
N ASN A 393 -21.83 -13.30 53.04
CA ASN A 393 -22.39 -14.01 51.89
C ASN A 393 -21.27 -14.39 50.97
N GLN A 394 -20.29 -13.50 50.84
CA GLN A 394 -19.16 -13.78 49.98
C GLN A 394 -18.56 -15.09 50.46
N LEU A 395 -18.43 -15.23 51.77
CA LEU A 395 -17.88 -16.45 52.36
C LEU A 395 -18.79 -17.62 52.03
N LYS A 396 -20.09 -17.39 52.20
CA LYS A 396 -21.05 -18.43 51.89
C LYS A 396 -20.82 -18.93 50.47
N SER A 397 -20.61 -18.00 49.53
CA SER A 397 -20.41 -18.37 48.13
C SER A 397 -19.12 -19.11 47.85
N LYS A 398 -18.01 -18.68 48.45
CA LYS A 398 -16.72 -19.33 48.27
C LYS A 398 -16.87 -20.78 48.78
N LEU A 399 -17.63 -20.96 49.86
CA LEU A 399 -17.84 -22.29 50.39
C LEU A 399 -18.61 -23.07 49.33
N THR A 400 -19.81 -22.59 49.01
CA THR A 400 -20.66 -23.23 48.01
C THR A 400 -19.93 -23.50 46.70
N TYR A 401 -19.01 -22.61 46.34
CA TYR A 401 -18.26 -22.79 45.12
C TYR A 401 -17.29 -23.96 45.19
N VAL A 402 -16.48 -23.98 46.24
CA VAL A 402 -15.54 -25.07 46.40
C VAL A 402 -16.30 -26.39 46.61
N TYR A 403 -17.61 -26.31 46.73
CA TYR A 403 -18.42 -27.52 46.90
C TYR A 403 -18.91 -27.97 45.54
N CYS A 404 -19.14 -27.00 44.66
CA CYS A 404 -19.59 -27.28 43.31
C CYS A 404 -18.44 -27.88 42.53
N VAL A 405 -17.29 -27.23 42.62
CA VAL A 405 -16.09 -27.69 41.92
C VAL A 405 -15.59 -29.05 42.45
N TYR A 406 -15.99 -29.39 43.67
CA TYR A 406 -15.64 -30.65 44.30
C TYR A 406 -16.65 -31.71 43.77
N MET A 407 -17.93 -31.46 44.03
CA MET A 407 -19.00 -32.34 43.61
C MET A 407 -18.78 -32.77 42.18
N ASN A 408 -18.25 -31.88 41.37
CA ASN A 408 -18.00 -32.17 39.97
C ASN A 408 -16.87 -33.18 39.84
N THR A 409 -15.76 -32.84 40.48
CA THR A 409 -14.57 -33.67 40.44
C THR A 409 -14.84 -35.11 40.85
N MET A 410 -15.73 -35.31 41.81
CA MET A 410 -16.03 -36.65 42.25
C MET A 410 -16.90 -37.36 41.24
N LYS A 411 -17.79 -36.60 40.60
CA LYS A 411 -18.72 -37.15 39.58
C LYS A 411 -17.93 -37.57 38.36
N ARG A 412 -16.74 -36.99 38.23
CA ARG A 412 -15.90 -37.31 37.11
C ARG A 412 -15.00 -38.47 37.48
N ILE A 413 -14.42 -38.45 38.68
CA ILE A 413 -13.53 -39.52 39.09
C ILE A 413 -14.17 -40.72 39.74
N GLN A 414 -15.03 -40.47 40.73
CA GLN A 414 -15.74 -41.52 41.46
C GLN A 414 -16.91 -42.17 40.71
N GLY A 415 -17.93 -41.37 40.38
CA GLY A 415 -19.07 -41.89 39.65
C GLY A 415 -20.31 -41.11 40.03
N LEU A 416 -21.45 -41.35 39.38
CA LEU A 416 -22.68 -40.60 39.68
C LEU A 416 -22.96 -40.64 41.18
N ALA A 417 -22.81 -41.81 41.75
CA ALA A 417 -23.02 -42.02 43.16
C ALA A 417 -22.53 -40.86 44.06
N ALA A 418 -21.22 -40.81 44.32
CA ALA A 418 -20.66 -39.78 45.19
C ALA A 418 -21.01 -38.40 44.73
N SER A 419 -21.20 -38.25 43.43
CA SER A 419 -21.56 -36.96 42.90
C SER A 419 -22.72 -36.48 43.73
N ARG A 420 -23.65 -37.40 43.96
CA ARG A 420 -24.85 -37.12 44.73
C ARG A 420 -24.63 -37.09 46.24
N LYS A 421 -23.69 -37.91 46.72
CA LYS A 421 -23.37 -37.95 48.14
C LYS A 421 -22.99 -36.55 48.63
N ILE A 422 -22.16 -35.86 47.85
CA ILE A 422 -21.72 -34.52 48.22
C ILE A 422 -22.90 -33.55 48.19
N PHE A 423 -23.71 -33.65 47.15
CA PHE A 423 -24.88 -32.79 47.08
C PHE A 423 -25.65 -32.92 48.37
N GLY A 424 -25.88 -34.16 48.79
CA GLY A 424 -26.61 -34.42 50.01
C GLY A 424 -25.98 -33.77 51.24
N LYS A 425 -24.67 -33.88 51.34
CA LYS A 425 -23.93 -33.29 52.45
C LYS A 425 -24.36 -31.84 52.51
N CYS A 426 -24.31 -31.19 51.35
CA CYS A 426 -24.72 -29.80 51.23
C CYS A 426 -26.16 -29.57 51.64
N ARG A 427 -27.08 -30.26 50.99
CA ARG A 427 -28.48 -30.12 51.29
C ARG A 427 -28.71 -30.14 52.80
N ARG A 428 -27.92 -30.92 53.51
CA ARG A 428 -28.07 -30.99 54.97
C ARG A 428 -27.52 -29.74 55.64
N LEU A 429 -26.55 -29.10 55.01
CA LEU A 429 -25.97 -27.88 55.54
C LEU A 429 -26.98 -26.72 55.59
N LYS A 430 -28.20 -26.99 55.11
CA LYS A 430 -29.28 -26.00 55.08
C LYS A 430 -28.89 -24.68 54.37
N LYS A 431 -29.39 -23.54 54.83
CA LYS A 431 -29.10 -22.25 54.17
C LYS A 431 -27.67 -21.76 54.25
N LEU A 432 -26.80 -22.59 54.82
CA LEU A 432 -25.40 -22.24 54.99
C LEU A 432 -24.62 -22.01 53.69
N VAL A 433 -25.18 -22.50 52.58
CA VAL A 433 -24.57 -22.36 51.24
C VAL A 433 -25.55 -21.54 50.40
N THR A 434 -25.20 -21.29 49.13
CA THR A 434 -26.07 -20.51 48.25
C THR A 434 -26.76 -21.39 47.21
N PRO A 435 -27.71 -20.83 46.44
CA PRO A 435 -28.43 -21.58 45.41
C PRO A 435 -27.59 -22.24 44.31
N ASP A 436 -26.35 -21.77 44.11
CA ASP A 436 -25.45 -22.32 43.08
C ASP A 436 -25.36 -23.84 43.14
N ILE A 437 -25.29 -24.37 44.36
CA ILE A 437 -25.18 -25.80 44.55
C ILE A 437 -26.39 -26.55 43.96
N TYR A 438 -27.60 -26.06 44.16
CA TYR A 438 -28.75 -26.76 43.59
C TYR A 438 -28.76 -26.53 42.08
N LEU A 439 -28.27 -25.38 41.65
CA LEU A 439 -28.24 -25.04 40.22
C LEU A 439 -27.20 -25.84 39.43
N GLU A 440 -26.10 -26.18 40.10
CA GLU A 440 -25.01 -26.95 39.49
C GLU A 440 -25.43 -28.41 39.40
N ASN A 441 -25.80 -29.01 40.53
CA ASN A 441 -26.21 -30.40 40.57
C ASN A 441 -27.43 -30.67 39.68
N ALA A 442 -28.23 -29.64 39.38
CA ALA A 442 -29.39 -29.83 38.52
C ALA A 442 -28.86 -30.02 37.12
N TYR A 443 -27.83 -29.24 36.78
CA TYR A 443 -27.19 -29.33 35.46
C TYR A 443 -26.59 -30.72 35.22
N ILE A 444 -25.69 -31.12 36.11
CA ILE A 444 -25.06 -32.41 36.04
C ILE A 444 -26.11 -33.50 35.78
N GLU A 445 -27.12 -33.56 36.64
CA GLU A 445 -28.19 -34.55 36.53
C GLU A 445 -28.98 -34.44 35.23
N TYR A 446 -29.03 -33.23 34.67
CA TYR A 446 -29.80 -32.98 33.46
C TYR A 446 -29.04 -33.17 32.16
N HIS A 447 -27.90 -32.52 32.04
CA HIS A 447 -27.09 -32.62 30.85
C HIS A 447 -25.75 -33.15 31.28
N ILE A 448 -25.57 -34.45 31.13
CA ILE A 448 -24.35 -35.17 31.48
C ILE A 448 -24.80 -36.57 31.85
N SER A 449 -25.83 -36.66 32.68
CA SER A 449 -26.36 -37.96 33.08
C SER A 449 -27.72 -38.14 32.45
N LYS A 450 -28.33 -37.01 32.12
CA LYS A 450 -29.65 -36.97 31.51
C LYS A 450 -30.73 -37.65 32.35
N ASP A 451 -30.81 -37.28 33.63
CA ASP A 451 -31.81 -37.82 34.56
C ASP A 451 -32.80 -36.68 34.82
N THR A 452 -33.38 -36.17 33.74
CA THR A 452 -34.31 -35.06 33.82
C THR A 452 -35.26 -35.04 35.01
N LYS A 453 -35.62 -36.21 35.54
CA LYS A 453 -36.53 -36.27 36.68
C LYS A 453 -35.86 -35.80 37.98
N THR A 454 -34.69 -36.34 38.31
CA THR A 454 -34.02 -35.93 39.54
C THR A 454 -33.47 -34.53 39.34
N ALA A 455 -33.00 -34.26 38.13
CA ALA A 455 -32.48 -32.94 37.84
C ALA A 455 -33.50 -31.91 38.27
N CYS A 456 -34.77 -32.15 37.90
CA CYS A 456 -35.88 -31.25 38.23
C CYS A 456 -36.28 -31.28 39.70
N LYS A 457 -35.85 -32.32 40.43
CA LYS A 457 -36.16 -32.46 41.85
C LYS A 457 -35.10 -31.73 42.64
N VAL A 458 -33.89 -31.76 42.14
CA VAL A 458 -32.83 -31.09 42.85
C VAL A 458 -33.28 -29.65 43.05
N LEU A 459 -33.70 -29.02 41.96
CA LEU A 459 -34.16 -27.64 41.97
C LEU A 459 -35.28 -27.32 42.95
N GLU A 460 -36.39 -28.01 42.80
CA GLU A 460 -37.53 -27.83 43.67
C GLU A 460 -37.05 -27.95 45.12
N LEU A 461 -36.18 -28.93 45.33
CA LEU A 461 -35.64 -29.22 46.63
C LEU A 461 -34.94 -28.00 47.21
N GLY A 462 -34.33 -27.18 46.36
CA GLY A 462 -33.66 -26.00 46.85
C GLY A 462 -34.64 -24.92 47.27
N LEU A 463 -35.92 -25.22 47.04
CA LEU A 463 -36.99 -24.31 47.39
C LEU A 463 -37.22 -24.30 48.89
N LYS A 464 -36.86 -25.40 49.54
CA LYS A 464 -37.05 -25.51 50.98
C LYS A 464 -36.26 -24.48 51.75
N TYR A 465 -35.35 -23.77 51.08
CA TYR A 465 -34.60 -22.72 51.75
C TYR A 465 -34.45 -21.48 50.88
N PHE A 466 -35.00 -21.52 49.66
CA PHE A 466 -34.90 -20.37 48.77
C PHE A 466 -36.15 -20.04 47.96
N ALA A 467 -37.31 -20.48 48.42
CA ALA A 467 -38.54 -20.21 47.70
C ALA A 467 -38.82 -18.71 47.60
N THR A 468 -38.18 -17.95 48.47
CA THR A 468 -38.33 -16.51 48.50
C THR A 468 -37.14 -15.77 47.96
N ASP A 469 -36.24 -16.47 47.29
CA ASP A 469 -35.03 -15.85 46.74
C ASP A 469 -35.18 -15.51 45.27
N GLY A 470 -35.60 -14.28 44.97
CA GLY A 470 -35.81 -13.85 43.59
C GLY A 470 -34.78 -14.32 42.59
N GLU A 471 -33.52 -14.13 42.95
CA GLU A 471 -32.39 -14.51 42.13
C GLU A 471 -32.51 -15.98 41.75
N TYR A 472 -32.65 -16.83 42.75
CA TYR A 472 -32.74 -18.26 42.51
C TYR A 472 -33.95 -18.64 41.69
N ILE A 473 -35.08 -18.00 41.97
CA ILE A 473 -36.28 -18.32 41.23
C ILE A 473 -36.09 -17.99 39.76
N ASN A 474 -35.46 -16.85 39.49
CA ASN A 474 -35.21 -16.47 38.11
C ASN A 474 -34.37 -17.52 37.41
N LYS A 475 -33.17 -17.76 37.95
CA LYS A 475 -32.27 -18.76 37.41
C LYS A 475 -32.99 -20.10 37.24
N TYR A 476 -33.72 -20.52 38.27
CA TYR A 476 -34.48 -21.78 38.25
C TYR A 476 -35.40 -21.78 37.04
N LEU A 477 -36.14 -20.69 36.84
CA LEU A 477 -37.04 -20.56 35.70
C LEU A 477 -36.31 -20.69 34.39
N ASP A 478 -35.33 -19.80 34.18
CA ASP A 478 -34.53 -19.81 32.95
C ASP A 478 -34.34 -21.23 32.49
N PHE A 479 -33.94 -22.07 33.44
CA PHE A 479 -33.69 -23.47 33.20
C PHE A 479 -34.88 -24.10 32.54
N LEU A 480 -35.95 -24.22 33.32
CA LEU A 480 -37.17 -24.85 32.87
C LEU A 480 -37.74 -24.29 31.57
N ILE A 481 -37.62 -22.99 31.35
CA ILE A 481 -38.16 -22.46 30.12
C ILE A 481 -37.32 -22.93 28.96
N TYR A 482 -36.01 -22.95 29.15
CA TYR A 482 -35.04 -23.38 28.13
C TYR A 482 -35.22 -24.83 27.75
N VAL A 483 -35.41 -25.68 28.75
CA VAL A 483 -35.58 -27.09 28.50
C VAL A 483 -37.01 -27.43 28.07
N ASN A 484 -37.91 -26.47 28.29
CA ASN A 484 -39.31 -26.60 27.95
C ASN A 484 -39.97 -27.65 28.84
N GLU A 485 -40.04 -27.33 30.13
CA GLU A 485 -40.66 -28.22 31.09
C GLU A 485 -42.11 -27.86 31.28
N GLU A 486 -42.68 -27.19 30.28
CA GLU A 486 -44.08 -26.79 30.29
C GLU A 486 -44.66 -26.62 31.70
N SER A 487 -45.32 -27.65 32.19
CA SER A 487 -45.96 -27.66 33.50
C SER A 487 -45.13 -27.04 34.59
N GLN A 488 -43.98 -27.65 34.86
CA GLN A 488 -43.04 -27.19 35.88
C GLN A 488 -42.75 -25.70 35.76
N VAL A 489 -42.53 -25.26 34.53
CA VAL A 489 -42.25 -23.87 34.23
C VAL A 489 -43.33 -23.00 34.84
N LYS A 490 -44.57 -23.47 34.72
CA LYS A 490 -45.74 -22.75 35.21
C LYS A 490 -45.93 -22.93 36.69
N SER A 491 -45.98 -24.18 37.12
CA SER A 491 -46.17 -24.50 38.52
C SER A 491 -45.35 -23.65 39.46
N LEU A 492 -44.08 -23.43 39.13
CA LEU A 492 -43.17 -22.62 39.94
C LEU A 492 -43.57 -21.14 39.92
N PHE A 493 -43.89 -20.64 38.73
CA PHE A 493 -44.28 -19.25 38.55
C PHE A 493 -45.45 -18.93 39.43
N GLU A 494 -46.49 -19.74 39.30
CA GLU A 494 -47.70 -19.54 40.03
C GLU A 494 -47.55 -19.65 41.52
N SER A 495 -46.39 -20.10 41.98
CA SER A 495 -46.18 -20.22 43.42
C SER A 495 -45.03 -19.37 43.92
N SER A 496 -44.69 -18.31 43.19
CA SER A 496 -43.60 -17.41 43.57
C SER A 496 -44.04 -15.96 43.49
N ILE A 497 -44.98 -15.65 42.61
CA ILE A 497 -45.48 -14.30 42.44
C ILE A 497 -45.73 -13.65 43.79
N ASP A 498 -46.17 -14.45 44.76
CA ASP A 498 -46.45 -13.94 46.10
C ASP A 498 -45.21 -13.98 47.00
N LYS A 499 -44.33 -14.96 46.76
CA LYS A 499 -43.12 -15.15 47.56
C LYS A 499 -41.92 -14.23 47.30
N ILE A 500 -41.87 -13.57 46.15
CA ILE A 500 -40.73 -12.71 45.84
C ILE A 500 -40.92 -11.24 46.18
N SER A 501 -40.06 -10.71 47.05
CA SER A 501 -40.13 -9.31 47.44
C SER A 501 -39.63 -8.37 46.36
N ASP A 502 -38.31 -8.18 46.30
CA ASP A 502 -37.66 -7.32 45.33
C ASP A 502 -38.56 -7.18 44.13
N SER A 503 -39.16 -6.02 43.95
CA SER A 503 -40.07 -5.81 42.85
C SER A 503 -39.44 -6.12 41.50
N HIS A 504 -38.18 -5.75 41.32
CA HIS A 504 -37.50 -5.99 40.03
C HIS A 504 -37.24 -7.44 39.57
N LEU A 505 -36.96 -8.35 40.49
CA LEU A 505 -36.77 -9.74 40.12
C LEU A 505 -38.14 -10.34 39.87
N LEU A 506 -39.15 -9.68 40.42
CA LEU A 506 -40.51 -10.13 40.26
C LEU A 506 -41.01 -9.67 38.90
N LYS A 507 -40.63 -8.45 38.52
CA LYS A 507 -41.01 -7.87 37.23
C LYS A 507 -40.47 -8.84 36.20
N MET A 508 -39.25 -9.30 36.46
CA MET A 508 -38.55 -10.27 35.61
C MET A 508 -39.22 -11.65 35.55
N ILE A 509 -39.81 -12.09 36.65
CA ILE A 509 -40.46 -13.38 36.65
C ILE A 509 -41.55 -13.35 35.57
N PHE A 510 -42.37 -12.29 35.57
CA PHE A 510 -43.44 -12.15 34.59
C PHE A 510 -42.87 -12.08 33.19
N GLN A 511 -41.98 -11.13 32.97
CA GLN A 511 -41.35 -10.99 31.67
C GLN A 511 -40.92 -12.37 31.17
N LYS A 512 -40.20 -13.13 31.99
CA LYS A 512 -39.74 -14.44 31.62
C LYS A 512 -40.87 -15.35 31.16
N VAL A 513 -41.87 -15.49 32.02
CA VAL A 513 -42.99 -16.35 31.72
C VAL A 513 -43.96 -15.83 30.65
N ILE A 514 -44.09 -14.51 30.51
CA ILE A 514 -44.93 -13.99 29.44
C ILE A 514 -44.31 -14.46 28.11
N PHE A 515 -43.01 -14.21 27.94
CA PHE A 515 -42.23 -14.62 26.77
C PHE A 515 -42.42 -16.13 26.53
N PHE A 516 -42.44 -16.90 27.61
CA PHE A 516 -42.64 -18.35 27.54
C PHE A 516 -43.97 -18.70 26.90
N GLU A 517 -45.00 -17.93 27.23
CA GLU A 517 -46.34 -18.14 26.69
C GLU A 517 -46.32 -17.69 25.25
N SER A 518 -45.71 -16.54 25.00
CA SER A 518 -45.61 -16.03 23.66
C SER A 518 -44.93 -17.07 22.80
N LYS A 519 -43.94 -17.77 23.35
CA LYS A 519 -43.20 -18.78 22.60
C LYS A 519 -43.78 -20.20 22.39
N VAL A 520 -44.42 -20.77 23.42
CA VAL A 520 -44.98 -22.13 23.33
C VAL A 520 -46.48 -22.27 23.67
N GLY A 521 -47.10 -21.16 24.04
CA GLY A 521 -48.50 -21.16 24.40
C GLY A 521 -49.47 -20.67 23.34
N SER A 522 -50.02 -19.48 23.54
CA SER A 522 -50.98 -18.93 22.58
C SER A 522 -51.24 -17.49 22.93
N LEU A 523 -51.56 -16.68 21.93
CA LEU A 523 -51.84 -15.27 22.18
C LEU A 523 -52.74 -15.15 23.40
N ASN A 524 -53.59 -16.15 23.59
CA ASN A 524 -54.52 -16.14 24.73
C ASN A 524 -53.76 -16.29 26.05
N SER A 525 -53.06 -17.41 26.21
CA SER A 525 -52.27 -17.67 27.41
C SER A 525 -51.48 -16.41 27.79
N VAL A 526 -50.92 -15.75 26.78
CA VAL A 526 -50.14 -14.53 27.00
C VAL A 526 -51.04 -13.40 27.46
N ARG A 527 -51.88 -12.91 26.54
CA ARG A 527 -52.80 -11.82 26.84
C ARG A 527 -53.23 -11.87 28.28
N THR A 528 -53.74 -13.03 28.69
CA THR A 528 -54.19 -13.20 30.06
C THR A 528 -53.13 -12.85 31.06
N LEU A 529 -51.99 -13.50 30.95
CA LEU A 529 -50.89 -13.24 31.87
C LEU A 529 -50.45 -11.78 31.80
N GLU A 530 -50.47 -11.23 30.59
CA GLU A 530 -50.07 -9.85 30.40
C GLU A 530 -50.99 -8.96 31.20
N LYS A 531 -52.22 -9.45 31.42
CA LYS A 531 -53.24 -8.70 32.17
C LYS A 531 -52.82 -8.57 33.63
N ARG A 532 -52.49 -9.70 34.23
CA ARG A 532 -52.05 -9.73 35.62
C ARG A 532 -50.81 -8.86 35.70
N PHE A 533 -49.87 -9.11 34.80
CA PHE A 533 -48.63 -8.33 34.79
C PHE A 533 -48.92 -6.80 34.87
N PHE A 534 -49.66 -6.24 33.94
CA PHE A 534 -49.93 -4.81 34.02
C PHE A 534 -50.70 -4.40 35.26
N GLU A 535 -51.48 -5.32 35.81
CA GLU A 535 -52.26 -5.03 37.01
C GLU A 535 -51.32 -4.71 38.14
N LYS A 536 -50.32 -5.57 38.33
CA LYS A 536 -49.34 -5.42 39.39
C LYS A 536 -48.15 -4.53 39.08
N PHE A 537 -47.98 -4.14 37.82
CA PHE A 537 -46.87 -3.25 37.47
C PHE A 537 -47.44 -2.22 36.50
N PRO A 538 -48.33 -1.37 36.98
CA PRO A 538 -48.96 -0.35 36.14
C PRO A 538 -47.97 0.57 35.45
N GLU A 539 -46.92 0.93 36.17
CA GLU A 539 -45.90 1.81 35.63
C GLU A 539 -45.21 1.28 34.39
N VAL A 540 -45.18 -0.04 34.22
CA VAL A 540 -44.51 -0.66 33.09
C VAL A 540 -44.90 -0.04 31.76
N ASN A 541 -43.99 -0.07 30.79
CA ASN A 541 -44.24 0.49 29.46
C ASN A 541 -44.78 -0.59 28.50
N LYS A 542 -45.94 -0.35 27.89
CA LYS A 542 -46.50 -1.36 27.00
C LYS A 542 -45.66 -1.72 25.78
N LEU A 543 -45.24 -0.73 25.00
CA LEU A 543 -44.44 -1.01 23.82
C LEU A 543 -43.09 -1.56 24.24
N GLU A 544 -42.57 -1.12 25.38
CA GLU A 544 -41.28 -1.62 25.82
C GLU A 544 -41.39 -3.09 26.20
N GLU A 545 -42.44 -3.46 26.94
CA GLU A 545 -42.59 -4.86 27.31
C GLU A 545 -42.87 -5.66 26.06
N PHE A 546 -43.52 -5.01 25.08
CA PHE A 546 -43.84 -5.66 23.82
C PHE A 546 -42.59 -6.13 23.10
N THR A 547 -41.53 -5.33 23.15
CA THR A 547 -40.28 -5.65 22.48
C THR A 547 -39.61 -6.83 23.18
N ASN A 548 -39.79 -6.89 24.49
CA ASN A 548 -39.22 -7.95 25.27
C ASN A 548 -39.82 -9.28 24.91
N LYS A 549 -41.13 -9.29 24.70
CA LYS A 549 -41.85 -10.51 24.37
C LYS A 549 -41.28 -11.14 23.11
N TYR A 550 -40.79 -10.28 22.22
CA TYR A 550 -40.24 -10.69 20.95
C TYR A 550 -38.73 -10.66 20.89
N LYS A 551 -38.09 -11.38 21.81
CA LYS A 551 -36.65 -11.48 21.80
C LYS A 551 -36.34 -12.75 21.07
N VAL A 552 -35.09 -12.84 20.60
CA VAL A 552 -34.61 -13.98 19.85
C VAL A 552 -33.17 -14.23 20.29
N LEU A 553 -32.85 -15.47 20.64
CA LEU A 553 -31.52 -15.79 21.12
C LEU A 553 -31.14 -14.78 22.22
N ASP A 554 -32.10 -14.42 23.05
CA ASP A 554 -31.88 -13.51 24.17
C ASP A 554 -31.50 -12.08 23.80
N VAL A 555 -31.79 -11.67 22.57
CA VAL A 555 -31.47 -10.31 22.11
C VAL A 555 -32.71 -9.48 21.80
N ASN A 556 -32.68 -8.18 22.10
CA ASN A 556 -33.85 -7.35 21.82
C ASN A 556 -33.81 -6.68 20.45
N TYR A 557 -33.68 -7.51 19.42
CA TYR A 557 -33.60 -7.04 18.06
C TYR A 557 -34.63 -6.01 17.71
N LEU A 558 -35.77 -6.03 18.41
CA LEU A 558 -36.81 -5.08 18.11
C LEU A 558 -36.41 -3.65 18.41
N GLN A 559 -35.63 -3.48 19.47
CA GLN A 559 -35.15 -2.14 19.83
C GLN A 559 -33.84 -1.87 19.07
N ARG A 560 -32.90 -2.80 19.16
CA ARG A 560 -31.63 -2.62 18.47
C ARG A 560 -31.81 -2.19 17.02
N LEU A 561 -32.54 -2.97 16.24
CA LEU A 561 -32.72 -2.66 14.82
C LEU A 561 -33.95 -1.88 14.38
N GLU A 562 -34.73 -1.34 15.31
CA GLU A 562 -35.91 -0.56 14.89
C GLU A 562 -36.38 0.56 15.82
N LEU A 563 -36.40 0.29 17.12
CA LEU A 563 -36.80 1.30 18.10
C LEU A 563 -35.53 1.57 18.84
N ASP A 564 -34.57 2.14 18.14
CA ASP A 564 -33.26 2.40 18.70
C ASP A 564 -33.17 3.27 19.96
N TYR A 565 -33.99 4.31 20.05
CA TYR A 565 -33.97 5.21 21.20
C TYR A 565 -34.31 4.60 22.56
N MET A 566 -34.32 3.27 22.68
CA MET A 566 -34.67 2.61 23.95
C MET A 566 -33.47 1.89 24.58
N PRO A 608 -37.07 -12.96 -16.87
CA PRO A 608 -37.37 -13.14 -18.29
C PRO A 608 -38.52 -12.25 -18.74
N PRO A 609 -38.47 -10.96 -18.36
CA PRO A 609 -39.49 -9.95 -18.69
C PRO A 609 -40.51 -10.39 -19.72
N GLU A 610 -41.57 -11.02 -19.24
CA GLU A 610 -42.67 -11.54 -20.06
C GLU A 610 -43.35 -12.62 -19.22
N ILE A 611 -42.54 -13.36 -18.47
CA ILE A 611 -43.01 -14.41 -17.56
C ILE A 611 -43.11 -13.73 -16.20
N VAL A 612 -42.39 -12.62 -16.08
CA VAL A 612 -42.38 -11.83 -14.86
C VAL A 612 -43.69 -11.06 -14.76
N GLU A 613 -44.56 -11.25 -15.76
CA GLU A 613 -45.86 -10.57 -15.77
C GLU A 613 -46.83 -11.51 -15.11
N LEU A 614 -46.70 -12.80 -15.43
CA LEU A 614 -47.58 -13.81 -14.87
C LEU A 614 -47.43 -13.72 -13.36
N LEU A 615 -46.19 -13.58 -12.89
CA LEU A 615 -45.92 -13.47 -11.46
C LEU A 615 -46.71 -12.31 -10.89
N LYS A 616 -46.88 -11.25 -11.69
CA LYS A 616 -47.59 -10.05 -11.28
C LYS A 616 -49.11 -10.25 -11.09
N VAL A 617 -49.61 -11.42 -11.49
CA VAL A 617 -51.05 -11.67 -11.37
C VAL A 617 -51.42 -12.92 -10.61
N LEU A 618 -50.53 -13.91 -10.59
CA LEU A 618 -50.82 -15.15 -9.86
C LEU A 618 -50.87 -14.92 -8.35
N PRO A 619 -51.57 -15.79 -7.64
CA PRO A 619 -51.66 -15.65 -6.19
C PRO A 619 -50.24 -15.64 -5.59
N LYS A 620 -50.13 -15.24 -4.32
CA LYS A 620 -48.85 -15.18 -3.61
C LYS A 620 -48.29 -16.55 -3.28
N ARG A 621 -46.96 -16.63 -3.29
CA ARG A 621 -46.24 -17.87 -3.01
C ARG A 621 -46.48 -18.48 -1.63
N GLN A 622 -47.70 -18.33 -1.11
CA GLN A 622 -48.05 -18.87 0.20
C GLN A 622 -49.40 -19.55 0.18
N TYR A 623 -49.94 -19.72 -1.01
CA TYR A 623 -51.22 -20.39 -1.18
C TYR A 623 -50.94 -21.77 -1.75
N PHE A 624 -49.69 -21.96 -2.19
CA PHE A 624 -49.30 -23.23 -2.76
C PHE A 624 -47.96 -23.72 -2.18
N LYS A 625 -47.16 -22.83 -1.59
CA LYS A 625 -45.89 -23.27 -1.00
C LYS A 625 -46.19 -24.41 -0.02
N VAL A 626 -47.47 -24.53 0.30
CA VAL A 626 -48.03 -25.53 1.22
C VAL A 626 -47.56 -26.94 0.87
N THR A 627 -47.31 -27.17 -0.42
CA THR A 627 -46.86 -28.46 -0.91
C THR A 627 -46.63 -28.40 -2.42
N ILE A 628 -45.41 -28.06 -2.81
CA ILE A 628 -45.08 -27.99 -4.22
C ILE A 628 -45.28 -29.40 -4.81
N PHE A 629 -46.30 -29.53 -5.66
CA PHE A 629 -46.63 -30.80 -6.31
C PHE A 629 -45.50 -31.32 -7.18
N GLU A 630 -44.82 -30.38 -7.85
CA GLU A 630 -43.72 -30.69 -8.75
C GLU A 630 -42.43 -30.00 -8.26
N ALA A 631 -41.30 -30.73 -8.26
CA ALA A 631 -40.03 -30.18 -7.75
C ALA A 631 -38.97 -29.79 -8.78
N HIS A 632 -37.83 -30.47 -8.68
CA HIS A 632 -36.68 -30.26 -9.57
C HIS A 632 -36.95 -31.04 -10.85
N ALA A 633 -38.02 -31.82 -10.80
CA ALA A 633 -38.46 -32.65 -11.91
C ALA A 633 -38.93 -31.76 -13.05
N PHE A 634 -39.50 -30.61 -12.70
CA PHE A 634 -39.98 -29.65 -13.69
C PHE A 634 -38.77 -29.00 -14.38
N SER A 635 -37.62 -29.65 -14.25
CA SER A 635 -36.40 -29.19 -14.87
C SER A 635 -36.03 -30.31 -15.84
N GLU A 636 -35.66 -31.47 -15.29
CA GLU A 636 -35.33 -32.65 -16.12
C GLU A 636 -36.66 -33.18 -16.66
N PHE A 637 -37.23 -32.46 -17.63
CA PHE A 637 -38.50 -32.86 -18.21
C PHE A 637 -39.09 -31.82 -19.15
N LEU A 638 -39.11 -30.56 -18.73
CA LEU A 638 -39.66 -29.49 -19.56
C LEU A 638 -38.64 -29.02 -20.58
N SER A 639 -37.38 -29.40 -20.39
CA SER A 639 -36.30 -29.01 -21.30
C SER A 639 -36.39 -29.80 -22.61
N ASP A 640 -36.58 -31.11 -22.49
CA ASP A 640 -36.69 -31.98 -23.66
C ASP A 640 -38.09 -31.96 -24.31
N LYS A 641 -39.09 -32.47 -23.59
CA LYS A 641 -40.47 -32.56 -24.06
C LYS A 641 -41.19 -31.21 -24.15
N PRO B 7 -36.05 -4.81 -10.83
CA PRO B 7 -35.61 -3.54 -11.45
C PRO B 7 -36.24 -2.26 -10.87
N THR B 8 -37.26 -1.79 -11.58
CA THR B 8 -38.04 -0.59 -11.26
C THR B 8 -37.38 0.74 -11.56
N SER B 9 -36.51 1.18 -10.69
CA SER B 9 -35.86 2.45 -10.92
C SER B 9 -34.68 2.27 -11.90
N ARG B 10 -34.19 1.04 -12.03
CA ARG B 10 -33.11 0.77 -13.00
C ARG B 10 -33.88 0.41 -14.26
N VAL B 11 -34.64 1.38 -14.77
CA VAL B 11 -35.46 1.22 -15.97
C VAL B 11 -35.17 2.36 -16.94
N ARG B 12 -35.21 2.05 -18.24
CA ARG B 12 -34.95 3.04 -19.28
C ARG B 12 -36.07 4.03 -19.40
N ASP B 13 -35.72 5.31 -19.44
CA ASP B 13 -36.71 6.38 -19.56
C ASP B 13 -36.18 7.66 -20.21
N GLU B 14 -36.81 7.97 -21.34
CA GLU B 14 -36.57 9.13 -22.21
C GLU B 14 -36.30 10.42 -21.40
N SER B 15 -37.19 11.38 -21.60
CA SER B 15 -37.22 12.66 -20.88
C SER B 15 -38.68 12.57 -20.46
N ASP B 16 -39.02 11.31 -20.17
CA ASP B 16 -40.33 10.83 -19.74
C ASP B 16 -40.40 10.98 -18.23
N VAL B 17 -40.34 12.23 -17.77
CA VAL B 17 -40.37 12.53 -16.35
C VAL B 17 -41.57 11.92 -15.66
N ILE B 18 -42.63 11.59 -16.40
CA ILE B 18 -43.81 11.01 -15.78
C ILE B 18 -43.59 9.55 -15.41
N GLY B 19 -42.97 8.80 -16.31
CA GLY B 19 -42.71 7.40 -16.04
C GLY B 19 -41.51 7.24 -15.12
N LYS B 20 -40.65 8.25 -15.10
CA LYS B 20 -39.47 8.22 -14.26
C LYS B 20 -39.89 8.29 -12.80
N LEU B 21 -40.66 9.32 -12.46
CA LEU B 21 -41.13 9.50 -11.09
C LEU B 21 -41.93 8.28 -10.66
N ASN B 22 -42.89 7.87 -11.48
CA ASN B 22 -43.69 6.70 -11.14
C ASN B 22 -42.85 5.49 -10.76
N ASP B 23 -41.83 5.21 -11.55
CA ASP B 23 -40.97 4.07 -11.26
C ASP B 23 -40.41 4.20 -9.86
N MET B 24 -39.99 5.41 -9.50
CA MET B 24 -39.43 5.66 -8.18
C MET B 24 -40.53 5.38 -7.15
N ILE B 25 -41.61 6.14 -7.27
CA ILE B 25 -42.76 6.01 -6.41
C ILE B 25 -43.14 4.53 -6.24
N GLU B 26 -42.73 3.68 -7.16
CA GLU B 26 -43.04 2.27 -7.06
C GLU B 26 -42.09 1.54 -6.08
N GLU B 27 -40.88 2.05 -5.94
CA GLU B 27 -39.88 1.46 -5.05
C GLU B 27 -39.90 2.10 -3.68
N GLN B 28 -40.32 3.35 -3.64
CA GLN B 28 -40.42 4.10 -2.40
C GLN B 28 -41.75 4.80 -2.34
N PRO B 29 -42.85 4.03 -2.31
CA PRO B 29 -44.23 4.49 -2.26
C PRO B 29 -44.56 5.36 -1.08
N THR B 30 -43.77 5.29 -0.04
CA THR B 30 -44.02 6.11 1.13
C THR B 30 -43.32 7.45 0.98
N ASP B 31 -42.54 7.61 -0.08
CA ASP B 31 -41.83 8.86 -0.33
C ASP B 31 -42.88 9.82 -0.86
N ILE B 32 -43.68 10.37 0.06
CA ILE B 32 -44.73 11.31 -0.29
C ILE B 32 -44.28 12.31 -1.34
N PHE B 33 -43.35 13.18 -0.98
CA PHE B 33 -42.84 14.19 -1.91
C PHE B 33 -42.86 13.76 -3.40
N LEU B 34 -42.44 12.54 -3.69
CA LEU B 34 -42.43 12.08 -5.07
C LEU B 34 -43.81 12.08 -5.71
N TYR B 35 -44.86 12.07 -4.90
CA TYR B 35 -46.23 12.11 -5.44
C TYR B 35 -46.56 13.57 -5.63
N VAL B 36 -45.82 14.43 -4.97
CA VAL B 36 -46.09 15.85 -5.09
C VAL B 36 -45.28 16.37 -6.27
N LYS B 37 -44.19 15.67 -6.59
CA LYS B 37 -43.35 16.06 -7.71
C LYS B 37 -44.15 15.74 -8.97
N LEU B 38 -44.81 14.59 -8.96
CA LEU B 38 -45.61 14.14 -10.08
C LEU B 38 -46.84 15.00 -10.29
N LEU B 39 -47.44 15.48 -9.20
CA LEU B 39 -48.62 16.33 -9.28
C LEU B 39 -48.31 17.72 -9.79
N LYS B 40 -47.14 18.25 -9.44
CA LYS B 40 -46.74 19.57 -9.93
C LYS B 40 -46.39 19.44 -11.42
N HIS B 41 -46.53 18.23 -11.96
CA HIS B 41 -46.24 17.98 -13.36
C HIS B 41 -47.53 17.74 -14.10
N HIS B 42 -48.20 16.63 -13.78
CA HIS B 42 -49.47 16.33 -14.42
C HIS B 42 -50.39 17.54 -14.35
N VAL B 43 -50.06 18.49 -13.49
CA VAL B 43 -50.84 19.71 -13.38
C VAL B 43 -50.29 20.67 -14.43
N SER B 44 -48.96 20.86 -14.40
CA SER B 44 -48.27 21.73 -15.35
C SER B 44 -48.88 21.54 -16.72
N LEU B 45 -49.12 20.29 -17.08
CA LEU B 45 -49.69 19.96 -18.37
C LEU B 45 -51.17 19.65 -18.25
N LYS B 46 -51.89 20.46 -17.48
CA LYS B 46 -53.33 20.29 -17.27
C LYS B 46 -53.90 18.91 -17.62
N GLN B 47 -53.30 17.86 -17.07
CA GLN B 47 -53.75 16.50 -17.34
C GLN B 47 -54.59 15.99 -16.18
N TRP B 48 -55.67 16.72 -15.87
CA TRP B 48 -56.55 16.37 -14.75
C TRP B 48 -56.92 14.90 -14.56
N LYS B 49 -56.97 14.12 -15.63
CA LYS B 49 -57.33 12.71 -15.50
C LYS B 49 -56.27 11.98 -14.68
N GLN B 50 -55.04 12.47 -14.76
CA GLN B 50 -53.91 11.87 -14.05
C GLN B 50 -53.74 12.50 -12.67
N VAL B 51 -53.88 13.82 -12.61
CA VAL B 51 -53.76 14.54 -11.35
C VAL B 51 -54.58 13.79 -10.33
N TYR B 52 -55.75 13.33 -10.75
CA TYR B 52 -56.65 12.59 -9.88
C TYR B 52 -56.24 11.14 -9.62
N GLU B 53 -55.84 10.41 -10.65
CA GLU B 53 -55.43 9.03 -10.43
C GLU B 53 -54.36 8.99 -9.35
N THR B 54 -53.41 9.89 -9.47
CA THR B 54 -52.31 9.99 -8.52
C THR B 54 -52.83 10.36 -7.14
N PHE B 55 -53.42 11.55 -7.02
CA PHE B 55 -53.93 12.02 -5.76
C PHE B 55 -54.59 10.91 -4.94
N ASP B 56 -55.27 9.97 -5.60
CA ASP B 56 -55.92 8.90 -4.88
C ASP B 56 -54.99 7.78 -4.52
N LYS B 57 -54.11 7.41 -5.44
CA LYS B 57 -53.16 6.35 -5.13
C LYS B 57 -52.50 6.79 -3.83
N LEU B 58 -52.29 8.10 -3.72
CA LEU B 58 -51.68 8.70 -2.53
C LEU B 58 -52.63 8.56 -1.35
N HIS B 59 -53.85 9.09 -1.50
CA HIS B 59 -54.86 9.00 -0.46
C HIS B 59 -55.01 7.58 0.06
N ASP B 60 -55.14 6.62 -0.83
CA ASP B 60 -55.30 5.22 -0.44
C ASP B 60 -54.35 4.74 0.65
N ARG B 61 -53.09 5.15 0.57
CA ARG B 61 -52.10 4.72 1.53
C ARG B 61 -52.11 5.58 2.79
N PHE B 62 -52.22 6.88 2.63
CA PHE B 62 -52.21 7.81 3.75
C PHE B 62 -53.58 8.45 3.99
N PRO B 63 -54.63 7.65 4.16
CA PRO B 63 -55.93 8.28 4.39
C PRO B 63 -56.02 9.27 5.54
N LEU B 64 -54.97 9.39 6.35
CA LEU B 64 -55.08 10.30 7.47
C LEU B 64 -54.20 11.55 7.40
N MET B 65 -53.54 11.75 6.28
CA MET B 65 -52.68 12.92 6.09
C MET B 65 -53.53 14.15 5.72
N ALA B 66 -53.99 14.89 6.74
CA ALA B 66 -54.82 16.08 6.51
C ALA B 66 -54.17 17.03 5.55
N ASN B 67 -52.86 17.18 5.66
CA ASN B 67 -52.17 18.07 4.74
C ASN B 67 -52.50 17.66 3.29
N ILE B 68 -52.39 16.37 2.99
CA ILE B 68 -52.65 15.84 1.65
C ILE B 68 -54.04 16.23 1.14
N TRP B 69 -55.08 15.96 1.92
CA TRP B 69 -56.43 16.32 1.52
C TRP B 69 -56.49 17.84 1.32
N CYS B 70 -55.94 18.59 2.27
CA CYS B 70 -55.93 20.03 2.15
C CYS B 70 -55.34 20.32 0.78
N MET B 71 -54.13 19.80 0.52
CA MET B 71 -53.49 20.01 -0.77
C MET B 71 -54.45 19.88 -1.93
N ARG B 72 -55.29 18.84 -1.89
CA ARG B 72 -56.23 18.60 -2.99
C ARG B 72 -57.36 19.61 -3.11
N LEU B 73 -57.89 20.09 -2.01
CA LEU B 73 -58.97 21.06 -2.13
C LEU B 73 -58.34 22.39 -2.47
N SER B 74 -57.18 22.67 -1.88
CA SER B 74 -56.48 23.92 -2.14
C SER B 74 -56.17 23.97 -3.62
N LEU B 75 -56.34 22.82 -4.28
CA LEU B 75 -56.08 22.70 -5.72
C LEU B 75 -57.35 23.04 -6.48
N GLU B 76 -58.47 22.47 -6.06
CA GLU B 76 -59.73 22.74 -6.71
C GLU B 76 -60.12 24.19 -6.48
N PHE B 77 -59.60 24.81 -5.43
CA PHE B 77 -59.94 26.20 -5.17
C PHE B 77 -59.10 27.07 -6.08
N ASP B 78 -58.85 26.56 -7.27
CA ASP B 78 -58.09 27.25 -8.29
C ASP B 78 -58.61 26.76 -9.65
N LYS B 79 -59.89 27.07 -9.94
CA LYS B 79 -60.58 26.69 -11.18
C LYS B 79 -62.10 26.75 -11.02
N GLU B 82 -64.78 29.19 -11.16
CA GLU B 82 -65.49 29.00 -9.91
C GLU B 82 -65.43 27.57 -9.42
N LEU B 83 -66.12 27.32 -8.32
CA LEU B 83 -66.17 25.99 -7.71
C LEU B 83 -67.35 25.19 -8.26
N ASP B 84 -67.51 23.96 -7.78
CA ASP B 84 -68.57 23.09 -8.26
C ASP B 84 -68.70 21.81 -7.43
N ALA B 85 -69.78 21.71 -6.66
CA ALA B 85 -70.00 20.53 -5.80
C ALA B 85 -69.94 19.20 -6.53
N ALA B 86 -69.52 19.22 -7.79
CA ALA B 86 -69.40 18.00 -8.56
C ALA B 86 -68.15 17.27 -8.08
N VAL B 87 -67.03 17.98 -8.12
CA VAL B 87 -65.74 17.44 -7.70
C VAL B 87 -65.55 17.49 -6.19
N ILE B 88 -65.77 18.66 -5.62
CA ILE B 88 -65.59 18.87 -4.19
C ILE B 88 -66.43 18.07 -3.19
N GLU B 89 -67.64 17.68 -3.57
CA GLU B 89 -68.45 16.94 -2.62
C GLU B 89 -67.96 15.52 -2.30
N PRO B 90 -67.57 14.75 -3.33
CA PRO B 90 -67.07 13.38 -3.12
C PRO B 90 -65.80 13.37 -2.26
N VAL B 91 -64.98 14.39 -2.45
CA VAL B 91 -63.75 14.54 -1.71
C VAL B 91 -64.04 14.75 -0.23
N LEU B 92 -64.79 15.80 0.09
CA LEU B 92 -65.14 16.09 1.48
C LEU B 92 -65.68 14.87 2.19
N ALA B 93 -66.57 14.18 1.51
CA ALA B 93 -67.20 12.98 2.03
C ALA B 93 -66.14 11.93 2.34
N ARG B 94 -65.45 11.51 1.28
CA ARG B 94 -64.39 10.51 1.34
C ARG B 94 -63.39 10.75 2.49
N CYS B 95 -63.06 12.01 2.75
CA CYS B 95 -62.11 12.30 3.79
C CYS B 95 -62.72 12.60 5.15
N LEU B 96 -63.95 13.09 5.18
CA LEU B 96 -64.55 13.39 6.48
C LEU B 96 -65.56 12.36 6.96
N SER B 97 -65.49 11.16 6.40
CA SER B 97 -66.39 10.07 6.78
C SER B 97 -66.17 9.64 8.21
N LYS B 98 -66.98 8.69 8.66
CA LYS B 98 -66.87 8.16 10.01
C LYS B 98 -65.59 7.37 10.12
N GLU B 99 -65.33 6.50 9.14
CA GLU B 99 -64.14 5.68 9.14
C GLU B 99 -62.83 6.44 9.21
N LEU B 100 -62.77 7.66 8.69
CA LEU B 100 -61.52 8.42 8.77
C LEU B 100 -61.67 9.73 9.54
N GLY B 101 -61.45 9.64 10.86
CA GLY B 101 -61.59 10.81 11.71
C GLY B 101 -60.69 12.00 11.42
N ASN B 102 -60.48 12.32 10.14
CA ASN B 102 -59.61 13.44 9.77
C ASN B 102 -59.99 14.72 10.51
N ASN B 103 -59.40 14.90 11.68
CA ASN B 103 -59.68 16.07 12.47
C ASN B 103 -58.48 17.00 12.59
N ASP B 104 -58.27 17.79 11.54
CA ASP B 104 -57.17 18.74 11.49
C ASP B 104 -57.82 20.06 11.15
N LEU B 105 -57.46 21.08 11.91
CA LEU B 105 -58.03 22.41 11.70
C LEU B 105 -57.83 22.88 10.27
N SER B 106 -56.58 22.94 9.81
CA SER B 106 -56.32 23.40 8.46
C SER B 106 -57.08 22.66 7.37
N LEU B 107 -57.90 21.69 7.75
CA LEU B 107 -58.72 20.97 6.78
C LEU B 107 -60.13 21.52 6.93
N TRP B 108 -60.60 21.60 8.17
CA TRP B 108 -61.93 22.14 8.51
C TRP B 108 -62.04 23.55 7.96
N LEU B 109 -60.89 24.21 7.81
CA LEU B 109 -60.82 25.54 7.27
C LEU B 109 -61.05 25.45 5.77
N SER B 110 -60.47 24.43 5.16
CA SER B 110 -60.63 24.22 3.73
C SER B 110 -62.02 23.64 3.47
N TYR B 111 -62.80 23.49 4.54
CA TYR B 111 -64.15 22.96 4.46
C TYR B 111 -65.10 24.10 4.67
N ILE B 112 -64.76 24.94 5.63
CA ILE B 112 -65.57 26.12 5.94
C ILE B 112 -65.55 26.98 4.70
N THR B 113 -64.35 27.15 4.14
CA THR B 113 -64.19 27.96 2.95
C THR B 113 -64.99 27.43 1.78
N TYR B 114 -65.72 26.34 1.98
CA TYR B 114 -66.54 25.78 0.92
C TYR B 114 -68.00 26.03 1.24
N VAL B 115 -68.42 25.59 2.41
CA VAL B 115 -69.79 25.78 2.88
C VAL B 115 -69.98 27.28 3.02
N ARG B 116 -68.92 28.01 2.69
CA ARG B 116 -68.90 29.44 2.75
C ARG B 116 -69.28 29.94 1.36
N LYS B 117 -68.55 29.49 0.35
CA LYS B 117 -68.82 29.91 -1.02
C LYS B 117 -70.16 29.37 -1.50
N LYS B 118 -70.28 28.04 -1.56
CA LYS B 118 -71.52 27.44 -2.01
C LYS B 118 -72.62 27.58 -0.99
N ASN B 119 -72.77 28.79 -0.46
CA ASN B 119 -73.81 29.10 0.52
C ASN B 119 -73.76 30.59 0.90
N ASP B 120 -73.90 31.46 -0.11
CA ASP B 120 -73.88 32.90 0.07
C ASP B 120 -74.81 33.30 1.22
N ILE B 121 -74.45 34.35 1.95
CA ILE B 121 -75.27 34.82 3.06
C ILE B 121 -76.48 35.60 2.51
N ILE B 122 -76.22 36.50 1.56
CA ILE B 122 -77.25 37.34 0.94
C ILE B 122 -78.29 36.49 0.22
N THR B 123 -77.89 35.92 -0.91
CA THR B 123 -78.74 35.07 -1.74
C THR B 123 -79.70 34.20 -0.94
N GLY B 124 -79.16 33.30 -0.14
CA GLY B 124 -80.00 32.41 0.65
C GLY B 124 -80.74 33.16 1.74
N GLY B 125 -80.01 33.75 2.66
CA GLY B 125 -80.65 34.49 3.74
C GLY B 125 -80.62 33.77 5.08
N GLU B 126 -81.71 33.88 5.82
CA GLU B 126 -81.83 33.26 7.14
C GLU B 126 -81.26 31.84 7.14
N GLU B 127 -81.93 30.92 6.43
CA GLU B 127 -81.46 29.55 6.39
C GLU B 127 -80.04 29.41 5.86
N ALA B 128 -79.63 30.38 5.03
CA ALA B 128 -78.28 30.36 4.46
C ALA B 128 -77.28 30.58 5.56
N ARG B 129 -77.19 31.82 6.03
CA ARG B 129 -76.24 32.13 7.10
C ARG B 129 -76.34 31.15 8.24
N ASN B 130 -77.55 30.65 8.48
CA ASN B 130 -77.73 29.70 9.55
C ASN B 130 -76.95 28.40 9.28
N ILE B 131 -76.75 28.08 7.99
CA ILE B 131 -76.01 26.88 7.60
C ILE B 131 -74.50 27.06 7.76
N VAL B 132 -74.01 28.25 7.44
CA VAL B 132 -72.58 28.51 7.57
C VAL B 132 -72.20 28.35 9.04
N ILE B 133 -73.12 28.70 9.93
CA ILE B 133 -72.85 28.56 11.36
C ILE B 133 -72.68 27.08 11.65
N GLN B 134 -73.62 26.27 11.19
CA GLN B 134 -73.53 24.83 11.40
C GLN B 134 -72.09 24.40 11.14
N ALA B 135 -71.65 24.58 9.90
CA ALA B 135 -70.31 24.22 9.47
C ALA B 135 -69.26 24.87 10.36
N PHE B 136 -69.64 25.89 11.11
CA PHE B 136 -68.71 26.59 11.99
C PHE B 136 -68.70 26.00 13.40
N GLN B 137 -69.88 25.65 13.89
CA GLN B 137 -70.02 25.10 15.23
C GLN B 137 -69.47 23.68 15.24
N VAL B 138 -69.67 22.96 14.15
CA VAL B 138 -69.20 21.59 14.05
C VAL B 138 -67.69 21.48 14.26
N VAL B 139 -66.94 22.46 13.76
CA VAL B 139 -65.50 22.43 13.96
C VAL B 139 -65.19 22.72 15.41
N VAL B 140 -65.93 23.65 16.00
CA VAL B 140 -65.75 23.99 17.41
C VAL B 140 -65.91 22.72 18.23
N ASP B 141 -67.03 22.02 18.01
CA ASP B 141 -67.38 20.78 18.71
C ASP B 141 -66.42 19.60 18.52
N LYS B 142 -66.00 19.39 17.28
CA LYS B 142 -65.13 18.28 16.96
C LYS B 142 -63.63 18.55 17.09
N CYS B 143 -63.21 19.75 16.69
CA CYS B 143 -61.80 20.06 16.69
C CYS B 143 -61.28 21.17 17.57
N ALA B 144 -61.43 22.40 17.10
CA ALA B 144 -60.96 23.61 17.79
C ALA B 144 -60.80 23.60 19.31
N ILE B 145 -61.88 23.29 20.05
CA ILE B 145 -61.81 23.28 21.51
C ILE B 145 -60.78 22.29 22.05
N PHE B 146 -59.99 21.70 21.15
CA PHE B 146 -58.96 20.73 21.51
C PHE B 146 -57.58 21.15 21.01
N GLU B 147 -57.56 22.04 20.02
CA GLU B 147 -56.31 22.53 19.47
C GLU B 147 -55.87 23.85 20.07
N PRO B 148 -54.93 23.78 21.02
CA PRO B 148 -54.47 25.03 21.62
C PRO B 148 -54.05 26.11 20.62
N LYS B 149 -53.39 25.75 19.54
CA LYS B 149 -52.97 26.75 18.56
C LYS B 149 -54.04 27.00 17.50
N SER B 150 -55.28 27.11 17.95
CA SER B 150 -56.40 27.34 17.06
C SER B 150 -56.79 28.82 16.95
N ILE B 151 -55.86 29.72 17.28
CA ILE B 151 -56.13 31.16 17.22
C ILE B 151 -56.74 31.56 15.88
N GLN B 152 -56.17 31.02 14.80
CA GLN B 152 -56.65 31.28 13.44
C GLN B 152 -58.17 31.09 13.41
N PHE B 153 -58.58 29.84 13.29
CA PHE B 153 -59.98 29.48 13.23
C PHE B 153 -60.86 30.46 13.94
N TRP B 154 -60.83 30.41 15.26
CA TRP B 154 -61.65 31.29 16.07
C TRP B 154 -61.86 32.67 15.47
N ASN B 155 -60.82 33.47 15.40
CA ASN B 155 -60.95 34.82 14.84
C ASN B 155 -61.82 34.88 13.58
N GLU B 156 -61.69 33.90 12.69
CA GLU B 156 -62.48 33.89 11.46
C GLU B 156 -63.94 33.57 11.70
N TYR B 157 -64.22 32.95 12.83
CA TYR B 157 -65.58 32.59 13.16
C TYR B 157 -66.22 33.77 13.85
N LEU B 158 -65.50 34.30 14.82
CA LEU B 158 -65.96 35.45 15.60
C LEU B 158 -66.10 36.65 14.69
N HIS B 159 -65.18 36.79 13.73
CA HIS B 159 -65.28 37.89 12.78
C HIS B 159 -66.50 37.61 11.91
N PHE B 160 -66.78 36.34 11.66
CA PHE B 160 -67.95 35.99 10.84
C PHE B 160 -69.21 36.38 11.57
N LEU B 161 -69.13 36.49 12.89
CA LEU B 161 -70.30 36.88 13.66
C LEU B 161 -70.28 38.39 13.91
N GLU B 162 -69.09 39.00 13.90
CA GLU B 162 -69.01 40.44 14.12
C GLU B 162 -69.57 41.20 12.92
N HIS B 163 -69.58 40.56 11.75
CA HIS B 163 -70.17 41.19 10.58
C HIS B 163 -71.49 40.49 10.30
N TRP B 164 -72.40 40.61 11.25
CA TRP B 164 -73.71 40.02 11.07
C TRP B 164 -74.74 41.10 11.36
N LYS B 165 -74.81 42.09 10.48
CA LYS B 165 -75.75 43.19 10.60
C LYS B 165 -77.13 42.68 10.97
N PRO B 166 -77.54 42.86 12.23
CA PRO B 166 -78.85 42.40 12.68
C PRO B 166 -79.93 42.85 11.71
N VAL B 167 -80.53 41.90 11.02
CA VAL B 167 -81.57 42.24 10.06
C VAL B 167 -82.83 42.76 10.71
N ASN B 168 -83.14 42.26 11.91
CA ASN B 168 -84.34 42.72 12.60
C ASN B 168 -84.31 42.57 14.11
N LYS B 169 -85.36 41.97 14.64
CA LYS B 169 -85.53 41.75 16.07
C LYS B 169 -84.84 40.49 16.58
N PHE B 170 -85.49 39.36 16.34
CA PHE B 170 -85.01 38.05 16.75
C PHE B 170 -83.55 37.83 16.35
N GLU B 171 -83.07 38.60 15.39
CA GLU B 171 -81.70 38.45 14.95
C GLU B 171 -80.70 39.17 15.84
N GLU B 172 -80.89 40.47 16.07
CA GLU B 172 -79.95 41.21 16.90
C GLU B 172 -79.78 40.52 18.25
N GLN B 173 -80.80 39.77 18.67
CA GLN B 173 -80.78 39.06 19.93
C GLN B 173 -79.98 37.77 19.78
N GLN B 174 -80.42 36.94 18.84
CA GLN B 174 -79.76 35.67 18.56
C GLN B 174 -78.29 35.92 18.26
N ARG B 175 -77.96 37.17 17.96
CA ARG B 175 -76.59 37.55 17.66
C ARG B 175 -75.73 37.36 18.90
N VAL B 176 -75.94 38.18 19.92
CA VAL B 176 -75.16 38.06 21.15
C VAL B 176 -75.24 36.62 21.67
N GLN B 177 -76.43 36.03 21.58
CA GLN B 177 -76.62 34.65 22.01
C GLN B 177 -75.39 33.84 21.67
N TYR B 178 -75.01 33.92 20.39
CA TYR B 178 -73.89 33.19 19.83
C TYR B 178 -72.53 33.76 20.20
N ILE B 179 -72.33 35.03 19.89
CA ILE B 179 -71.06 35.65 20.22
C ILE B 179 -70.62 35.31 21.63
N ARG B 180 -71.56 35.31 22.57
CA ARG B 180 -71.22 34.99 23.94
C ARG B 180 -70.95 33.50 24.03
N LYS B 181 -71.90 32.66 23.64
CA LYS B 181 -71.70 31.22 23.66
C LYS B 181 -70.28 30.96 23.19
N LEU B 182 -69.97 31.55 22.03
CA LEU B 182 -68.65 31.43 21.44
C LEU B 182 -67.62 31.92 22.45
N TYR B 183 -67.66 33.21 22.74
CA TYR B 183 -66.74 33.83 23.69
C TYR B 183 -66.45 33.01 24.94
N LYS B 184 -67.45 32.29 25.43
CA LYS B 184 -67.26 31.48 26.62
C LYS B 184 -66.64 30.15 26.21
N THR B 185 -67.24 29.49 25.22
CA THR B 185 -66.70 28.22 24.78
C THR B 185 -65.19 28.24 24.60
N LEU B 186 -64.64 29.36 24.13
CA LEU B 186 -63.20 29.43 23.92
C LEU B 186 -62.35 29.85 25.09
N LEU B 187 -62.90 30.68 25.96
CA LEU B 187 -62.15 31.19 27.10
C LEU B 187 -61.82 30.14 28.18
N CYS B 188 -62.12 28.87 27.91
CA CYS B 188 -61.82 27.80 28.85
C CYS B 188 -60.63 27.03 28.30
N GLN B 189 -60.83 26.34 27.20
CA GLN B 189 -59.75 25.61 26.58
C GLN B 189 -58.48 26.46 26.57
N PRO B 190 -57.32 25.85 26.81
CA PRO B 190 -56.05 26.59 26.82
C PRO B 190 -55.67 26.85 25.38
N MET B 191 -55.57 28.11 24.99
CA MET B 191 -55.24 28.46 23.61
C MET B 191 -54.23 29.60 23.48
N ASP B 192 -53.67 29.74 22.29
CA ASP B 192 -52.67 30.78 22.02
C ASP B 192 -53.26 32.17 21.94
N CYS B 193 -54.51 32.31 22.37
CA CYS B 193 -55.19 33.59 22.30
C CYS B 193 -56.01 33.90 23.55
N LEU B 194 -55.98 32.99 24.51
CA LEU B 194 -56.74 33.19 25.74
C LEU B 194 -56.60 34.57 26.34
N GLU B 195 -55.42 35.17 26.20
CA GLU B 195 -55.19 36.50 26.77
C GLU B 195 -55.85 37.61 25.95
N SER B 196 -55.45 37.70 24.69
CA SER B 196 -56.00 38.71 23.78
C SER B 196 -57.52 38.63 23.67
N MET B 197 -57.98 37.41 23.40
CA MET B 197 -59.39 37.11 23.24
C MET B 197 -60.25 37.53 24.44
N TRP B 198 -59.61 37.65 25.61
CA TRP B 198 -60.31 38.05 26.83
C TRP B 198 -60.46 39.54 26.84
N GLN B 199 -59.44 40.22 26.36
CA GLN B 199 -59.48 41.67 26.30
C GLN B 199 -60.76 42.06 25.58
N ARG B 200 -60.96 41.44 24.42
CA ARG B 200 -62.14 41.72 23.59
C ARG B 200 -63.45 41.34 24.25
N TYR B 201 -63.47 40.24 24.98
CA TYR B 201 -64.70 39.81 25.63
C TYR B 201 -65.15 40.83 26.65
N THR B 202 -64.22 41.24 27.51
CA THR B 202 -64.54 42.22 28.53
C THR B 202 -65.15 43.48 27.91
N GLN B 203 -64.42 44.07 26.97
CA GLN B 203 -64.92 45.26 26.31
C GLN B 203 -66.28 44.98 25.67
N TRP B 204 -66.33 43.93 24.85
CA TRP B 204 -67.56 43.55 24.17
C TRP B 204 -68.74 43.47 25.13
N GLU B 205 -68.52 42.85 26.29
CA GLU B 205 -69.59 42.72 27.29
C GLU B 205 -70.02 44.06 27.83
N GLN B 206 -69.23 45.09 27.53
CA GLN B 206 -69.53 46.45 27.94
C GLN B 206 -70.05 47.22 26.72
N ASP B 207 -70.66 46.48 25.80
CA ASP B 207 -71.22 47.05 24.59
C ASP B 207 -72.62 46.54 24.43
N VAL B 208 -73.12 45.85 25.45
CA VAL B 208 -74.48 45.33 25.40
C VAL B 208 -75.19 45.61 26.70
N ASN B 209 -74.50 45.35 27.80
CA ASN B 209 -75.08 45.56 29.12
C ASN B 209 -74.16 46.28 30.07
N GLN B 210 -74.77 46.81 31.11
CA GLN B 210 -74.10 47.54 32.15
C GLN B 210 -74.33 46.78 33.45
N LEU B 211 -75.60 46.54 33.74
CA LEU B 211 -76.04 45.80 34.93
C LEU B 211 -75.44 44.40 34.87
N THR B 212 -75.15 43.94 33.65
CA THR B 212 -74.60 42.62 33.42
C THR B 212 -73.07 42.57 33.43
N ALA B 213 -72.47 42.63 32.25
CA ALA B 213 -71.01 42.59 32.06
C ALA B 213 -70.22 42.03 33.25
N ARG B 214 -69.96 42.87 34.24
CA ARG B 214 -69.18 42.44 35.40
C ARG B 214 -69.70 41.18 36.09
N ARG B 215 -70.95 40.80 35.84
CA ARG B 215 -71.49 39.59 36.43
C ARG B 215 -71.13 38.43 35.50
N HIS B 216 -71.21 38.70 34.18
CA HIS B 216 -70.86 37.71 33.16
C HIS B 216 -69.37 37.48 33.21
N ILE B 217 -68.62 38.57 33.05
CA ILE B 217 -67.18 38.51 33.08
C ILE B 217 -66.72 37.92 34.40
N GLY B 218 -67.63 37.84 35.37
CA GLY B 218 -67.28 37.29 36.67
C GLY B 218 -67.34 35.78 36.76
N GLU B 219 -68.28 35.18 36.03
CA GLU B 219 -68.45 33.73 36.03
C GLU B 219 -67.28 33.05 35.30
N LEU B 220 -66.82 33.68 34.24
CA LEU B 220 -65.71 33.16 33.46
C LEU B 220 -64.36 33.35 34.12
N SER B 221 -64.18 34.49 34.80
CA SER B 221 -62.91 34.80 35.49
C SER B 221 -62.21 33.56 36.04
N ALA B 222 -63.00 32.67 36.63
CA ALA B 222 -62.51 31.44 37.24
C ALA B 222 -61.81 30.51 36.24
N GLN B 223 -62.61 29.91 35.36
CA GLN B 223 -62.11 28.98 34.34
C GLN B 223 -61.06 29.61 33.43
N TYR B 224 -61.17 30.92 33.23
CA TYR B 224 -60.25 31.67 32.36
C TYR B 224 -58.80 31.62 32.79
N MET B 225 -58.53 31.82 34.06
CA MET B 225 -57.15 31.78 34.54
C MET B 225 -56.64 30.34 34.57
N ASN B 226 -57.46 29.44 35.11
CA ASN B 226 -57.09 28.03 35.18
C ASN B 226 -56.75 27.61 33.77
N ALA B 227 -57.36 28.29 32.81
CA ALA B 227 -57.14 28.02 31.40
C ALA B 227 -55.77 28.53 30.96
N ARG B 228 -55.52 29.82 31.19
CA ARG B 228 -54.24 30.41 30.83
C ARG B 228 -53.13 29.55 31.42
N SER B 229 -53.40 29.02 32.61
CA SER B 229 -52.45 28.17 33.32
C SER B 229 -52.12 26.90 32.54
N LEU B 230 -53.12 26.05 32.37
CA LEU B 230 -52.94 24.83 31.65
C LEU B 230 -52.20 25.10 30.36
N TYR B 231 -52.66 26.12 29.65
CA TYR B 231 -52.03 26.49 28.39
C TYR B 231 -50.53 26.73 28.54
N GLN B 232 -50.13 27.27 29.69
CA GLN B 232 -48.71 27.53 29.94
C GLN B 232 -47.89 26.28 30.06
N ASP B 233 -48.37 25.35 30.90
CA ASP B 233 -47.69 24.08 31.09
C ASP B 233 -47.61 23.46 29.70
N TRP B 234 -48.74 23.46 29.00
CA TRP B 234 -48.81 22.91 27.64
C TRP B 234 -47.73 23.56 26.78
N LEU B 235 -47.66 24.87 26.85
CA LEU B 235 -46.67 25.60 26.05
C LEU B 235 -45.24 25.17 26.38
N ASN B 236 -45.01 24.71 27.62
CA ASN B 236 -43.70 24.23 28.04
C ASN B 236 -43.45 22.94 27.32
N ILE B 237 -44.25 21.93 27.65
CA ILE B 237 -44.13 20.62 27.05
C ILE B 237 -44.04 20.74 25.54
N THR B 238 -44.85 21.62 24.96
CA THR B 238 -44.87 21.86 23.53
C THR B 238 -43.53 22.40 23.02
N LYS B 239 -42.72 22.95 23.93
CA LYS B 239 -41.40 23.52 23.64
C LYS B 239 -40.94 23.47 22.19
N GLY B 240 -40.15 22.46 21.86
CA GLY B 240 -39.65 22.34 20.51
C GLY B 240 -40.59 21.62 19.56
N LEU B 241 -41.88 21.67 19.80
CA LEU B 241 -42.80 20.98 18.89
C LEU B 241 -43.00 21.82 17.66
N LYS B 242 -42.58 21.27 16.53
CA LYS B 242 -42.71 21.93 15.25
C LYS B 242 -43.68 21.14 14.40
N ARG B 243 -44.74 21.81 13.95
CA ARG B 243 -45.78 21.20 13.12
C ARG B 243 -45.95 21.99 11.83
N ASN B 244 -45.19 21.64 10.80
CA ASN B 244 -45.27 22.38 9.55
C ASN B 244 -45.19 21.57 8.27
N LEU B 245 -46.21 20.76 8.02
CA LEU B 245 -46.25 19.97 6.81
C LEU B 245 -46.77 20.93 5.76
N PRO B 246 -46.71 20.54 4.48
CA PRO B 246 -47.20 21.40 3.41
C PRO B 246 -48.70 21.23 3.27
N ILE B 247 -49.42 22.33 3.09
CA ILE B 247 -50.85 22.23 2.95
C ILE B 247 -51.27 22.58 1.52
N THR B 248 -50.36 23.21 0.79
CA THR B 248 -50.61 23.57 -0.61
C THR B 248 -49.53 22.95 -1.45
N LEU B 249 -49.97 22.19 -2.45
CA LEU B 249 -49.10 21.50 -3.38
C LEU B 249 -47.87 22.31 -3.73
N ASN B 250 -48.00 23.62 -3.61
CA ASN B 250 -46.93 24.55 -3.95
C ASN B 250 -45.90 24.75 -2.84
N GLN B 251 -46.30 24.64 -1.57
CA GLN B 251 -45.36 24.79 -0.45
C GLN B 251 -44.54 23.52 -0.29
N ALA B 252 -44.97 22.49 -0.99
CA ALA B 252 -44.31 21.20 -0.92
C ALA B 252 -42.83 21.26 -1.26
N THR B 253 -41.98 21.28 -0.24
CA THR B 253 -40.54 21.32 -0.46
C THR B 253 -39.96 20.01 0.06
N GLU B 254 -39.02 19.44 -0.68
CA GLU B 254 -38.41 18.17 -0.31
C GLU B 254 -37.90 18.09 1.12
N SER B 255 -37.88 19.22 1.80
CA SER B 255 -37.40 19.26 3.17
C SER B 255 -38.52 19.22 4.19
N ASN B 256 -39.61 19.93 3.91
CA ASN B 256 -40.74 19.96 4.83
C ASN B 256 -41.64 18.73 4.72
N LEU B 257 -41.12 17.68 4.08
CA LEU B 257 -41.84 16.41 3.94
C LEU B 257 -40.99 15.29 4.51
N PRO B 258 -41.64 14.21 4.96
CA PRO B 258 -40.94 13.07 5.54
C PRO B 258 -40.45 12.08 4.49
N LYS B 259 -39.13 11.95 4.37
CA LYS B 259 -38.56 11.02 3.43
C LYS B 259 -38.85 9.66 4.04
N PRO B 260 -39.02 8.62 3.19
CA PRO B 260 -39.32 7.26 3.66
C PRO B 260 -38.68 6.82 4.99
N ASN B 261 -39.53 6.37 5.91
CA ASN B 261 -39.11 5.91 7.23
C ASN B 261 -38.48 6.92 8.17
N GLU B 262 -38.22 8.15 7.73
CA GLU B 262 -37.62 9.17 8.59
C GLU B 262 -38.53 9.83 9.59
N TYR B 263 -38.02 10.06 10.79
CA TYR B 263 -38.78 10.75 11.82
C TYR B 263 -37.86 11.17 12.96
N ASP B 264 -37.97 12.44 13.33
CA ASP B 264 -37.13 12.97 14.40
C ASP B 264 -37.58 12.46 15.77
N VAL B 265 -36.78 11.58 16.35
CA VAL B 265 -37.11 11.04 17.65
C VAL B 265 -37.48 12.14 18.63
N GLN B 266 -36.54 13.05 18.90
CA GLN B 266 -36.78 14.15 19.83
C GLN B 266 -38.21 14.68 19.67
N GLN B 267 -38.59 14.96 18.43
CA GLN B 267 -39.92 15.45 18.08
C GLN B 267 -41.00 14.42 18.45
N LEU B 268 -40.70 13.15 18.21
CA LEU B 268 -41.62 12.08 18.55
C LEU B 268 -41.95 12.22 20.03
N LEU B 269 -40.95 12.06 20.89
CA LEU B 269 -41.10 12.18 22.34
C LEU B 269 -41.90 13.41 22.74
N ILE B 270 -41.65 14.55 22.08
CA ILE B 270 -42.39 15.76 22.39
C ILE B 270 -43.89 15.52 22.27
N TRP B 271 -44.29 14.84 21.21
CA TRP B 271 -45.70 14.53 20.99
C TRP B 271 -46.19 13.66 22.12
N LEU B 272 -45.48 12.57 22.36
CA LEU B 272 -45.82 11.64 23.44
C LEU B 272 -46.00 12.33 24.79
N GLU B 273 -45.13 13.29 25.06
CA GLU B 273 -45.18 14.05 26.31
C GLU B 273 -46.46 14.89 26.34
N TRP B 274 -46.82 15.45 25.20
CA TRP B 274 -48.04 16.24 25.13
C TRP B 274 -49.17 15.27 25.44
N ILE B 275 -49.19 14.13 24.76
CA ILE B 275 -50.26 13.17 24.98
C ILE B 275 -50.36 12.70 26.43
N ARG B 276 -49.23 12.39 27.08
CA ARG B 276 -49.27 11.92 28.47
C ARG B 276 -49.67 13.03 29.42
N TRP B 277 -49.73 14.25 28.90
CA TRP B 277 -50.16 15.40 29.69
C TRP B 277 -51.68 15.48 29.57
N GLU B 278 -52.15 15.17 28.37
CA GLU B 278 -53.56 15.18 28.03
C GLU B 278 -54.34 14.05 28.69
N SER B 279 -53.61 13.00 29.09
CA SER B 279 -54.24 11.84 29.72
C SER B 279 -54.52 12.14 31.18
N ASP B 280 -53.75 13.07 31.74
CA ASP B 280 -53.87 13.52 33.12
C ASP B 280 -55.22 14.19 33.36
N ASN B 281 -55.87 14.55 32.26
CA ASN B 281 -57.18 15.22 32.23
C ASN B 281 -57.22 16.35 33.21
N LYS B 282 -56.43 17.37 32.92
CA LYS B 282 -56.34 18.55 33.77
C LYS B 282 -57.62 19.35 33.67
N LEU B 283 -58.24 19.34 32.50
CA LEU B 283 -59.47 20.09 32.32
C LEU B 283 -60.60 19.38 33.02
N GLU B 284 -60.46 18.07 33.19
CA GLU B 284 -61.49 17.27 33.85
C GLU B 284 -62.77 17.29 33.07
N LEU B 285 -62.69 16.85 31.82
CA LEU B 285 -63.85 16.83 30.96
C LEU B 285 -64.57 15.50 31.20
N SER B 286 -65.75 15.35 30.61
CA SER B 286 -66.48 14.10 30.75
C SER B 286 -65.59 12.99 30.23
N ASP B 287 -66.07 11.75 30.24
CA ASP B 287 -65.26 10.66 29.72
C ASP B 287 -65.31 10.74 28.20
N ASP B 288 -66.52 10.65 27.66
CA ASP B 288 -66.71 10.70 26.23
C ASP B 288 -65.91 11.85 25.62
N LEU B 289 -65.90 13.00 26.29
CA LEU B 289 -65.16 14.17 25.81
C LEU B 289 -63.66 14.04 25.99
N HIS B 290 -63.24 13.35 27.04
CA HIS B 290 -61.82 13.17 27.27
C HIS B 290 -61.32 12.29 26.16
N LYS B 291 -61.92 11.11 26.03
CA LYS B 291 -61.56 10.16 24.99
C LYS B 291 -61.49 10.96 23.69
N ALA B 292 -62.42 11.90 23.54
CA ALA B 292 -62.51 12.76 22.38
C ALA B 292 -61.25 13.60 22.16
N ARG B 293 -60.83 14.29 23.22
CA ARG B 293 -59.64 15.14 23.20
C ARG B 293 -58.37 14.33 22.97
N MET B 294 -58.25 13.22 23.66
CA MET B 294 -57.10 12.35 23.53
C MET B 294 -56.95 11.94 22.07
N THR B 295 -58.05 11.50 21.49
CA THR B 295 -58.07 11.08 20.10
C THR B 295 -57.60 12.16 19.14
N TYR B 296 -58.08 13.39 19.29
CA TYR B 296 -57.65 14.46 18.41
C TYR B 296 -56.13 14.65 18.44
N VAL B 297 -55.56 14.67 19.65
CA VAL B 297 -54.12 14.85 19.79
C VAL B 297 -53.34 13.67 19.23
N TYR B 298 -53.88 12.46 19.26
CA TYR B 298 -53.18 11.30 18.70
C TYR B 298 -53.16 11.39 17.18
N MET B 299 -54.21 11.99 16.62
CA MET B 299 -54.28 12.16 15.17
C MET B 299 -53.21 13.13 14.76
N GLN B 300 -53.16 14.27 15.42
CA GLN B 300 -52.13 15.24 15.13
C GLN B 300 -50.79 14.57 15.38
N ALA B 301 -50.69 13.78 16.45
CA ALA B 301 -49.45 13.10 16.77
C ALA B 301 -49.01 12.27 15.59
N ALA B 302 -49.91 11.39 15.14
CA ALA B 302 -49.68 10.47 14.02
C ALA B 302 -49.49 11.11 12.65
N GLN B 303 -50.03 12.31 12.47
CA GLN B 303 -49.92 12.96 11.19
C GLN B 303 -48.52 13.52 10.91
N HIS B 304 -47.85 14.00 11.95
CA HIS B 304 -46.52 14.59 11.80
C HIS B 304 -45.32 13.67 11.98
N VAL B 305 -45.55 12.49 12.55
CA VAL B 305 -44.48 11.52 12.78
C VAL B 305 -44.96 10.16 12.30
N CYS B 306 -45.73 10.19 11.23
CA CYS B 306 -46.31 9.01 10.60
C CYS B 306 -45.37 7.85 10.28
N PHE B 307 -44.08 8.01 10.51
CA PHE B 307 -43.13 6.95 10.19
C PHE B 307 -42.49 6.37 11.43
N ALA B 308 -43.05 6.74 12.57
CA ALA B 308 -42.56 6.28 13.86
C ALA B 308 -43.51 5.18 14.32
N PRO B 309 -43.11 3.91 14.19
CA PRO B 309 -44.04 2.88 14.62
C PRO B 309 -44.53 2.99 16.06
N GLU B 310 -43.83 3.74 16.92
CA GLU B 310 -44.34 3.83 18.28
C GLU B 310 -45.62 4.68 18.41
N ILE B 311 -45.85 5.62 17.50
CA ILE B 311 -47.05 6.42 17.61
C ILE B 311 -48.27 5.65 17.14
N TRP B 312 -48.11 4.77 16.15
CA TRP B 312 -49.25 3.99 15.66
C TRP B 312 -49.54 2.85 16.61
N PHE B 313 -48.55 2.46 17.39
CA PHE B 313 -48.70 1.39 18.37
C PHE B 313 -49.48 1.93 19.57
N ASN B 314 -48.94 3.00 20.13
CA ASN B 314 -49.55 3.68 21.27
C ASN B 314 -51.00 4.08 21.01
N MET B 315 -51.31 4.47 19.78
CA MET B 315 -52.66 4.89 19.43
C MET B 315 -53.58 3.75 19.08
N ALA B 316 -53.10 2.77 18.34
CA ALA B 316 -53.96 1.64 18.01
C ALA B 316 -54.30 0.90 19.29
N ASN B 317 -53.35 0.82 20.22
CA ASN B 317 -53.60 0.14 21.48
C ASN B 317 -54.38 1.05 22.42
N TYR B 318 -54.75 2.23 21.96
CA TYR B 318 -55.51 3.15 22.80
C TYR B 318 -56.95 3.13 22.30
N GLN B 319 -57.15 3.32 21.00
CA GLN B 319 -58.49 3.31 20.42
C GLN B 319 -59.29 2.06 20.79
N GLY B 320 -58.59 1.04 21.27
CA GLY B 320 -59.26 -0.19 21.67
C GLY B 320 -59.20 -0.38 23.17
N GLU B 321 -58.18 0.21 23.79
CA GLU B 321 -57.97 0.13 25.24
C GLU B 321 -59.24 0.57 25.95
N LYS B 322 -60.17 1.08 25.18
CA LYS B 322 -61.43 1.54 25.73
C LYS B 322 -62.61 0.67 25.28
N ASN B 323 -63.17 1.00 24.12
CA ASN B 323 -64.34 0.32 23.57
C ASN B 323 -64.09 -1.06 22.96
N THR B 324 -65.19 -1.74 22.66
CA THR B 324 -65.17 -3.06 22.05
C THR B 324 -64.80 -2.86 20.60
N ASP B 325 -65.54 -3.49 19.69
CA ASP B 325 -65.27 -3.35 18.27
C ASP B 325 -63.86 -3.89 18.08
N SER B 326 -63.73 -5.22 18.12
CA SER B 326 -62.44 -5.90 17.97
C SER B 326 -61.74 -5.60 16.65
N THR B 327 -62.16 -4.52 16.01
CA THR B 327 -61.62 -4.11 14.72
C THR B 327 -60.89 -2.76 14.77
N VAL B 328 -61.19 -1.95 15.77
CA VAL B 328 -60.56 -0.65 15.89
C VAL B 328 -59.07 -0.77 15.83
N ILE B 329 -58.52 -1.67 16.64
CA ILE B 329 -57.08 -1.87 16.70
C ILE B 329 -56.52 -2.37 15.37
N THR B 330 -56.93 -3.57 14.96
CA THR B 330 -56.48 -4.13 13.70
C THR B 330 -56.49 -3.04 12.63
N LYS B 331 -57.53 -2.21 12.63
CA LYS B 331 -57.66 -1.14 11.64
C LYS B 331 -56.55 -0.12 11.71
N TYR B 332 -56.47 0.62 12.80
CA TYR B 332 -55.41 1.62 12.92
C TYR B 332 -53.98 1.10 12.80
N LEU B 333 -53.75 -0.13 13.23
CA LEU B 333 -52.41 -0.70 13.10
C LEU B 333 -52.14 -0.93 11.65
N LYS B 334 -53.19 -1.15 10.87
CA LYS B 334 -53.05 -1.37 9.43
C LYS B 334 -52.58 -0.08 8.77
N LEU B 335 -53.33 0.99 8.94
CA LEU B 335 -52.94 2.27 8.35
C LEU B 335 -51.53 2.64 8.80
N GLY B 336 -51.19 2.29 10.03
CA GLY B 336 -49.87 2.60 10.53
C GLY B 336 -48.82 1.86 9.73
N GLN B 337 -49.05 0.57 9.50
CA GLN B 337 -48.10 -0.24 8.74
C GLN B 337 -48.01 0.28 7.31
N GLN B 338 -49.07 0.95 6.86
CA GLN B 338 -49.05 1.45 5.49
C GLN B 338 -47.96 2.48 5.32
N CYS B 339 -47.71 3.27 6.33
CA CYS B 339 -46.67 4.25 6.23
C CYS B 339 -45.30 3.62 6.54
N ILE B 340 -45.31 2.42 7.09
CA ILE B 340 -44.04 1.77 7.41
C ILE B 340 -44.08 0.31 7.01
N PRO B 341 -44.46 0.03 5.76
CA PRO B 341 -44.54 -1.35 5.28
C PRO B 341 -43.52 -2.32 5.84
N ASN B 342 -42.40 -1.80 6.35
CA ASN B 342 -41.34 -2.66 6.87
C ASN B 342 -41.13 -2.69 8.39
N SER B 343 -42.00 -2.03 9.16
CA SER B 343 -41.88 -2.03 10.61
C SER B 343 -42.16 -3.43 11.11
N ALA B 344 -41.19 -4.02 11.80
CA ALA B 344 -41.35 -5.36 12.34
C ALA B 344 -42.35 -5.24 13.46
N VAL B 345 -42.33 -4.06 14.08
CA VAL B 345 -43.21 -3.74 15.20
C VAL B 345 -44.64 -3.91 14.76
N LEU B 346 -45.01 -3.23 13.67
CA LEU B 346 -46.38 -3.34 13.17
C LEU B 346 -46.65 -4.72 12.57
N ALA B 347 -45.65 -5.34 11.96
CA ALA B 347 -45.86 -6.66 11.41
C ALA B 347 -46.42 -7.51 12.52
N PHE B 348 -45.73 -7.52 13.66
CA PHE B 348 -46.15 -8.30 14.82
C PHE B 348 -47.45 -7.82 15.47
N SER B 349 -47.57 -6.53 15.77
CA SER B 349 -48.81 -6.05 16.36
C SER B 349 -50.03 -6.54 15.53
N LEU B 350 -49.90 -6.56 14.19
CA LEU B 350 -50.97 -7.02 13.31
C LEU B 350 -51.10 -8.52 13.36
N SER B 351 -49.99 -9.20 13.18
CA SER B 351 -50.01 -10.64 13.25
C SER B 351 -50.35 -11.08 14.68
N GLU B 352 -51.11 -10.26 15.36
CA GLU B 352 -51.53 -10.53 16.74
C GLU B 352 -53.02 -10.29 16.73
N GLN B 353 -53.42 -9.10 16.29
CA GLN B 353 -54.83 -8.74 16.19
C GLN B 353 -55.51 -9.79 15.34
N TYR B 354 -54.81 -10.26 14.33
CA TYR B 354 -55.36 -11.26 13.46
C TYR B 354 -55.55 -12.57 14.22
N GLU B 355 -54.50 -13.03 14.90
CA GLU B 355 -54.61 -14.28 15.65
C GLU B 355 -55.67 -14.14 16.73
N LEU B 356 -55.92 -12.91 17.16
CA LEU B 356 -56.92 -12.68 18.19
C LEU B 356 -58.28 -13.06 17.63
N ASN B 357 -58.54 -12.65 16.39
CA ASN B 357 -59.81 -12.92 15.74
C ASN B 357 -59.82 -14.11 14.78
N THR B 358 -58.93 -15.06 15.05
CA THR B 358 -58.81 -16.28 14.27
C THR B 358 -58.61 -16.05 12.76
N LYS B 359 -58.22 -14.85 12.38
CA LYS B 359 -57.95 -14.58 10.98
C LYS B 359 -56.49 -15.04 10.87
N ILE B 360 -56.31 -16.35 10.75
CA ILE B 360 -54.99 -16.98 10.68
C ILE B 360 -54.10 -16.63 9.49
N PRO B 361 -54.63 -16.74 8.27
CA PRO B 361 -53.85 -16.44 7.07
C PRO B 361 -53.43 -14.99 7.00
N GLU B 362 -54.30 -14.10 7.47
CA GLU B 362 -53.98 -12.69 7.48
C GLU B 362 -52.64 -12.52 8.23
N ILE B 363 -52.37 -13.41 9.18
CA ILE B 363 -51.13 -13.39 9.96
C ILE B 363 -49.95 -13.52 9.00
N GLU B 364 -49.83 -14.70 8.38
CA GLU B 364 -48.74 -14.98 7.46
C GLU B 364 -48.57 -13.93 6.38
N THR B 365 -49.63 -13.60 5.67
CA THR B 365 -49.51 -12.58 4.63
C THR B 365 -48.87 -11.37 5.28
N THR B 366 -49.39 -10.99 6.45
CA THR B 366 -48.90 -9.81 7.15
C THR B 366 -47.44 -9.82 7.51
N ILE B 367 -46.93 -10.96 8.00
CA ILE B 367 -45.54 -11.03 8.37
C ILE B 367 -44.66 -11.10 7.15
N LEU B 368 -45.13 -11.76 6.09
CA LEU B 368 -44.30 -11.82 4.89
C LEU B 368 -44.17 -10.44 4.30
N SER B 369 -45.26 -9.68 4.36
CA SER B 369 -45.28 -8.32 3.84
C SER B 369 -44.13 -7.49 4.35
N CYS B 370 -43.75 -7.73 5.60
CA CYS B 370 -42.64 -7.00 6.18
C CYS B 370 -41.38 -7.57 5.54
N ILE B 371 -41.25 -8.89 5.60
CA ILE B 371 -40.10 -9.54 5.02
C ILE B 371 -39.84 -9.02 3.63
N ASP B 372 -40.86 -9.04 2.77
CA ASP B 372 -40.72 -8.57 1.38
C ASP B 372 -40.16 -7.15 1.29
N ARG B 373 -40.82 -6.24 2.00
CA ARG B 373 -40.43 -4.84 2.01
C ARG B 373 -39.02 -4.72 2.53
N ILE B 374 -38.66 -5.58 3.48
CA ILE B 374 -37.32 -5.56 4.06
C ILE B 374 -36.31 -6.12 3.05
N HIS B 375 -36.65 -7.24 2.41
CA HIS B 375 -35.78 -7.87 1.42
C HIS B 375 -35.43 -6.83 0.39
N LEU B 376 -36.42 -6.01 0.08
CA LEU B 376 -36.24 -4.97 -0.88
C LEU B 376 -35.29 -3.92 -0.36
N ASP B 377 -35.56 -3.38 0.81
CA ASP B 377 -34.67 -2.35 1.36
C ASP B 377 -33.21 -2.83 1.28
N LEU B 378 -33.00 -4.13 1.52
CA LEU B 378 -31.67 -4.75 1.49
C LEU B 378 -31.06 -4.69 0.09
N ALA B 379 -31.66 -5.41 -0.86
CA ALA B 379 -31.17 -5.40 -2.23
C ALA B 379 -31.00 -3.98 -2.73
N ALA B 380 -31.70 -3.04 -2.09
CA ALA B 380 -31.59 -1.64 -2.46
C ALA B 380 -30.25 -1.19 -1.94
N LEU B 381 -30.05 -1.25 -0.63
CA LEU B 381 -28.79 -0.84 0.00
C LEU B 381 -27.56 -1.50 -0.64
N MET B 382 -27.67 -2.80 -0.94
CA MET B 382 -26.56 -3.55 -1.54
C MET B 382 -26.19 -3.05 -2.93
N GLU B 383 -27.03 -3.30 -3.92
CA GLU B 383 -26.70 -2.82 -5.25
C GLU B 383 -26.92 -1.30 -5.30
N ASP B 384 -26.50 -0.61 -4.24
CA ASP B 384 -26.64 0.84 -4.19
C ASP B 384 -25.50 1.48 -3.41
N ASP B 385 -24.66 0.63 -2.82
CA ASP B 385 -23.45 1.04 -2.10
C ASP B 385 -22.97 -0.05 -1.17
N PRO B 386 -22.55 -1.18 -1.77
CA PRO B 386 -22.04 -2.39 -1.10
C PRO B 386 -20.78 -2.07 -0.33
N THR B 387 -20.37 -0.82 -0.46
CA THR B 387 -19.19 -0.31 0.21
C THR B 387 -19.52 -0.24 1.70
N ASN B 388 -20.79 0.02 1.99
CA ASN B 388 -21.28 0.14 3.37
C ASN B 388 -21.65 -1.20 3.98
N GLU B 389 -20.68 -1.88 4.57
CA GLU B 389 -20.90 -3.19 5.20
C GLU B 389 -21.43 -3.00 6.61
N SER B 390 -21.54 -1.75 7.03
CA SER B 390 -22.07 -1.45 8.34
C SER B 390 -23.56 -1.75 8.23
N ALA B 391 -24.30 -0.81 7.67
CA ALA B 391 -25.75 -0.92 7.49
C ALA B 391 -26.19 -2.11 6.64
N ILE B 392 -25.32 -2.58 5.76
CA ILE B 392 -25.65 -3.70 4.90
C ILE B 392 -25.90 -4.93 5.78
N ASN B 393 -25.28 -5.00 6.94
CA ASN B 393 -25.48 -6.15 7.83
C ASN B 393 -26.60 -5.93 8.82
N GLN B 394 -26.76 -4.68 9.26
CA GLN B 394 -27.82 -4.36 10.20
C GLN B 394 -29.08 -4.86 9.56
N LEU B 395 -29.26 -4.47 8.29
CA LEU B 395 -30.41 -4.86 7.51
C LEU B 395 -30.47 -6.37 7.37
N LYS B 396 -29.35 -7.01 7.04
CA LYS B 396 -29.35 -8.46 6.92
C LYS B 396 -29.92 -9.06 8.20
N SER B 397 -29.52 -8.52 9.35
CA SER B 397 -30.00 -9.02 10.64
C SER B 397 -31.53 -8.82 10.84
N LYS B 398 -32.03 -7.60 10.61
CA LYS B 398 -33.46 -7.31 10.74
C LYS B 398 -34.22 -8.34 9.94
N LEU B 399 -33.74 -8.58 8.72
CA LEU B 399 -34.36 -9.56 7.85
C LEU B 399 -34.29 -10.93 8.52
N THR B 400 -33.09 -11.40 8.85
CA THR B 400 -32.92 -12.71 9.51
C THR B 400 -33.80 -12.84 10.76
N TYR B 401 -33.83 -11.77 11.54
CA TYR B 401 -34.63 -11.70 12.76
C TYR B 401 -36.11 -11.88 12.43
N VAL B 402 -36.69 -10.97 11.64
CA VAL B 402 -38.09 -11.08 11.30
C VAL B 402 -38.41 -12.48 10.78
N TYR B 403 -37.40 -13.19 10.29
CA TYR B 403 -37.60 -14.56 9.81
C TYR B 403 -37.68 -15.46 11.02
N CYS B 404 -36.79 -15.27 11.97
CA CYS B 404 -36.82 -16.09 13.16
C CYS B 404 -38.22 -16.07 13.76
N VAL B 405 -38.62 -14.90 14.26
CA VAL B 405 -39.93 -14.67 14.89
C VAL B 405 -41.12 -15.04 13.97
N TYR B 406 -40.83 -15.43 12.73
CA TYR B 406 -41.87 -15.83 11.79
C TYR B 406 -41.90 -17.34 11.75
N MET B 407 -40.73 -17.93 11.62
CA MET B 407 -40.59 -19.37 11.60
C MET B 407 -41.06 -19.91 12.95
N ASN B 408 -41.08 -19.04 13.96
CA ASN B 408 -41.51 -19.42 15.30
C ASN B 408 -43.01 -19.40 15.34
N THR B 409 -43.59 -18.32 14.84
CA THR B 409 -45.04 -18.18 14.84
C THR B 409 -45.71 -19.35 14.12
N MET B 410 -45.11 -19.80 13.02
CA MET B 410 -45.68 -20.89 12.25
C MET B 410 -45.42 -22.25 12.88
N LYS B 411 -44.33 -22.40 13.61
CA LYS B 411 -44.09 -23.67 14.29
C LYS B 411 -45.20 -23.82 15.35
N ARG B 412 -45.77 -22.70 15.79
CA ARG B 412 -46.83 -22.69 16.81
C ARG B 412 -48.24 -22.82 16.21
N ILE B 413 -48.59 -21.89 15.31
CA ILE B 413 -49.92 -21.89 14.68
C ILE B 413 -50.10 -23.07 13.74
N GLN B 414 -49.11 -23.34 12.89
CA GLN B 414 -49.18 -24.48 11.97
C GLN B 414 -48.51 -25.65 12.64
N GLY B 415 -47.19 -25.66 12.64
CA GLY B 415 -46.49 -26.77 13.26
C GLY B 415 -45.13 -27.04 12.65
N LEU B 416 -44.48 -28.11 13.15
CA LEU B 416 -43.15 -28.52 12.73
C LEU B 416 -42.92 -28.53 11.22
N ALA B 417 -43.96 -28.82 10.47
CA ALA B 417 -43.85 -28.82 9.01
C ALA B 417 -43.44 -27.46 8.46
N ALA B 418 -44.33 -26.48 8.58
CA ALA B 418 -44.05 -25.13 8.08
C ALA B 418 -42.93 -24.44 8.84
N SER B 419 -42.76 -24.83 10.10
CA SER B 419 -41.69 -24.22 10.89
C SER B 419 -40.43 -24.59 10.13
N ARG B 420 -40.41 -25.84 9.66
CA ARG B 420 -39.29 -26.35 8.89
C ARG B 420 -39.24 -25.86 7.45
N LYS B 421 -40.38 -25.79 6.80
CA LYS B 421 -40.38 -25.30 5.45
C LYS B 421 -39.78 -23.88 5.46
N ILE B 422 -40.14 -23.08 6.47
CA ILE B 422 -39.64 -21.71 6.54
C ILE B 422 -38.15 -21.71 6.75
N PHE B 423 -37.62 -22.76 7.36
CA PHE B 423 -36.18 -22.79 7.53
C PHE B 423 -35.58 -22.94 6.14
N GLY B 424 -36.06 -23.93 5.40
CA GLY B 424 -35.58 -24.18 4.05
C GLY B 424 -35.45 -22.93 3.20
N LYS B 425 -36.54 -22.19 3.05
CA LYS B 425 -36.50 -20.97 2.26
C LYS B 425 -35.34 -20.13 2.76
N CYS B 426 -35.14 -20.11 4.07
CA CYS B 426 -34.07 -19.33 4.64
C CYS B 426 -32.71 -19.83 4.25
N ARG B 427 -32.53 -21.14 4.31
CA ARG B 427 -31.27 -21.76 3.96
C ARG B 427 -30.95 -21.43 2.53
N ARG B 428 -31.98 -21.48 1.70
CA ARG B 428 -31.84 -21.16 0.27
C ARG B 428 -31.37 -19.72 0.09
N LEU B 429 -31.70 -18.86 1.05
CA LEU B 429 -31.29 -17.45 1.02
C LEU B 429 -29.77 -17.29 1.16
N LYS B 430 -29.09 -18.44 1.26
CA LYS B 430 -27.64 -18.51 1.40
C LYS B 430 -27.10 -17.60 2.50
N LYS B 431 -26.18 -16.70 2.14
CA LYS B 431 -25.57 -15.80 3.12
C LYS B 431 -26.26 -14.47 3.20
N LEU B 432 -27.51 -14.43 2.76
CA LEU B 432 -28.29 -13.19 2.75
C LEU B 432 -28.83 -12.86 4.13
N VAL B 433 -28.89 -13.91 4.95
CA VAL B 433 -29.37 -13.84 6.32
C VAL B 433 -28.17 -14.14 7.22
N THR B 434 -28.24 -13.71 8.48
CA THR B 434 -27.15 -13.95 9.40
C THR B 434 -27.34 -15.31 10.02
N PRO B 435 -26.32 -15.83 10.74
CA PRO B 435 -26.37 -17.15 11.37
C PRO B 435 -27.53 -17.38 12.32
N ASP B 436 -28.00 -16.32 13.00
CA ASP B 436 -29.10 -16.43 13.93
C ASP B 436 -30.17 -17.41 13.52
N ILE B 437 -30.56 -17.37 12.25
CA ILE B 437 -31.58 -18.27 11.73
C ILE B 437 -31.26 -19.74 12.00
N TYR B 438 -30.02 -20.17 11.75
CA TYR B 438 -29.62 -21.54 11.99
C TYR B 438 -29.67 -21.81 13.49
N LEU B 439 -29.21 -20.85 14.26
CA LEU B 439 -29.24 -21.00 15.70
C LEU B 439 -30.69 -21.18 16.19
N GLU B 440 -31.53 -20.16 16.04
CA GLU B 440 -32.93 -20.28 16.48
C GLU B 440 -33.61 -21.59 16.07
N ASN B 441 -33.32 -22.10 14.87
CA ASN B 441 -33.93 -23.35 14.41
C ASN B 441 -33.35 -24.51 15.19
N ALA B 442 -32.05 -24.46 15.45
CA ALA B 442 -31.39 -25.53 16.20
C ALA B 442 -32.12 -25.71 17.53
N TYR B 443 -32.55 -24.59 18.09
CA TYR B 443 -33.29 -24.58 19.36
C TYR B 443 -34.64 -25.27 19.22
N ILE B 444 -35.49 -24.72 18.36
CA ILE B 444 -36.79 -25.32 18.13
C ILE B 444 -36.60 -26.83 18.02
N GLU B 445 -35.80 -27.25 17.06
CA GLU B 445 -35.54 -28.66 16.85
C GLU B 445 -34.98 -29.38 18.07
N TYR B 446 -34.22 -28.68 18.90
CA TYR B 446 -33.64 -29.33 20.08
C TYR B 446 -34.50 -29.28 21.32
N HIS B 447 -34.68 -28.09 21.87
CA HIS B 447 -35.45 -27.91 23.11
C HIS B 447 -36.84 -27.32 22.94
N ILE B 448 -37.75 -28.15 22.45
CA ILE B 448 -39.14 -27.78 22.25
C ILE B 448 -39.73 -28.85 21.36
N SER B 449 -38.87 -29.46 20.54
CA SER B 449 -39.33 -30.50 19.66
C SER B 449 -38.52 -31.75 19.94
N LYS B 450 -37.58 -31.59 20.85
CA LYS B 450 -36.70 -32.68 21.28
C LYS B 450 -36.23 -33.64 20.19
N ASP B 451 -35.74 -33.08 19.09
CA ASP B 451 -35.21 -33.88 17.98
C ASP B 451 -33.71 -33.56 17.87
N THR B 452 -32.94 -34.08 18.82
CA THR B 452 -31.48 -33.87 18.90
C THR B 452 -30.76 -33.93 17.57
N LYS B 453 -30.93 -35.05 16.88
CA LYS B 453 -30.30 -35.29 15.58
C LYS B 453 -30.52 -34.17 14.58
N THR B 454 -31.77 -33.86 14.27
CA THR B 454 -32.08 -32.81 13.31
C THR B 454 -31.46 -31.51 13.81
N ALA B 455 -31.62 -31.28 15.11
CA ALA B 455 -31.10 -30.09 15.74
C ALA B 455 -29.63 -29.89 15.38
N CYS B 456 -28.84 -30.93 15.60
CA CYS B 456 -27.41 -30.86 15.30
C CYS B 456 -27.08 -30.67 13.82
N LYS B 457 -27.97 -31.12 12.95
CA LYS B 457 -27.75 -30.97 11.51
C LYS B 457 -27.98 -29.52 11.15
N VAL B 458 -29.03 -28.92 11.70
CA VAL B 458 -29.34 -27.54 11.39
C VAL B 458 -28.14 -26.68 11.67
N LEU B 459 -27.42 -27.05 12.72
CA LEU B 459 -26.25 -26.31 13.10
C LEU B 459 -25.11 -26.52 12.11
N GLU B 460 -24.72 -27.77 11.91
CA GLU B 460 -23.64 -28.12 10.99
C GLU B 460 -23.94 -27.57 9.60
N LEU B 461 -25.23 -27.60 9.26
CA LEU B 461 -25.73 -27.13 7.99
C LEU B 461 -25.46 -25.65 7.83
N GLY B 462 -25.23 -24.97 8.94
CA GLY B 462 -24.98 -23.53 8.90
C GLY B 462 -23.52 -23.24 8.57
N LEU B 463 -22.74 -24.31 8.53
CA LEU B 463 -21.33 -24.17 8.24
C LEU B 463 -21.08 -23.87 6.78
N LYS B 464 -21.81 -24.52 5.89
CA LYS B 464 -21.61 -24.29 4.46
C LYS B 464 -21.27 -22.82 4.23
N TYR B 465 -22.05 -21.93 4.84
CA TYR B 465 -21.80 -20.53 4.64
C TYR B 465 -21.25 -19.80 5.86
N PHE B 466 -20.94 -20.53 6.94
CA PHE B 466 -20.45 -19.85 8.14
C PHE B 466 -19.26 -20.45 8.91
N ALA B 467 -18.52 -21.37 8.30
CA ALA B 467 -17.38 -22.00 8.98
C ALA B 467 -16.19 -21.03 9.22
N THR B 468 -16.21 -19.88 8.57
CA THR B 468 -15.13 -18.92 8.76
C THR B 468 -15.52 -18.02 9.91
N ASP B 469 -16.83 -17.88 10.13
CA ASP B 469 -17.37 -17.01 11.17
C ASP B 469 -16.98 -17.43 12.57
N GLY B 470 -16.24 -16.55 13.24
CA GLY B 470 -15.79 -16.85 14.58
C GLY B 470 -16.96 -16.84 15.53
N GLU B 471 -17.75 -15.78 15.44
CA GLU B 471 -18.91 -15.66 16.29
C GLU B 471 -19.74 -16.94 16.21
N TYR B 472 -20.29 -17.22 15.03
CA TYR B 472 -21.14 -18.40 14.83
C TYR B 472 -20.57 -19.73 15.30
N ILE B 473 -19.25 -19.86 15.32
CA ILE B 473 -18.64 -21.10 15.76
C ILE B 473 -18.74 -21.16 17.27
N ASN B 474 -18.38 -20.06 17.92
CA ASN B 474 -18.44 -19.99 19.37
C ASN B 474 -19.84 -20.31 19.84
N LYS B 475 -20.83 -19.63 19.29
CA LYS B 475 -22.22 -19.85 19.67
C LYS B 475 -22.55 -21.31 19.43
N TYR B 476 -22.16 -21.83 18.27
CA TYR B 476 -22.42 -23.21 17.92
C TYR B 476 -21.82 -24.07 19.04
N LEU B 477 -20.56 -23.81 19.37
CA LEU B 477 -19.87 -24.54 20.43
C LEU B 477 -20.68 -24.51 21.72
N ASP B 478 -20.98 -23.31 22.19
CA ASP B 478 -21.74 -23.13 23.42
C ASP B 478 -22.81 -24.20 23.56
N PHE B 479 -23.51 -24.43 22.45
CA PHE B 479 -24.59 -25.41 22.39
C PHE B 479 -24.05 -26.75 22.78
N LEU B 480 -23.36 -27.38 21.86
CA LEU B 480 -22.77 -28.68 22.09
C LEU B 480 -22.13 -28.84 23.47
N ILE B 481 -21.36 -27.84 23.91
CA ILE B 481 -20.72 -27.97 25.20
C ILE B 481 -21.71 -28.10 26.35
N TYR B 482 -22.82 -27.37 26.25
CA TYR B 482 -23.86 -27.35 27.28
C TYR B 482 -24.69 -28.62 27.36
N VAL B 483 -25.25 -29.01 26.21
CA VAL B 483 -26.10 -30.19 26.10
C VAL B 483 -25.26 -31.46 25.95
N ASN B 484 -23.96 -31.27 26.18
CA ASN B 484 -22.93 -32.29 26.10
C ASN B 484 -22.98 -33.22 24.90
N GLU B 485 -22.75 -32.66 23.71
CA GLU B 485 -22.70 -33.44 22.49
C GLU B 485 -21.29 -33.94 22.29
N GLU B 486 -20.79 -34.61 23.32
CA GLU B 486 -19.47 -35.20 23.37
C GLU B 486 -18.64 -35.11 22.11
N SER B 487 -18.77 -36.10 21.24
CA SER B 487 -17.98 -36.11 20.02
C SER B 487 -18.16 -34.82 19.24
N GLN B 488 -19.40 -34.55 18.80
CA GLN B 488 -19.73 -33.35 18.01
C GLN B 488 -19.04 -32.07 18.50
N VAL B 489 -18.79 -32.01 19.80
CA VAL B 489 -18.12 -30.84 20.36
C VAL B 489 -16.69 -30.92 19.85
N LYS B 490 -16.06 -32.07 20.07
CA LYS B 490 -14.69 -32.27 19.65
C LYS B 490 -14.49 -32.09 18.15
N SER B 491 -15.41 -32.67 17.36
CA SER B 491 -15.37 -32.61 15.89
C SER B 491 -15.27 -31.19 15.33
N LEU B 492 -16.24 -30.37 15.71
CA LEU B 492 -16.31 -28.98 15.30
C LEU B 492 -15.08 -28.19 15.73
N PHE B 493 -14.51 -28.54 16.88
CA PHE B 493 -13.32 -27.84 17.39
C PHE B 493 -12.12 -28.09 16.52
N GLU B 494 -11.81 -29.36 16.28
CA GLU B 494 -10.67 -29.71 15.45
C GLU B 494 -10.81 -29.05 14.09
N SER B 495 -12.02 -29.06 13.54
CA SER B 495 -12.25 -28.50 12.22
C SER B 495 -12.41 -26.99 12.13
N SER B 496 -12.05 -26.25 13.19
CA SER B 496 -12.22 -24.79 13.17
C SER B 496 -10.96 -23.99 13.45
N ILE B 497 -10.08 -24.54 14.29
CA ILE B 497 -8.84 -23.88 14.68
C ILE B 497 -8.16 -23.25 13.48
N ASP B 498 -8.11 -24.04 12.42
CA ASP B 498 -7.47 -23.66 11.18
C ASP B 498 -8.30 -22.69 10.33
N LYS B 499 -9.58 -22.52 10.66
CA LYS B 499 -10.48 -21.65 9.88
C LYS B 499 -10.90 -20.30 10.47
N ILE B 500 -10.78 -20.13 11.77
CA ILE B 500 -11.17 -18.89 12.43
C ILE B 500 -10.04 -17.87 12.33
N SER B 501 -10.35 -16.72 11.75
CA SER B 501 -9.34 -15.69 11.58
C SER B 501 -9.08 -14.94 12.86
N ASP B 502 -10.11 -14.24 13.34
CA ASP B 502 -10.01 -13.45 14.56
C ASP B 502 -9.29 -14.30 15.59
N SER B 503 -8.13 -13.85 16.04
CA SER B 503 -7.39 -14.60 17.03
C SER B 503 -8.22 -14.78 18.30
N HIS B 504 -8.86 -13.68 18.72
CA HIS B 504 -9.66 -13.68 19.92
C HIS B 504 -10.82 -14.70 19.92
N LEU B 505 -11.51 -14.85 18.79
CA LEU B 505 -12.61 -15.80 18.75
C LEU B 505 -12.06 -17.22 18.61
N LEU B 506 -10.76 -17.32 18.33
CA LEU B 506 -10.10 -18.63 18.22
C LEU B 506 -9.58 -18.98 19.60
N LYS B 507 -9.08 -17.98 20.31
CA LYS B 507 -8.58 -18.18 21.65
C LYS B 507 -9.76 -18.68 22.52
N MET B 508 -10.95 -18.12 22.27
CA MET B 508 -12.15 -18.51 23.00
C MET B 508 -12.59 -19.92 22.69
N ILE B 509 -12.55 -20.29 21.41
CA ILE B 509 -12.92 -21.65 21.03
C ILE B 509 -12.09 -22.62 21.89
N PHE B 510 -10.76 -22.48 21.86
CA PHE B 510 -9.86 -23.33 22.64
C PHE B 510 -10.32 -23.31 24.07
N GLN B 511 -10.27 -22.12 24.65
CA GLN B 511 -10.67 -21.89 26.02
C GLN B 511 -11.88 -22.74 26.44
N LYS B 512 -12.94 -22.64 25.64
CA LYS B 512 -14.17 -23.36 25.89
C LYS B 512 -13.96 -24.86 25.95
N VAL B 513 -13.25 -25.39 24.96
CA VAL B 513 -13.01 -26.84 24.89
C VAL B 513 -12.19 -27.32 26.06
N ILE B 514 -11.21 -26.53 26.46
CA ILE B 514 -10.36 -26.88 27.61
C ILE B 514 -11.24 -27.00 28.85
N PHE B 515 -12.19 -26.09 28.97
CA PHE B 515 -13.12 -26.13 30.11
C PHE B 515 -14.08 -27.34 30.01
N PHE B 516 -14.37 -27.70 28.78
CA PHE B 516 -15.21 -28.83 28.47
C PHE B 516 -14.44 -30.06 28.89
N GLU B 517 -13.16 -30.06 28.57
CA GLU B 517 -12.35 -31.19 28.91
C GLU B 517 -12.24 -31.40 30.40
N SER B 518 -11.76 -30.40 31.12
CA SER B 518 -11.61 -30.54 32.56
C SER B 518 -12.91 -31.08 33.12
N LYS B 519 -14.01 -30.61 32.55
CA LYS B 519 -15.35 -31.01 32.99
C LYS B 519 -15.72 -32.48 32.74
N VAL B 520 -16.06 -32.83 31.51
CA VAL B 520 -16.48 -34.19 31.19
C VAL B 520 -15.35 -35.18 30.92
N GLY B 521 -14.26 -34.72 30.28
CA GLY B 521 -13.12 -35.57 29.95
C GLY B 521 -12.16 -35.97 31.06
N SER B 522 -10.90 -35.54 30.96
CA SER B 522 -9.86 -35.91 31.95
C SER B 522 -8.79 -34.84 32.09
N LEU B 523 -7.82 -35.07 32.96
CA LEU B 523 -6.74 -34.09 33.11
C LEU B 523 -5.77 -34.35 32.00
N ASN B 524 -5.62 -35.62 31.61
CA ASN B 524 -4.70 -35.92 30.53
C ASN B 524 -5.20 -35.21 29.28
N SER B 525 -6.46 -35.45 28.93
CA SER B 525 -7.06 -34.84 27.75
C SER B 525 -6.86 -33.33 27.78
N VAL B 526 -7.14 -32.72 28.94
CA VAL B 526 -6.94 -31.28 29.10
C VAL B 526 -5.48 -30.98 28.80
N ARG B 527 -4.59 -31.43 29.69
CA ARG B 527 -3.17 -31.22 29.51
C ARG B 527 -2.81 -31.25 28.04
N THR B 528 -3.16 -32.33 27.36
CA THR B 528 -2.85 -32.43 25.95
C THR B 528 -3.27 -31.15 25.24
N LEU B 529 -4.58 -30.96 25.13
CA LEU B 529 -5.13 -29.80 24.46
C LEU B 529 -4.56 -28.46 24.96
N GLU B 530 -4.28 -28.34 26.26
CA GLU B 530 -3.70 -27.09 26.78
C GLU B 530 -2.38 -26.83 26.07
N LYS B 531 -1.59 -27.89 25.95
CA LYS B 531 -0.30 -27.80 25.27
C LYS B 531 -0.52 -27.05 23.97
N ARG B 532 -1.45 -27.56 23.15
CA ARG B 532 -1.78 -26.95 21.87
C ARG B 532 -2.06 -25.47 22.08
N PHE B 533 -3.08 -25.18 22.89
CA PHE B 533 -3.49 -23.82 23.19
C PHE B 533 -2.34 -22.89 23.52
N PHE B 534 -1.48 -23.29 24.43
CA PHE B 534 -0.35 -22.46 24.81
C PHE B 534 0.62 -22.31 23.67
N GLU B 535 0.72 -23.38 22.89
CA GLU B 535 1.61 -23.44 21.74
C GLU B 535 1.23 -22.35 20.74
N LYS B 536 -0.08 -22.18 20.54
CA LYS B 536 -0.60 -21.20 19.60
C LYS B 536 -0.82 -19.80 20.20
N PHE B 537 -1.11 -19.71 21.50
CA PHE B 537 -1.32 -18.41 22.14
C PHE B 537 -0.34 -18.21 23.30
N PRO B 538 0.96 -18.30 23.03
CA PRO B 538 2.02 -18.15 24.03
C PRO B 538 1.83 -16.93 24.94
N GLU B 539 1.38 -15.84 24.36
CA GLU B 539 1.17 -14.62 25.10
C GLU B 539 0.25 -14.89 26.30
N VAL B 540 -0.53 -15.96 26.24
CA VAL B 540 -1.45 -16.29 27.31
C VAL B 540 -0.84 -16.22 28.71
N ASN B 541 -1.70 -16.34 29.72
CA ASN B 541 -1.32 -16.26 31.13
C ASN B 541 -1.70 -17.53 31.89
N LYS B 542 -0.71 -18.32 32.30
CA LYS B 542 -0.99 -19.60 32.98
C LYS B 542 -2.03 -19.62 34.08
N LEU B 543 -1.92 -18.75 35.08
CA LEU B 543 -2.89 -18.78 36.19
C LEU B 543 -4.27 -18.27 35.79
N GLU B 544 -4.30 -17.30 34.89
CA GLU B 544 -5.58 -16.79 34.44
C GLU B 544 -6.29 -17.97 33.78
N GLU B 545 -5.82 -18.40 32.62
CA GLU B 545 -6.43 -19.52 31.92
C GLU B 545 -6.89 -20.60 32.86
N PHE B 546 -6.20 -20.72 33.99
CA PHE B 546 -6.50 -21.71 35.01
C PHE B 546 -7.83 -21.40 35.63
N THR B 547 -7.95 -20.15 36.10
CA THR B 547 -9.15 -19.67 36.76
C THR B 547 -10.40 -19.79 35.89
N ASN B 548 -10.22 -19.99 34.59
CA ASN B 548 -11.37 -20.15 33.70
C ASN B 548 -11.76 -21.59 33.66
N LYS B 549 -10.77 -22.47 33.55
CA LYS B 549 -11.02 -23.90 33.50
C LYS B 549 -12.01 -24.17 34.62
N TYR B 550 -11.86 -23.43 35.71
CA TYR B 550 -12.70 -23.64 36.86
C TYR B 550 -13.92 -22.74 37.04
N LYS B 551 -14.48 -22.22 35.96
CA LYS B 551 -15.65 -21.39 36.11
C LYS B 551 -16.78 -22.30 36.51
N VAL B 552 -17.80 -21.75 37.17
CA VAL B 552 -18.98 -22.55 37.55
C VAL B 552 -20.20 -21.72 37.23
N LEU B 553 -21.18 -22.35 36.61
CA LEU B 553 -22.39 -21.66 36.23
C LEU B 553 -21.98 -20.40 35.48
N ASP B 554 -20.95 -20.54 34.66
CA ASP B 554 -20.43 -19.49 33.83
C ASP B 554 -19.96 -18.23 34.56
N VAL B 555 -19.40 -18.43 35.74
CA VAL B 555 -18.89 -17.33 36.53
C VAL B 555 -17.50 -17.72 36.99
N ASN B 556 -16.55 -16.80 36.86
CA ASN B 556 -15.18 -17.09 37.28
C ASN B 556 -15.00 -16.75 38.75
N TYR B 557 -15.45 -17.64 39.63
CA TYR B 557 -15.36 -17.38 41.05
C TYR B 557 -13.94 -17.30 41.60
N LEU B 558 -13.04 -18.14 41.08
CA LEU B 558 -11.68 -18.07 41.57
C LEU B 558 -11.27 -16.61 41.50
N GLN B 559 -11.42 -16.01 40.33
CA GLN B 559 -11.09 -14.60 40.15
C GLN B 559 -11.87 -13.66 41.04
N ARG B 560 -13.17 -13.87 41.16
CA ARG B 560 -13.97 -12.99 41.97
C ARG B 560 -13.77 -13.14 43.46
N LEU B 561 -13.59 -14.38 43.91
CA LEU B 561 -13.43 -14.62 45.33
C LEU B 561 -12.01 -14.83 45.82
N GLU B 562 -11.03 -14.78 44.92
CA GLU B 562 -9.66 -14.97 45.37
C GLU B 562 -8.69 -14.13 44.58
N LEU B 563 -8.50 -14.42 43.30
CA LEU B 563 -7.58 -13.65 42.50
C LEU B 563 -8.24 -12.36 42.04
N ASP B 564 -8.86 -11.67 43.00
CA ASP B 564 -9.59 -10.43 42.79
C ASP B 564 -8.91 -9.33 42.00
N TYR B 565 -7.60 -9.20 42.17
CA TYR B 565 -6.87 -8.18 41.47
C TYR B 565 -6.89 -8.37 39.96
N MET B 566 -7.88 -9.10 39.46
CA MET B 566 -8.01 -9.34 38.02
C MET B 566 -9.42 -8.88 37.52
N GLU C 14 71.54 47.05 6.63
CA GLU C 14 72.93 47.30 6.13
C GLU C 14 73.24 46.40 4.93
N SER C 15 74.25 45.56 5.07
CA SER C 15 74.65 44.63 4.00
C SER C 15 75.33 43.43 4.65
N ASP C 16 74.64 42.88 5.65
CA ASP C 16 75.07 41.71 6.42
C ASP C 16 73.89 40.73 6.52
N VAL C 17 73.88 39.73 5.64
CA VAL C 17 72.82 38.72 5.60
C VAL C 17 72.20 38.38 6.95
N ILE C 18 73.03 37.91 7.89
CA ILE C 18 72.55 37.55 9.21
C ILE C 18 71.68 38.65 9.83
N GLY C 19 72.13 39.90 9.72
CA GLY C 19 71.35 40.99 10.27
C GLY C 19 69.99 41.13 9.60
N LYS C 20 69.99 41.37 8.29
CA LYS C 20 68.76 41.53 7.55
C LYS C 20 67.83 40.35 7.82
N LEU C 21 68.39 39.14 7.78
CA LEU C 21 67.64 37.90 7.98
C LEU C 21 66.84 37.81 9.29
N ASN C 22 67.47 38.18 10.42
CA ASN C 22 66.79 38.12 11.72
C ASN C 22 65.69 39.18 11.85
N ASP C 23 65.73 40.16 10.96
CA ASP C 23 64.74 41.21 10.94
C ASP C 23 63.43 40.61 10.47
N MET C 24 63.46 39.95 9.30
CA MET C 24 62.25 39.32 8.76
C MET C 24 61.85 38.06 9.49
N ILE C 25 62.75 37.55 10.33
CA ILE C 25 62.43 36.38 11.11
C ILE C 25 61.82 36.92 12.38
N GLU C 26 62.07 38.19 12.65
CA GLU C 26 61.53 38.85 13.83
C GLU C 26 60.17 39.43 13.48
N GLU C 27 60.04 39.95 12.26
CA GLU C 27 58.81 40.57 11.77
C GLU C 27 58.01 39.59 10.90
N GLN C 28 57.95 38.32 11.32
CA GLN C 28 57.24 37.26 10.61
C GLN C 28 57.77 35.92 11.09
N PRO C 29 57.92 35.74 12.41
CA PRO C 29 58.43 34.53 13.06
C PRO C 29 57.68 33.22 12.90
N THR C 30 56.55 33.23 12.23
CA THR C 30 55.79 32.00 12.07
C THR C 30 56.36 31.12 10.94
N ASP C 31 57.01 31.74 9.95
CA ASP C 31 57.63 31.04 8.79
C ASP C 31 58.83 30.17 9.15
N ILE C 32 58.67 28.84 9.09
CA ILE C 32 59.76 27.95 9.43
C ILE C 32 61.03 28.15 8.59
N PHE C 33 60.93 27.88 7.29
CA PHE C 33 62.11 28.01 6.42
C PHE C 33 63.07 29.13 6.78
N LEU C 34 62.56 30.31 7.06
CA LEU C 34 63.41 31.43 7.42
C LEU C 34 64.45 31.02 8.45
N TYR C 35 64.02 30.45 9.55
CA TYR C 35 64.96 30.03 10.59
C TYR C 35 65.98 29.07 10.00
N VAL C 36 65.52 28.12 9.19
CA VAL C 36 66.40 27.13 8.57
C VAL C 36 67.55 27.78 7.81
N LYS C 37 67.26 28.81 7.03
CA LYS C 37 68.29 29.52 6.28
C LYS C 37 69.30 30.07 7.29
N LEU C 38 68.80 30.58 8.41
CA LEU C 38 69.65 31.16 9.46
C LEU C 38 70.57 30.13 10.09
N LEU C 39 70.05 28.93 10.31
CA LEU C 39 70.84 27.86 10.90
C LEU C 39 71.92 27.41 9.92
N LYS C 40 71.54 27.37 8.63
CA LYS C 40 72.46 26.97 7.58
C LYS C 40 73.56 28.00 7.34
N HIS C 41 73.40 29.17 7.94
CA HIS C 41 74.38 30.24 7.79
C HIS C 41 75.35 30.26 8.97
N HIS C 42 74.81 30.13 10.19
CA HIS C 42 75.63 30.12 11.39
C HIS C 42 76.46 28.85 11.53
N VAL C 43 75.92 27.73 11.04
CA VAL C 43 76.65 26.48 11.11
C VAL C 43 77.77 26.50 10.08
N SER C 44 77.51 27.06 8.91
CA SER C 44 78.51 27.13 7.86
C SER C 44 79.69 27.97 8.33
N LEU C 45 79.54 28.57 9.50
CA LEU C 45 80.59 29.40 10.09
C LEU C 45 80.87 28.90 11.50
N LYS C 46 80.49 27.65 11.75
CA LYS C 46 80.70 27.03 13.05
C LYS C 46 80.62 28.01 14.21
N GLN C 47 79.50 28.73 14.28
CA GLN C 47 79.25 29.71 15.34
C GLN C 47 78.14 29.11 16.18
N TRP C 48 78.45 28.04 16.92
CA TRP C 48 77.47 27.34 17.73
C TRP C 48 76.69 28.16 18.75
N LYS C 49 77.27 29.24 19.26
CA LYS C 49 76.55 30.06 20.23
C LYS C 49 75.31 30.65 19.56
N GLN C 50 75.36 30.75 18.23
CA GLN C 50 74.25 31.28 17.46
C GLN C 50 73.32 30.17 17.05
N VAL C 51 73.90 29.03 16.70
CA VAL C 51 73.13 27.87 16.28
C VAL C 51 72.11 27.47 17.34
N TYR C 52 72.51 27.58 18.60
CA TYR C 52 71.62 27.21 19.69
C TYR C 52 70.57 28.28 20.04
N GLU C 53 70.96 29.55 20.08
CA GLU C 53 70.00 30.61 20.37
C GLU C 53 68.94 30.53 19.27
N THR C 54 69.40 30.27 18.06
CA THR C 54 68.54 30.16 16.89
C THR C 54 67.65 28.93 16.93
N PHE C 55 68.23 27.77 17.22
CA PHE C 55 67.43 26.55 17.29
C PHE C 55 66.41 26.63 18.41
N ASP C 56 66.74 27.36 19.48
CA ASP C 56 65.86 27.53 20.64
C ASP C 56 64.69 28.46 20.33
N LYS C 57 65.01 29.59 19.69
CA LYS C 57 64.01 30.58 19.29
C LYS C 57 62.89 29.84 18.57
N LEU C 58 63.26 28.75 17.91
CA LEU C 58 62.35 27.89 17.17
C LEU C 58 61.50 27.06 18.12
N HIS C 59 62.15 26.14 18.83
CA HIS C 59 61.46 25.26 19.77
C HIS C 59 60.36 26.04 20.49
N ASP C 60 60.70 27.23 20.97
CA ASP C 60 59.74 28.09 21.66
C ASP C 60 58.40 28.12 20.94
N ARG C 61 58.41 28.64 19.72
CA ARG C 61 57.19 28.76 18.95
C ARG C 61 56.60 27.41 18.54
N PHE C 62 57.44 26.48 18.10
CA PHE C 62 56.97 25.18 17.66
C PHE C 62 57.47 24.01 18.52
N PRO C 63 57.03 23.94 19.78
CA PRO C 63 57.42 22.88 20.70
C PRO C 63 56.75 21.54 20.41
N LEU C 64 56.07 21.43 19.28
CA LEU C 64 55.43 20.17 18.94
C LEU C 64 55.75 19.69 17.52
N MET C 65 56.76 20.33 16.93
CA MET C 65 57.21 19.97 15.60
C MET C 65 58.36 19.00 15.81
N ALA C 66 58.04 17.76 16.16
CA ALA C 66 59.04 16.74 16.40
C ALA C 66 60.18 16.81 15.41
N ASN C 67 59.87 17.15 14.17
CA ASN C 67 60.91 17.23 13.13
C ASN C 67 61.93 18.35 13.31
N ILE C 68 61.53 19.46 13.94
CA ILE C 68 62.48 20.54 14.15
C ILE C 68 63.49 20.08 15.20
N TRP C 69 63.09 19.12 16.02
CA TRP C 69 63.96 18.57 17.06
C TRP C 69 64.92 17.58 16.38
N CYS C 70 64.35 16.75 15.52
CA CYS C 70 65.14 15.77 14.78
C CYS C 70 66.23 16.50 14.04
N MET C 71 65.87 17.59 13.35
CA MET C 71 66.82 18.38 12.59
C MET C 71 67.97 18.83 13.47
N ARG C 72 67.70 18.96 14.78
CA ARG C 72 68.71 19.37 15.73
C ARG C 72 69.53 18.18 16.21
N LEU C 73 68.88 17.03 16.35
CA LEU C 73 69.58 15.82 16.78
C LEU C 73 70.47 15.32 15.65
N SER C 74 70.05 15.57 14.42
CA SER C 74 70.80 15.16 13.23
C SER C 74 72.11 15.92 13.13
N LEU C 75 72.19 17.03 13.85
CA LEU C 75 73.39 17.87 13.83
C LEU C 75 74.47 17.31 14.75
N GLU C 76 74.04 16.68 15.84
CA GLU C 76 74.95 16.10 16.81
C GLU C 76 75.47 14.73 16.39
N PHE C 77 74.67 14.03 15.59
CA PHE C 77 75.05 12.70 15.09
C PHE C 77 75.92 12.80 13.86
N ASP C 78 76.36 14.02 13.53
CA ASP C 78 77.22 14.25 12.38
C ASP C 78 78.65 14.59 12.84
N LYS C 79 78.75 15.54 13.76
CA LYS C 79 80.03 15.98 14.28
C LYS C 79 80.55 15.02 15.36
N GLU C 82 82.24 12.10 16.28
CA GLU C 82 82.25 12.00 17.73
C GLU C 82 80.88 12.41 18.27
N LEU C 83 80.52 11.90 19.46
CA LEU C 83 79.22 12.22 20.07
C LEU C 83 79.35 12.90 21.45
N ASP C 84 79.15 14.21 21.46
CA ASP C 84 79.22 15.03 22.67
C ASP C 84 77.99 14.81 23.56
N ALA C 85 77.93 13.66 24.21
CA ALA C 85 76.81 13.29 25.08
C ALA C 85 76.43 14.35 26.12
N ALA C 86 77.27 15.35 26.29
CA ALA C 86 77.01 16.40 27.27
C ALA C 86 75.95 17.43 26.86
N VAL C 87 75.74 17.62 25.56
CA VAL C 87 74.76 18.59 25.09
C VAL C 87 73.44 17.96 24.62
N ILE C 88 73.49 16.68 24.28
CA ILE C 88 72.29 15.98 23.83
C ILE C 88 71.25 15.76 24.92
N GLU C 89 71.65 15.14 26.02
CA GLU C 89 70.73 14.86 27.13
C GLU C 89 69.86 16.03 27.61
N PRO C 90 70.39 17.27 27.58
CA PRO C 90 69.59 18.42 28.03
C PRO C 90 68.39 18.56 27.11
N VAL C 91 68.68 18.52 25.82
CA VAL C 91 67.70 18.63 24.76
C VAL C 91 66.69 17.49 24.77
N LEU C 92 67.15 16.26 24.57
CA LEU C 92 66.24 15.11 24.58
C LEU C 92 65.30 15.20 25.79
N ALA C 93 65.78 15.85 26.83
CA ALA C 93 65.01 16.03 28.04
C ALA C 93 63.78 16.89 27.73
N ARG C 94 64.03 18.02 27.09
CA ARG C 94 62.97 18.96 26.71
C ARG C 94 61.88 18.30 25.89
N CYS C 95 62.17 18.10 24.61
CA CYS C 95 61.25 17.50 23.64
C CYS C 95 60.60 16.16 24.02
N LEU C 96 61.01 15.55 25.13
CA LEU C 96 60.38 14.30 25.50
C LEU C 96 59.78 14.42 26.87
N SER C 97 59.71 15.65 27.36
CA SER C 97 59.17 15.94 28.68
C SER C 97 57.73 15.49 28.81
N LYS C 98 57.16 15.70 29.99
CA LYS C 98 55.77 15.31 30.30
C LYS C 98 54.74 16.07 29.48
N GLU C 99 54.82 17.39 29.58
CA GLU C 99 53.92 18.29 28.88
C GLU C 99 54.29 18.33 27.40
N LEU C 100 55.44 18.91 27.09
CA LEU C 100 55.90 19.01 25.72
C LEU C 100 56.07 17.61 25.16
N GLY C 101 55.18 16.72 25.57
CA GLY C 101 55.21 15.34 25.15
C GLY C 101 55.20 15.07 23.66
N ASN C 102 56.39 14.96 23.08
CA ASN C 102 56.58 14.66 21.66
C ASN C 102 56.50 13.15 21.46
N ASN C 103 55.55 12.71 20.65
CA ASN C 103 55.35 11.30 20.40
C ASN C 103 55.41 11.02 18.90
N ASP C 104 56.59 11.17 18.30
CA ASP C 104 56.77 10.95 16.86
C ASP C 104 57.85 9.91 16.59
N LEU C 105 57.55 8.95 15.71
CA LEU C 105 58.52 7.90 15.39
C LEU C 105 59.91 8.35 14.97
N SER C 106 60.00 9.40 14.15
CA SER C 106 61.29 9.91 13.71
C SER C 106 62.19 10.22 14.90
N LEU C 107 61.73 11.13 15.74
CA LEU C 107 62.47 11.51 16.94
C LEU C 107 62.75 10.25 17.78
N TRP C 108 61.68 9.53 18.12
CA TRP C 108 61.74 8.29 18.91
C TRP C 108 62.87 7.37 18.47
N LEU C 109 63.04 7.20 17.16
CA LEU C 109 64.12 6.36 16.65
C LEU C 109 65.41 7.12 16.86
N SER C 110 65.42 8.39 16.47
CA SER C 110 66.61 9.23 16.62
C SER C 110 67.07 9.23 18.08
N TYR C 111 66.23 8.66 18.93
CA TYR C 111 66.50 8.54 20.35
C TYR C 111 67.15 7.19 20.60
N ILE C 112 66.61 6.14 20.02
CA ILE C 112 67.17 4.82 20.22
C ILE C 112 68.53 4.75 19.53
N THR C 113 68.76 5.64 18.56
CA THR C 113 70.04 5.70 17.84
C THR C 113 71.11 6.10 18.85
N TYR C 114 70.68 6.85 19.87
CA TYR C 114 71.55 7.34 20.93
C TYR C 114 71.69 6.28 22.01
N VAL C 115 70.55 5.80 22.51
CA VAL C 115 70.53 4.78 23.54
C VAL C 115 71.56 3.70 23.23
N ARG C 116 71.66 3.34 21.96
CA ARG C 116 72.60 2.32 21.51
C ARG C 116 74.04 2.81 21.60
N LYS C 117 74.30 4.02 21.11
CA LYS C 117 75.66 4.55 21.13
C LYS C 117 76.16 5.01 22.48
N LYS C 118 75.45 4.64 23.54
CA LYS C 118 75.86 5.01 24.89
C LYS C 118 75.88 3.78 25.79
N ASN C 119 75.02 2.83 25.48
CA ASN C 119 74.97 1.59 26.24
C ASN C 119 75.33 0.48 25.28
N ASP C 120 76.61 0.14 25.24
CA ASP C 120 77.08 -0.91 24.34
C ASP C 120 76.35 -2.23 24.61
N ILE C 121 75.95 -2.91 23.55
CA ILE C 121 75.25 -4.19 23.70
C ILE C 121 76.23 -5.31 24.01
N ILE C 122 77.52 -5.05 23.80
CA ILE C 122 78.59 -6.04 24.05
C ILE C 122 79.36 -5.74 25.32
N THR C 123 79.66 -4.45 25.55
CA THR C 123 80.42 -4.02 26.74
C THR C 123 79.72 -4.42 28.04
N GLY C 124 78.39 -4.50 28.00
CA GLY C 124 77.62 -4.87 29.17
C GLY C 124 76.86 -6.16 28.94
N GLY C 125 76.50 -6.39 27.68
CA GLY C 125 75.76 -7.59 27.29
C GLY C 125 74.69 -8.02 28.26
N GLU C 126 74.29 -7.10 29.13
CA GLU C 126 73.29 -7.39 30.15
C GLU C 126 72.62 -6.09 30.59
N GLU C 127 73.00 -5.60 31.76
CA GLU C 127 72.47 -4.37 32.33
C GLU C 127 72.57 -3.24 31.30
N ALA C 128 73.74 -3.13 30.66
CA ALA C 128 74.00 -2.11 29.65
C ALA C 128 73.39 -2.50 28.31
N ARG C 129 72.66 -3.61 28.30
CA ARG C 129 72.02 -4.09 27.10
C ARG C 129 70.50 -4.15 27.30
N ASN C 130 70.04 -3.87 28.51
CA ASN C 130 68.62 -3.88 28.80
C ASN C 130 68.12 -2.45 28.77
N ILE C 131 69.06 -1.52 28.83
CA ILE C 131 68.74 -0.10 28.78
C ILE C 131 68.27 0.19 27.36
N VAL C 132 68.70 -0.65 26.42
CA VAL C 132 68.32 -0.49 25.03
C VAL C 132 66.97 -1.15 24.77
N ILE C 133 66.72 -2.31 25.37
CA ILE C 133 65.44 -2.99 25.18
C ILE C 133 64.33 -2.17 25.81
N GLN C 134 64.69 -1.36 26.81
CA GLN C 134 63.71 -0.51 27.48
C GLN C 134 63.46 0.70 26.61
N ALA C 135 64.50 1.11 25.89
CA ALA C 135 64.42 2.25 24.99
C ALA C 135 63.48 1.87 23.87
N PHE C 136 63.64 0.65 23.37
CA PHE C 136 62.77 0.16 22.32
C PHE C 136 61.36 0.06 22.88
N GLN C 137 61.25 -0.62 24.02
CA GLN C 137 59.98 -0.83 24.67
C GLN C 137 59.13 0.44 24.85
N VAL C 138 59.73 1.49 25.42
CA VAL C 138 59.00 2.73 25.64
C VAL C 138 58.34 3.23 24.34
N VAL C 139 59.15 3.33 23.29
CA VAL C 139 58.67 3.77 21.98
C VAL C 139 57.56 2.84 21.51
N VAL C 140 57.55 1.63 22.07
CA VAL C 140 56.56 0.64 21.72
C VAL C 140 55.20 0.99 22.29
N ASP C 141 55.14 1.07 23.61
CA ASP C 141 53.90 1.38 24.32
C ASP C 141 53.48 2.81 24.09
N LYS C 142 54.45 3.68 23.86
CA LYS C 142 54.19 5.11 23.63
C LYS C 142 53.82 5.50 22.18
N CYS C 143 54.50 4.89 21.20
CA CYS C 143 54.31 5.24 19.80
C CYS C 143 53.95 4.11 18.82
N ALA C 144 54.94 3.27 18.52
CA ALA C 144 54.80 2.15 17.60
C ALA C 144 53.43 1.51 17.48
N ILE C 145 52.89 0.99 18.57
CA ILE C 145 51.57 0.34 18.52
C ILE C 145 50.39 1.25 18.20
N PHE C 146 50.70 2.44 17.69
CA PHE C 146 49.69 3.43 17.29
C PHE C 146 49.90 3.74 15.82
N GLU C 147 51.13 4.07 15.47
CA GLU C 147 51.49 4.38 14.11
C GLU C 147 51.32 3.20 13.17
N PRO C 148 50.33 3.27 12.26
CA PRO C 148 50.07 2.20 11.31
C PRO C 148 51.08 2.08 10.17
N LYS C 149 52.13 2.90 10.18
CA LYS C 149 53.16 2.86 9.14
C LYS C 149 54.54 2.85 9.79
N SER C 150 54.70 1.99 10.78
CA SER C 150 55.95 1.90 11.50
C SER C 150 56.82 0.76 11.04
N ILE C 151 56.66 0.35 9.79
CA ILE C 151 57.47 -0.75 9.27
C ILE C 151 58.96 -0.54 9.57
N GLN C 152 59.43 0.69 9.40
CA GLN C 152 60.83 1.03 9.66
C GLN C 152 61.23 0.62 11.08
N PHE C 153 60.59 1.26 12.07
CA PHE C 153 60.88 0.95 13.47
C PHE C 153 60.85 -0.55 13.72
N TRP C 154 59.66 -1.07 14.01
CA TRP C 154 59.47 -2.48 14.30
C TRP C 154 60.61 -3.39 13.87
N ASN C 155 60.86 -3.48 12.57
CA ASN C 155 61.92 -4.34 12.06
C ASN C 155 63.22 -4.15 12.82
N GLU C 156 63.69 -2.91 12.91
CA GLU C 156 64.93 -2.61 13.60
C GLU C 156 64.98 -3.18 15.02
N TYR C 157 63.81 -3.39 15.61
CA TYR C 157 63.71 -3.93 16.96
C TYR C 157 63.72 -5.45 16.97
N LEU C 158 63.03 -6.06 16.02
CA LEU C 158 62.97 -7.51 15.92
C LEU C 158 64.36 -8.04 15.57
N HIS C 159 65.07 -7.31 14.71
CA HIS C 159 66.42 -7.68 14.31
C HIS C 159 67.33 -7.62 15.53
N PHE C 160 67.14 -6.59 16.36
CA PHE C 160 67.95 -6.43 17.57
C PHE C 160 67.82 -7.64 18.46
N LEU C 161 66.62 -8.21 18.53
CA LEU C 161 66.36 -9.40 19.35
C LEU C 161 66.81 -10.68 18.66
N GLU C 162 67.18 -10.58 17.39
CA GLU C 162 67.65 -11.75 16.65
C GLU C 162 69.18 -11.71 16.73
N HIS C 163 69.70 -10.52 16.97
CA HIS C 163 71.14 -10.26 17.06
C HIS C 163 71.69 -10.47 18.48
N TRP C 164 70.79 -10.76 19.42
CA TRP C 164 71.17 -10.98 20.81
C TRP C 164 71.70 -12.39 20.96
N LYS C 165 72.94 -12.53 21.41
CA LYS C 165 73.55 -13.83 21.61
C LYS C 165 73.25 -14.46 22.97
N PRO C 166 72.35 -15.45 23.00
CA PRO C 166 72.03 -16.09 24.29
C PRO C 166 73.31 -16.51 25.00
N VAL C 167 73.31 -16.48 26.34
CA VAL C 167 74.49 -16.85 27.10
C VAL C 167 74.28 -18.12 27.93
N ASN C 168 73.03 -18.39 28.32
CA ASN C 168 72.75 -19.58 29.11
C ASN C 168 71.29 -20.04 29.06
N LYS C 169 70.78 -20.43 30.22
CA LYS C 169 69.42 -20.94 30.35
C LYS C 169 68.32 -19.89 30.36
N PHE C 170 68.37 -18.95 31.30
CA PHE C 170 67.31 -17.95 31.33
C PHE C 170 67.44 -17.02 30.13
N GLU C 171 68.67 -16.70 29.72
CA GLU C 171 68.87 -15.82 28.56
C GLU C 171 68.40 -16.51 27.28
N GLU C 172 67.55 -17.52 27.46
CA GLU C 172 67.00 -18.29 26.35
C GLU C 172 65.49 -18.46 26.58
N GLN C 173 65.08 -18.61 27.85
CA GLN C 173 63.66 -18.75 28.18
C GLN C 173 63.12 -17.32 28.20
N GLN C 174 64.05 -16.37 28.14
CA GLN C 174 63.73 -14.94 28.15
C GLN C 174 63.68 -14.40 26.71
N ARG C 175 64.74 -14.65 25.95
CA ARG C 175 64.78 -14.18 24.57
C ARG C 175 63.48 -14.48 23.83
N VAL C 176 63.00 -15.72 23.94
CA VAL C 176 61.77 -16.10 23.27
C VAL C 176 60.59 -15.23 23.67
N GLN C 177 60.33 -15.14 24.97
CA GLN C 177 59.23 -14.32 25.45
C GLN C 177 59.31 -12.97 24.77
N TYR C 178 60.51 -12.37 24.80
CA TYR C 178 60.76 -11.06 24.20
C TYR C 178 60.42 -10.93 22.72
N ILE C 179 60.67 -11.99 21.97
CA ILE C 179 60.37 -11.94 20.55
C ILE C 179 58.90 -12.32 20.29
N ARG C 180 58.30 -13.10 21.17
CA ARG C 180 56.89 -13.48 21.00
C ARG C 180 55.98 -12.33 21.43
N LYS C 181 56.40 -11.61 22.47
CA LYS C 181 55.65 -10.46 22.96
C LYS C 181 55.64 -9.47 21.81
N LEU C 182 56.84 -9.14 21.34
CA LEU C 182 56.99 -8.22 20.24
C LEU C 182 56.09 -8.64 19.09
N TYR C 183 56.18 -9.90 18.71
CA TYR C 183 55.38 -10.43 17.61
C TYR C 183 53.88 -10.35 17.88
N LYS C 184 53.45 -10.76 19.07
CA LYS C 184 52.04 -10.74 19.41
C LYS C 184 51.51 -9.33 19.71
N THR C 185 52.42 -8.38 19.80
CA THR C 185 52.05 -6.99 20.09
C THR C 185 51.80 -6.18 18.81
N LEU C 186 52.48 -6.54 17.73
CA LEU C 186 52.31 -5.82 16.48
C LEU C 186 51.43 -6.58 15.50
N LEU C 187 50.91 -7.72 15.91
CA LEU C 187 50.07 -8.50 15.04
C LEU C 187 48.56 -8.23 15.18
N CYS C 188 48.20 -7.28 16.03
CA CYS C 188 46.80 -6.94 16.24
C CYS C 188 46.51 -5.47 15.99
N GLN C 189 47.49 -4.78 15.43
CA GLN C 189 47.39 -3.35 15.13
C GLN C 189 47.61 -3.17 13.63
N PRO C 190 46.70 -2.48 12.94
CA PRO C 190 46.77 -2.24 11.49
C PRO C 190 48.09 -1.60 11.08
N MET C 191 48.90 -2.33 10.33
CA MET C 191 50.20 -1.82 9.91
C MET C 191 50.58 -2.13 8.46
N ASP C 192 51.50 -1.33 7.93
CA ASP C 192 51.97 -1.47 6.56
C ASP C 192 52.68 -2.81 6.35
N CYS C 193 53.28 -3.34 7.40
CA CYS C 193 53.95 -4.62 7.28
C CYS C 193 53.24 -5.68 8.12
N LEU C 194 51.92 -5.74 7.97
CA LEU C 194 51.13 -6.71 8.70
C LEU C 194 51.44 -8.10 8.18
N GLU C 195 51.19 -8.31 6.89
CA GLU C 195 51.45 -9.59 6.25
C GLU C 195 52.94 -9.92 6.29
N SER C 196 53.74 -9.01 5.73
CA SER C 196 55.19 -9.17 5.68
C SER C 196 55.79 -9.74 6.96
N MET C 197 55.25 -9.35 8.11
CA MET C 197 55.75 -9.82 9.38
C MET C 197 55.17 -11.19 9.70
N TRP C 198 53.85 -11.31 9.58
CA TRP C 198 53.15 -12.56 9.84
C TRP C 198 53.80 -13.77 9.18
N GLN C 199 54.58 -13.50 8.13
CA GLN C 199 55.27 -14.54 7.40
C GLN C 199 56.42 -15.04 8.26
N ARG C 200 57.16 -14.09 8.82
CA ARG C 200 58.30 -14.39 9.67
C ARG C 200 57.90 -14.91 11.04
N TYR C 201 56.63 -14.76 11.39
CA TYR C 201 56.14 -15.23 12.69
C TYR C 201 55.72 -16.70 12.64
N THR C 202 54.77 -17.03 11.78
CA THR C 202 54.28 -18.41 11.66
C THR C 202 55.45 -19.36 11.38
N GLN C 203 56.50 -18.83 10.76
CA GLN C 203 57.70 -19.60 10.46
C GLN C 203 58.51 -19.80 11.72
N TRP C 204 58.52 -18.78 12.59
CA TRP C 204 59.26 -18.79 13.84
C TRP C 204 58.65 -19.68 14.94
N GLU C 205 57.34 -19.89 14.90
CA GLU C 205 56.67 -20.72 15.89
C GLU C 205 56.96 -22.20 15.67
N GLN C 206 57.66 -22.49 14.58
CA GLN C 206 58.04 -23.85 14.23
C GLN C 206 59.49 -24.11 14.70
N ASP C 207 60.38 -23.14 14.46
CA ASP C 207 61.79 -23.25 14.84
C ASP C 207 62.02 -23.42 16.34
N VAL C 208 60.95 -23.33 17.14
CA VAL C 208 61.08 -23.45 18.58
C VAL C 208 60.34 -24.64 19.16
N ASN C 209 59.04 -24.73 18.86
CA ASN C 209 58.22 -25.83 19.38
C ASN C 209 56.93 -25.93 18.58
N GLN C 210 56.87 -26.92 17.70
CA GLN C 210 55.68 -27.14 16.87
C GLN C 210 54.73 -28.09 17.58
N LEU C 211 55.18 -28.60 18.72
CA LEU C 211 54.39 -29.52 19.53
C LEU C 211 53.31 -28.73 20.24
N THR C 212 53.33 -27.40 20.06
CA THR C 212 52.38 -26.49 20.69
C THR C 212 52.16 -25.25 19.81
N ALA C 213 52.79 -25.23 18.64
CA ALA C 213 52.68 -24.12 17.71
C ALA C 213 51.29 -23.96 17.11
N ARG C 214 50.70 -25.05 16.62
CA ARG C 214 49.37 -25.00 16.04
C ARG C 214 48.37 -24.44 17.05
N ARG C 215 48.82 -24.33 18.29
CA ARG C 215 48.00 -23.81 19.39
C ARG C 215 48.04 -22.29 19.53
N HIS C 216 49.21 -21.69 19.24
CA HIS C 216 49.39 -20.25 19.35
C HIS C 216 48.97 -19.43 18.13
N ILE C 217 49.49 -19.79 16.96
CA ILE C 217 49.13 -19.07 15.76
C ILE C 217 47.60 -19.17 15.59
N GLY C 218 46.99 -20.05 16.37
CA GLY C 218 45.55 -20.21 16.32
C GLY C 218 44.88 -19.21 17.23
N GLU C 219 45.68 -18.42 17.94
CA GLU C 219 45.17 -17.42 18.85
C GLU C 219 45.28 -16.08 18.14
N LEU C 220 46.42 -15.85 17.51
CA LEU C 220 46.64 -14.60 16.78
C LEU C 220 45.93 -14.68 15.44
N SER C 221 45.06 -15.67 15.28
CA SER C 221 44.33 -15.86 14.04
C SER C 221 43.11 -14.93 13.93
N ALA C 222 42.36 -14.79 15.02
CA ALA C 222 41.18 -13.92 15.01
C ALA C 222 41.58 -12.46 15.02
N GLN C 223 42.64 -12.15 15.74
CA GLN C 223 43.14 -10.79 15.85
C GLN C 223 43.79 -10.33 14.56
N TYR C 224 44.83 -11.06 14.14
CA TYR C 224 45.55 -10.72 12.91
C TYR C 224 44.58 -10.36 11.80
N MET C 225 43.54 -11.17 11.63
CA MET C 225 42.54 -10.92 10.59
C MET C 225 42.02 -9.50 10.77
N ASN C 226 41.53 -9.22 11.98
CA ASN C 226 40.99 -7.92 12.32
C ASN C 226 42.02 -6.82 12.08
N ALA C 227 43.30 -7.20 12.03
CA ALA C 227 44.37 -6.23 11.82
C ALA C 227 44.44 -5.78 10.36
N ARG C 228 44.66 -6.73 9.46
CA ARG C 228 44.74 -6.41 8.05
C ARG C 228 43.48 -5.67 7.62
N SER C 229 42.34 -6.24 7.97
CA SER C 229 41.05 -5.65 7.64
C SER C 229 41.02 -4.14 7.87
N LEU C 230 41.43 -3.74 9.07
CA LEU C 230 41.46 -2.33 9.46
C LEU C 230 42.57 -1.53 8.77
N TYR C 231 43.74 -2.13 8.60
CA TYR C 231 44.83 -1.44 7.92
C TYR C 231 44.41 -1.17 6.49
N GLN C 232 43.45 -1.93 6.01
CA GLN C 232 42.96 -1.72 4.66
C GLN C 232 42.08 -0.47 4.69
N ASP C 233 41.13 -0.46 5.61
CA ASP C 233 40.24 0.67 5.75
C ASP C 233 41.02 1.93 6.10
N TRP C 234 42.20 1.75 6.69
CA TRP C 234 43.04 2.90 7.01
C TRP C 234 43.79 3.26 5.75
N LEU C 235 44.09 2.24 4.97
CA LEU C 235 44.82 2.40 3.73
C LEU C 235 44.00 3.27 2.78
N ASN C 236 42.69 3.23 2.93
CA ASN C 236 41.81 4.03 2.08
C ASN C 236 41.72 5.46 2.61
N ILE C 237 41.09 5.60 3.76
CA ILE C 237 40.91 6.89 4.40
C ILE C 237 42.18 7.72 4.35
N THR C 238 43.33 7.05 4.28
CA THR C 238 44.63 7.72 4.23
C THR C 238 44.89 8.42 2.91
N LYS C 239 44.74 7.66 1.83
CA LYS C 239 44.95 8.18 0.48
C LYS C 239 46.02 9.25 0.37
N GLY C 240 45.64 10.45 -0.06
CA GLY C 240 46.60 11.52 -0.20
C GLY C 240 47.37 12.01 1.02
N LEU C 241 47.38 11.24 2.11
CA LEU C 241 48.09 11.67 3.31
C LEU C 241 49.59 11.89 3.07
N LYS C 242 49.99 13.15 3.07
CA LYS C 242 51.39 13.52 2.84
C LYS C 242 52.12 13.82 4.16
N ARG C 243 53.13 13.01 4.50
CA ARG C 243 53.88 13.21 5.72
C ARG C 243 55.38 13.30 5.47
N ASN C 244 55.81 14.39 4.86
CA ASN C 244 57.22 14.56 4.53
C ASN C 244 57.84 15.82 5.14
N LEU C 245 57.94 15.87 6.45
CA LEU C 245 58.55 17.04 7.03
C LEU C 245 60.04 16.81 7.07
N PRO C 246 60.83 17.87 6.85
CA PRO C 246 62.29 17.72 6.88
C PRO C 246 62.83 17.21 8.20
N ILE C 247 63.30 15.96 8.21
CA ILE C 247 63.86 15.35 9.40
C ILE C 247 65.26 15.85 9.72
N THR C 248 66.01 16.22 8.68
CA THR C 248 67.37 16.74 8.84
C THR C 248 67.44 18.18 8.34
N LEU C 249 68.01 19.06 9.15
CA LEU C 249 68.15 20.47 8.79
C LEU C 249 68.75 20.63 7.38
N ASN C 250 69.63 19.69 7.03
CA ASN C 250 70.31 19.68 5.74
C ASN C 250 69.34 19.34 4.60
N GLN C 251 68.36 18.50 4.94
CA GLN C 251 67.34 18.04 4.01
C GLN C 251 66.19 19.04 4.03
N ALA C 252 66.39 20.13 4.76
CA ALA C 252 65.39 21.17 4.87
C ALA C 252 65.39 22.08 3.65
N THR C 253 64.21 22.33 3.12
CA THR C 253 64.06 23.18 1.94
C THR C 253 63.01 24.24 2.19
N GLU C 254 62.69 24.98 1.14
CA GLU C 254 61.66 26.01 1.21
C GLU C 254 60.38 25.38 0.69
N SER C 255 60.51 24.17 0.16
CA SER C 255 59.38 23.46 -0.40
C SER C 255 58.66 22.59 0.60
N ASN C 256 59.42 21.83 1.39
CA ASN C 256 58.83 20.94 2.38
C ASN C 256 58.28 21.67 3.61
N LEU C 257 58.77 22.88 3.86
CA LEU C 257 58.31 23.64 5.00
C LEU C 257 57.16 24.55 4.56
N PRO C 258 56.05 24.51 5.29
CA PRO C 258 54.90 25.35 4.95
C PRO C 258 55.15 26.81 5.30
N LYS C 259 54.67 27.71 4.44
CA LYS C 259 54.84 29.14 4.66
C LYS C 259 53.77 29.57 5.66
N PRO C 260 53.98 30.73 6.30
CA PRO C 260 53.01 31.21 7.27
C PRO C 260 51.56 31.07 6.84
N ASN C 261 50.73 30.50 7.73
CA ASN C 261 49.31 30.31 7.48
C ASN C 261 48.97 29.42 6.31
N GLU C 262 49.98 28.78 5.73
CA GLU C 262 49.75 27.90 4.58
C GLU C 262 49.54 26.44 4.94
N TYR C 263 48.45 25.87 4.44
CA TYR C 263 48.15 24.48 4.71
C TYR C 263 47.14 23.96 3.70
N ASP C 264 47.28 22.69 3.32
CA ASP C 264 46.37 22.09 2.35
C ASP C 264 45.06 21.69 3.01
N VAL C 265 43.98 22.33 2.57
CA VAL C 265 42.66 22.02 3.12
C VAL C 265 42.30 20.56 2.94
N GLN C 266 42.79 19.96 1.87
CA GLN C 266 42.47 18.57 1.61
C GLN C 266 43.27 17.71 2.57
N GLN C 267 44.54 18.02 2.71
CA GLN C 267 45.40 17.28 3.62
C GLN C 267 44.74 17.25 4.98
N LEU C 268 44.24 18.40 5.40
CA LEU C 268 43.56 18.52 6.68
C LEU C 268 42.35 17.62 6.69
N LEU C 269 41.46 17.83 5.73
CA LEU C 269 40.25 17.03 5.61
C LEU C 269 40.58 15.54 5.72
N ILE C 270 41.76 15.15 5.26
CA ILE C 270 42.17 13.75 5.34
C ILE C 270 42.32 13.43 6.81
N TRP C 271 43.30 14.06 7.45
CA TRP C 271 43.59 13.87 8.86
C TRP C 271 42.33 13.73 9.69
N LEU C 272 41.51 14.79 9.74
CA LEU C 272 40.28 14.77 10.52
C LEU C 272 39.47 13.47 10.33
N GLU C 273 39.46 12.96 9.10
CA GLU C 273 38.74 11.73 8.77
C GLU C 273 39.38 10.57 9.54
N TRP C 274 40.72 10.49 9.46
CA TRP C 274 41.53 9.48 10.15
C TRP C 274 41.22 9.58 11.63
N ILE C 275 41.36 10.78 12.17
CA ILE C 275 41.10 11.03 13.57
C ILE C 275 39.69 10.55 13.94
N ARG C 276 38.69 10.88 13.13
CA ARG C 276 37.36 10.43 13.45
C ARG C 276 37.32 8.92 13.42
N TRP C 277 38.03 8.32 12.46
CA TRP C 277 38.07 6.87 12.36
C TRP C 277 38.68 6.29 13.62
N GLU C 278 39.66 6.99 14.16
CA GLU C 278 40.35 6.55 15.38
C GLU C 278 39.49 6.58 16.64
N SER C 279 38.58 7.55 16.73
CA SER C 279 37.70 7.69 17.89
C SER C 279 36.60 6.63 17.89
N ASP C 280 36.32 6.06 16.73
CA ASP C 280 35.30 5.03 16.61
C ASP C 280 35.78 3.80 17.40
N ASN C 281 37.00 3.89 17.92
CA ASN C 281 37.62 2.84 18.71
C ASN C 281 37.14 1.48 18.23
N LYS C 282 37.50 1.10 17.01
CA LYS C 282 37.07 -0.17 16.47
C LYS C 282 37.89 -1.32 17.06
N LEU C 283 39.16 -1.06 17.37
CA LEU C 283 40.02 -2.10 17.93
C LEU C 283 39.55 -2.51 19.31
N GLU C 284 38.66 -1.70 19.88
CA GLU C 284 38.11 -1.96 21.21
C GLU C 284 39.20 -1.93 22.27
N LEU C 285 40.10 -0.96 22.15
CA LEU C 285 41.19 -0.79 23.08
C LEU C 285 40.60 -0.36 24.41
N SER C 286 41.44 -0.30 25.43
CA SER C 286 41.00 0.12 26.76
C SER C 286 40.75 1.61 26.69
N ASP C 287 40.01 2.13 27.65
CA ASP C 287 39.75 3.55 27.65
C ASP C 287 41.08 4.30 27.76
N ASP C 288 41.98 3.76 28.59
CA ASP C 288 43.29 4.36 28.80
C ASP C 288 44.19 4.33 27.58
N LEU C 289 43.99 3.33 26.73
CA LEU C 289 44.79 3.19 25.52
C LEU C 289 44.20 3.99 24.37
N HIS C 290 42.88 3.95 24.25
CA HIS C 290 42.22 4.69 23.20
C HIS C 290 42.72 6.13 23.29
N LYS C 291 42.61 6.70 24.48
CA LYS C 291 43.06 8.06 24.74
C LYS C 291 44.48 8.26 24.19
N ALA C 292 45.43 7.54 24.79
CA ALA C 292 46.83 7.62 24.39
C ALA C 292 46.93 7.49 22.88
N ARG C 293 46.03 6.70 22.32
CA ARG C 293 45.96 6.44 20.88
C ARG C 293 45.57 7.71 20.10
N MET C 294 44.33 8.15 20.29
CA MET C 294 43.82 9.34 19.64
C MET C 294 44.81 10.47 19.85
N THR C 295 45.06 10.76 21.12
CA THR C 295 45.97 11.82 21.51
C THR C 295 47.26 11.79 20.69
N TYR C 296 47.66 10.59 20.28
CA TYR C 296 48.87 10.47 19.48
C TYR C 296 48.61 11.09 18.10
N VAL C 297 47.67 10.49 17.37
CA VAL C 297 47.30 10.94 16.03
C VAL C 297 47.09 12.45 15.98
N TYR C 298 46.56 13.01 17.06
CA TYR C 298 46.34 14.45 17.12
C TYR C 298 47.66 15.22 17.04
N MET C 299 48.61 14.88 17.92
CA MET C 299 49.92 15.54 17.92
C MET C 299 50.60 15.39 16.57
N GLN C 300 50.24 14.33 15.86
CA GLN C 300 50.79 14.08 14.54
C GLN C 300 50.13 15.09 13.61
N ALA C 301 48.80 15.06 13.59
CA ALA C 301 48.04 15.96 12.76
C ALA C 301 48.45 17.40 13.02
N ALA C 302 48.53 17.76 14.29
CA ALA C 302 48.91 19.11 14.71
C ALA C 302 50.32 19.46 14.28
N GLN C 303 51.07 18.44 13.90
CA GLN C 303 52.44 18.63 13.46
C GLN C 303 52.42 18.94 11.96
N HIS C 304 51.65 18.15 11.21
CA HIS C 304 51.60 18.31 9.75
C HIS C 304 50.73 19.40 9.13
N VAL C 305 49.66 19.82 9.81
CA VAL C 305 48.84 20.89 9.28
C VAL C 305 48.91 22.03 10.28
N CYS C 306 50.01 22.06 11.03
CA CYS C 306 50.26 23.05 12.06
C CYS C 306 49.55 24.39 11.94
N PHE C 307 49.60 25.03 10.77
CA PHE C 307 48.97 26.34 10.62
C PHE C 307 47.50 26.29 10.28
N ALA C 308 46.92 25.10 10.43
CA ALA C 308 45.50 24.89 10.15
C ALA C 308 44.75 24.97 11.48
N PRO C 309 44.33 26.19 11.87
CA PRO C 309 43.60 26.32 13.13
C PRO C 309 42.68 25.17 13.51
N GLU C 310 41.73 24.81 12.66
CA GLU C 310 40.81 23.73 13.01
C GLU C 310 41.42 22.51 13.71
N ILE C 311 42.71 22.27 13.51
CA ILE C 311 43.32 21.12 14.17
C ILE C 311 43.53 21.39 15.65
N TRP C 312 44.07 22.57 15.96
CA TRP C 312 44.31 22.95 17.33
C TRP C 312 43.01 23.06 18.11
N PHE C 313 42.03 23.72 17.51
CA PHE C 313 40.73 23.86 18.16
C PHE C 313 40.21 22.46 18.49
N ASN C 314 39.89 21.70 17.46
CA ASN C 314 39.36 20.36 17.66
C ASN C 314 40.20 19.47 18.56
N MET C 315 41.51 19.73 18.65
CA MET C 315 42.36 18.91 19.52
C MET C 315 42.25 19.43 20.96
N ALA C 316 42.53 20.72 21.14
CA ALA C 316 42.46 21.35 22.46
C ALA C 316 41.14 21.01 23.11
N ASN C 317 40.09 20.93 22.30
CA ASN C 317 38.75 20.61 22.79
C ASN C 317 38.62 19.15 23.18
N TYR C 318 39.32 18.28 22.45
CA TYR C 318 39.26 16.87 22.76
C TYR C 318 40.03 16.69 24.06
N GLN C 319 41.33 16.95 23.99
CA GLN C 319 42.20 16.81 25.14
C GLN C 319 41.47 17.20 26.39
N GLY C 320 41.09 18.47 26.48
CA GLY C 320 40.38 18.93 27.65
C GLY C 320 39.15 18.12 28.03
N GLU C 321 38.22 17.99 27.10
CA GLU C 321 37.00 17.24 27.36
C GLU C 321 37.24 15.82 27.87
N LYS C 322 38.26 15.16 27.35
CA LYS C 322 38.54 13.78 27.78
C LYS C 322 39.04 13.68 29.23
N ASN C 323 38.69 14.67 30.06
CA ASN C 323 39.10 14.66 31.46
C ASN C 323 38.71 15.91 32.27
N THR C 324 39.65 16.32 33.12
CA THR C 324 39.49 17.48 33.97
C THR C 324 40.72 18.36 33.78
N ASP C 325 41.07 19.16 34.79
CA ASP C 325 42.22 20.05 34.71
C ASP C 325 41.94 21.09 33.61
N SER C 326 41.07 22.06 33.92
CA SER C 326 40.71 23.09 32.95
C SER C 326 41.91 23.79 32.30
N THR C 327 43.08 23.65 32.90
CA THR C 327 44.27 24.26 32.38
C THR C 327 44.66 23.61 31.06
N VAL C 328 44.29 22.35 30.88
CA VAL C 328 44.63 21.58 29.66
C VAL C 328 44.41 22.32 28.35
N ILE C 329 43.15 22.70 28.09
CA ILE C 329 42.79 23.40 26.87
C ILE C 329 43.60 24.67 26.63
N THR C 330 43.56 25.58 27.59
CA THR C 330 44.30 26.84 27.48
C THR C 330 45.74 26.59 27.03
N LYS C 331 46.27 25.42 27.41
CA LYS C 331 47.64 25.02 27.07
C LYS C 331 47.80 24.73 25.59
N TYR C 332 46.88 23.91 25.07
CA TYR C 332 46.90 23.51 23.66
C TYR C 332 46.43 24.67 22.80
N LEU C 333 45.37 25.36 23.24
CA LEU C 333 44.86 26.51 22.50
C LEU C 333 45.97 27.53 22.36
N LYS C 334 46.70 27.75 23.46
CA LYS C 334 47.81 28.70 23.49
C LYS C 334 48.90 28.29 22.50
N LEU C 335 49.25 27.01 22.49
CA LEU C 335 50.28 26.56 21.56
C LEU C 335 49.84 26.94 20.16
N GLY C 336 48.60 26.57 19.82
CA GLY C 336 48.05 26.86 18.51
C GLY C 336 48.18 28.32 18.13
N GLN C 337 47.97 29.20 19.11
CA GLN C 337 48.07 30.63 18.88
C GLN C 337 49.48 31.00 18.42
N GLN C 338 50.48 30.36 19.01
CA GLN C 338 51.88 30.63 18.67
C GLN C 338 52.26 30.22 17.25
N CYS C 339 51.48 29.28 16.69
CA CYS C 339 51.67 28.77 15.33
C CYS C 339 50.90 29.66 14.38
N ILE C 340 49.74 30.11 14.82
CA ILE C 340 48.89 30.95 14.02
C ILE C 340 48.56 32.23 14.78
N PRO C 341 49.58 33.04 15.08
CA PRO C 341 49.36 34.28 15.82
C PRO C 341 48.15 35.11 15.37
N ASN C 342 47.87 35.15 14.06
CA ASN C 342 46.74 35.93 13.58
C ASN C 342 45.43 35.14 13.46
N SER C 343 45.18 34.22 14.37
CA SER C 343 43.95 33.44 14.29
C SER C 343 42.89 33.99 15.23
N ALA C 344 41.82 34.52 14.66
CA ALA C 344 40.75 35.03 15.49
C ALA C 344 40.15 33.83 16.21
N VAL C 345 40.00 32.73 15.50
CA VAL C 345 39.42 31.51 16.06
C VAL C 345 40.14 31.01 17.30
N LEU C 346 41.46 31.13 17.33
CA LEU C 346 42.16 30.70 18.53
C LEU C 346 42.05 31.84 19.53
N ALA C 347 42.31 33.06 19.05
CA ALA C 347 42.25 34.26 19.87
C ALA C 347 40.97 34.33 20.69
N PHE C 348 39.86 33.84 20.13
CA PHE C 348 38.62 33.83 20.87
C PHE C 348 38.58 32.62 21.77
N SER C 349 38.85 31.46 21.19
CA SER C 349 38.84 30.24 21.98
C SER C 349 39.70 30.47 23.22
N LEU C 350 40.78 31.23 23.10
CA LEU C 350 41.64 31.51 24.26
C LEU C 350 40.88 32.45 25.18
N SER C 351 40.41 33.56 24.62
CA SER C 351 39.65 34.53 25.38
C SER C 351 38.62 33.80 26.26
N GLU C 352 37.84 32.88 25.67
CA GLU C 352 36.84 32.17 26.46
C GLU C 352 37.47 31.38 27.58
N GLN C 353 38.57 30.70 27.30
CA GLN C 353 39.20 29.91 28.34
C GLN C 353 39.70 30.78 29.46
N TYR C 354 40.03 32.03 29.18
CA TYR C 354 40.50 32.91 30.24
C TYR C 354 39.32 33.49 31.00
N GLU C 355 38.26 33.85 30.29
CA GLU C 355 37.09 34.41 30.93
C GLU C 355 36.55 33.29 31.83
N LEU C 356 36.61 32.06 31.35
CA LEU C 356 36.11 30.96 32.15
C LEU C 356 36.81 30.92 33.51
N ASN C 357 38.13 31.06 33.50
CA ASN C 357 38.90 31.02 34.74
C ASN C 357 39.21 32.41 35.30
N THR C 358 38.30 33.34 35.01
CA THR C 358 38.35 34.74 35.46
C THR C 358 39.67 35.48 35.30
N LYS C 359 40.60 34.92 34.53
CA LYS C 359 41.87 35.59 34.30
C LYS C 359 41.57 36.75 33.36
N ILE C 360 41.14 37.88 33.91
CA ILE C 360 40.79 39.04 33.08
C ILE C 360 41.92 39.72 32.33
N PRO C 361 43.00 40.07 33.03
CA PRO C 361 44.12 40.72 32.35
C PRO C 361 44.56 39.94 31.11
N GLU C 362 44.46 38.61 31.18
CA GLU C 362 44.86 37.75 30.05
C GLU C 362 43.97 38.01 28.84
N ILE C 363 42.67 37.77 28.99
CA ILE C 363 41.70 37.99 27.93
C ILE C 363 42.06 39.25 27.14
N GLU C 364 42.55 40.25 27.85
CA GLU C 364 42.94 41.52 27.23
C GLU C 364 44.03 41.24 26.22
N THR C 365 45.24 41.01 26.74
CA THR C 365 46.40 40.73 25.90
C THR C 365 46.14 39.73 24.78
N THR C 366 45.73 38.51 25.14
CA THR C 366 45.46 37.45 24.16
C THR C 366 44.62 37.91 22.98
N ILE C 367 43.73 38.89 23.17
CA ILE C 367 42.92 39.38 22.06
C ILE C 367 43.73 40.40 21.27
N LEU C 368 44.49 41.24 21.98
CA LEU C 368 45.30 42.25 21.33
C LEU C 368 46.38 41.62 20.47
N SER C 369 47.19 40.75 21.07
CA SER C 369 48.26 40.10 20.31
C SER C 369 47.77 39.71 18.92
N CYS C 370 46.50 39.29 18.84
CA CYS C 370 45.92 38.90 17.56
C CYS C 370 45.59 40.12 16.73
N ILE C 371 45.07 41.15 17.39
CA ILE C 371 44.74 42.40 16.71
C ILE C 371 46.02 42.95 16.10
N ASP C 372 47.06 43.04 16.92
CA ASP C 372 48.37 43.53 16.50
C ASP C 372 48.94 42.73 15.33
N ARG C 373 49.06 41.42 15.52
CA ARG C 373 49.58 40.53 14.47
C ARG C 373 48.93 40.94 13.13
N ILE C 374 47.61 41.07 13.11
CA ILE C 374 46.89 41.45 11.90
C ILE C 374 47.30 42.87 11.49
N HIS C 375 47.35 43.77 12.45
CA HIS C 375 47.73 45.16 12.21
C HIS C 375 49.02 45.27 11.38
N LEU C 376 49.90 44.30 11.55
CA LEU C 376 51.15 44.28 10.80
C LEU C 376 50.83 43.59 9.51
N ASP C 377 50.36 42.36 9.61
CA ASP C 377 50.00 41.59 8.43
C ASP C 377 49.40 42.57 7.44
N LEU C 378 48.64 43.54 7.95
CA LEU C 378 48.01 44.52 7.08
C LEU C 378 48.95 45.66 6.68
N ALA C 379 49.45 46.41 7.67
CA ALA C 379 50.36 47.53 7.42
C ALA C 379 51.46 47.12 6.44
N ALA C 380 51.78 45.83 6.43
CA ALA C 380 52.79 45.26 5.53
C ALA C 380 52.20 45.00 4.16
N LEU C 381 51.14 44.21 4.13
CA LEU C 381 50.49 43.92 2.86
C LEU C 381 50.30 45.20 2.09
N MET C 382 49.72 46.20 2.74
CA MET C 382 49.46 47.49 2.09
C MET C 382 50.64 48.06 1.33
N GLU C 383 51.65 48.55 2.04
CA GLU C 383 52.79 49.12 1.38
C GLU C 383 53.28 48.22 0.24
N ASP C 384 53.59 46.97 0.57
CA ASP C 384 54.10 46.01 -0.41
C ASP C 384 53.35 45.76 -1.71
N ASP C 385 52.27 46.50 -1.95
CA ASP C 385 51.48 46.41 -3.19
C ASP C 385 50.04 46.86 -3.01
N PRO C 386 49.84 48.15 -2.71
CA PRO C 386 48.50 48.70 -2.52
C PRO C 386 47.59 48.54 -3.76
N THR C 387 48.07 47.78 -4.74
CA THR C 387 47.31 47.52 -5.95
C THR C 387 46.40 46.32 -5.71
N ASN C 388 46.55 45.69 -4.55
CA ASN C 388 45.76 44.51 -4.20
C ASN C 388 44.72 44.82 -3.13
N GLU C 389 43.83 45.77 -3.40
CA GLU C 389 42.77 46.11 -2.47
C GLU C 389 41.91 44.86 -2.29
N SER C 390 41.86 44.04 -3.34
CA SER C 390 41.09 42.80 -3.35
C SER C 390 41.52 41.88 -2.22
N ALA C 391 42.75 42.06 -1.77
CA ALA C 391 43.30 41.25 -0.69
C ALA C 391 43.62 42.15 0.49
N ILE C 392 43.71 43.44 0.24
CA ILE C 392 43.98 44.38 1.31
C ILE C 392 42.70 44.61 2.09
N ASN C 393 41.61 44.88 1.38
CA ASN C 393 40.33 45.11 2.03
C ASN C 393 39.92 43.97 2.94
N GLN C 394 40.00 42.75 2.43
CA GLN C 394 39.64 41.57 3.21
C GLN C 394 40.36 41.67 4.57
N LEU C 395 41.67 41.83 4.52
CA LEU C 395 42.48 41.94 5.72
C LEU C 395 41.95 43.04 6.62
N LYS C 396 41.52 44.13 5.99
CA LYS C 396 40.97 45.27 6.72
C LYS C 396 39.77 44.87 7.58
N SER C 397 38.79 44.24 6.96
CA SER C 397 37.59 43.83 7.67
C SER C 397 37.90 42.82 8.76
N LYS C 398 38.71 41.82 8.42
CA LYS C 398 39.10 40.80 9.38
C LYS C 398 39.60 41.53 10.63
N LEU C 399 40.58 42.43 10.46
CA LEU C 399 41.08 43.19 11.58
C LEU C 399 39.88 43.84 12.26
N THR C 400 39.02 44.50 11.49
CA THR C 400 37.85 45.16 12.07
C THR C 400 36.86 44.22 12.77
N TYR C 401 36.58 43.06 12.20
CA TYR C 401 35.67 42.15 12.88
C TYR C 401 36.28 41.70 14.21
N VAL C 402 37.55 41.31 14.19
CA VAL C 402 38.22 40.92 15.42
C VAL C 402 38.19 42.10 16.37
N TYR C 403 38.15 43.30 15.82
CA TYR C 403 38.10 44.48 16.65
C TYR C 403 36.71 44.66 17.26
N CYS C 404 35.70 44.29 16.51
CA CYS C 404 34.34 44.40 17.04
C CYS C 404 34.27 43.51 18.27
N VAL C 405 34.33 42.21 18.03
CA VAL C 405 34.24 41.20 19.07
C VAL C 405 35.09 41.56 20.28
N TYR C 406 36.20 42.24 20.07
CA TYR C 406 37.02 42.63 21.21
C TYR C 406 36.22 43.66 22.02
N MET C 407 35.64 44.62 21.30
CA MET C 407 34.85 45.66 21.95
C MET C 407 33.66 45.03 22.65
N ASN C 408 32.98 44.11 21.97
CA ASN C 408 31.81 43.45 22.55
C ASN C 408 32.17 42.73 23.83
N THR C 409 33.29 42.03 23.80
CA THR C 409 33.73 41.29 24.96
C THR C 409 34.01 42.19 26.14
N MET C 410 34.77 43.25 25.93
CA MET C 410 35.08 44.16 27.03
C MET C 410 33.83 44.80 27.56
N LYS C 411 32.79 44.88 26.73
CA LYS C 411 31.54 45.47 27.16
C LYS C 411 30.98 44.60 28.26
N ARG C 412 30.66 43.37 27.86
CA ARG C 412 30.11 42.37 28.73
C ARG C 412 30.97 42.04 29.94
N ILE C 413 32.20 42.54 30.00
CA ILE C 413 33.12 42.25 31.11
C ILE C 413 33.44 43.44 32.02
N GLN C 414 34.06 44.47 31.45
CA GLN C 414 34.42 45.68 32.19
C GLN C 414 33.35 46.77 32.04
N GLY C 415 32.28 46.48 31.29
CA GLY C 415 31.18 47.43 31.12
C GLY C 415 31.33 48.53 30.08
N LEU C 416 30.17 49.04 29.63
CA LEU C 416 30.11 50.11 28.63
C LEU C 416 31.29 51.09 28.72
N ALA C 417 31.68 51.40 29.94
CA ALA C 417 32.81 52.29 30.19
C ALA C 417 33.90 51.96 29.21
N ALA C 418 34.50 50.78 29.40
CA ALA C 418 35.57 50.29 28.54
C ALA C 418 35.09 50.04 27.10
N SER C 419 33.84 49.64 26.95
CA SER C 419 33.29 49.41 25.63
C SER C 419 33.65 50.63 24.78
N ARG C 420 33.28 51.80 25.30
CA ARG C 420 33.53 53.05 24.60
C ARG C 420 34.99 53.41 24.35
N LYS C 421 35.89 52.97 25.22
CA LYS C 421 37.30 53.29 25.02
C LYS C 421 37.76 52.64 23.71
N ILE C 422 37.35 51.39 23.52
CA ILE C 422 37.73 50.63 22.33
C ILE C 422 37.28 51.28 21.03
N PHE C 423 36.04 51.74 20.99
CA PHE C 423 35.53 52.41 19.79
C PHE C 423 36.41 53.60 19.52
N GLY C 424 36.94 54.20 20.58
CA GLY C 424 37.81 55.36 20.44
C GLY C 424 39.06 54.99 19.65
N LYS C 425 39.84 54.05 20.17
CA LYS C 425 41.05 53.61 19.49
C LYS C 425 40.72 53.26 18.04
N CYS C 426 39.64 52.51 17.85
CA CYS C 426 39.22 52.13 16.51
C CYS C 426 38.99 53.36 15.66
N ARG C 427 38.18 54.28 16.17
CA ARG C 427 37.86 55.49 15.44
C ARG C 427 39.11 56.15 14.86
N ARG C 428 40.11 56.39 15.71
CA ARG C 428 41.36 57.04 15.32
C ARG C 428 42.25 56.30 14.34
N LEU C 429 41.76 55.18 13.83
CA LEU C 429 42.48 54.41 12.83
C LEU C 429 41.85 54.86 11.51
N LYS C 430 41.23 56.03 11.55
CA LYS C 430 40.56 56.64 10.41
C LYS C 430 39.89 55.62 9.50
N LYS C 431 40.24 55.65 8.22
CA LYS C 431 39.65 54.74 7.26
C LYS C 431 40.44 53.44 7.10
N LEU C 432 41.18 53.07 8.14
CA LEU C 432 41.97 51.84 8.12
C LEU C 432 41.12 50.66 8.56
N VAL C 433 39.93 50.97 9.07
CA VAL C 433 38.95 50.00 9.56
C VAL C 433 37.64 50.09 8.79
N THR C 434 37.03 48.95 8.49
CA THR C 434 35.76 48.95 7.76
C THR C 434 34.65 49.61 8.57
N PRO C 435 33.51 49.87 7.92
CA PRO C 435 32.36 50.50 8.56
C PRO C 435 31.75 49.76 9.77
N ASP C 436 31.65 48.42 9.69
CA ASP C 436 31.07 47.58 10.75
C ASP C 436 31.26 48.07 12.17
N ILE C 437 32.52 48.30 12.53
CA ILE C 437 32.87 48.78 13.85
C ILE C 437 31.97 49.96 14.27
N TYR C 438 31.39 50.65 13.29
CA TYR C 438 30.50 51.77 13.58
C TYR C 438 29.10 51.25 13.81
N LEU C 439 28.73 50.23 13.04
CA LEU C 439 27.41 49.66 13.20
C LEU C 439 27.36 48.88 14.51
N GLU C 440 28.39 48.10 14.81
CA GLU C 440 28.40 47.33 16.05
C GLU C 440 28.29 48.26 17.23
N ASN C 441 29.20 49.22 17.32
CA ASN C 441 29.16 50.14 18.43
C ASN C 441 27.85 50.91 18.55
N ALA C 442 27.13 51.03 17.44
CA ALA C 442 25.85 51.74 17.46
C ALA C 442 24.83 50.81 18.11
N TYR C 443 24.80 49.56 17.65
CA TYR C 443 23.90 48.55 18.19
C TYR C 443 24.17 48.28 19.66
N ILE C 444 25.35 48.70 20.11
CA ILE C 444 25.74 48.54 21.51
C ILE C 444 25.10 49.66 22.29
N GLU C 445 25.31 50.89 21.84
CA GLU C 445 24.74 52.04 22.53
C GLU C 445 23.23 51.95 22.51
N TYR C 446 22.68 51.27 21.53
CA TYR C 446 21.23 51.14 21.44
C TYR C 446 20.71 50.04 22.34
N HIS C 447 21.15 48.81 22.15
CA HIS C 447 20.69 47.69 22.97
C HIS C 447 21.00 47.76 24.48
N ILE C 448 21.30 48.96 24.95
CA ILE C 448 21.60 49.21 26.36
C ILE C 448 20.32 49.69 27.03
N SER C 449 19.97 50.95 26.78
CA SER C 449 18.78 51.58 27.35
C SER C 449 17.74 51.90 26.27
N LYS C 450 17.85 51.24 25.12
CA LYS C 450 16.95 51.45 23.99
C LYS C 450 16.93 52.90 23.50
N ASP C 451 17.97 53.66 23.82
CA ASP C 451 18.04 55.07 23.40
C ASP C 451 18.99 55.30 22.23
N THR C 452 18.54 56.12 21.29
CA THR C 452 19.31 56.42 20.07
C THR C 452 20.21 57.65 20.12
N LYS C 453 19.91 58.60 20.99
CA LYS C 453 20.71 59.82 21.10
C LYS C 453 22.15 59.55 20.68
N THR C 454 22.78 58.57 21.34
CA THR C 454 24.17 58.24 21.05
C THR C 454 24.38 57.32 19.86
N ALA C 455 23.56 56.29 19.75
CA ALA C 455 23.71 55.36 18.65
C ALA C 455 23.82 56.11 17.32
N CYS C 456 22.97 57.12 17.16
CA CYS C 456 22.95 57.90 15.93
C CYS C 456 24.12 58.85 15.77
N LYS C 457 24.50 59.54 16.83
CA LYS C 457 25.64 60.46 16.75
C LYS C 457 26.86 59.68 16.33
N VAL C 458 26.88 58.40 16.68
CA VAL C 458 28.01 57.53 16.33
C VAL C 458 28.03 57.23 14.85
N LEU C 459 26.86 56.89 14.32
CA LEU C 459 26.68 56.57 12.91
C LEU C 459 26.91 57.75 11.97
N GLU C 460 26.86 58.96 12.52
CA GLU C 460 27.09 60.17 11.73
C GLU C 460 28.59 60.32 11.59
N LEU C 461 29.30 59.89 12.62
CA LEU C 461 30.75 59.94 12.60
C LEU C 461 31.28 58.92 11.61
N GLY C 462 30.39 58.05 11.16
CA GLY C 462 30.77 57.04 10.20
C GLY C 462 30.67 57.58 8.78
N LEU C 463 29.84 58.60 8.62
CA LEU C 463 29.67 59.20 7.31
C LEU C 463 30.96 59.89 6.87
N LYS C 464 31.53 60.68 7.78
CA LYS C 464 32.76 61.40 7.53
C LYS C 464 33.70 60.58 6.67
N TYR C 465 33.72 59.28 6.92
CA TYR C 465 34.60 58.40 6.16
C TYR C 465 33.85 57.46 5.26
N PHE C 466 32.57 57.27 5.51
CA PHE C 466 31.80 56.34 4.69
C PHE C 466 30.51 56.85 4.06
N ALA C 467 30.32 58.16 4.00
CA ALA C 467 29.10 58.73 3.42
C ALA C 467 28.83 58.21 2.00
N THR C 468 29.83 57.53 1.44
CA THR C 468 29.74 56.99 0.11
C THR C 468 29.53 55.48 0.06
N ASP C 469 30.22 54.75 0.93
CA ASP C 469 30.11 53.30 0.98
C ASP C 469 28.64 52.85 0.95
N GLY C 470 28.13 52.56 -0.24
CA GLY C 470 26.73 52.15 -0.33
C GLY C 470 26.37 50.99 0.58
N GLU C 471 27.36 50.15 0.86
CA GLU C 471 27.18 48.98 1.72
C GLU C 471 26.93 49.41 3.13
N TYR C 472 27.58 50.51 3.54
CA TYR C 472 27.45 51.06 4.87
C TYR C 472 26.13 51.75 5.06
N ILE C 473 25.72 52.51 4.06
CA ILE C 473 24.46 53.21 4.14
C ILE C 473 23.34 52.19 4.37
N ASN C 474 23.30 51.16 3.54
CA ASN C 474 22.27 50.14 3.68
C ASN C 474 22.19 49.66 5.12
N LYS C 475 23.32 49.24 5.67
CA LYS C 475 23.39 48.75 7.04
C LYS C 475 22.98 49.86 8.00
N TYR C 476 23.18 51.11 7.59
CA TYR C 476 22.86 52.28 8.41
C TYR C 476 21.34 52.51 8.41
N LEU C 477 20.71 52.42 7.23
CA LEU C 477 19.26 52.60 7.11
C LEU C 477 18.53 51.53 7.91
N ASP C 478 19.10 50.35 7.96
CA ASP C 478 18.51 49.26 8.71
C ASP C 478 18.43 49.64 10.16
N PHE C 479 19.56 49.90 10.80
CA PHE C 479 19.56 50.28 12.21
C PHE C 479 18.60 51.44 12.45
N LEU C 480 18.49 52.33 11.47
CA LEU C 480 17.59 53.47 11.60
C LEU C 480 16.13 53.08 11.55
N ILE C 481 15.79 52.16 10.64
CA ILE C 481 14.41 51.69 10.51
C ILE C 481 14.10 50.75 11.67
N TYR C 482 15.16 50.18 12.23
CA TYR C 482 15.14 49.23 13.35
C TYR C 482 14.79 49.92 14.67
N VAL C 483 14.82 51.25 14.69
CA VAL C 483 14.52 52.02 15.90
C VAL C 483 13.39 53.01 15.61
N ASN C 484 13.04 53.08 14.32
CA ASN C 484 12.01 53.96 13.81
C ASN C 484 12.25 55.43 14.01
N GLU C 485 13.36 55.93 13.47
CA GLU C 485 13.71 57.35 13.54
C GLU C 485 13.39 57.94 12.17
N GLU C 486 12.24 57.58 11.62
CA GLU C 486 11.84 58.05 10.30
C GLU C 486 12.50 59.39 9.99
N SER C 487 12.32 60.35 10.88
CA SER C 487 12.92 61.67 10.68
C SER C 487 14.32 61.54 10.12
N GLN C 488 15.07 60.60 10.66
CA GLN C 488 16.43 60.40 10.20
C GLN C 488 16.43 59.58 8.93
N VAL C 489 15.77 58.44 8.97
CA VAL C 489 15.71 57.58 7.80
C VAL C 489 15.52 58.40 6.52
N LYS C 490 14.48 59.23 6.53
CA LYS C 490 14.17 60.08 5.41
C LYS C 490 15.40 60.89 5.10
N SER C 491 15.90 61.58 6.12
CA SER C 491 17.08 62.43 5.99
C SER C 491 18.25 61.72 5.34
N LEU C 492 18.79 60.73 6.04
CA LEU C 492 19.91 59.94 5.55
C LEU C 492 19.74 59.47 4.11
N PHE C 493 18.52 59.02 3.78
CA PHE C 493 18.21 58.56 2.44
C PHE C 493 18.45 59.71 1.45
N GLU C 494 17.54 60.67 1.44
CA GLU C 494 17.64 61.80 0.53
C GLU C 494 19.08 62.31 0.38
N SER C 495 19.82 62.25 1.48
CA SER C 495 21.22 62.70 1.50
C SER C 495 22.17 61.77 0.77
N SER C 496 21.83 60.49 0.73
CA SER C 496 22.67 59.48 0.11
C SER C 496 22.45 59.30 -1.39
N ILE C 497 21.21 59.45 -1.84
CA ILE C 497 20.79 59.28 -3.24
C ILE C 497 21.78 59.69 -4.36
N ASP C 498 22.60 60.68 -4.09
CA ASP C 498 23.54 61.11 -5.12
C ASP C 498 24.98 61.07 -4.63
N LYS C 499 25.21 60.37 -3.53
CA LYS C 499 26.55 60.26 -3.00
C LYS C 499 26.98 58.82 -3.12
N ILE C 500 26.09 57.99 -3.67
CA ILE C 500 26.39 56.59 -3.83
C ILE C 500 26.36 56.20 -5.29
N SER C 501 27.41 55.51 -5.74
CA SER C 501 27.48 55.03 -7.11
C SER C 501 27.02 53.57 -7.01
N ASP C 502 27.39 52.72 -7.96
CA ASP C 502 26.97 51.33 -7.88
C ASP C 502 25.44 51.23 -7.92
N SER C 503 24.89 51.24 -9.13
CA SER C 503 23.45 51.14 -9.30
C SER C 503 22.84 50.19 -8.30
N HIS C 504 23.26 48.94 -8.34
CA HIS C 504 22.71 47.95 -7.42
C HIS C 504 22.60 48.44 -5.99
N LEU C 505 23.72 48.76 -5.36
CA LEU C 505 23.71 49.20 -3.97
C LEU C 505 22.73 50.31 -3.70
N LEU C 506 22.40 51.10 -4.72
CA LEU C 506 21.46 52.21 -4.57
C LEU C 506 20.01 51.76 -4.71
N LYS C 507 19.76 50.92 -5.70
CA LYS C 507 18.44 50.37 -5.96
C LYS C 507 17.90 49.81 -4.64
N MET C 508 18.76 49.13 -3.89
CA MET C 508 18.36 48.56 -2.61
C MET C 508 17.97 49.67 -1.64
N ILE C 509 18.70 50.77 -1.70
CA ILE C 509 18.41 51.90 -0.82
C ILE C 509 16.96 52.33 -1.09
N PHE C 510 16.62 52.63 -2.34
CA PHE C 510 15.27 53.05 -2.66
C PHE C 510 14.28 52.01 -2.23
N GLN C 511 14.60 50.76 -2.51
CA GLN C 511 13.71 49.66 -2.16
C GLN C 511 13.41 49.65 -0.67
N LYS C 512 14.46 49.72 0.15
CA LYS C 512 14.27 49.70 1.60
C LYS C 512 13.37 50.86 2.03
N VAL C 513 13.74 52.06 1.60
CA VAL C 513 12.99 53.27 1.91
C VAL C 513 11.51 53.05 1.54
N ILE C 514 11.26 52.73 0.28
CA ILE C 514 9.91 52.49 -0.22
C ILE C 514 9.13 51.55 0.66
N PHE C 515 9.75 50.44 1.06
CA PHE C 515 9.07 49.48 1.91
C PHE C 515 8.75 50.16 3.25
N PHE C 516 9.79 50.58 3.95
CA PHE C 516 9.63 51.28 5.23
C PHE C 516 8.54 52.35 5.11
N GLU C 517 8.65 53.21 4.12
CA GLU C 517 7.67 54.27 3.90
C GLU C 517 6.24 53.75 3.85
N SER C 518 6.06 52.54 3.35
CA SER C 518 4.74 51.96 3.24
C SER C 518 4.26 51.48 4.60
N LYS C 519 5.18 50.89 5.34
CA LYS C 519 4.84 50.38 6.66
C LYS C 519 4.67 51.51 7.68
N VAL C 520 4.96 52.75 7.29
CA VAL C 520 4.85 53.87 8.22
C VAL C 520 4.09 55.07 7.68
N GLY C 521 4.34 55.41 6.41
CA GLY C 521 3.70 56.57 5.80
C GLY C 521 2.39 56.36 5.09
N SER C 522 2.06 57.29 4.21
CA SER C 522 0.82 57.20 3.46
C SER C 522 1.13 56.58 2.12
N LEU C 523 0.10 56.07 1.46
CA LEU C 523 0.25 55.47 0.16
C LEU C 523 0.72 56.56 -0.82
N ASN C 524 0.35 57.79 -0.52
CA ASN C 524 0.71 58.92 -1.37
C ASN C 524 2.19 59.25 -1.23
N SER C 525 2.74 59.01 -0.03
CA SER C 525 4.15 59.28 0.21
C SER C 525 4.94 58.36 -0.72
N VAL C 526 4.61 57.08 -0.57
CA VAL C 526 5.19 55.96 -1.32
C VAL C 526 5.07 56.14 -2.82
N ARG C 527 3.86 56.38 -3.29
CA ARG C 527 3.62 56.56 -4.71
C ARG C 527 4.51 57.69 -5.26
N THR C 528 5.04 58.52 -4.36
CA THR C 528 5.90 59.62 -4.79
C THR C 528 7.37 59.19 -4.85
N LEU C 529 7.77 58.39 -3.87
CA LEU C 529 9.13 57.87 -3.80
C LEU C 529 9.34 57.13 -5.12
N GLU C 530 8.59 56.04 -5.29
CA GLU C 530 8.65 55.21 -6.49
C GLU C 530 8.72 56.10 -7.73
N LYS C 531 7.79 57.03 -7.83
CA LYS C 531 7.74 57.94 -8.96
C LYS C 531 9.17 58.35 -9.33
N ARG C 532 9.99 58.61 -8.32
CA ARG C 532 11.38 59.01 -8.55
C ARG C 532 12.28 57.80 -8.73
N PHE C 533 11.93 56.70 -8.07
CA PHE C 533 12.68 55.46 -8.18
C PHE C 533 12.63 54.99 -9.63
N PHE C 534 11.41 54.78 -10.12
CA PHE C 534 11.17 54.34 -11.48
C PHE C 534 11.79 55.30 -12.47
N GLU C 535 12.07 56.50 -12.01
CA GLU C 535 12.65 57.54 -12.86
C GLU C 535 14.17 57.35 -12.96
N LYS C 536 14.82 57.18 -11.81
CA LYS C 536 16.27 56.99 -11.76
C LYS C 536 16.60 55.56 -12.17
N PHE C 537 15.64 54.67 -11.96
CA PHE C 537 15.83 53.29 -12.33
C PHE C 537 14.82 52.91 -13.41
N PRO C 538 14.95 53.52 -14.60
CA PRO C 538 14.02 53.19 -15.68
C PRO C 538 14.34 51.76 -16.05
N GLU C 539 13.34 50.97 -16.40
CA GLU C 539 13.60 49.59 -16.77
C GLU C 539 13.89 48.77 -15.51
N VAL C 540 12.84 48.55 -14.74
CA VAL C 540 12.86 47.76 -13.49
C VAL C 540 11.47 47.15 -13.46
N ASN C 541 11.38 45.82 -13.40
CA ASN C 541 10.07 45.19 -13.38
C ASN C 541 9.16 45.74 -12.28
N LYS C 542 8.40 46.78 -12.60
CA LYS C 542 7.51 47.40 -11.62
C LYS C 542 6.73 46.39 -10.81
N LEU C 543 6.18 45.39 -11.49
CA LEU C 543 5.41 44.34 -10.83
C LEU C 543 6.25 43.56 -9.80
N GLU C 544 7.54 43.39 -10.09
CA GLU C 544 8.46 42.66 -9.20
C GLU C 544 8.65 43.51 -7.96
N GLU C 545 8.95 44.79 -8.19
CA GLU C 545 9.14 45.70 -7.10
C GLU C 545 7.82 45.64 -6.32
N PHE C 546 6.72 45.84 -7.02
CA PHE C 546 5.40 45.80 -6.37
C PHE C 546 5.43 44.70 -5.33
N THR C 547 5.87 43.52 -5.76
CA THR C 547 5.94 42.34 -4.89
C THR C 547 6.74 42.62 -3.63
N ASN C 548 8.02 42.98 -3.77
CA ASN C 548 8.86 43.26 -2.62
C ASN C 548 8.17 44.19 -1.63
N LYS C 549 7.46 45.18 -2.16
CA LYS C 549 6.76 46.15 -1.34
C LYS C 549 5.75 45.49 -0.44
N TYR C 550 5.09 44.47 -0.97
CA TYR C 550 4.05 43.76 -0.24
C TYR C 550 4.52 42.52 0.51
N LYS C 551 5.82 42.42 0.79
CA LYS C 551 6.31 41.25 1.52
C LYS C 551 5.72 41.21 2.91
N VAL C 552 5.78 40.05 3.52
CA VAL C 552 5.27 39.86 4.86
C VAL C 552 6.29 38.96 5.55
N LEU C 553 6.70 39.35 6.76
CA LEU C 553 7.71 38.58 7.47
C LEU C 553 8.81 38.28 6.44
N ASP C 554 9.25 39.34 5.78
CA ASP C 554 10.30 39.30 4.76
C ASP C 554 10.19 38.18 3.73
N VAL C 555 9.06 37.46 3.72
CA VAL C 555 8.89 36.41 2.73
C VAL C 555 8.02 36.96 1.62
N ASN C 556 8.54 37.01 0.40
CA ASN C 556 7.77 37.54 -0.70
C ASN C 556 6.66 36.60 -1.18
N TYR C 557 5.66 36.39 -0.33
CA TYR C 557 4.51 35.53 -0.64
C TYR C 557 3.83 35.95 -1.95
N LEU C 558 3.72 37.25 -2.19
CA LEU C 558 3.05 37.75 -3.38
C LEU C 558 3.54 37.15 -4.69
N GLN C 559 4.70 36.51 -4.69
CA GLN C 559 5.12 35.90 -5.93
C GLN C 559 5.42 34.43 -5.71
N ARG C 560 5.86 34.10 -4.50
CA ARG C 560 6.16 32.72 -4.15
C ARG C 560 4.83 32.00 -3.90
N LEU C 561 3.76 32.52 -4.52
CA LEU C 561 2.41 31.97 -4.40
C LEU C 561 1.47 32.40 -5.53
N GLU C 562 1.91 33.29 -6.41
CA GLU C 562 1.06 33.72 -7.52
C GLU C 562 1.83 34.18 -8.74
N LEU C 563 3.16 34.23 -8.62
CA LEU C 563 4.00 34.61 -9.75
C LEU C 563 5.22 33.69 -9.80
N ASP C 564 4.99 32.42 -9.50
CA ASP C 564 6.02 31.41 -9.46
C ASP C 564 7.11 31.64 -10.50
N TYR C 565 6.73 32.16 -11.66
CA TYR C 565 7.73 32.44 -12.68
C TYR C 565 8.63 33.60 -12.26
N MET C 566 9.07 33.56 -11.01
CA MET C 566 9.95 34.57 -10.42
C MET C 566 10.68 33.97 -9.21
N PRO C 608 -30.23 24.64 7.30
CA PRO C 608 -31.51 25.32 7.55
C PRO C 608 -31.75 26.46 6.54
N PRO C 609 -31.75 26.12 5.24
CA PRO C 609 -31.95 27.01 4.08
C PRO C 609 -33.25 27.85 3.97
N GLU C 610 -33.73 28.39 5.09
CA GLU C 610 -34.92 29.24 5.07
C GLU C 610 -34.38 30.61 5.49
N ILE C 611 -33.22 30.57 6.12
CA ILE C 611 -32.54 31.77 6.59
C ILE C 611 -31.40 32.09 5.64
N VAL C 612 -31.16 31.16 4.70
CA VAL C 612 -30.10 31.30 3.71
C VAL C 612 -30.40 32.27 2.58
N GLU C 613 -31.46 32.01 1.84
CA GLU C 613 -31.82 32.89 0.73
C GLU C 613 -31.90 34.34 1.18
N LEU C 614 -31.80 34.56 2.49
CA LEU C 614 -31.86 35.92 3.02
C LEU C 614 -30.52 36.66 2.86
N LEU C 615 -29.43 35.98 3.19
CA LEU C 615 -28.09 36.55 3.07
C LEU C 615 -27.79 37.07 1.66
N LYS C 616 -28.53 36.58 0.67
CA LYS C 616 -28.34 36.98 -0.73
C LYS C 616 -28.78 38.42 -1.00
N VAL C 617 -29.30 39.07 0.04
CA VAL C 617 -29.75 40.45 -0.08
C VAL C 617 -29.67 41.20 1.25
N LEU C 618 -28.53 41.07 1.91
CA LEU C 618 -28.29 41.74 3.18
C LEU C 618 -26.84 42.22 3.22
N PRO C 619 -26.66 43.55 3.22
CA PRO C 619 -25.37 44.23 3.27
C PRO C 619 -24.24 43.34 3.74
N LYS C 620 -23.14 43.35 2.99
CA LYS C 620 -21.98 42.55 3.33
C LYS C 620 -21.65 42.65 4.81
N ARG C 621 -21.27 41.51 5.39
CA ARG C 621 -20.91 41.39 6.80
C ARG C 621 -19.82 42.36 7.26
N GLN C 622 -19.68 43.45 6.54
CA GLN C 622 -18.68 44.44 6.84
C GLN C 622 -19.26 45.82 6.96
N TYR C 623 -20.56 45.95 6.65
CA TYR C 623 -21.23 47.24 6.79
C TYR C 623 -21.67 47.28 8.25
N PHE C 624 -21.90 46.08 8.79
CA PHE C 624 -22.30 45.93 10.18
C PHE C 624 -21.16 45.27 10.96
N LYS C 625 -20.04 44.97 10.28
CA LYS C 625 -18.87 44.40 10.94
C LYS C 625 -18.50 45.51 11.91
N VAL C 626 -18.82 46.73 11.47
CA VAL C 626 -18.59 47.94 12.24
C VAL C 626 -18.77 47.56 13.70
N THR C 627 -19.89 46.90 13.99
CA THR C 627 -20.23 46.41 15.32
C THR C 627 -21.72 46.15 15.47
N ILE C 628 -22.04 45.07 16.17
CA ILE C 628 -23.42 44.70 16.42
C ILE C 628 -23.72 45.31 17.80
N PHE C 629 -24.99 45.58 18.07
CA PHE C 629 -25.37 46.14 19.36
C PHE C 629 -25.59 45.00 20.39
N GLU C 630 -25.69 43.75 19.90
CA GLU C 630 -25.86 42.57 20.75
C GLU C 630 -25.14 41.36 20.12
N ALA C 631 -25.05 40.24 20.83
CA ALA C 631 -24.35 39.08 20.28
C ALA C 631 -24.97 37.70 20.58
N HIS C 632 -24.36 36.99 21.52
CA HIS C 632 -24.82 35.67 21.89
C HIS C 632 -26.09 35.71 22.74
N ALA C 633 -26.28 36.81 23.46
CA ALA C 633 -27.48 36.97 24.29
C ALA C 633 -28.66 37.03 23.34
N PHE C 634 -28.37 37.29 22.08
CA PHE C 634 -29.40 37.37 21.06
C PHE C 634 -29.88 35.97 20.71
N SER C 635 -29.08 34.96 21.03
CA SER C 635 -29.43 33.56 20.75
C SER C 635 -30.37 32.98 21.80
N GLU C 636 -29.95 33.02 23.06
CA GLU C 636 -30.75 32.51 24.16
C GLU C 636 -31.96 33.41 24.39
N PHE C 637 -32.09 34.43 23.56
CA PHE C 637 -33.21 35.37 23.67
C PHE C 637 -34.39 34.94 22.82
N LEU C 638 -34.22 34.94 21.49
CA LEU C 638 -35.27 34.56 20.57
C LEU C 638 -35.62 33.07 20.68
N SER C 639 -34.76 32.33 21.38
CA SER C 639 -34.96 30.88 21.59
C SER C 639 -36.12 30.57 22.55
N ASP C 640 -36.11 31.20 23.73
CA ASP C 640 -37.18 30.99 24.70
C ASP C 640 -37.98 32.28 24.93
N LYS C 641 -38.69 32.71 23.89
CA LYS C 641 -39.50 33.93 23.93
C LYS C 641 -40.66 33.88 22.94
N GLU D 14 -28.19 14.32 -14.95
CA GLU D 14 -29.61 13.86 -14.84
C GLU D 14 -30.45 14.33 -16.02
N SER D 15 -31.70 14.69 -15.73
CA SER D 15 -32.64 15.15 -16.75
C SER D 15 -33.01 16.62 -16.49
N ASP D 16 -31.99 17.45 -16.23
CA ASP D 16 -32.18 18.89 -16.01
C ASP D 16 -31.12 19.68 -16.77
N VAL D 17 -29.89 19.15 -16.78
CA VAL D 17 -28.74 19.76 -17.46
C VAL D 17 -28.70 21.27 -17.29
N ILE D 18 -29.54 21.98 -18.05
CA ILE D 18 -29.63 23.43 -17.99
C ILE D 18 -29.52 23.87 -16.53
N GLY D 19 -29.97 23.01 -15.63
CA GLY D 19 -29.89 23.32 -14.22
C GLY D 19 -28.48 23.18 -13.69
N LYS D 20 -28.08 21.94 -13.39
CA LYS D 20 -26.76 21.67 -12.85
C LYS D 20 -25.63 22.35 -13.62
N LEU D 21 -25.92 22.76 -14.85
CA LEU D 21 -24.91 23.42 -15.65
C LEU D 21 -24.50 24.73 -14.95
N ASN D 22 -25.49 25.54 -14.56
CA ASN D 22 -25.24 26.82 -13.87
C ASN D 22 -24.61 26.68 -12.50
N ASP D 23 -24.87 25.57 -11.84
CA ASP D 23 -24.31 25.34 -10.51
C ASP D 23 -22.79 25.22 -10.58
N MET D 24 -22.25 25.29 -11.79
CA MET D 24 -20.80 25.20 -11.98
C MET D 24 -20.34 26.57 -12.44
N ILE D 25 -21.27 27.25 -13.10
CA ILE D 25 -21.05 28.58 -13.64
C ILE D 25 -21.46 29.61 -12.60
N GLU D 26 -21.48 29.21 -11.34
CA GLU D 26 -21.83 30.12 -10.27
C GLU D 26 -20.82 29.88 -9.18
N GLU D 27 -20.47 28.61 -9.01
CA GLU D 27 -19.50 28.23 -8.01
C GLU D 27 -18.18 28.05 -8.74
N GLN D 28 -17.98 28.90 -9.76
CA GLN D 28 -16.78 28.97 -10.63
C GLN D 28 -16.93 29.85 -11.90
N PRO D 29 -17.79 30.87 -11.86
CA PRO D 29 -18.10 31.81 -12.96
C PRO D 29 -16.99 32.33 -13.85
N THR D 30 -15.75 32.13 -13.45
CA THR D 30 -14.61 32.59 -14.22
C THR D 30 -14.42 31.76 -15.50
N ASP D 31 -14.62 30.45 -15.36
CA ASP D 31 -14.51 29.45 -16.42
C ASP D 31 -15.37 29.86 -17.64
N ILE D 32 -14.73 30.24 -18.74
CA ILE D 32 -15.46 30.65 -19.94
C ILE D 32 -16.19 29.52 -20.65
N PHE D 33 -15.52 28.40 -20.86
CA PHE D 33 -16.14 27.26 -21.55
C PHE D 33 -17.52 26.93 -21.00
N LEU D 34 -17.59 26.64 -19.71
CA LEU D 34 -18.87 26.31 -19.08
C LEU D 34 -20.02 27.13 -19.66
N TYR D 35 -19.78 28.40 -19.99
CA TYR D 35 -20.82 29.26 -20.56
C TYR D 35 -21.19 28.81 -21.97
N VAL D 36 -20.22 28.29 -22.70
CA VAL D 36 -20.47 27.83 -24.06
C VAL D 36 -21.39 26.61 -24.01
N LYS D 37 -21.11 25.68 -23.11
CA LYS D 37 -21.93 24.48 -22.95
C LYS D 37 -23.38 24.86 -22.72
N LEU D 38 -23.60 25.91 -21.92
CA LEU D 38 -24.96 26.37 -21.64
C LEU D 38 -25.53 27.07 -22.85
N LEU D 39 -24.64 27.48 -23.76
CA LEU D 39 -25.06 28.15 -24.98
C LEU D 39 -25.49 27.10 -25.99
N LYS D 40 -24.59 26.17 -26.27
CA LYS D 40 -24.86 25.09 -27.22
C LYS D 40 -26.14 24.35 -26.85
N HIS D 41 -26.56 24.48 -25.60
CA HIS D 41 -27.73 23.78 -25.08
C HIS D 41 -29.02 24.61 -24.94
N HIS D 42 -28.90 25.92 -24.94
CA HIS D 42 -30.07 26.78 -24.82
C HIS D 42 -30.55 27.05 -26.23
N VAL D 43 -29.69 26.80 -27.19
CA VAL D 43 -30.05 27.01 -28.58
C VAL D 43 -30.39 25.66 -29.19
N SER D 44 -29.71 24.60 -28.74
CA SER D 44 -30.00 23.26 -29.25
C SER D 44 -31.44 22.92 -28.87
N LEU D 45 -32.12 23.90 -28.29
CA LEU D 45 -33.51 23.77 -27.87
C LEU D 45 -34.19 25.06 -28.24
N LYS D 46 -33.44 25.95 -28.87
CA LYS D 46 -33.97 27.23 -29.30
C LYS D 46 -34.74 28.02 -28.25
N GLN D 47 -34.06 28.40 -27.16
CA GLN D 47 -34.66 29.18 -26.08
C GLN D 47 -33.97 30.52 -26.10
N TRP D 48 -34.44 31.42 -26.96
CA TRP D 48 -33.81 32.72 -27.08
C TRP D 48 -33.89 33.69 -25.91
N LYS D 49 -34.63 33.33 -24.87
CA LYS D 49 -34.70 34.20 -23.71
C LYS D 49 -33.46 33.99 -22.88
N GLN D 50 -33.06 32.73 -22.74
CA GLN D 50 -31.88 32.34 -21.98
C GLN D 50 -30.59 32.63 -22.76
N VAL D 51 -30.57 32.22 -24.03
CA VAL D 51 -29.39 32.43 -24.88
C VAL D 51 -28.83 33.85 -24.75
N TYR D 52 -29.71 34.82 -24.51
CA TYR D 52 -29.27 36.20 -24.36
C TYR D 52 -28.88 36.54 -22.93
N GLU D 53 -29.64 36.04 -21.95
CA GLU D 53 -29.32 36.30 -20.56
C GLU D 53 -28.00 35.62 -20.21
N THR D 54 -27.73 34.50 -20.88
CA THR D 54 -26.50 33.77 -20.64
C THR D 54 -25.34 34.48 -21.31
N PHE D 55 -25.62 35.14 -22.44
CA PHE D 55 -24.57 35.86 -23.16
C PHE D 55 -24.18 37.14 -22.43
N ASP D 56 -25.18 37.84 -21.89
CA ASP D 56 -24.90 39.08 -21.16
C ASP D 56 -24.21 38.73 -19.84
N LYS D 57 -24.63 37.63 -19.22
CA LYS D 57 -24.02 37.21 -17.97
C LYS D 57 -22.52 37.22 -18.21
N LEU D 58 -22.11 36.99 -19.47
CA LEU D 58 -20.69 37.00 -19.83
C LEU D 58 -20.18 38.43 -20.00
N HIS D 59 -20.56 39.10 -21.09
CA HIS D 59 -20.13 40.47 -21.36
C HIS D 59 -19.72 41.22 -20.10
N ASP D 60 -20.62 41.24 -19.13
CA ASP D 60 -20.37 41.93 -17.86
C ASP D 60 -19.05 41.57 -17.20
N ARG D 61 -18.65 40.31 -17.31
CA ARG D 61 -17.41 39.86 -16.71
C ARG D 61 -16.24 39.87 -17.68
N PHE D 62 -16.50 39.61 -18.97
CA PHE D 62 -15.45 39.57 -20.00
C PHE D 62 -15.76 40.48 -21.20
N PRO D 63 -16.02 41.76 -20.93
CA PRO D 63 -16.35 42.74 -21.97
C PRO D 63 -15.25 43.06 -22.96
N LEU D 64 -14.05 42.54 -22.75
CA LEU D 64 -12.98 42.85 -23.66
C LEU D 64 -12.59 41.67 -24.53
N MET D 65 -13.13 40.50 -24.18
CA MET D 65 -12.87 39.29 -24.96
C MET D 65 -13.57 39.52 -26.29
N ALA D 66 -12.86 40.14 -27.24
CA ALA D 66 -13.43 40.42 -28.54
C ALA D 66 -14.08 39.18 -29.17
N ASN D 67 -13.52 38.01 -28.92
CA ASN D 67 -14.07 36.79 -29.50
C ASN D 67 -15.45 36.43 -28.95
N ILE D 68 -15.66 36.59 -27.65
CA ILE D 68 -16.96 36.27 -27.08
C ILE D 68 -18.04 37.17 -27.68
N TRP D 69 -17.63 38.14 -28.49
CA TRP D 69 -18.58 39.02 -29.15
C TRP D 69 -18.71 38.47 -30.56
N CYS D 70 -17.57 38.03 -31.10
CA CYS D 70 -17.52 37.44 -32.44
C CYS D 70 -18.27 36.11 -32.41
N MET D 71 -18.47 35.57 -31.22
CA MET D 71 -19.20 34.33 -31.06
C MET D 71 -20.68 34.63 -31.10
N ARG D 72 -21.05 35.83 -30.65
CA ARG D 72 -22.46 36.25 -30.64
C ARG D 72 -22.87 36.81 -31.99
N LEU D 73 -21.89 37.27 -32.76
CA LEU D 73 -22.17 37.79 -34.08
C LEU D 73 -22.10 36.62 -35.06
N SER D 74 -21.66 35.47 -34.57
CA SER D 74 -21.55 34.25 -35.38
C SER D 74 -22.87 33.51 -35.42
N LEU D 75 -23.85 33.98 -34.65
CA LEU D 75 -25.17 33.35 -34.58
C LEU D 75 -26.27 34.17 -35.22
N GLU D 76 -25.97 35.42 -35.55
CA GLU D 76 -26.95 36.30 -36.20
C GLU D 76 -26.81 36.19 -37.72
N PHE D 77 -25.57 36.01 -38.17
CA PHE D 77 -25.26 35.90 -39.58
C PHE D 77 -25.53 34.49 -40.06
N ASP D 78 -25.64 33.55 -39.12
CA ASP D 78 -25.89 32.16 -39.46
C ASP D 78 -27.38 31.81 -39.47
N LYS D 79 -28.20 32.70 -38.92
CA LYS D 79 -29.65 32.48 -38.89
C LYS D 79 -30.37 33.55 -39.70
N GLU D 82 -31.17 34.48 -42.85
CA GLU D 82 -31.97 35.67 -42.63
C GLU D 82 -31.11 36.63 -41.83
N LEU D 83 -31.43 37.91 -41.87
CA LEU D 83 -30.67 38.91 -41.13
C LEU D 83 -31.56 39.95 -40.43
N ASP D 84 -31.65 39.83 -39.11
CA ASP D 84 -32.46 40.72 -38.26
C ASP D 84 -31.57 41.86 -37.73
N ALA D 85 -31.81 43.08 -38.21
CA ALA D 85 -31.00 44.25 -37.81
C ALA D 85 -31.44 45.03 -36.56
N ALA D 86 -32.67 44.82 -36.12
CA ALA D 86 -33.15 45.53 -34.94
C ALA D 86 -32.36 45.15 -33.69
N VAL D 87 -31.85 43.92 -33.63
CA VAL D 87 -31.09 43.45 -32.48
C VAL D 87 -29.59 43.62 -32.62
N ILE D 88 -29.07 43.45 -33.83
CA ILE D 88 -27.63 43.56 -34.05
C ILE D 88 -27.05 44.93 -33.70
N GLU D 89 -27.67 46.00 -34.17
CA GLU D 89 -27.16 47.35 -33.89
C GLU D 89 -27.00 47.68 -32.41
N PRO D 90 -27.93 47.22 -31.56
CA PRO D 90 -27.78 47.52 -30.14
C PRO D 90 -26.49 46.90 -29.56
N VAL D 91 -26.35 45.59 -29.75
CA VAL D 91 -25.18 44.85 -29.25
C VAL D 91 -23.85 45.35 -29.80
N LEU D 92 -23.86 45.90 -31.00
CA LEU D 92 -22.63 46.43 -31.59
C LEU D 92 -22.30 47.73 -30.91
N ALA D 93 -23.35 48.42 -30.49
CA ALA D 93 -23.20 49.69 -29.83
C ALA D 93 -22.50 49.52 -28.49
N ARG D 94 -22.38 48.26 -28.04
CA ARG D 94 -21.73 47.97 -26.78
C ARG D 94 -20.25 47.64 -26.96
N CYS D 95 -19.99 46.54 -27.66
CA CYS D 95 -18.63 46.06 -27.89
C CYS D 95 -17.69 47.03 -28.61
N LEU D 96 -18.25 48.02 -29.30
CA LEU D 96 -17.40 48.96 -30.01
C LEU D 96 -17.44 50.38 -29.42
N SER D 97 -18.06 50.52 -28.26
CA SER D 97 -18.19 51.81 -27.59
C SER D 97 -16.88 52.54 -27.33
N LYS D 98 -16.96 53.55 -26.48
CA LYS D 98 -15.83 54.37 -26.12
C LYS D 98 -14.99 53.78 -25.01
N GLU D 99 -15.65 53.16 -24.03
CA GLU D 99 -14.95 52.55 -22.90
C GLU D 99 -14.54 51.11 -23.22
N LEU D 100 -15.54 50.23 -23.24
CA LEU D 100 -15.28 48.83 -23.56
C LEU D 100 -14.94 48.73 -25.03
N GLY D 101 -14.53 49.84 -25.62
CA GLY D 101 -14.19 49.84 -27.03
C GLY D 101 -13.25 48.71 -27.37
N ASN D 102 -13.77 47.69 -28.05
CA ASN D 102 -12.97 46.53 -28.43
C ASN D 102 -12.34 46.73 -29.79
N ASN D 103 -11.02 46.60 -29.83
CA ASN D 103 -10.30 46.78 -31.06
C ASN D 103 -9.59 45.49 -31.40
N ASP D 104 -10.25 44.63 -32.17
CA ASP D 104 -9.68 43.35 -32.58
C ASP D 104 -10.03 43.10 -34.04
N LEU D 105 -9.00 43.02 -34.88
CA LEU D 105 -9.16 42.78 -36.32
C LEU D 105 -10.41 41.95 -36.60
N SER D 106 -10.46 40.76 -36.00
CA SER D 106 -11.59 39.85 -36.16
C SER D 106 -12.90 40.60 -36.02
N LEU D 107 -13.28 40.87 -34.78
CA LEU D 107 -14.52 41.58 -34.48
C LEU D 107 -14.76 42.67 -35.53
N TRP D 108 -13.69 43.34 -35.93
CA TRP D 108 -13.81 44.39 -36.93
C TRP D 108 -14.31 43.85 -38.26
N LEU D 109 -13.74 42.74 -38.73
CA LEU D 109 -14.20 42.21 -40.00
C LEU D 109 -15.63 41.70 -39.90
N SER D 110 -15.93 40.92 -38.86
CA SER D 110 -17.29 40.42 -38.69
C SER D 110 -18.19 41.63 -38.44
N TYR D 111 -17.59 42.80 -38.41
CA TYR D 111 -18.32 44.05 -38.22
C TYR D 111 -18.64 44.57 -39.59
N ILE D 112 -17.65 44.48 -40.48
CA ILE D 112 -17.87 44.94 -41.84
C ILE D 112 -18.73 43.93 -42.58
N THR D 113 -18.73 42.68 -42.09
CA THR D 113 -19.54 41.61 -42.67
C THR D 113 -20.99 42.08 -42.63
N TYR D 114 -21.31 42.85 -41.59
CA TYR D 114 -22.65 43.42 -41.37
C TYR D 114 -22.81 44.76 -42.07
N VAL D 115 -21.72 45.52 -42.18
CA VAL D 115 -21.76 46.82 -42.83
C VAL D 115 -22.14 46.62 -44.31
N ARG D 116 -21.49 45.65 -44.93
CA ARG D 116 -21.71 45.30 -46.33
C ARG D 116 -23.12 44.80 -46.66
N LYS D 117 -23.63 43.83 -45.89
CA LYS D 117 -24.96 43.28 -46.14
C LYS D 117 -26.10 44.27 -45.91
N LYS D 118 -25.85 45.35 -45.16
CA LYS D 118 -26.89 46.35 -44.88
C LYS D 118 -26.99 47.39 -45.99
N ASN D 119 -25.90 48.13 -46.19
CA ASN D 119 -25.86 49.14 -47.25
C ASN D 119 -25.48 48.43 -48.54
N ASP D 120 -26.40 48.35 -49.50
CA ASP D 120 -26.05 47.66 -50.73
C ASP D 120 -25.15 48.53 -51.61
N ILE D 121 -24.08 47.92 -52.13
CA ILE D 121 -23.10 48.58 -52.99
C ILE D 121 -23.60 48.97 -54.39
N ILE D 122 -24.61 48.25 -54.90
CA ILE D 122 -25.19 48.54 -56.21
C ILE D 122 -26.61 49.14 -56.08
N THR D 123 -27.26 48.89 -54.94
CA THR D 123 -28.60 49.43 -54.67
C THR D 123 -28.49 50.93 -54.46
N GLY D 124 -27.35 51.35 -53.92
CA GLY D 124 -27.09 52.77 -53.69
C GLY D 124 -26.00 53.24 -54.62
N GLY D 125 -25.01 52.37 -54.84
CA GLY D 125 -23.90 52.69 -55.72
C GLY D 125 -23.20 54.01 -55.46
N GLU D 126 -23.65 54.73 -54.43
CA GLU D 126 -23.06 56.01 -54.10
C GLU D 126 -23.00 56.20 -52.58
N GLU D 127 -24.07 56.73 -52.01
CA GLU D 127 -24.14 56.95 -50.57
C GLU D 127 -24.15 55.61 -49.83
N ALA D 128 -24.92 54.66 -50.37
CA ALA D 128 -25.01 53.34 -49.78
C ALA D 128 -23.72 52.58 -50.04
N ARG D 129 -22.73 53.28 -50.60
CA ARG D 129 -21.44 52.68 -50.90
C ARG D 129 -20.30 53.38 -50.15
N ASN D 130 -20.53 54.62 -49.73
CA ASN D 130 -19.52 55.35 -48.98
C ASN D 130 -19.51 54.84 -47.56
N ILE D 131 -20.68 54.38 -47.09
CA ILE D 131 -20.81 53.85 -45.74
C ILE D 131 -19.93 52.60 -45.60
N VAL D 132 -19.68 51.93 -46.72
CA VAL D 132 -18.86 50.72 -46.73
C VAL D 132 -17.38 51.07 -46.66
N ILE D 133 -17.00 52.18 -47.31
CA ILE D 133 -15.61 52.62 -47.29
C ILE D 133 -15.29 53.24 -45.92
N GLN D 134 -16.30 53.87 -45.32
CA GLN D 134 -16.16 54.51 -44.02
C GLN D 134 -15.90 53.46 -42.95
N ALA D 135 -16.42 52.27 -43.19
CA ALA D 135 -16.25 51.15 -42.27
C ALA D 135 -14.88 50.55 -42.52
N PHE D 136 -14.50 50.44 -43.79
CA PHE D 136 -13.20 49.89 -44.16
C PHE D 136 -12.05 50.79 -43.70
N GLN D 137 -12.30 52.10 -43.74
CA GLN D 137 -11.30 53.09 -43.34
C GLN D 137 -11.14 53.15 -41.83
N VAL D 138 -12.24 53.36 -41.11
CA VAL D 138 -12.18 53.43 -39.67
C VAL D 138 -11.34 52.29 -39.09
N VAL D 139 -11.51 51.08 -39.61
CA VAL D 139 -10.73 49.97 -39.08
C VAL D 139 -9.29 50.12 -39.50
N VAL D 140 -9.05 50.85 -40.59
CA VAL D 140 -7.69 51.08 -41.09
C VAL D 140 -6.96 51.99 -40.11
N ASP D 141 -7.70 52.91 -39.51
CA ASP D 141 -7.13 53.84 -38.54
C ASP D 141 -7.03 53.09 -37.21
N LYS D 142 -8.20 52.82 -36.63
CA LYS D 142 -8.33 52.13 -35.35
C LYS D 142 -7.61 50.79 -35.20
N CYS D 143 -7.14 50.21 -36.31
CA CYS D 143 -6.46 48.92 -36.24
C CYS D 143 -5.62 48.69 -37.48
N ALA D 144 -5.61 47.46 -37.96
CA ALA D 144 -4.87 47.10 -39.17
C ALA D 144 -3.44 47.60 -39.17
N ILE D 145 -3.28 48.88 -39.52
CA ILE D 145 -1.97 49.51 -39.58
C ILE D 145 -1.09 49.16 -38.38
N PHE D 146 -1.70 48.66 -37.31
CA PHE D 146 -0.97 48.27 -36.11
C PHE D 146 -0.74 46.76 -36.14
N GLU D 147 -1.84 46.05 -36.34
CA GLU D 147 -1.83 44.60 -36.40
C GLU D 147 -0.92 44.13 -37.54
N PRO D 148 0.16 43.41 -37.21
CA PRO D 148 1.12 42.88 -38.18
C PRO D 148 0.57 41.71 -39.00
N LYS D 149 -0.26 40.88 -38.38
CA LYS D 149 -0.86 39.75 -39.08
C LYS D 149 -2.29 40.12 -39.50
N SER D 150 -2.38 40.97 -40.52
CA SER D 150 -3.68 41.43 -41.00
C SER D 150 -3.90 41.23 -42.50
N ILE D 151 -2.97 40.57 -43.18
CA ILE D 151 -3.10 40.33 -44.63
C ILE D 151 -4.56 40.12 -45.02
N GLN D 152 -5.23 39.27 -44.25
CA GLN D 152 -6.65 38.98 -44.46
C GLN D 152 -7.40 40.28 -44.74
N PHE D 153 -7.73 41.00 -43.68
CA PHE D 153 -8.45 42.25 -43.80
C PHE D 153 -8.00 43.06 -45.01
N TRP D 154 -6.79 43.62 -44.92
CA TRP D 154 -6.25 44.43 -45.99
C TRP D 154 -6.72 43.98 -47.36
N ASN D 155 -6.49 42.71 -47.67
CA ASN D 155 -6.91 42.18 -48.95
C ASN D 155 -8.40 42.36 -49.20
N GLU D 156 -9.22 42.15 -48.18
CA GLU D 156 -10.66 42.30 -48.32
C GLU D 156 -11.02 43.75 -48.64
N TYR D 157 -10.09 44.65 -48.39
CA TYR D 157 -10.28 46.08 -48.62
C TYR D 157 -9.72 46.51 -49.97
N LEU D 158 -8.70 45.81 -50.43
CA LEU D 158 -8.10 46.11 -51.72
C LEU D 158 -9.00 45.50 -52.79
N HIS D 159 -9.61 44.36 -52.47
CA HIS D 159 -10.54 43.67 -53.38
C HIS D 159 -11.74 44.57 -53.58
N PHE D 160 -12.18 45.20 -52.49
CA PHE D 160 -13.33 46.09 -52.54
C PHE D 160 -13.12 47.23 -53.54
N LEU D 161 -11.92 47.80 -53.57
CA LEU D 161 -11.65 48.88 -54.50
C LEU D 161 -11.42 48.44 -55.94
N GLU D 162 -10.87 47.24 -56.14
CA GLU D 162 -10.64 46.75 -57.51
C GLU D 162 -11.96 46.27 -58.10
N HIS D 163 -12.93 46.02 -57.22
CA HIS D 163 -14.26 45.54 -57.56
C HIS D 163 -15.16 46.71 -57.94
N TRP D 164 -14.87 47.88 -57.39
CA TRP D 164 -15.65 49.08 -57.66
C TRP D 164 -15.63 49.41 -59.15
N LYS D 165 -16.79 49.79 -59.69
CA LYS D 165 -16.94 50.13 -61.10
C LYS D 165 -17.09 51.64 -61.29
N PRO D 166 -16.07 52.31 -61.88
CA PRO D 166 -16.11 53.76 -62.12
C PRO D 166 -17.42 54.18 -62.80
N VAL D 167 -17.93 55.35 -62.46
CA VAL D 167 -19.20 55.82 -63.04
C VAL D 167 -19.06 57.10 -63.85
N ASN D 168 -17.98 57.85 -63.63
CA ASN D 168 -17.77 59.09 -64.36
C ASN D 168 -16.36 59.68 -64.19
N LYS D 169 -16.27 61.02 -64.27
CA LYS D 169 -15.00 61.73 -64.17
C LYS D 169 -14.40 61.84 -62.78
N PHE D 170 -15.23 61.93 -61.74
CA PHE D 170 -14.70 62.03 -60.40
C PHE D 170 -14.63 60.67 -59.70
N GLU D 171 -15.57 59.78 -60.02
CA GLU D 171 -15.56 58.43 -59.42
C GLU D 171 -14.41 57.63 -60.01
N GLU D 172 -13.36 58.35 -60.42
CA GLU D 172 -12.16 57.75 -61.01
C GLU D 172 -10.90 58.44 -60.49
N GLN D 173 -10.92 59.77 -60.42
CA GLN D 173 -9.78 60.50 -59.88
C GLN D 173 -9.82 60.22 -58.38
N GLN D 174 -10.93 59.65 -57.94
CA GLN D 174 -11.14 59.31 -56.54
C GLN D 174 -10.68 57.88 -56.28
N ARG D 175 -11.08 56.96 -57.15
CA ARG D 175 -10.71 55.57 -57.02
C ARG D 175 -9.20 55.34 -56.93
N VAL D 176 -8.44 56.07 -57.77
CA VAL D 176 -6.99 55.93 -57.79
C VAL D 176 -6.29 56.50 -56.54
N GLN D 177 -6.88 57.51 -55.92
CA GLN D 177 -6.27 58.06 -54.72
C GLN D 177 -6.49 57.10 -53.56
N TYR D 178 -7.70 56.54 -53.50
CA TYR D 178 -8.04 55.59 -52.45
C TYR D 178 -7.10 54.38 -52.50
N ILE D 179 -6.90 53.86 -53.70
CA ILE D 179 -6.02 52.71 -53.91
C ILE D 179 -4.58 53.07 -53.51
N ARG D 180 -4.11 54.24 -53.96
CA ARG D 180 -2.77 54.70 -53.65
C ARG D 180 -2.65 55.05 -52.17
N LYS D 181 -3.68 55.68 -51.62
CA LYS D 181 -3.69 56.03 -50.21
C LYS D 181 -3.67 54.75 -49.40
N LEU D 182 -4.33 53.72 -49.93
CA LEU D 182 -4.39 52.42 -49.28
C LEU D 182 -3.08 51.66 -49.47
N TYR D 183 -2.52 51.71 -50.67
CA TYR D 183 -1.27 51.03 -50.94
C TYR D 183 -0.12 51.66 -50.16
N LYS D 184 -0.26 52.95 -49.83
CA LYS D 184 0.78 53.66 -49.08
C LYS D 184 0.68 53.46 -47.57
N THR D 185 -0.53 53.55 -47.01
CA THR D 185 -0.73 53.39 -45.58
C THR D 185 -0.30 52.01 -45.06
N LEU D 186 -0.29 51.04 -45.96
CA LEU D 186 0.07 49.68 -45.58
C LEU D 186 1.52 49.28 -45.84
N LEU D 187 2.16 49.94 -46.80
CA LEU D 187 3.55 49.62 -47.12
C LEU D 187 4.54 50.24 -46.15
N CYS D 188 4.03 50.97 -45.16
CA CYS D 188 4.87 51.64 -44.16
C CYS D 188 4.95 50.88 -42.85
N GLN D 189 3.96 50.05 -42.58
CA GLN D 189 3.91 49.27 -41.35
C GLN D 189 4.37 47.85 -41.63
N PRO D 190 4.97 47.19 -40.64
CA PRO D 190 5.46 45.81 -40.80
C PRO D 190 4.31 44.81 -40.93
N MET D 191 3.90 44.52 -42.17
CA MET D 191 2.79 43.59 -42.40
C MET D 191 3.31 42.17 -42.58
N ASP D 192 2.36 41.23 -42.66
CA ASP D 192 2.69 39.83 -42.86
C ASP D 192 2.59 39.57 -44.36
N CYS D 193 2.17 40.59 -45.07
CA CYS D 193 2.00 40.55 -46.51
C CYS D 193 2.85 41.61 -47.18
N LEU D 194 3.75 42.23 -46.41
CA LEU D 194 4.62 43.30 -46.92
C LEU D 194 5.02 43.24 -48.40
N GLU D 195 5.69 42.15 -48.79
CA GLU D 195 6.11 42.01 -50.18
C GLU D 195 5.04 41.42 -51.08
N SER D 196 4.04 40.80 -50.46
CA SER D 196 2.93 40.19 -51.20
C SER D 196 2.08 41.30 -51.80
N MET D 197 2.20 42.50 -51.25
CA MET D 197 1.44 43.66 -51.69
C MET D 197 2.35 44.59 -52.49
N TRP D 198 3.65 44.41 -52.27
CA TRP D 198 4.67 45.20 -52.95
C TRP D 198 4.64 44.81 -54.43
N GLN D 199 4.76 43.51 -54.71
CA GLN D 199 4.73 43.03 -56.09
C GLN D 199 3.46 43.50 -56.78
N ARG D 200 2.37 43.56 -56.01
CA ARG D 200 1.09 44.00 -56.55
C ARG D 200 0.99 45.52 -56.66
N TYR D 201 1.84 46.22 -55.92
CA TYR D 201 1.83 47.69 -55.96
C TYR D 201 2.66 48.26 -57.11
N THR D 202 3.94 47.88 -57.15
CA THR D 202 4.85 48.35 -58.18
C THR D 202 4.29 48.20 -59.60
N GLN D 203 3.52 47.14 -59.82
CA GLN D 203 2.91 46.87 -61.12
C GLN D 203 1.73 47.81 -61.37
N TRP D 204 1.14 48.30 -60.27
CA TRP D 204 0.00 49.19 -60.35
C TRP D 204 0.39 50.60 -60.74
N GLU D 205 1.49 51.07 -60.14
CA GLU D 205 1.98 52.41 -60.43
C GLU D 205 2.17 52.61 -61.94
N GLN D 206 2.41 51.50 -62.63
CA GLN D 206 2.62 51.53 -64.08
C GLN D 206 1.30 51.45 -64.83
N ASP D 207 0.50 50.44 -64.50
CA ASP D 207 -0.79 50.28 -65.17
C ASP D 207 -1.63 51.55 -65.19
N VAL D 208 -1.39 52.45 -64.26
CA VAL D 208 -2.15 53.70 -64.21
C VAL D 208 -1.40 54.83 -64.89
N ASN D 209 -0.12 54.97 -64.56
CA ASN D 209 0.73 56.02 -65.12
C ASN D 209 2.17 55.51 -65.13
N GLN D 210 2.51 54.67 -66.10
CA GLN D 210 3.84 54.06 -66.23
C GLN D 210 5.00 55.06 -66.24
N LEU D 211 4.69 56.35 -66.37
CA LEU D 211 5.71 57.41 -66.38
C LEU D 211 6.16 57.79 -64.96
N THR D 212 5.19 58.22 -64.15
CA THR D 212 5.45 58.64 -62.77
C THR D 212 5.41 57.53 -61.73
N ALA D 213 5.43 56.27 -62.19
CA ALA D 213 5.40 55.13 -61.27
C ALA D 213 6.76 55.04 -60.60
N ARG D 214 7.79 55.39 -61.37
CA ARG D 214 9.18 55.38 -60.94
C ARG D 214 9.41 56.42 -59.84
N ARG D 215 8.63 57.49 -59.91
CA ARG D 215 8.70 58.59 -58.95
C ARG D 215 7.83 58.36 -57.70
N HIS D 216 6.89 57.43 -57.79
CA HIS D 216 6.03 57.15 -56.66
C HIS D 216 6.62 55.99 -55.86
N ILE D 217 7.04 54.95 -56.58
CA ILE D 217 7.65 53.79 -55.95
C ILE D 217 9.06 54.18 -55.48
N GLY D 218 9.54 55.29 -56.04
CA GLY D 218 10.86 55.79 -55.70
C GLY D 218 10.77 56.66 -54.47
N GLU D 219 9.74 56.42 -53.67
CA GLU D 219 9.50 57.16 -52.44
C GLU D 219 9.13 56.14 -51.39
N LEU D 220 8.13 55.33 -51.72
CA LEU D 220 7.64 54.29 -50.82
C LEU D 220 8.64 53.17 -50.67
N SER D 221 9.79 53.30 -51.33
CA SER D 221 10.81 52.28 -51.24
C SER D 221 11.57 52.39 -49.91
N ALA D 222 12.04 53.59 -49.58
CA ALA D 222 12.76 53.79 -48.32
C ALA D 222 11.87 53.35 -47.17
N GLN D 223 10.64 53.87 -47.17
CA GLN D 223 9.66 53.55 -46.15
C GLN D 223 9.35 52.06 -46.15
N TYR D 224 9.13 51.50 -47.33
CA TYR D 224 8.82 50.09 -47.45
C TYR D 224 9.88 49.20 -46.83
N MET D 225 11.12 49.38 -47.25
CA MET D 225 12.23 48.60 -46.71
C MET D 225 12.18 48.63 -45.19
N ASN D 226 12.19 49.83 -44.63
CA ASN D 226 12.17 50.05 -43.19
C ASN D 226 11.02 49.30 -42.53
N ALA D 227 10.07 48.85 -43.35
CA ALA D 227 8.90 48.12 -42.85
C ALA D 227 9.16 46.63 -42.84
N ARG D 228 9.84 46.14 -43.87
CA ARG D 228 10.15 44.73 -43.93
C ARG D 228 10.98 44.36 -42.73
N SER D 229 12.23 44.84 -42.71
CA SER D 229 13.16 44.54 -41.62
C SER D 229 12.49 44.50 -40.24
N LEU D 230 11.63 45.48 -39.96
CA LEU D 230 10.93 45.53 -38.68
C LEU D 230 10.10 44.27 -38.49
N TYR D 231 9.27 43.97 -39.47
CA TYR D 231 8.42 42.80 -39.39
C TYR D 231 9.23 41.53 -39.15
N GLN D 232 10.44 41.48 -39.69
CA GLN D 232 11.32 40.32 -39.53
C GLN D 232 11.71 40.12 -38.07
N ASP D 233 12.06 41.20 -37.42
CA ASP D 233 12.43 41.15 -36.02
C ASP D 233 11.15 40.83 -35.25
N TRP D 234 10.02 41.34 -35.76
CA TRP D 234 8.72 41.08 -35.14
C TRP D 234 8.53 39.57 -35.16
N LEU D 235 8.77 38.99 -36.33
CA LEU D 235 8.64 37.56 -36.52
C LEU D 235 9.52 36.87 -35.48
N ASN D 236 10.72 37.40 -35.29
CA ASN D 236 11.67 36.85 -34.33
C ASN D 236 11.05 36.84 -32.93
N ILE D 237 10.70 38.03 -32.45
CA ILE D 237 10.10 38.18 -31.13
C ILE D 237 8.79 37.44 -30.98
N THR D 238 7.98 37.45 -32.03
CA THR D 238 6.71 36.75 -32.02
C THR D 238 7.00 35.29 -31.66
N LYS D 239 7.46 34.51 -32.64
CA LYS D 239 7.79 33.10 -32.45
C LYS D 239 6.56 32.27 -32.12
N GLY D 240 6.64 31.49 -31.04
CA GLY D 240 5.53 30.64 -30.66
C GLY D 240 4.26 31.36 -30.20
N LEU D 241 3.97 32.51 -30.79
CA LEU D 241 2.79 33.31 -30.43
C LEU D 241 1.49 32.62 -30.82
N LYS D 242 0.85 31.99 -29.83
CA LYS D 242 -0.39 31.27 -30.06
C LYS D 242 -1.61 32.19 -29.95
N ARG D 243 -2.28 32.42 -31.07
CA ARG D 243 -3.46 33.25 -31.08
C ARG D 243 -4.64 32.52 -31.72
N ASN D 244 -5.25 31.63 -30.95
CA ASN D 244 -6.38 30.83 -31.41
C ASN D 244 -7.56 30.85 -30.44
N LEU D 245 -8.42 31.85 -30.53
CA LEU D 245 -9.59 31.90 -29.66
C LEU D 245 -10.83 31.60 -30.47
N PRO D 246 -11.78 30.87 -29.88
CA PRO D 246 -13.02 30.49 -30.55
C PRO D 246 -13.84 31.65 -31.07
N ILE D 247 -13.61 32.04 -32.31
CA ILE D 247 -14.36 33.15 -32.88
C ILE D 247 -15.86 32.84 -33.01
N THR D 248 -16.19 31.57 -33.24
CA THR D 248 -17.59 31.14 -33.41
C THR D 248 -18.07 30.18 -32.31
N LEU D 249 -19.33 30.34 -31.93
CA LEU D 249 -19.91 29.51 -30.89
C LEU D 249 -19.86 28.05 -31.27
N ASN D 250 -19.52 27.78 -32.53
CA ASN D 250 -19.44 26.41 -33.00
C ASN D 250 -18.00 25.89 -32.89
N GLN D 251 -17.11 26.75 -32.41
CA GLN D 251 -15.70 26.35 -32.28
C GLN D 251 -15.21 26.27 -30.86
N ALA D 252 -15.98 26.79 -29.92
CA ALA D 252 -15.58 26.79 -28.53
C ALA D 252 -15.40 25.40 -27.93
N THR D 253 -14.17 24.91 -27.93
CA THR D 253 -13.87 23.59 -27.38
C THR D 253 -13.28 23.76 -25.99
N GLU D 254 -13.35 22.70 -25.18
CA GLU D 254 -12.80 22.76 -23.84
C GLU D 254 -11.29 22.95 -23.92
N SER D 255 -10.79 23.10 -25.15
CA SER D 255 -9.37 23.26 -25.38
C SER D 255 -8.91 24.71 -25.48
N ASN D 256 -9.24 25.36 -26.58
CA ASN D 256 -8.85 26.75 -26.82
C ASN D 256 -9.21 27.72 -25.70
N LEU D 257 -10.41 27.59 -25.12
CA LEU D 257 -10.82 28.47 -24.03
C LEU D 257 -10.05 28.17 -22.75
N PRO D 258 -9.44 29.20 -22.15
CA PRO D 258 -8.68 28.99 -20.92
C PRO D 258 -9.53 28.72 -19.69
N LYS D 259 -9.03 27.84 -18.83
CA LYS D 259 -9.71 27.47 -17.59
C LYS D 259 -9.35 28.53 -16.54
N PRO D 260 -10.14 28.62 -15.47
CA PRO D 260 -9.88 29.61 -14.42
C PRO D 260 -8.41 29.76 -14.01
N ASN D 261 -7.93 31.00 -13.99
CA ASN D 261 -6.56 31.27 -13.58
C ASN D 261 -5.51 30.68 -14.49
N GLU D 262 -5.95 29.90 -15.47
CA GLU D 262 -5.03 29.24 -16.39
C GLU D 262 -4.53 30.16 -17.50
N TYR D 263 -3.22 30.09 -17.77
CA TYR D 263 -2.58 30.86 -18.82
C TYR D 263 -1.18 30.31 -19.01
N ASP D 264 -0.65 30.41 -20.23
CA ASP D 264 0.69 29.91 -20.50
C ASP D 264 1.79 30.93 -20.24
N VAL D 265 2.57 30.68 -19.19
CA VAL D 265 3.66 31.55 -18.82
C VAL D 265 4.47 31.87 -20.07
N GLN D 266 4.88 30.84 -20.79
CA GLN D 266 5.65 31.02 -22.00
C GLN D 266 4.94 31.99 -22.95
N GLN D 267 3.60 31.94 -22.91
CA GLN D 267 2.78 32.80 -23.76
C GLN D 267 2.82 34.26 -23.35
N LEU D 268 2.56 34.52 -22.08
CA LEU D 268 2.61 35.87 -21.56
C LEU D 268 3.98 36.44 -21.92
N LEU D 269 5.02 35.85 -21.33
CA LEU D 269 6.40 36.23 -21.53
C LEU D 269 6.66 36.70 -22.95
N ILE D 270 6.08 36.04 -23.92
CA ILE D 270 6.31 36.48 -25.30
C ILE D 270 5.55 37.76 -25.53
N TRP D 271 4.32 37.80 -25.04
CA TRP D 271 3.51 38.99 -25.19
C TRP D 271 4.20 40.21 -24.62
N LEU D 272 4.78 40.04 -23.43
CA LEU D 272 5.48 41.14 -22.76
C LEU D 272 6.74 41.53 -23.51
N GLU D 273 7.20 40.66 -24.40
CA GLU D 273 8.37 40.95 -25.20
C GLU D 273 7.87 41.78 -26.39
N TRP D 274 6.83 41.30 -27.05
CA TRP D 274 6.27 42.05 -28.17
C TRP D 274 5.91 43.45 -27.68
N ILE D 275 5.16 43.52 -26.58
CA ILE D 275 4.74 44.80 -26.03
C ILE D 275 5.91 45.76 -25.92
N ARG D 276 7.02 45.27 -25.37
CA ARG D 276 8.19 46.11 -25.23
C ARG D 276 8.61 46.62 -26.59
N TRP D 277 9.04 45.69 -27.43
CA TRP D 277 9.48 46.01 -28.77
C TRP D 277 8.62 47.12 -29.40
N GLU D 278 7.37 47.21 -28.96
CA GLU D 278 6.47 48.22 -29.48
C GLU D 278 6.69 49.59 -28.85
N SER D 279 7.13 49.61 -27.60
CA SER D 279 7.35 50.88 -26.90
C SER D 279 8.47 51.70 -27.51
N ASP D 280 9.55 51.03 -27.89
CA ASP D 280 10.68 51.71 -28.49
C ASP D 280 10.27 52.50 -29.71
N ASN D 281 8.98 52.46 -30.04
CA ASN D 281 8.43 53.15 -31.20
C ASN D 281 9.46 53.28 -32.30
N LYS D 282 9.97 52.13 -32.77
CA LYS D 282 10.97 52.13 -33.83
C LYS D 282 10.44 52.70 -35.15
N LEU D 283 9.13 52.86 -35.25
CA LEU D 283 8.50 53.37 -36.44
C LEU D 283 8.47 54.90 -36.45
N GLU D 284 8.56 55.50 -35.26
CA GLU D 284 8.55 56.95 -35.11
C GLU D 284 7.16 57.50 -35.41
N LEU D 285 6.15 56.98 -34.72
CA LEU D 285 4.77 57.44 -34.92
C LEU D 285 4.48 58.60 -33.99
N SER D 286 3.41 59.34 -34.26
CA SER D 286 3.07 60.46 -33.40
C SER D 286 2.81 59.91 -32.01
N ASP D 287 2.84 60.77 -31.01
CA ASP D 287 2.60 60.34 -29.65
C ASP D 287 1.17 59.86 -29.53
N ASP D 288 0.30 60.40 -30.39
CA ASP D 288 -1.11 60.03 -30.41
C ASP D 288 -1.28 58.63 -30.99
N LEU D 289 -0.61 58.37 -32.10
CA LEU D 289 -0.67 57.07 -32.75
C LEU D 289 0.03 56.03 -31.87
N HIS D 290 1.30 56.29 -31.56
CA HIS D 290 2.07 55.38 -30.72
C HIS D 290 1.27 55.00 -29.47
N LYS D 291 0.36 55.88 -29.09
CA LYS D 291 -0.51 55.65 -27.94
C LYS D 291 -1.57 54.62 -28.34
N ALA D 292 -2.29 54.87 -29.43
CA ALA D 292 -3.34 53.97 -29.91
C ALA D 292 -2.79 52.59 -30.28
N ARG D 293 -1.57 52.58 -30.82
CA ARG D 293 -0.92 51.32 -31.20
C ARG D 293 -0.54 50.53 -29.95
N MET D 294 0.20 51.17 -29.04
CA MET D 294 0.60 50.54 -27.80
C MET D 294 -0.62 49.96 -27.10
N THR D 295 -1.69 50.75 -27.06
CA THR D 295 -2.93 50.33 -26.43
C THR D 295 -3.41 49.09 -27.15
N TYR D 296 -3.48 49.15 -28.48
CA TYR D 296 -3.93 48.01 -29.27
C TYR D 296 -3.24 46.71 -28.88
N VAL D 297 -1.91 46.67 -29.04
CA VAL D 297 -1.14 45.47 -28.69
C VAL D 297 -1.43 45.04 -27.26
N TYR D 298 -1.77 46.00 -26.40
CA TYR D 298 -2.09 45.66 -25.03
C TYR D 298 -3.43 44.94 -24.93
N MET D 299 -4.43 45.40 -25.68
CA MET D 299 -5.75 44.75 -25.67
C MET D 299 -5.56 43.28 -26.00
N GLN D 300 -5.05 43.03 -27.21
CA GLN D 300 -4.80 41.66 -27.68
C GLN D 300 -4.21 40.88 -26.53
N ALA D 301 -3.11 41.41 -26.00
CA ALA D 301 -2.42 40.78 -24.88
C ALA D 301 -3.39 40.25 -23.84
N ALA D 302 -4.14 41.16 -23.23
CA ALA D 302 -5.12 40.81 -22.19
C ALA D 302 -6.16 39.81 -22.66
N GLN D 303 -6.57 39.93 -23.91
CA GLN D 303 -7.56 39.02 -24.44
C GLN D 303 -7.04 37.59 -24.32
N HIS D 304 -5.84 37.36 -24.84
CA HIS D 304 -5.24 36.03 -24.83
C HIS D 304 -4.65 35.44 -23.56
N VAL D 305 -4.17 36.28 -22.64
CA VAL D 305 -3.66 35.78 -21.37
C VAL D 305 -4.55 36.36 -20.28
N CYS D 306 -5.83 36.52 -20.60
CA CYS D 306 -6.80 37.09 -19.68
C CYS D 306 -6.66 36.65 -18.23
N PHE D 307 -6.06 35.49 -17.98
CA PHE D 307 -5.93 35.07 -16.59
C PHE D 307 -4.56 35.27 -15.97
N ALA D 308 -3.67 35.92 -16.71
CA ALA D 308 -2.32 36.22 -16.23
C ALA D 308 -2.37 37.61 -15.63
N PRO D 309 -2.56 37.70 -14.30
CA PRO D 309 -2.63 39.02 -13.68
C PRO D 309 -1.64 40.07 -14.21
N GLU D 310 -0.38 39.68 -14.34
CA GLU D 310 0.65 40.61 -14.82
C GLU D 310 0.26 41.46 -16.03
N ILE D 311 -0.58 40.91 -16.90
CA ILE D 311 -0.96 41.63 -18.09
C ILE D 311 -1.88 42.80 -17.79
N TRP D 312 -2.72 42.68 -16.77
CA TRP D 312 -3.61 43.78 -16.46
C TRP D 312 -2.88 44.86 -15.66
N PHE D 313 -1.79 44.47 -15.00
CA PHE D 313 -0.98 45.42 -14.23
C PHE D 313 -0.31 46.33 -15.23
N ASN D 314 0.59 45.72 -16.00
CA ASN D 314 1.34 46.44 -17.02
C ASN D 314 0.47 47.17 -18.05
N MET D 315 -0.82 46.81 -18.15
CA MET D 315 -1.67 47.51 -19.10
C MET D 315 -2.29 48.70 -18.38
N ALA D 316 -2.84 48.45 -17.20
CA ALA D 316 -3.46 49.50 -16.41
C ALA D 316 -2.47 50.63 -16.19
N ASN D 317 -1.44 50.35 -15.41
CA ASN D 317 -0.45 51.37 -15.12
C ASN D 317 -0.04 52.09 -16.38
N TYR D 318 0.39 51.35 -17.40
CA TYR D 318 0.77 52.02 -18.63
C TYR D 318 -0.35 52.98 -18.99
N GLN D 319 -1.52 52.44 -19.27
CA GLN D 319 -2.67 53.24 -19.65
C GLN D 319 -2.84 54.55 -18.90
N GLY D 320 -2.85 54.48 -17.57
CA GLY D 320 -3.01 55.68 -16.77
C GLY D 320 -1.86 56.66 -16.97
N GLU D 321 -0.65 56.17 -16.74
CA GLU D 321 0.56 56.95 -16.91
C GLU D 321 0.47 57.88 -18.12
N LYS D 322 0.28 57.29 -19.29
CA LYS D 322 0.19 58.00 -20.58
C LYS D 322 -0.88 59.09 -20.69
N ASN D 323 -1.34 59.62 -19.57
CA ASN D 323 -2.36 60.68 -19.58
C ASN D 323 -2.83 61.01 -18.18
N THR D 324 -4.06 61.49 -18.10
CA THR D 324 -4.67 61.86 -16.83
C THR D 324 -5.89 60.99 -16.57
N ASP D 325 -6.86 61.56 -15.86
CA ASP D 325 -8.08 60.85 -15.50
C ASP D 325 -7.69 59.76 -14.50
N SER D 326 -7.81 60.07 -13.22
CA SER D 326 -7.45 59.12 -12.16
C SER D 326 -8.34 57.88 -12.14
N THR D 327 -9.26 57.81 -13.10
CA THR D 327 -10.19 56.71 -13.20
C THR D 327 -9.72 55.63 -14.18
N VAL D 328 -8.85 56.04 -15.11
CA VAL D 328 -8.33 55.15 -16.12
C VAL D 328 -7.74 53.87 -15.58
N ILE D 329 -6.84 53.96 -14.60
CA ILE D 329 -6.25 52.76 -14.05
C ILE D 329 -7.26 51.89 -13.33
N THR D 330 -7.98 52.48 -12.39
CA THR D 330 -8.96 51.74 -11.62
C THR D 330 -9.92 51.02 -12.53
N LYS D 331 -10.27 51.64 -13.64
CA LYS D 331 -11.19 51.04 -14.63
C LYS D 331 -10.67 49.69 -15.15
N TYR D 332 -9.53 49.72 -15.85
CA TYR D 332 -8.93 48.51 -16.40
C TYR D 332 -8.45 47.58 -15.30
N LEU D 333 -7.84 48.14 -14.27
CA LEU D 333 -7.36 47.33 -13.16
C LEU D 333 -8.52 46.45 -12.71
N LYS D 334 -9.72 47.05 -12.72
CA LYS D 334 -10.96 46.40 -12.29
C LYS D 334 -11.39 45.23 -13.17
N LEU D 335 -11.44 45.46 -14.47
CA LEU D 335 -11.82 44.41 -15.37
C LEU D 335 -10.90 43.21 -15.15
N GLY D 336 -9.62 43.48 -14.92
CA GLY D 336 -8.68 42.41 -14.68
C GLY D 336 -9.09 41.60 -13.47
N GLN D 337 -9.58 42.28 -12.43
CA GLN D 337 -10.03 41.62 -11.20
C GLN D 337 -11.16 40.68 -11.59
N GLN D 338 -11.99 41.13 -12.52
CA GLN D 338 -13.12 40.35 -12.99
C GLN D 338 -12.66 39.06 -13.61
N CYS D 339 -11.56 39.10 -14.33
CA CYS D 339 -11.05 37.89 -14.95
C CYS D 339 -10.28 37.05 -13.94
N ILE D 340 -9.91 37.62 -12.80
CA ILE D 340 -9.14 36.87 -11.80
C ILE D 340 -9.48 37.25 -10.35
N PRO D 341 -10.76 37.19 -10.01
CA PRO D 341 -11.30 37.53 -8.69
C PRO D 341 -10.41 37.19 -7.51
N ASN D 342 -9.54 36.19 -7.67
CA ASN D 342 -8.66 35.76 -6.58
C ASN D 342 -7.21 36.24 -6.70
N SER D 343 -6.93 37.12 -7.65
CA SER D 343 -5.56 37.61 -7.78
C SER D 343 -5.26 38.62 -6.68
N ALA D 344 -4.37 38.28 -5.76
CA ALA D 344 -4.01 39.18 -4.66
C ALA D 344 -3.36 40.45 -5.21
N VAL D 345 -2.56 40.29 -6.27
CA VAL D 345 -1.92 41.44 -6.90
C VAL D 345 -3.00 42.44 -7.28
N LEU D 346 -3.77 42.10 -8.29
CA LEU D 346 -4.83 42.97 -8.76
C LEU D 346 -5.71 43.51 -7.64
N ALA D 347 -5.98 42.67 -6.65
CA ALA D 347 -6.79 43.09 -5.51
C ALA D 347 -6.08 44.24 -4.83
N PHE D 348 -4.77 44.06 -4.60
CA PHE D 348 -3.99 45.11 -3.98
C PHE D 348 -4.00 46.30 -4.93
N SER D 349 -3.52 46.12 -6.15
CA SER D 349 -3.51 47.19 -7.14
C SER D 349 -4.76 48.05 -7.04
N LEU D 350 -5.91 47.42 -6.90
CA LEU D 350 -7.14 48.18 -6.77
C LEU D 350 -7.15 48.87 -5.43
N SER D 351 -6.98 48.09 -4.37
CA SER D 351 -6.96 48.66 -3.03
C SER D 351 -6.21 49.97 -3.08
N GLU D 352 -5.06 49.97 -3.74
CA GLU D 352 -4.25 51.18 -3.88
C GLU D 352 -4.98 52.25 -4.67
N GLN D 353 -5.39 51.94 -5.89
CA GLN D 353 -6.10 52.92 -6.68
C GLN D 353 -7.28 53.56 -5.95
N TYR D 354 -7.92 52.82 -5.06
CA TYR D 354 -9.05 53.35 -4.32
C TYR D 354 -8.51 54.31 -3.26
N GLU D 355 -7.52 53.84 -2.51
CA GLU D 355 -6.89 54.66 -1.45
C GLU D 355 -6.39 55.97 -2.03
N LEU D 356 -5.85 55.88 -3.23
CA LEU D 356 -5.33 57.05 -3.91
C LEU D 356 -6.44 58.05 -4.15
N ASN D 357 -7.69 57.61 -4.07
CA ASN D 357 -8.82 58.49 -4.29
C ASN D 357 -9.80 58.44 -3.13
N THR D 358 -9.24 58.31 -1.93
CA THR D 358 -9.98 58.26 -0.66
C THR D 358 -11.30 57.53 -0.63
N LYS D 359 -11.50 56.61 -1.56
CA LYS D 359 -12.73 55.83 -1.60
C LYS D 359 -12.51 54.65 -0.67
N ILE D 360 -12.57 54.91 0.64
CA ILE D 360 -12.32 53.88 1.66
C ILE D 360 -13.17 52.61 1.57
N PRO D 361 -14.49 52.71 1.74
CA PRO D 361 -15.39 51.54 1.68
C PRO D 361 -15.06 50.56 0.55
N GLU D 362 -14.82 51.13 -0.64
CA GLU D 362 -14.48 50.37 -1.84
C GLU D 362 -13.22 49.58 -1.58
N ILE D 363 -12.26 50.21 -0.93
CA ILE D 363 -10.99 49.54 -0.60
C ILE D 363 -11.25 48.26 0.18
N GLU D 364 -12.12 48.35 1.19
CA GLU D 364 -12.44 47.22 2.02
C GLU D 364 -13.05 46.14 1.15
N THR D 365 -14.17 46.46 0.53
CA THR D 365 -14.82 45.48 -0.32
C THR D 365 -13.79 44.75 -1.16
N THR D 366 -13.24 45.44 -2.16
CA THR D 366 -12.26 44.88 -3.08
C THR D 366 -11.19 43.91 -2.55
N ILE D 367 -10.93 43.92 -1.24
CA ILE D 367 -9.93 43.00 -0.66
C ILE D 367 -10.62 41.71 -0.19
N LEU D 368 -11.80 41.85 0.39
CA LEU D 368 -12.55 40.70 0.84
C LEU D 368 -12.90 39.90 -0.41
N SER D 369 -13.49 40.61 -1.38
CA SER D 369 -13.88 40.02 -2.64
C SER D 369 -12.82 39.03 -3.06
N CYS D 370 -11.57 39.38 -2.80
CA CYS D 370 -10.45 38.53 -3.16
C CYS D 370 -10.23 37.49 -2.06
N ILE D 371 -10.42 37.87 -0.80
CA ILE D 371 -10.25 36.91 0.28
C ILE D 371 -11.36 35.87 0.17
N ASP D 372 -12.58 36.32 -0.17
CA ASP D 372 -13.71 35.40 -0.33
C ASP D 372 -13.32 34.38 -1.38
N ARG D 373 -13.19 34.86 -2.61
CA ARG D 373 -12.82 34.04 -3.75
C ARG D 373 -11.68 33.07 -3.43
N ILE D 374 -10.93 33.34 -2.37
CA ILE D 374 -9.83 32.46 -1.99
C ILE D 374 -10.29 31.42 -0.96
N HIS D 375 -11.20 31.84 -0.09
CA HIS D 375 -11.76 30.97 0.94
C HIS D 375 -12.46 29.80 0.27
N LEU D 376 -13.07 30.08 -0.87
CA LEU D 376 -13.77 29.04 -1.62
C LEU D 376 -12.76 28.12 -2.25
N ASP D 377 -11.90 28.67 -3.10
CA ASP D 377 -10.89 27.85 -3.76
C ASP D 377 -10.29 26.88 -2.74
N LEU D 378 -10.18 27.32 -1.49
CA LEU D 378 -9.65 26.44 -0.46
C LEU D 378 -10.81 25.54 -0.11
N ALA D 379 -11.95 26.15 0.22
CA ALA D 379 -13.17 25.42 0.57
C ALA D 379 -13.38 24.25 -0.39
N ALA D 380 -13.34 24.55 -1.68
CA ALA D 380 -13.50 23.52 -2.69
C ALA D 380 -12.33 22.56 -2.51
N LEU D 381 -11.28 22.76 -3.30
CA LEU D 381 -10.08 21.93 -3.28
C LEU D 381 -9.77 21.18 -1.98
N MET D 382 -10.26 21.69 -0.84
CA MET D 382 -10.00 21.03 0.43
C MET D 382 -10.79 19.74 0.58
N GLU D 383 -12.07 19.78 0.26
CA GLU D 383 -12.94 18.60 0.37
C GLU D 383 -12.67 17.66 -0.81
N ASP D 384 -12.49 18.23 -2.00
CA ASP D 384 -12.23 17.47 -3.20
C ASP D 384 -11.09 16.47 -3.12
N ASP D 385 -10.12 16.73 -2.25
CA ASP D 385 -9.03 15.78 -2.06
C ASP D 385 -8.11 16.19 -0.95
N PRO D 386 -8.57 15.98 0.31
CA PRO D 386 -7.82 16.30 1.52
C PRO D 386 -6.44 15.66 1.46
N THR D 387 -6.29 14.75 0.50
CA THR D 387 -5.04 14.05 0.29
C THR D 387 -3.92 15.01 -0.09
N ASN D 388 -4.24 15.98 -0.95
CA ASN D 388 -3.24 16.94 -1.39
C ASN D 388 -2.86 18.00 -0.36
N GLU D 389 -2.24 17.53 0.73
CA GLU D 389 -1.78 18.39 1.80
C GLU D 389 -0.94 19.52 1.22
N SER D 390 -0.03 19.16 0.33
CA SER D 390 0.86 20.12 -0.31
C SER D 390 0.12 21.32 -0.91
N ALA D 391 -0.63 21.08 -1.98
CA ALA D 391 -1.37 22.16 -2.65
C ALA D 391 -2.50 22.76 -1.81
N ILE D 392 -2.64 22.28 -0.59
CA ILE D 392 -3.67 22.79 0.29
C ILE D 392 -3.08 23.89 1.18
N ASN D 393 -2.04 23.57 1.94
CA ASN D 393 -1.42 24.57 2.80
C ASN D 393 -0.90 25.70 1.94
N GLN D 394 -0.48 25.38 0.73
CA GLN D 394 0.01 26.37 -0.22
C GLN D 394 -1.08 27.43 -0.38
N LEU D 395 -2.31 26.96 -0.60
CA LEU D 395 -3.44 27.86 -0.77
C LEU D 395 -3.87 28.46 0.57
N LYS D 396 -3.72 27.69 1.64
CA LYS D 396 -4.07 28.20 2.96
C LYS D 396 -3.24 29.46 3.23
N SER D 397 -1.96 29.41 2.87
CA SER D 397 -1.07 30.56 3.06
C SER D 397 -1.59 31.72 2.24
N LYS D 398 -1.65 31.52 0.92
CA LYS D 398 -2.15 32.53 0.00
C LYS D 398 -3.38 33.21 0.63
N LEU D 399 -4.15 32.42 1.36
CA LEU D 399 -5.29 32.95 2.06
C LEU D 399 -4.72 33.79 3.21
N THR D 400 -4.18 33.13 4.23
CA THR D 400 -3.63 33.81 5.39
C THR D 400 -2.83 35.08 5.04
N TYR D 401 -1.92 34.99 4.07
CA TYR D 401 -1.15 36.15 3.65
C TYR D 401 -2.16 37.28 3.36
N VAL D 402 -2.91 37.15 2.26
CA VAL D 402 -3.91 38.15 1.88
C VAL D 402 -4.68 38.72 3.07
N TYR D 403 -4.82 37.91 4.13
CA TYR D 403 -5.52 38.39 5.31
C TYR D 403 -4.61 39.36 6.05
N CYS D 404 -3.35 38.97 6.23
CA CYS D 404 -2.40 39.83 6.91
C CYS D 404 -2.38 41.20 6.24
N VAL D 405 -1.98 41.23 4.98
CA VAL D 405 -1.92 42.48 4.25
C VAL D 405 -3.27 43.22 4.28
N TYR D 406 -4.35 42.52 4.59
CA TYR D 406 -5.66 43.18 4.69
C TYR D 406 -5.71 43.85 6.08
N MET D 407 -5.43 43.04 7.11
CA MET D 407 -5.38 43.47 8.51
C MET D 407 -4.44 44.65 8.64
N ASN D 408 -3.37 44.61 7.84
CA ASN D 408 -2.37 45.67 7.84
C ASN D 408 -3.05 46.93 7.31
N THR D 409 -3.52 46.85 6.07
CA THR D 409 -4.17 47.98 5.43
C THR D 409 -5.26 48.68 6.21
N MET D 410 -6.09 47.91 6.90
CA MET D 410 -7.15 48.53 7.66
C MET D 410 -6.56 49.26 8.85
N LYS D 411 -5.46 48.75 9.40
CA LYS D 411 -4.81 49.41 10.54
C LYS D 411 -4.42 50.85 10.17
N ARG D 412 -3.81 50.99 8.99
CA ARG D 412 -3.38 52.28 8.52
C ARG D 412 -4.48 53.10 7.89
N ILE D 413 -5.69 52.56 7.86
CA ILE D 413 -6.80 53.28 7.26
C ILE D 413 -7.92 53.56 8.23
N GLN D 414 -8.04 52.71 9.24
CA GLN D 414 -9.08 52.86 10.25
C GLN D 414 -8.50 52.57 11.62
N GLY D 415 -7.16 52.61 11.71
CA GLY D 415 -6.49 52.38 12.97
C GLY D 415 -6.58 51.00 13.61
N LEU D 416 -5.88 50.85 14.72
CA LEU D 416 -5.80 49.63 15.51
C LEU D 416 -7.10 48.85 15.72
N ALA D 417 -8.20 49.57 15.97
CA ALA D 417 -9.50 48.94 16.19
C ALA D 417 -9.88 47.91 15.12
N ALA D 418 -9.98 48.36 13.87
CA ALA D 418 -10.33 47.50 12.76
C ALA D 418 -9.24 46.49 12.47
N SER D 419 -8.03 46.80 12.95
CA SER D 419 -6.92 45.91 12.79
C SER D 419 -7.17 44.70 13.67
N ARG D 420 -7.72 44.97 14.86
CA ARG D 420 -8.03 43.92 15.81
C ARG D 420 -9.31 43.18 15.43
N LYS D 421 -10.28 43.89 14.85
CA LYS D 421 -11.52 43.24 14.42
C LYS D 421 -11.15 42.11 13.47
N ILE D 422 -10.26 42.44 12.54
CA ILE D 422 -9.78 41.52 11.52
C ILE D 422 -9.03 40.35 12.13
N PHE D 423 -8.11 40.61 13.05
CA PHE D 423 -7.37 39.53 13.69
C PHE D 423 -8.36 38.63 14.42
N GLY D 424 -9.55 39.16 14.67
CA GLY D 424 -10.55 38.35 15.34
C GLY D 424 -11.01 37.29 14.37
N LYS D 425 -11.63 37.74 13.28
CA LYS D 425 -12.16 36.84 12.26
C LYS D 425 -11.18 35.76 11.88
N CYS D 426 -9.89 36.09 11.91
CA CYS D 426 -8.87 35.13 11.57
C CYS D 426 -8.63 34.15 12.68
N ARG D 427 -8.76 34.61 13.91
CA ARG D 427 -8.54 33.72 15.05
C ARG D 427 -9.69 32.73 15.13
N ARG D 428 -10.90 33.23 14.90
CA ARG D 428 -12.08 32.37 14.96
C ARG D 428 -12.14 31.45 13.74
N LEU D 429 -11.09 31.45 12.93
CA LEU D 429 -10.99 30.58 11.75
C LEU D 429 -10.17 29.38 12.17
N LYS D 430 -9.89 29.31 13.47
CA LYS D 430 -9.11 28.24 14.08
C LYS D 430 -7.83 27.94 13.31
N LYS D 431 -7.62 26.66 13.01
CA LYS D 431 -6.42 26.24 12.30
C LYS D 431 -6.60 26.17 10.79
N LEU D 432 -7.14 27.23 10.20
CA LEU D 432 -7.34 27.30 8.75
C LEU D 432 -6.38 28.33 8.14
N VAL D 433 -5.70 29.07 9.01
CA VAL D 433 -4.74 30.08 8.57
C VAL D 433 -3.35 29.72 9.08
N THR D 434 -2.32 29.93 8.27
CA THR D 434 -0.96 29.62 8.69
C THR D 434 -0.64 30.54 9.86
N PRO D 435 0.47 30.29 10.57
CA PRO D 435 0.79 31.16 11.70
C PRO D 435 0.97 32.67 11.43
N ASP D 436 1.51 33.02 10.25
CA ASP D 436 1.77 34.42 9.88
C ASP D 436 0.85 35.49 10.47
N ILE D 437 -0.46 35.35 10.24
CA ILE D 437 -1.43 36.32 10.74
C ILE D 437 -1.19 36.59 12.23
N TYR D 438 -0.70 35.60 12.96
CA TYR D 438 -0.44 35.78 14.38
C TYR D 438 0.80 36.66 14.61
N LEU D 439 1.90 36.34 13.93
CA LEU D 439 3.11 37.11 14.08
C LEU D 439 2.83 38.55 13.61
N GLU D 440 2.28 38.67 12.41
CA GLU D 440 1.95 39.97 11.85
C GLU D 440 1.19 40.84 12.82
N ASN D 441 0.26 40.25 13.55
CA ASN D 441 -0.51 41.04 14.49
C ASN D 441 0.30 41.52 15.67
N ALA D 442 1.23 40.68 16.14
CA ALA D 442 2.08 41.08 17.26
C ALA D 442 2.91 42.27 16.84
N TYR D 443 3.52 42.19 15.66
CA TYR D 443 4.33 43.30 15.16
C TYR D 443 3.55 44.58 15.00
N ILE D 444 2.24 44.46 14.80
CA ILE D 444 1.40 45.64 14.68
C ILE D 444 1.30 46.22 16.08
N GLU D 445 0.97 45.35 17.04
CA GLU D 445 0.83 45.72 18.45
C GLU D 445 2.08 46.38 19.05
N TYR D 446 3.17 45.62 19.06
CA TYR D 446 4.43 46.11 19.60
C TYR D 446 4.82 47.39 18.87
N HIS D 447 4.82 47.36 17.53
CA HIS D 447 5.19 48.52 16.74
C HIS D 447 4.19 49.68 16.74
N ILE D 448 3.61 49.94 17.91
CA ILE D 448 2.67 51.04 18.08
C ILE D 448 3.28 51.91 19.18
N SER D 449 3.04 51.51 20.42
CA SER D 449 3.55 52.20 21.59
C SER D 449 4.83 51.51 22.04
N LYS D 450 5.34 50.63 21.19
CA LYS D 450 6.54 49.87 21.46
C LYS D 450 6.33 48.98 22.68
N ASP D 451 5.07 48.69 22.98
CA ASP D 451 4.74 47.86 24.13
C ASP D 451 4.57 46.37 23.80
N THR D 452 4.81 45.54 24.82
CA THR D 452 4.73 44.08 24.70
C THR D 452 3.69 43.41 25.58
N LYS D 453 2.69 44.16 26.03
CA LYS D 453 1.64 43.58 26.87
C LYS D 453 0.77 42.71 25.99
N THR D 454 -0.14 43.34 25.27
CA THR D 454 -1.04 42.61 24.40
C THR D 454 -0.28 42.01 23.21
N ALA D 455 0.87 42.58 22.88
CA ALA D 455 1.65 42.03 21.77
C ALA D 455 2.07 40.61 22.17
N CYS D 456 2.19 40.39 23.48
CA CYS D 456 2.60 39.09 24.02
C CYS D 456 1.45 38.09 24.07
N LYS D 457 0.32 38.51 24.63
CA LYS D 457 -0.84 37.63 24.73
C LYS D 457 -1.24 37.04 23.37
N VAL D 458 -1.08 37.82 22.30
CA VAL D 458 -1.40 37.38 20.94
C VAL D 458 -0.66 36.12 20.52
N LEU D 459 0.66 36.24 20.36
CA LEU D 459 1.49 35.11 19.94
C LEU D 459 1.40 33.92 20.87
N GLU D 460 0.91 34.14 22.09
CA GLU D 460 0.76 33.07 23.06
C GLU D 460 -0.44 32.23 22.63
N LEU D 461 -1.50 32.93 22.23
CA LEU D 461 -2.71 32.28 21.75
C LEU D 461 -2.40 31.44 20.54
N GLY D 462 -1.35 31.82 19.80
CA GLY D 462 -0.99 31.05 18.62
C GLY D 462 -0.41 29.68 18.94
N LEU D 463 -0.02 29.50 20.18
CA LEU D 463 0.54 28.23 20.63
C LEU D 463 -0.56 27.19 20.78
N LYS D 464 -1.77 27.66 21.10
CA LYS D 464 -2.90 26.77 21.26
C LYS D 464 -3.04 25.90 20.03
N TYR D 465 -2.53 26.39 18.89
CA TYR D 465 -2.59 25.65 17.62
C TYR D 465 -1.23 25.38 16.96
N PHE D 466 -0.21 26.18 17.27
CA PHE D 466 1.09 25.97 16.62
C PHE D 466 2.31 25.78 17.51
N ALA D 467 2.08 25.48 18.78
CA ALA D 467 3.19 25.27 19.72
C ALA D 467 4.08 24.13 19.27
N THR D 468 3.74 23.54 18.13
CA THR D 468 4.49 22.42 17.55
C THR D 468 5.19 22.82 16.26
N ASP D 469 4.62 23.81 15.57
CA ASP D 469 5.17 24.28 14.31
C ASP D 469 6.53 24.94 14.56
N GLY D 470 7.59 24.15 14.45
CA GLY D 470 8.93 24.67 14.67
C GLY D 470 9.14 25.96 13.92
N GLU D 471 8.49 26.08 12.76
CA GLU D 471 8.60 27.27 11.91
C GLU D 471 8.10 28.49 12.67
N TYR D 472 6.99 28.30 13.37
CA TYR D 472 6.37 29.37 14.16
C TYR D 472 7.28 29.76 15.31
N ILE D 473 7.64 28.77 16.11
CA ILE D 473 8.50 28.99 17.26
C ILE D 473 9.71 29.85 16.90
N ASN D 474 10.31 29.63 15.74
CA ASN D 474 11.44 30.44 15.34
C ASN D 474 11.01 31.91 15.29
N LYS D 475 10.08 32.22 14.40
CA LYS D 475 9.58 33.59 14.25
C LYS D 475 9.16 34.16 15.59
N TYR D 476 8.42 33.37 16.36
CA TYR D 476 7.95 33.79 17.68
C TYR D 476 9.14 34.21 18.57
N LEU D 477 10.19 33.39 18.56
CA LEU D 477 11.40 33.69 19.35
C LEU D 477 11.95 35.03 18.93
N ASP D 478 12.23 35.15 17.64
CA ASP D 478 12.77 36.38 17.09
C ASP D 478 12.04 37.59 17.64
N PHE D 479 10.71 37.53 17.66
CA PHE D 479 9.92 38.66 18.16
C PHE D 479 10.24 38.97 19.61
N LEU D 480 10.44 37.93 20.39
CA LEU D 480 10.75 38.10 21.80
C LEU D 480 12.15 38.68 21.96
N ILE D 481 13.06 38.24 21.10
CA ILE D 481 14.45 38.70 21.09
C ILE D 481 14.50 40.09 20.43
N TYR D 482 13.41 40.43 19.74
CA TYR D 482 13.24 41.71 19.05
C TYR D 482 12.77 42.70 20.09
N VAL D 483 12.38 42.19 21.25
CA VAL D 483 11.92 43.04 22.32
C VAL D 483 12.65 42.72 23.63
N ASN D 484 13.67 41.86 23.52
CA ASN D 484 14.48 41.44 24.67
C ASN D 484 13.71 41.02 25.93
N GLU D 485 12.72 40.16 25.73
CA GLU D 485 11.92 39.64 26.83
C GLU D 485 12.58 38.32 27.20
N GLU D 486 13.86 38.35 27.57
CA GLU D 486 14.55 37.13 27.93
C GLU D 486 13.70 36.31 28.89
N SER D 487 13.12 37.00 29.87
CA SER D 487 12.27 36.37 30.85
C SER D 487 11.34 35.39 30.12
N GLN D 488 10.94 35.78 28.92
CA GLN D 488 10.05 34.96 28.12
C GLN D 488 10.78 34.06 27.15
N VAL D 489 11.76 34.62 26.43
CA VAL D 489 12.52 33.87 25.45
C VAL D 489 12.97 32.54 25.99
N LYS D 490 13.49 32.55 27.23
CA LYS D 490 13.97 31.35 27.91
C LYS D 490 12.80 30.37 28.11
N SER D 491 11.70 30.88 28.63
CA SER D 491 10.51 30.08 28.89
C SER D 491 10.06 29.28 27.66
N LEU D 492 9.72 30.00 26.59
CA LEU D 492 9.28 29.36 25.36
C LEU D 492 10.27 28.32 24.87
N PHE D 493 11.53 28.74 24.76
CA PHE D 493 12.57 27.82 24.33
C PHE D 493 12.42 26.58 25.19
N GLU D 494 12.78 26.73 26.46
CA GLU D 494 12.73 25.67 27.47
C GLU D 494 11.52 24.74 27.37
N SER D 495 10.33 25.29 27.10
CA SER D 495 9.14 24.46 27.00
C SER D 495 8.85 23.95 25.59
N SER D 496 9.64 24.41 24.62
CA SER D 496 9.45 23.97 23.24
C SER D 496 10.46 22.96 22.72
N ILE D 497 11.51 22.67 23.50
CA ILE D 497 12.53 21.72 23.05
C ILE D 497 11.98 20.33 22.84
N ASP D 498 10.92 20.00 23.57
CA ASP D 498 10.31 18.68 23.47
C ASP D 498 8.92 18.75 22.88
N LYS D 499 8.61 19.83 22.18
CA LYS D 499 7.30 19.98 21.57
C LYS D 499 7.42 20.19 20.07
N ILE D 500 8.66 20.28 19.59
CA ILE D 500 8.88 20.50 18.17
C ILE D 500 9.64 19.38 17.47
N SER D 501 8.97 18.81 16.46
CA SER D 501 9.54 17.73 15.66
C SER D 501 10.53 18.36 14.68
N ASP D 502 10.85 17.65 13.59
CA ASP D 502 11.79 18.15 12.60
C ASP D 502 13.07 18.71 13.25
N SER D 503 13.96 17.80 13.63
CA SER D 503 15.22 18.14 14.26
C SER D 503 15.82 19.45 13.76
N HIS D 504 15.78 19.67 12.44
CA HIS D 504 16.36 20.89 11.89
C HIS D 504 15.76 22.14 12.51
N LEU D 505 14.45 22.31 12.36
CA LEU D 505 13.77 23.48 12.93
C LEU D 505 14.19 23.69 14.37
N LEU D 506 14.46 22.59 15.08
CA LEU D 506 14.87 22.65 16.47
C LEU D 506 16.34 22.94 16.67
N LYS D 507 17.18 22.45 15.77
CA LYS D 507 18.59 22.70 15.92
C LYS D 507 18.78 24.20 15.81
N MET D 508 17.96 24.83 14.96
CA MET D 508 18.02 26.27 14.77
C MET D 508 17.72 26.97 16.08
N ILE D 509 16.52 26.74 16.60
CA ILE D 509 16.09 27.30 17.86
C ILE D 509 17.28 27.45 18.82
N PHE D 510 17.92 26.34 19.18
CA PHE D 510 19.08 26.37 20.07
C PHE D 510 20.05 27.45 19.63
N GLN D 511 20.60 27.29 18.43
CA GLN D 511 21.56 28.26 17.90
C GLN D 511 21.04 29.67 18.13
N LYS D 512 19.78 29.88 17.74
CA LYS D 512 19.11 31.17 17.88
C LYS D 512 19.13 31.64 19.34
N VAL D 513 18.86 30.70 20.25
CA VAL D 513 18.85 30.98 21.70
C VAL D 513 20.27 31.10 22.28
N ILE D 514 21.14 30.14 21.95
CA ILE D 514 22.52 30.13 22.41
C ILE D 514 23.17 31.46 22.06
N PHE D 515 22.97 31.90 20.82
CA PHE D 515 23.53 33.16 20.34
C PHE D 515 22.95 34.30 21.15
N PHE D 516 21.64 34.23 21.37
CA PHE D 516 20.94 35.25 22.15
C PHE D 516 21.55 35.30 23.55
N GLU D 517 21.73 34.14 24.17
CA GLU D 517 22.32 34.07 25.50
C GLU D 517 23.71 34.69 25.49
N SER D 518 24.53 34.30 24.51
CA SER D 518 25.90 34.80 24.39
C SER D 518 25.94 36.32 24.33
N LYS D 519 24.83 36.92 23.95
CA LYS D 519 24.76 38.37 23.83
C LYS D 519 24.16 39.04 25.06
N VAL D 520 23.51 38.26 25.93
CA VAL D 520 22.87 38.83 27.14
C VAL D 520 23.39 38.37 28.51
N GLY D 521 23.73 37.08 28.64
CA GLY D 521 24.18 36.54 29.92
C GLY D 521 25.67 36.40 30.19
N SER D 522 26.10 35.23 30.63
CA SER D 522 27.51 34.98 30.92
C SER D 522 28.06 33.75 30.20
N LEU D 523 29.34 33.81 29.86
CA LEU D 523 30.05 32.74 29.18
C LEU D 523 29.59 31.39 29.74
N ASN D 524 29.29 31.38 31.03
CA ASN D 524 28.86 30.18 31.74
C ASN D 524 27.50 29.67 31.25
N SER D 525 26.52 30.57 31.24
CA SER D 525 25.18 30.20 30.81
C SER D 525 25.22 29.63 29.41
N VAL D 526 26.04 30.24 28.55
CA VAL D 526 26.14 29.74 27.19
C VAL D 526 26.69 28.32 27.22
N ARG D 527 27.84 28.14 27.84
CA ARG D 527 28.43 26.81 27.92
C ARG D 527 27.43 25.78 28.47
N THR D 528 26.34 26.25 29.05
CA THR D 528 25.31 25.38 29.59
C THR D 528 24.40 24.90 28.47
N LEU D 529 24.00 25.86 27.63
CA LEU D 529 23.16 25.58 26.47
C LEU D 529 23.93 24.65 25.56
N GLU D 530 25.18 25.04 25.32
CA GLU D 530 26.10 24.29 24.46
C GLU D 530 26.13 22.83 24.90
N LYS D 531 26.68 22.60 26.08
CA LYS D 531 26.75 21.24 26.60
C LYS D 531 25.44 20.54 26.29
N ARG D 532 24.34 21.17 26.68
CA ARG D 532 23.00 20.63 26.49
C ARG D 532 22.66 20.39 25.01
N PHE D 533 23.21 21.24 24.16
CA PHE D 533 22.98 21.16 22.72
C PHE D 533 23.77 19.99 22.10
N PHE D 534 25.07 19.95 22.35
CA PHE D 534 25.93 18.91 21.80
C PHE D 534 25.54 17.54 22.28
N GLU D 535 24.63 17.48 23.23
CA GLU D 535 24.17 16.21 23.79
C GLU D 535 22.87 15.83 23.11
N LYS D 536 22.09 16.83 22.75
CA LYS D 536 20.83 16.59 22.07
C LYS D 536 21.08 16.50 20.58
N PHE D 537 22.18 17.09 20.11
CA PHE D 537 22.51 17.04 18.70
C PHE D 537 23.95 16.66 18.50
N PRO D 538 24.32 15.44 18.93
CA PRO D 538 25.71 15.03 18.74
C PRO D 538 25.96 15.07 17.25
N GLU D 539 27.22 14.94 16.85
CA GLU D 539 27.54 14.94 15.43
C GLU D 539 27.07 16.26 14.83
N VAL D 540 27.72 17.34 15.21
CA VAL D 540 27.39 18.66 14.71
C VAL D 540 28.67 19.43 14.83
N ASN D 541 29.42 19.51 13.74
CA ASN D 541 30.71 20.19 13.73
C ASN D 541 30.75 21.26 14.80
N LYS D 542 31.37 20.95 15.93
CA LYS D 542 31.48 21.90 17.04
C LYS D 542 32.10 23.20 16.59
N LEU D 543 33.24 23.13 15.91
CA LEU D 543 33.87 24.36 15.49
C LEU D 543 32.95 25.21 14.61
N GLU D 544 32.17 24.58 13.74
CA GLU D 544 31.28 25.33 12.87
C GLU D 544 30.34 26.16 13.72
N GLU D 545 29.65 25.48 14.64
CA GLU D 545 28.72 26.14 15.54
C GLU D 545 29.43 27.31 16.19
N PHE D 546 30.65 27.07 16.66
CA PHE D 546 31.47 28.10 17.29
C PHE D 546 31.44 29.41 16.51
N THR D 547 31.65 29.32 15.20
CA THR D 547 31.64 30.53 14.37
C THR D 547 30.25 31.18 14.34
N ASN D 548 29.20 30.36 14.40
CA ASN D 548 27.83 30.88 14.40
C ASN D 548 27.53 31.69 15.65
N LYS D 549 28.33 31.48 16.69
CA LYS D 549 28.13 32.20 17.95
C LYS D 549 28.68 33.59 17.76
N TYR D 550 29.88 33.63 17.21
CA TYR D 550 30.60 34.87 16.99
C TYR D 550 30.24 35.72 15.77
N LYS D 551 29.04 35.55 15.20
CA LYS D 551 28.66 36.35 14.05
C LYS D 551 28.42 37.81 14.46
N VAL D 552 28.73 38.75 13.57
CA VAL D 552 28.51 40.16 13.83
C VAL D 552 27.73 40.70 12.64
N LEU D 553 26.79 41.61 12.90
CA LEU D 553 25.98 42.18 11.83
C LEU D 553 25.52 41.09 10.85
N ASP D 554 25.27 39.92 11.43
CA ASP D 554 24.79 38.69 10.77
C ASP D 554 25.60 38.15 9.61
N VAL D 555 26.92 38.14 9.79
CA VAL D 555 27.81 37.63 8.76
C VAL D 555 28.83 36.77 9.44
N ASN D 556 28.94 35.51 9.02
CA ASN D 556 29.91 34.60 9.64
C ASN D 556 31.34 34.98 9.34
N TYR D 557 31.68 36.24 9.60
CA TYR D 557 33.03 36.76 9.37
C TYR D 557 34.06 35.76 9.84
N LEU D 558 33.77 35.13 10.98
CA LEU D 558 34.69 34.17 11.56
C LEU D 558 35.09 33.09 10.56
N GLN D 559 34.17 32.62 9.73
CA GLN D 559 34.51 31.59 8.75
C GLN D 559 34.65 32.20 7.36
N ARG D 560 33.76 33.12 7.03
CA ARG D 560 33.79 33.77 5.75
C ARG D 560 35.10 34.53 5.64
N LEU D 561 35.99 34.32 6.58
CA LEU D 561 37.28 35.00 6.63
C LEU D 561 38.45 34.15 7.11
N GLU D 562 38.20 32.95 7.60
CA GLU D 562 39.31 32.15 8.12
C GLU D 562 39.12 30.66 8.01
N LEU D 563 37.93 30.25 7.60
CA LEU D 563 37.64 28.83 7.43
C LEU D 563 36.74 28.67 6.19
N ASP D 564 37.10 29.40 5.12
CA ASP D 564 36.36 29.40 3.86
C ASP D 564 35.81 28.04 3.42
N TYR D 565 36.55 26.98 3.76
CA TYR D 565 36.14 25.63 3.40
C TYR D 565 34.88 25.17 4.11
N MET D 566 34.23 26.10 4.81
CA MET D 566 33.00 25.78 5.54
C MET D 566 31.76 26.50 5.00
N LEU E 21 41.84 -68.03 -22.37
CA LEU E 21 41.81 -67.98 -20.87
C LEU E 21 42.52 -66.71 -20.38
N ASN E 22 43.49 -66.24 -21.16
CA ASN E 22 44.25 -65.04 -20.83
C ASN E 22 43.62 -63.84 -21.54
N ASP E 23 42.78 -64.15 -22.53
CA ASP E 23 42.11 -63.13 -23.33
C ASP E 23 40.90 -62.55 -22.62
N MET E 24 40.82 -62.77 -21.31
CA MET E 24 39.73 -62.26 -20.49
C MET E 24 40.21 -61.06 -19.67
N ILE E 25 41.16 -61.27 -18.76
CA ILE E 25 41.65 -60.15 -17.98
C ILE E 25 42.44 -59.25 -18.92
N GLU E 26 42.44 -59.58 -20.21
CA GLU E 26 43.14 -58.76 -21.19
C GLU E 26 42.19 -57.82 -21.95
N GLU E 27 41.29 -58.39 -22.74
CA GLU E 27 40.32 -57.61 -23.51
C GLU E 27 39.11 -57.21 -22.66
N GLN E 28 39.38 -56.70 -21.47
CA GLN E 28 38.37 -56.24 -20.51
C GLN E 28 39.00 -56.17 -19.11
N PRO E 29 40.16 -55.49 -19.01
CA PRO E 29 40.94 -55.30 -17.78
C PRO E 29 40.29 -54.37 -16.78
N THR E 30 39.20 -53.76 -17.18
CA THR E 30 38.53 -52.85 -16.28
C THR E 30 37.82 -53.64 -15.19
N ASP E 31 37.62 -54.93 -15.45
CA ASP E 31 36.93 -55.85 -14.52
C ASP E 31 37.75 -56.44 -13.35
N ILE E 32 37.35 -56.06 -12.14
CA ILE E 32 37.99 -56.48 -10.91
C ILE E 32 37.83 -57.98 -10.61
N PHE E 33 36.60 -58.42 -10.30
CA PHE E 33 36.34 -59.83 -9.99
C PHE E 33 37.05 -60.81 -10.98
N LEU E 34 37.21 -60.40 -12.24
CA LEU E 34 37.88 -61.22 -13.25
C LEU E 34 39.28 -61.54 -12.75
N TYR E 35 39.82 -60.64 -11.93
CA TYR E 35 41.16 -60.74 -11.32
C TYR E 35 41.13 -61.72 -10.13
N VAL E 36 40.25 -61.45 -9.16
CA VAL E 36 40.09 -62.29 -7.97
C VAL E 36 40.01 -63.75 -8.40
N LYS E 37 39.54 -63.95 -9.63
CA LYS E 37 39.40 -65.28 -10.22
C LYS E 37 40.74 -65.74 -10.83
N LEU E 38 41.81 -65.07 -10.42
CA LEU E 38 43.13 -65.43 -10.92
C LEU E 38 44.08 -65.41 -9.73
N LEU E 39 43.67 -64.66 -8.71
CA LEU E 39 44.42 -64.56 -7.45
C LEU E 39 44.05 -65.81 -6.67
N LYS E 40 42.74 -66.04 -6.56
CA LYS E 40 42.20 -67.21 -5.86
C LYS E 40 42.55 -68.50 -6.62
N HIS E 41 43.15 -68.36 -7.80
CA HIS E 41 43.56 -69.52 -8.59
C HIS E 41 45.03 -69.84 -8.37
N HIS E 42 45.87 -68.82 -8.36
CA HIS E 42 47.29 -69.02 -8.15
C HIS E 42 47.64 -69.22 -6.68
N VAL E 43 46.76 -68.77 -5.79
CA VAL E 43 46.97 -68.92 -4.35
C VAL E 43 46.59 -70.36 -3.95
N SER E 44 45.59 -70.91 -4.65
CA SER E 44 45.17 -72.28 -4.42
C SER E 44 46.29 -73.21 -4.90
N LEU E 45 47.19 -72.65 -5.71
CA LEU E 45 48.32 -73.40 -6.27
C LEU E 45 49.66 -72.81 -5.81
N LYS E 46 49.62 -72.06 -4.70
CA LYS E 46 50.78 -71.42 -4.08
C LYS E 46 51.90 -70.94 -5.01
N GLN E 47 51.54 -70.38 -6.16
CA GLN E 47 52.50 -69.85 -7.15
C GLN E 47 52.59 -68.34 -6.90
N TRP E 48 53.28 -67.95 -5.82
CA TRP E 48 53.41 -66.54 -5.47
C TRP E 48 54.24 -65.67 -6.42
N LYS E 49 54.60 -66.22 -7.57
CA LYS E 49 55.37 -65.47 -8.56
C LYS E 49 54.36 -64.80 -9.48
N GLN E 50 53.23 -65.47 -9.66
CA GLN E 50 52.15 -64.97 -10.50
C GLN E 50 51.08 -64.23 -9.66
N VAL E 51 51.15 -64.37 -8.34
CA VAL E 51 50.20 -63.70 -7.41
C VAL E 51 50.42 -62.19 -7.35
N TYR E 52 51.69 -61.79 -7.17
CA TYR E 52 52.08 -60.38 -7.07
C TYR E 52 51.98 -59.73 -8.46
N GLU E 53 52.59 -60.36 -9.48
CA GLU E 53 52.53 -59.83 -10.84
C GLU E 53 51.10 -59.45 -11.15
N THR E 54 50.19 -60.26 -10.60
CA THR E 54 48.76 -60.07 -10.79
C THR E 54 48.22 -59.05 -9.78
N PHE E 55 48.67 -59.13 -8.52
CA PHE E 55 48.20 -58.19 -7.48
C PHE E 55 48.70 -56.75 -7.77
N ASP E 56 49.57 -56.63 -8.78
CA ASP E 56 50.11 -55.35 -9.22
C ASP E 56 49.40 -54.93 -10.50
N LYS E 57 48.93 -55.92 -11.25
CA LYS E 57 48.20 -55.65 -12.49
C LYS E 57 47.11 -54.72 -12.01
N LEU E 58 46.70 -54.96 -10.78
CA LEU E 58 45.66 -54.18 -10.09
C LEU E 58 46.12 -52.78 -9.61
N HIS E 59 47.00 -52.74 -8.61
CA HIS E 59 47.49 -51.47 -8.04
C HIS E 59 47.69 -50.42 -9.15
N ASP E 60 48.24 -50.87 -10.27
CA ASP E 60 48.47 -50.02 -11.44
C ASP E 60 47.17 -49.31 -11.72
N ARG E 61 46.24 -50.05 -12.32
CA ARG E 61 44.95 -49.51 -12.67
C ARG E 61 44.10 -49.03 -11.49
N PHE E 62 44.25 -49.66 -10.32
CA PHE E 62 43.46 -49.28 -9.13
C PHE E 62 44.32 -48.96 -7.89
N PRO E 63 45.24 -48.01 -8.02
CA PRO E 63 46.10 -47.61 -6.92
C PRO E 63 45.38 -46.87 -5.80
N LEU E 64 44.11 -46.54 -6.00
CA LEU E 64 43.35 -45.82 -4.96
C LEU E 64 42.15 -46.58 -4.38
N MET E 65 42.10 -47.88 -4.66
CA MET E 65 41.05 -48.75 -4.15
C MET E 65 41.63 -49.34 -2.86
N ALA E 66 41.27 -48.73 -1.73
CA ALA E 66 41.77 -49.17 -0.42
C ALA E 66 41.56 -50.66 -0.12
N ASN E 67 40.56 -51.26 -0.76
CA ASN E 67 40.28 -52.67 -0.55
C ASN E 67 41.16 -53.59 -1.39
N ILE E 68 41.42 -53.24 -2.62
CA ILE E 68 42.29 -54.08 -3.43
C ILE E 68 43.63 -54.20 -2.68
N TRP E 69 43.93 -53.21 -1.84
CA TRP E 69 45.17 -53.19 -1.04
C TRP E 69 45.09 -54.08 0.20
N CYS E 70 43.99 -53.97 0.96
CA CYS E 70 43.79 -54.78 2.15
C CYS E 70 43.67 -56.26 1.76
N MET E 71 43.30 -56.54 0.50
CA MET E 71 43.17 -57.92 0.02
C MET E 71 44.51 -58.62 -0.22
N ARG E 72 45.59 -57.85 -0.27
CA ARG E 72 46.93 -58.41 -0.44
C ARG E 72 47.67 -58.32 0.91
N LEU E 73 47.04 -57.63 1.86
CA LEU E 73 47.56 -57.45 3.23
C LEU E 73 46.88 -58.49 4.13
N SER E 74 45.71 -58.97 3.72
CA SER E 74 44.97 -59.99 4.47
C SER E 74 45.50 -61.35 4.07
N LEU E 75 46.25 -61.39 2.96
CA LEU E 75 46.83 -62.63 2.47
C LEU E 75 48.17 -62.86 3.19
N GLU E 76 48.85 -61.76 3.51
CA GLU E 76 50.13 -61.82 4.20
C GLU E 76 49.94 -61.92 5.70
N PHE E 77 48.73 -61.65 6.16
CA PHE E 77 48.40 -61.73 7.57
C PHE E 77 47.80 -63.11 7.87
N ASP E 78 47.58 -63.90 6.82
CA ASP E 78 47.02 -65.25 6.93
C ASP E 78 48.10 -66.32 6.97
N LYS E 79 49.02 -66.27 6.00
CA LYS E 79 50.11 -67.25 5.91
C LYS E 79 51.20 -66.95 6.93
N GLU E 82 52.98 -66.51 10.53
CA GLU E 82 54.26 -66.10 9.95
C GLU E 82 54.17 -64.66 9.44
N LEU E 83 55.12 -63.83 9.85
CA LEU E 83 55.16 -62.42 9.45
C LEU E 83 56.41 -62.00 8.68
N ASP E 84 56.50 -62.43 7.42
CA ASP E 84 57.63 -62.10 6.55
C ASP E 84 57.62 -60.57 6.34
N ALA E 85 58.25 -59.85 7.26
CA ALA E 85 58.31 -58.39 7.23
C ALA E 85 59.06 -57.79 6.04
N ALA E 86 60.05 -58.52 5.53
CA ALA E 86 60.85 -58.05 4.41
C ALA E 86 60.04 -57.58 3.19
N VAL E 87 59.12 -58.42 2.71
CA VAL E 87 58.32 -58.08 1.54
C VAL E 87 57.09 -57.23 1.84
N ILE E 88 56.66 -57.18 3.10
CA ILE E 88 55.50 -56.38 3.48
C ILE E 88 55.70 -54.87 3.30
N GLU E 89 56.84 -54.36 3.75
CA GLU E 89 57.17 -52.95 3.67
C GLU E 89 57.27 -52.39 2.25
N PRO E 90 57.91 -53.11 1.33
CA PRO E 90 58.01 -52.59 -0.04
C PRO E 90 56.63 -52.14 -0.55
N VAL E 91 55.62 -52.89 -0.15
CA VAL E 91 54.27 -52.66 -0.57
C VAL E 91 53.44 -51.68 0.29
N LEU E 92 53.70 -51.62 1.59
CA LEU E 92 52.96 -50.69 2.45
C LEU E 92 53.23 -49.24 2.01
N ALA E 93 54.51 -48.96 1.73
CA ALA E 93 54.97 -47.65 1.30
C ALA E 93 54.30 -47.24 -0.01
N ARG E 94 53.86 -48.24 -0.76
CA ARG E 94 53.20 -48.00 -2.03
C ARG E 94 51.89 -47.30 -1.74
N CYS E 95 51.00 -48.01 -1.07
CA CYS E 95 49.66 -47.51 -0.73
C CYS E 95 49.54 -46.34 0.26
N LEU E 96 50.53 -46.19 1.14
CA LEU E 96 50.49 -45.10 2.13
C LEU E 96 51.57 -44.03 1.80
N SER E 97 52.10 -44.07 0.57
CA SER E 97 53.14 -43.11 0.13
C SER E 97 52.64 -41.66 0.07
N LYS E 98 53.34 -40.83 -0.70
CA LYS E 98 52.99 -39.41 -0.85
C LYS E 98 51.94 -39.19 -1.94
N GLU E 99 52.30 -39.52 -3.18
CA GLU E 99 51.39 -39.38 -4.30
C GLU E 99 50.22 -40.35 -4.09
N LEU E 100 50.45 -41.63 -4.35
CA LEU E 100 49.43 -42.65 -4.20
C LEU E 100 49.00 -42.83 -2.73
N GLY E 101 48.78 -41.71 -2.04
CA GLY E 101 48.39 -41.74 -0.63
C GLY E 101 46.97 -42.18 -0.31
N ASN E 102 46.83 -43.37 0.29
CA ASN E 102 45.53 -43.95 0.69
C ASN E 102 45.12 -43.57 2.14
N ASN E 103 44.01 -42.83 2.24
CA ASN E 103 43.48 -42.37 3.53
C ASN E 103 42.11 -43.01 3.73
N ASP E 104 42.11 -44.25 4.23
CA ASP E 104 40.90 -45.03 4.47
C ASP E 104 41.04 -45.83 5.79
N LEU E 105 40.10 -45.65 6.71
CA LEU E 105 40.09 -46.33 8.01
C LEU E 105 40.51 -47.81 7.97
N SER E 106 40.00 -48.54 6.97
CA SER E 106 40.29 -49.98 6.81
C SER E 106 41.76 -50.28 6.49
N LEU E 107 42.25 -49.72 5.40
CA LEU E 107 43.65 -49.93 5.07
C LEU E 107 44.48 -49.46 6.27
N TRP E 108 43.96 -48.43 6.95
CA TRP E 108 44.58 -47.79 8.14
C TRP E 108 44.75 -48.66 9.41
N LEU E 109 43.82 -49.57 9.66
CA LEU E 109 43.92 -50.43 10.84
C LEU E 109 44.62 -51.76 10.50
N SER E 110 44.63 -52.14 9.22
CA SER E 110 45.34 -53.35 8.80
C SER E 110 46.80 -52.93 8.70
N TYR E 111 47.05 -51.73 9.23
CA TYR E 111 48.35 -51.07 9.29
C TYR E 111 48.78 -51.11 10.78
N ILE E 112 47.90 -50.65 11.68
CA ILE E 112 48.21 -50.63 13.11
C ILE E 112 48.31 -52.03 13.72
N THR E 113 47.68 -53.01 13.07
CA THR E 113 47.73 -54.40 13.50
C THR E 113 49.12 -54.91 13.13
N TYR E 114 49.73 -54.27 12.14
CA TYR E 114 51.08 -54.62 11.71
C TYR E 114 52.10 -53.75 12.46
N VAL E 115 51.65 -52.64 13.03
CA VAL E 115 52.52 -51.75 13.82
C VAL E 115 52.65 -52.30 15.25
N ARG E 116 51.59 -52.98 15.70
CA ARG E 116 51.54 -53.62 17.01
C ARG E 116 52.13 -55.03 16.92
N LYS E 117 52.30 -55.52 15.68
CA LYS E 117 52.86 -56.85 15.43
C LYS E 117 54.33 -56.87 14.97
N LYS E 118 55.01 -55.73 15.05
CA LYS E 118 56.42 -55.66 14.69
C LYS E 118 57.17 -54.89 15.78
N ASN E 119 56.47 -53.97 16.42
CA ASN E 119 57.03 -53.19 17.53
C ASN E 119 56.29 -53.67 18.77
N ASP E 120 56.96 -54.49 19.59
CA ASP E 120 56.36 -55.06 20.81
C ASP E 120 56.07 -54.03 21.90
N ILE E 121 54.89 -54.14 22.50
CA ILE E 121 54.45 -53.22 23.56
C ILE E 121 55.11 -53.54 24.92
N ILE E 122 55.58 -54.78 25.05
CA ILE E 122 56.22 -55.25 26.27
C ILE E 122 57.74 -55.48 26.11
N THR E 123 58.19 -55.87 24.90
CA THR E 123 59.62 -56.09 24.64
C THR E 123 60.37 -54.79 24.89
N GLY E 124 59.76 -53.68 24.52
CA GLY E 124 60.36 -52.37 24.72
C GLY E 124 59.55 -51.58 25.73
N GLY E 125 58.23 -51.60 25.57
CA GLY E 125 57.36 -50.89 26.48
C GLY E 125 57.79 -49.45 26.73
N GLU E 126 58.51 -48.86 25.78
CA GLU E 126 58.96 -47.47 25.90
C GLU E 126 59.26 -46.87 24.53
N GLU E 127 60.24 -47.43 23.83
CA GLU E 127 60.64 -46.95 22.51
C GLU E 127 59.86 -47.66 21.40
N ALA E 128 59.94 -48.98 21.37
CA ALA E 128 59.21 -49.76 20.37
C ALA E 128 57.73 -49.70 20.73
N ARG E 129 57.43 -48.94 21.78
CA ARG E 129 56.06 -48.76 22.28
C ARG E 129 55.49 -47.44 21.73
N ASN E 130 56.34 -46.45 21.51
CA ASN E 130 55.89 -45.17 20.97
C ASN E 130 55.76 -45.24 19.45
N ILE E 131 56.16 -46.39 18.90
CA ILE E 131 56.06 -46.63 17.45
C ILE E 131 54.63 -47.10 17.25
N VAL E 132 53.91 -47.16 18.38
CA VAL E 132 52.52 -47.55 18.42
C VAL E 132 51.59 -46.35 18.64
N ILE E 133 52.01 -45.37 19.43
CA ILE E 133 51.21 -44.17 19.68
C ILE E 133 51.29 -43.23 18.47
N GLN E 134 52.40 -43.32 17.75
CA GLN E 134 52.58 -42.53 16.55
C GLN E 134 51.78 -43.17 15.42
N ALA E 135 51.87 -44.50 15.28
CA ALA E 135 51.12 -45.19 14.22
C ALA E 135 49.64 -44.93 14.47
N PHE E 136 49.24 -44.86 15.74
CA PHE E 136 47.86 -44.57 16.13
C PHE E 136 47.55 -43.09 15.82
N GLN E 137 48.50 -42.24 16.19
CA GLN E 137 48.40 -40.79 15.96
C GLN E 137 48.33 -40.40 14.49
N VAL E 138 49.26 -40.88 13.67
CA VAL E 138 49.26 -40.57 12.25
C VAL E 138 47.87 -40.80 11.68
N VAL E 139 47.21 -41.85 12.18
CA VAL E 139 45.88 -42.21 11.71
C VAL E 139 44.77 -41.34 12.29
N VAL E 140 45.08 -40.59 13.35
CA VAL E 140 44.08 -39.68 13.93
C VAL E 140 44.01 -38.45 13.01
N ASP E 141 45.17 -37.86 12.76
CA ASP E 141 45.32 -36.67 11.92
C ASP E 141 44.93 -36.96 10.49
N LYS E 142 45.50 -38.03 9.92
CA LYS E 142 45.22 -38.43 8.55
C LYS E 142 43.71 -38.71 8.29
N CYS E 143 43.21 -39.80 8.87
CA CYS E 143 41.83 -40.21 8.73
C CYS E 143 40.95 -39.85 9.93
N ALA E 144 41.01 -40.71 10.95
CA ALA E 144 40.26 -40.53 12.17
C ALA E 144 39.24 -39.37 12.23
N ILE E 145 39.66 -38.22 12.73
CA ILE E 145 38.77 -37.06 12.88
C ILE E 145 37.90 -36.60 11.69
N PHE E 146 38.20 -37.08 10.47
CA PHE E 146 37.40 -36.71 9.28
C PHE E 146 36.31 -37.74 9.18
N GLU E 147 36.73 -39.00 9.20
CA GLU E 147 35.83 -40.14 9.09
C GLU E 147 34.75 -40.13 10.18
N PRO E 148 33.47 -40.17 9.77
CA PRO E 148 32.35 -40.17 10.71
C PRO E 148 32.23 -41.55 11.40
N LYS E 149 32.16 -42.61 10.60
CA LYS E 149 32.04 -43.98 11.11
C LYS E 149 33.42 -44.53 11.53
N SER E 150 33.86 -44.05 12.69
CA SER E 150 35.15 -44.39 13.28
C SER E 150 35.03 -44.88 14.71
N ILE E 151 34.02 -45.69 15.01
CA ILE E 151 33.88 -46.21 16.37
C ILE E 151 34.86 -47.38 16.57
N GLN E 152 34.95 -48.22 15.54
CA GLN E 152 35.84 -49.38 15.53
C GLN E 152 37.25 -48.98 15.96
N PHE E 153 37.80 -47.93 15.34
CA PHE E 153 39.16 -47.43 15.62
C PHE E 153 39.38 -46.64 16.91
N TRP E 154 38.59 -45.59 17.13
CA TRP E 154 38.74 -44.74 18.33
C TRP E 154 38.69 -45.54 19.62
N ASN E 155 37.85 -46.57 19.68
CA ASN E 155 37.73 -47.43 20.88
C ASN E 155 38.95 -48.34 21.05
N GLU E 156 39.68 -48.57 19.95
CA GLU E 156 40.89 -49.42 19.93
C GLU E 156 42.16 -48.67 20.39
N TYR E 157 42.11 -47.33 20.29
CA TYR E 157 43.22 -46.46 20.69
C TYR E 157 43.04 -45.94 22.10
N LEU E 158 41.88 -46.22 22.70
CA LEU E 158 41.62 -45.78 24.07
C LEU E 158 41.89 -46.97 24.99
N HIS E 159 41.75 -48.18 24.45
CA HIS E 159 42.01 -49.38 25.23
C HIS E 159 43.51 -49.62 25.24
N PHE E 160 44.25 -48.84 24.43
CA PHE E 160 45.72 -48.95 24.38
C PHE E 160 46.41 -47.91 25.30
N LEU E 161 45.62 -46.96 25.81
CA LEU E 161 46.11 -45.95 26.75
C LEU E 161 45.40 -46.22 28.08
N GLU E 162 44.82 -47.42 28.17
CA GLU E 162 44.12 -47.89 29.36
C GLU E 162 44.85 -49.19 29.79
N HIS E 163 45.44 -49.88 28.80
CA HIS E 163 46.23 -51.13 28.93
C HIS E 163 47.69 -50.79 29.30
N TRP E 164 48.10 -49.59 28.91
CA TRP E 164 49.43 -49.08 29.16
C TRP E 164 49.72 -49.18 30.65
N LYS E 165 50.83 -49.82 30.97
CA LYS E 165 51.24 -50.00 32.36
C LYS E 165 52.13 -48.82 32.82
N PRO E 166 51.56 -47.84 33.55
CA PRO E 166 52.32 -46.69 34.04
C PRO E 166 53.62 -47.11 34.76
N VAL E 167 54.76 -46.61 34.27
CA VAL E 167 56.07 -46.96 34.82
C VAL E 167 56.69 -46.03 35.88
N ASN E 168 56.29 -44.75 35.92
CA ASN E 168 56.87 -43.82 36.90
C ASN E 168 56.12 -42.49 37.15
N LYS E 169 56.88 -41.40 37.30
CA LYS E 169 56.31 -40.07 37.55
C LYS E 169 55.88 -39.37 36.26
N PHE E 170 56.63 -39.59 35.17
CA PHE E 170 56.27 -38.98 33.90
C PHE E 170 55.40 -39.95 33.10
N GLU E 171 55.70 -41.25 33.18
CA GLU E 171 54.89 -42.24 32.49
C GLU E 171 53.53 -42.31 33.15
N GLU E 172 53.15 -41.23 33.84
CA GLU E 172 51.87 -41.11 34.54
C GLU E 172 51.21 -39.75 34.27
N GLN E 173 52.04 -38.71 34.19
CA GLN E 173 51.55 -37.35 33.91
C GLN E 173 51.38 -37.25 32.40
N GLN E 174 51.82 -38.29 31.69
CA GLN E 174 51.75 -38.35 30.25
C GLN E 174 50.54 -39.13 29.72
N ARG E 175 50.06 -40.11 30.50
CA ARG E 175 48.91 -40.93 30.10
C ARG E 175 47.59 -40.17 30.15
N VAL E 176 47.34 -39.52 31.27
CA VAL E 176 46.12 -38.76 31.44
C VAL E 176 45.98 -37.76 30.29
N GLN E 177 47.12 -37.34 29.73
CA GLN E 177 47.15 -36.39 28.62
C GLN E 177 46.74 -37.00 27.29
N TYR E 178 47.37 -38.10 26.90
CA TYR E 178 47.04 -38.77 25.65
C TYR E 178 45.61 -39.28 25.72
N ILE E 179 45.12 -39.41 26.96
CA ILE E 179 43.75 -39.85 27.21
C ILE E 179 42.83 -38.62 27.23
N ARG E 180 43.40 -37.44 27.45
CA ARG E 180 42.61 -36.21 27.48
C ARG E 180 42.78 -35.45 26.17
N LYS E 181 43.62 -35.99 25.28
CA LYS E 181 43.83 -35.38 23.98
C LYS E 181 42.93 -36.14 23.01
N LEU E 182 42.77 -37.44 23.30
CA LEU E 182 41.93 -38.35 22.51
C LEU E 182 40.46 -38.33 22.93
N TYR E 183 40.15 -37.69 24.07
CA TYR E 183 38.78 -37.53 24.60
C TYR E 183 38.17 -36.17 24.21
N LYS E 184 39.02 -35.20 23.88
CA LYS E 184 38.54 -33.88 23.46
C LYS E 184 38.48 -33.83 21.94
N THR E 185 39.36 -34.60 21.31
CA THR E 185 39.46 -34.65 19.86
C THR E 185 38.26 -35.31 19.18
N LEU E 186 37.91 -36.52 19.61
CA LEU E 186 36.79 -37.23 19.01
C LEU E 186 35.43 -36.76 19.53
N LEU E 187 35.44 -35.84 20.50
CA LEU E 187 34.21 -35.30 21.10
C LEU E 187 33.81 -33.96 20.51
N CYS E 188 34.49 -33.58 19.43
CA CYS E 188 34.23 -32.30 18.76
C CYS E 188 33.59 -32.50 17.38
N GLN E 189 33.98 -33.60 16.73
CA GLN E 189 33.47 -33.94 15.40
C GLN E 189 32.24 -34.86 15.48
N PRO E 190 31.41 -34.83 14.42
CA PRO E 190 30.20 -35.67 14.36
C PRO E 190 30.64 -37.10 14.12
N MET E 191 30.45 -37.97 15.11
CA MET E 191 30.88 -39.37 14.98
C MET E 191 29.74 -40.39 15.25
N ASP E 192 30.00 -41.65 14.86
CA ASP E 192 29.06 -42.76 15.03
C ASP E 192 29.20 -43.38 16.43
N CYS E 193 29.82 -42.64 17.34
CA CYS E 193 30.00 -43.05 18.74
C CYS E 193 30.22 -41.77 19.57
N LEU E 194 29.61 -40.68 19.12
CA LEU E 194 29.72 -39.40 19.79
C LEU E 194 29.24 -39.52 21.23
N GLU E 195 28.14 -40.23 21.42
CA GLU E 195 27.57 -40.42 22.76
C GLU E 195 28.13 -41.71 23.39
N SER E 196 28.74 -42.56 22.57
CA SER E 196 29.34 -43.81 23.05
C SER E 196 30.68 -43.55 23.73
N MET E 197 31.20 -42.33 23.59
CA MET E 197 32.48 -41.95 24.19
C MET E 197 32.31 -40.84 25.23
N TRP E 198 31.16 -40.18 25.18
CA TRP E 198 30.87 -39.13 26.13
C TRP E 198 30.65 -39.82 27.48
N GLN E 199 29.84 -40.87 27.50
CA GLN E 199 29.57 -41.60 28.74
C GLN E 199 30.89 -42.03 29.38
N ARG E 200 31.85 -42.39 28.55
CA ARG E 200 33.16 -42.83 29.04
C ARG E 200 34.02 -41.64 29.47
N TYR E 201 33.75 -40.47 28.90
CA TYR E 201 34.50 -39.25 29.24
C TYR E 201 34.03 -38.62 30.55
N THR E 202 32.70 -38.45 30.68
CA THR E 202 32.11 -37.84 31.88
C THR E 202 32.45 -38.60 33.15
N GLN E 203 32.54 -39.92 33.02
CA GLN E 203 32.89 -40.76 34.15
C GLN E 203 34.39 -40.62 34.44
N TRP E 204 35.19 -40.54 33.37
CA TRP E 204 36.66 -40.42 33.46
C TRP E 204 37.21 -39.16 34.13
N GLU E 205 36.75 -37.99 33.70
CA GLU E 205 37.23 -36.73 34.28
C GLU E 205 37.14 -36.70 35.81
N GLN E 206 36.28 -37.56 36.36
CA GLN E 206 36.03 -37.68 37.81
C GLN E 206 36.97 -38.64 38.56
N ASP E 207 37.71 -39.47 37.82
CA ASP E 207 38.65 -40.42 38.41
C ASP E 207 40.02 -39.73 38.63
N VAL E 208 40.41 -38.89 37.67
CA VAL E 208 41.68 -38.16 37.73
C VAL E 208 41.67 -37.09 38.80
N ASN E 209 41.09 -35.94 38.48
CA ASN E 209 41.00 -34.83 39.41
C ASN E 209 39.52 -34.58 39.76
N GLN E 210 39.32 -33.95 40.91
CA GLN E 210 38.00 -33.63 41.44
C GLN E 210 37.66 -32.14 41.25
N LEU E 211 38.56 -31.29 41.74
CA LEU E 211 38.42 -29.84 41.62
C LEU E 211 37.95 -29.56 40.19
N THR E 212 38.62 -30.21 39.24
CA THR E 212 38.36 -30.09 37.81
C THR E 212 37.53 -31.27 37.26
N ALA E 213 36.74 -31.90 38.12
CA ALA E 213 35.89 -33.03 37.74
C ALA E 213 34.50 -32.51 37.32
N ARG E 214 34.30 -31.21 37.51
CA ARG E 214 33.04 -30.56 37.16
C ARG E 214 33.23 -29.34 36.24
N ARG E 215 34.47 -28.93 35.99
CA ARG E 215 34.75 -27.77 35.12
C ARG E 215 35.36 -28.14 33.77
N HIS E 216 36.04 -29.29 33.69
CA HIS E 216 36.66 -29.76 32.44
C HIS E 216 35.60 -30.26 31.47
N ILE E 217 34.43 -30.62 31.99
CA ILE E 217 33.31 -31.11 31.16
C ILE E 217 32.43 -29.91 30.82
N GLY E 218 32.84 -28.74 31.31
CA GLY E 218 32.12 -27.50 31.05
C GLY E 218 32.84 -26.74 29.96
N GLU E 219 33.69 -27.45 29.23
CA GLU E 219 34.48 -26.90 28.13
C GLU E 219 34.15 -27.71 26.87
N LEU E 220 34.01 -29.02 27.03
CA LEU E 220 33.67 -29.92 25.92
C LEU E 220 32.15 -30.04 25.87
N SER E 221 31.48 -29.01 26.39
CA SER E 221 30.02 -28.96 26.44
C SER E 221 29.39 -28.22 25.24
N ALA E 222 30.01 -27.14 24.79
CA ALA E 222 29.49 -26.38 23.64
C ALA E 222 29.88 -27.07 22.33
N GLN E 223 31.12 -27.53 22.28
CA GLN E 223 31.67 -28.21 21.11
C GLN E 223 31.08 -29.60 20.88
N TYR E 224 30.72 -30.30 21.95
CA TYR E 224 30.12 -31.63 21.81
C TYR E 224 28.72 -31.49 21.23
N MET E 225 28.01 -30.44 21.63
CA MET E 225 26.65 -30.18 21.16
C MET E 225 26.66 -30.05 19.64
N ASN E 226 27.72 -29.41 19.13
CA ASN E 226 27.92 -29.18 17.71
C ASN E 226 28.26 -30.49 16.97
N ALA E 227 28.71 -31.51 17.71
CA ALA E 227 29.09 -32.81 17.13
C ALA E 227 27.91 -33.74 16.84
N ARG E 228 27.03 -33.93 17.82
CA ARG E 228 25.88 -34.80 17.62
C ARG E 228 25.00 -34.19 16.54
N SER E 229 24.60 -32.94 16.76
CA SER E 229 23.75 -32.19 15.84
C SER E 229 24.11 -32.41 14.39
N LEU E 230 25.34 -32.05 14.05
CA LEU E 230 25.85 -32.21 12.70
C LEU E 230 25.94 -33.69 12.33
N TYR E 231 26.19 -34.54 13.31
CA TYR E 231 26.28 -35.97 13.04
C TYR E 231 24.90 -36.50 12.68
N GLN E 232 23.87 -35.76 13.09
CA GLN E 232 22.48 -36.12 12.84
C GLN E 232 22.03 -35.69 11.44
N ASP E 233 22.72 -34.68 10.89
CA ASP E 233 22.41 -34.20 9.55
C ASP E 233 23.14 -35.17 8.62
N TRP E 234 24.32 -35.62 9.07
CA TRP E 234 25.17 -36.55 8.34
C TRP E 234 24.46 -37.90 8.15
N LEU E 235 23.88 -38.40 9.23
CA LEU E 235 23.15 -39.68 9.26
C LEU E 235 22.08 -39.72 8.16
N ASN E 236 21.33 -38.62 8.06
CA ASN E 236 20.27 -38.45 7.08
C ASN E 236 20.87 -38.37 5.68
N ILE E 237 21.81 -37.44 5.50
CA ILE E 237 22.50 -37.24 4.22
C ILE E 237 23.25 -38.51 3.77
N THR E 238 23.63 -39.35 4.73
CA THR E 238 24.33 -40.58 4.41
C THR E 238 23.38 -41.61 3.84
N LYS E 239 22.31 -41.88 4.58
CA LYS E 239 21.31 -42.87 4.20
C LYS E 239 21.92 -44.16 3.66
N GLY E 240 21.23 -44.79 2.71
CA GLY E 240 21.73 -46.03 2.13
C GLY E 240 23.11 -45.88 1.52
N LEU E 241 24.09 -45.60 2.37
CA LEU E 241 25.47 -45.40 1.93
C LEU E 241 26.23 -46.73 1.85
N LYS E 242 25.81 -47.59 0.93
CA LYS E 242 26.42 -48.89 0.78
C LYS E 242 27.93 -48.92 0.59
N ARG E 243 28.65 -48.97 1.70
CA ARG E 243 30.13 -49.03 1.68
C ARG E 243 30.54 -50.45 2.12
N ASN E 244 30.71 -51.33 1.13
CA ASN E 244 31.02 -52.74 1.40
C ASN E 244 32.01 -53.36 0.43
N LEU E 245 33.10 -52.66 0.17
CA LEU E 245 34.08 -53.21 -0.76
C LEU E 245 34.78 -54.43 -0.17
N PRO E 246 34.91 -55.52 -0.95
CA PRO E 246 35.57 -56.75 -0.50
C PRO E 246 36.95 -56.50 0.09
N ILE E 247 37.01 -56.22 1.40
CA ILE E 247 38.22 -55.93 2.16
C ILE E 247 39.33 -57.01 2.10
N THR E 248 38.97 -58.29 2.02
CA THR E 248 39.95 -59.39 1.97
C THR E 248 39.83 -60.20 0.67
N LEU E 249 40.95 -60.80 0.24
CA LEU E 249 40.98 -61.58 -0.98
C LEU E 249 39.98 -62.73 -0.91
N ASN E 250 39.82 -63.31 0.27
CA ASN E 250 38.88 -64.41 0.43
C ASN E 250 37.44 -63.87 0.37
N GLN E 251 37.27 -62.66 0.87
CA GLN E 251 35.97 -61.97 0.95
C GLN E 251 35.40 -61.41 -0.37
N ALA E 252 36.24 -61.29 -1.40
CA ALA E 252 35.80 -60.75 -2.70
C ALA E 252 34.80 -61.63 -3.46
N THR E 253 33.63 -61.07 -3.72
CA THR E 253 32.54 -61.77 -4.42
C THR E 253 32.21 -61.08 -5.74
N GLU E 254 31.48 -61.78 -6.59
CA GLU E 254 31.10 -61.22 -7.87
C GLU E 254 29.98 -60.20 -7.68
N SER E 255 29.40 -60.20 -6.48
CA SER E 255 28.32 -59.29 -6.14
C SER E 255 28.83 -57.90 -5.75
N ASN E 256 29.68 -57.86 -4.72
CA ASN E 256 30.23 -56.60 -4.22
C ASN E 256 31.34 -55.99 -5.10
N LEU E 257 31.71 -56.69 -6.18
CA LEU E 257 32.75 -56.21 -7.11
C LEU E 257 32.22 -55.72 -8.44
N PRO E 258 32.03 -54.39 -8.57
CA PRO E 258 31.53 -53.79 -9.81
C PRO E 258 32.12 -54.41 -11.08
N LYS E 259 31.29 -54.40 -12.11
CA LYS E 259 31.64 -54.94 -13.41
C LYS E 259 31.98 -53.76 -14.33
N PRO E 260 32.67 -54.03 -15.45
CA PRO E 260 33.06 -52.99 -16.41
C PRO E 260 32.02 -51.89 -16.66
N ASN E 261 32.34 -50.66 -16.26
CA ASN E 261 31.43 -49.53 -16.45
C ASN E 261 30.11 -49.68 -15.70
N GLU E 262 30.14 -50.34 -14.55
CA GLU E 262 28.94 -50.54 -13.77
C GLU E 262 28.99 -49.78 -12.46
N TYR E 263 27.95 -49.01 -12.18
CA TYR E 263 27.94 -48.27 -10.94
C TYR E 263 26.55 -47.74 -10.58
N ASP E 264 26.29 -47.58 -9.28
CA ASP E 264 25.00 -47.10 -8.85
C ASP E 264 24.88 -45.59 -8.73
N VAL E 265 24.11 -45.03 -9.65
CA VAL E 265 23.82 -43.60 -9.73
C VAL E 265 23.30 -43.03 -8.41
N GLN E 266 22.44 -43.81 -7.75
CA GLN E 266 21.86 -43.39 -6.49
C GLN E 266 22.96 -43.40 -5.44
N GLN E 267 23.92 -44.30 -5.60
CA GLN E 267 25.05 -44.41 -4.69
C GLN E 267 25.90 -43.15 -4.76
N LEU E 268 26.41 -42.90 -5.95
CA LEU E 268 27.22 -41.74 -6.23
C LEU E 268 26.46 -40.45 -5.88
N LEU E 269 25.17 -40.42 -6.17
CA LEU E 269 24.36 -39.25 -5.90
C LEU E 269 24.29 -38.85 -4.41
N ILE E 270 24.72 -39.75 -3.53
CA ILE E 270 24.72 -39.46 -2.08
C ILE E 270 26.13 -39.01 -1.74
N TRP E 271 27.10 -39.83 -2.15
CA TRP E 271 28.53 -39.59 -1.96
C TRP E 271 28.80 -38.13 -2.06
N LEU E 272 28.43 -37.62 -3.23
CA LEU E 272 28.59 -36.23 -3.58
C LEU E 272 27.88 -35.34 -2.55
N GLU E 273 26.60 -35.64 -2.27
CA GLU E 273 25.81 -34.88 -1.30
C GLU E 273 26.54 -34.78 0.04
N TRP E 274 27.33 -35.82 0.34
CA TRP E 274 28.17 -35.92 1.53
C TRP E 274 29.24 -34.84 1.37
N ILE E 275 29.99 -35.01 0.29
CA ILE E 275 31.06 -34.13 -0.10
C ILE E 275 30.61 -32.67 -0.04
N ARG E 276 29.41 -32.38 -0.56
CA ARG E 276 28.87 -31.01 -0.56
C ARG E 276 28.65 -30.41 0.82
N TRP E 277 28.09 -31.22 1.73
CA TRP E 277 27.86 -30.79 3.10
C TRP E 277 29.22 -30.36 3.71
N GLU E 278 30.25 -31.17 3.44
CA GLU E 278 31.64 -30.97 3.92
C GLU E 278 32.28 -29.63 3.54
N SER E 279 32.09 -29.26 2.27
CA SER E 279 32.62 -28.02 1.71
C SER E 279 32.03 -26.77 2.39
N ASP E 280 30.82 -26.90 2.94
CA ASP E 280 30.19 -25.77 3.62
C ASP E 280 30.95 -25.54 4.92
N ASN E 281 31.77 -26.54 5.28
CA ASN E 281 32.63 -26.51 6.47
C ASN E 281 31.97 -25.83 7.68
N LYS E 282 30.92 -26.48 8.19
CA LYS E 282 30.19 -25.96 9.34
C LYS E 282 31.02 -26.10 10.62
N LEU E 283 31.95 -27.06 10.64
CA LEU E 283 32.82 -27.27 11.80
C LEU E 283 33.66 -25.99 11.95
N GLU E 284 33.91 -25.35 10.81
CA GLU E 284 34.71 -24.14 10.75
C GLU E 284 36.19 -24.44 11.01
N LEU E 285 36.65 -25.57 10.47
CA LEU E 285 38.04 -26.01 10.62
C LEU E 285 38.97 -25.10 9.83
N SER E 286 40.24 -25.07 10.20
CA SER E 286 41.22 -24.25 9.50
C SER E 286 41.23 -24.60 8.00
N ASP E 287 41.96 -23.80 7.22
CA ASP E 287 42.04 -24.02 5.77
C ASP E 287 42.87 -25.26 5.39
N ASP E 288 43.65 -25.78 6.34
CA ASP E 288 44.51 -26.95 6.13
C ASP E 288 43.82 -28.26 6.47
N LEU E 289 42.89 -28.19 7.42
CA LEU E 289 42.14 -29.37 7.85
C LEU E 289 41.00 -29.59 6.85
N HIS E 290 40.16 -28.56 6.71
CA HIS E 290 39.03 -28.61 5.78
C HIS E 290 39.45 -29.29 4.49
N LYS E 291 40.69 -29.01 4.07
CA LYS E 291 41.27 -29.58 2.87
C LYS E 291 41.76 -31.02 3.05
N ALA E 292 42.47 -31.29 4.15
CA ALA E 292 42.96 -32.65 4.42
C ALA E 292 41.72 -33.55 4.45
N ARG E 293 40.62 -32.92 4.85
CA ARG E 293 39.28 -33.51 4.99
C ARG E 293 38.68 -34.00 3.66
N MET E 294 38.07 -33.06 2.93
CA MET E 294 37.41 -33.30 1.63
C MET E 294 38.23 -34.27 0.81
N THR E 295 39.56 -34.18 0.94
CA THR E 295 40.50 -35.05 0.21
C THR E 295 40.34 -36.47 0.71
N TYR E 296 39.96 -36.59 1.97
CA TYR E 296 39.74 -37.90 2.57
C TYR E 296 38.56 -38.54 1.82
N VAL E 297 37.40 -37.91 2.01
CA VAL E 297 36.13 -38.34 1.42
C VAL E 297 36.26 -38.62 -0.09
N TYR E 298 36.68 -37.64 -0.90
CA TYR E 298 36.85 -37.83 -2.35
C TYR E 298 37.62 -39.10 -2.70
N MET E 299 38.75 -39.33 -2.04
CA MET E 299 39.53 -40.54 -2.32
C MET E 299 38.67 -41.73 -1.99
N GLN E 300 37.70 -41.48 -1.11
CA GLN E 300 36.76 -42.50 -0.66
C GLN E 300 35.69 -42.74 -1.75
N ALA E 301 35.00 -41.66 -2.12
CA ALA E 301 33.95 -41.73 -3.12
C ALA E 301 34.47 -42.45 -4.36
N ALA E 302 35.70 -42.15 -4.76
CA ALA E 302 36.30 -42.76 -5.93
C ALA E 302 36.72 -44.19 -5.65
N GLN E 303 36.71 -44.54 -4.38
CA GLN E 303 37.08 -45.87 -3.93
C GLN E 303 35.91 -46.81 -4.24
N HIS E 304 34.71 -46.30 -4.00
CA HIS E 304 33.46 -47.02 -4.22
C HIS E 304 32.98 -46.88 -5.66
N VAL E 305 32.23 -45.81 -5.96
CA VAL E 305 31.76 -45.53 -7.33
C VAL E 305 33.03 -45.32 -8.19
N CYS E 306 33.80 -46.38 -8.37
CA CYS E 306 35.07 -46.29 -9.11
C CYS E 306 34.98 -46.22 -10.62
N PHE E 307 33.77 -46.26 -11.16
CA PHE E 307 33.62 -46.20 -12.60
C PHE E 307 32.70 -45.08 -12.98
N ALA E 308 32.44 -44.21 -12.01
CA ALA E 308 31.57 -43.07 -12.24
C ALA E 308 32.47 -41.90 -12.60
N PRO E 309 32.79 -41.74 -13.89
CA PRO E 309 33.67 -40.62 -14.19
C PRO E 309 33.36 -39.32 -13.42
N GLU E 310 32.09 -38.94 -13.28
CA GLU E 310 31.75 -37.70 -12.56
C GLU E 310 32.46 -37.60 -11.23
N ILE E 311 32.93 -38.74 -10.75
CA ILE E 311 33.64 -38.75 -9.48
C ILE E 311 35.02 -38.18 -9.80
N TRP E 312 35.89 -38.97 -10.43
CA TRP E 312 37.24 -38.52 -10.79
C TRP E 312 37.23 -37.05 -11.21
N PHE E 313 36.57 -36.77 -12.33
CA PHE E 313 36.47 -35.40 -12.82
C PHE E 313 36.21 -34.39 -11.69
N ASN E 314 35.01 -34.43 -11.11
CA ASN E 314 34.62 -33.51 -10.02
C ASN E 314 35.64 -33.41 -8.88
N MET E 315 36.38 -34.50 -8.69
CA MET E 315 37.41 -34.62 -7.66
C MET E 315 38.74 -34.09 -8.17
N ALA E 316 39.20 -34.63 -9.30
CA ALA E 316 40.46 -34.17 -9.86
C ALA E 316 40.40 -32.64 -9.85
N ASN E 317 39.35 -32.08 -10.44
CA ASN E 317 39.22 -30.63 -10.48
C ASN E 317 39.38 -29.96 -9.11
N TYR E 318 38.57 -30.38 -8.13
CA TYR E 318 38.65 -29.82 -6.78
C TYR E 318 40.12 -29.85 -6.37
N GLN E 319 40.74 -31.01 -6.52
CA GLN E 319 42.15 -31.21 -6.17
C GLN E 319 43.03 -30.03 -6.58
N GLY E 320 43.15 -29.80 -7.88
CA GLY E 320 43.95 -28.69 -8.36
C GLY E 320 43.44 -27.39 -7.79
N GLU E 321 42.16 -27.08 -8.06
CA GLU E 321 41.52 -25.85 -7.58
C GLU E 321 41.99 -25.42 -6.20
N LYS E 322 41.97 -26.34 -5.25
CA LYS E 322 42.36 -26.06 -3.88
C LYS E 322 43.86 -25.77 -3.71
N ASN E 323 44.55 -25.47 -4.80
CA ASN E 323 45.98 -25.15 -4.74
C ASN E 323 46.50 -24.60 -6.06
N THR E 324 47.58 -25.18 -6.56
CA THR E 324 48.14 -24.68 -7.80
C THR E 324 48.57 -25.78 -8.78
N ASP E 325 49.68 -26.47 -8.47
CA ASP E 325 50.24 -27.52 -9.32
C ASP E 325 49.27 -27.99 -10.41
N SER E 326 49.56 -27.60 -11.65
CA SER E 326 48.75 -27.94 -12.81
C SER E 326 48.84 -29.42 -13.16
N THR E 327 49.83 -30.10 -12.57
CA THR E 327 50.03 -31.52 -12.83
C THR E 327 49.22 -32.41 -11.89
N VAL E 328 48.66 -31.81 -10.84
CA VAL E 328 47.82 -32.54 -9.88
C VAL E 328 46.73 -33.28 -10.68
N ILE E 329 45.88 -32.49 -11.32
CA ILE E 329 44.76 -32.94 -12.13
C ILE E 329 45.07 -34.07 -13.10
N THR E 330 46.01 -33.85 -14.00
CA THR E 330 46.38 -34.86 -14.97
C THR E 330 46.65 -36.22 -14.32
N LYS E 331 47.24 -36.18 -13.13
CA LYS E 331 47.58 -37.37 -12.36
C LYS E 331 46.33 -38.18 -12.07
N TYR E 332 45.40 -37.52 -11.39
CA TYR E 332 44.14 -38.13 -11.02
C TYR E 332 43.31 -38.39 -12.28
N LEU E 333 42.97 -37.35 -13.04
CA LEU E 333 42.20 -37.54 -14.27
C LEU E 333 42.67 -38.78 -15.02
N LYS E 334 43.99 -38.93 -15.08
CA LYS E 334 44.65 -40.03 -15.77
C LYS E 334 44.28 -41.41 -15.23
N LEU E 335 44.31 -41.54 -13.91
CA LEU E 335 43.98 -42.80 -13.24
C LEU E 335 42.55 -43.15 -13.60
N GLY E 336 41.67 -42.15 -13.49
CA GLY E 336 40.27 -42.32 -13.83
C GLY E 336 40.18 -42.88 -15.23
N GLN E 337 41.01 -42.36 -16.14
CA GLN E 337 41.03 -42.86 -17.52
C GLN E 337 41.47 -44.31 -17.51
N GLN E 338 42.20 -44.70 -16.48
CA GLN E 338 42.64 -46.08 -16.42
C GLN E 338 41.50 -47.00 -16.00
N CYS E 339 40.67 -46.51 -15.09
CA CYS E 339 39.51 -47.25 -14.61
C CYS E 339 38.45 -47.33 -15.73
N ILE E 340 38.06 -46.16 -16.25
CA ILE E 340 37.05 -46.10 -17.31
C ILE E 340 37.63 -45.67 -18.65
N PRO E 341 38.55 -46.48 -19.22
CA PRO E 341 39.23 -46.24 -20.50
C PRO E 341 38.42 -45.79 -21.73
N ASN E 342 37.10 -45.87 -21.64
CA ASN E 342 36.27 -45.46 -22.77
C ASN E 342 35.42 -44.24 -22.38
N SER E 343 35.77 -43.57 -21.29
CA SER E 343 35.02 -42.41 -20.86
C SER E 343 35.52 -41.19 -21.60
N ALA E 344 34.66 -40.67 -22.46
CA ALA E 344 34.96 -39.50 -23.25
C ALA E 344 35.16 -38.31 -22.32
N VAL E 345 34.33 -38.21 -21.28
CA VAL E 345 34.42 -37.11 -20.32
C VAL E 345 35.87 -37.02 -19.83
N LEU E 346 36.46 -38.17 -19.53
CA LEU E 346 37.85 -38.20 -19.07
C LEU E 346 38.85 -38.08 -20.24
N ALA E 347 38.52 -38.64 -21.38
CA ALA E 347 39.40 -38.53 -22.54
C ALA E 347 39.57 -37.06 -22.94
N PHE E 348 38.50 -36.29 -22.80
CA PHE E 348 38.54 -34.87 -23.12
C PHE E 348 39.16 -34.12 -21.97
N SER E 349 38.72 -34.44 -20.77
CA SER E 349 39.25 -33.80 -19.59
C SER E 349 40.77 -33.91 -19.57
N LEU E 350 41.27 -35.08 -19.95
CA LEU E 350 42.71 -35.30 -19.99
C LEU E 350 43.27 -34.48 -21.14
N SER E 351 42.67 -34.64 -22.32
CA SER E 351 43.08 -33.93 -23.51
C SER E 351 43.26 -32.44 -23.22
N GLU E 352 42.36 -31.84 -22.46
CA GLU E 352 42.47 -30.43 -22.15
C GLU E 352 43.71 -30.10 -21.34
N GLN E 353 43.99 -30.94 -20.34
CA GLN E 353 45.13 -30.73 -19.48
C GLN E 353 46.40 -30.69 -20.29
N TYR E 354 46.60 -31.72 -21.09
CA TYR E 354 47.78 -31.79 -21.93
C TYR E 354 47.87 -30.53 -22.76
N GLU E 355 46.81 -30.18 -23.47
CA GLU E 355 46.84 -28.98 -24.27
C GLU E 355 47.29 -27.87 -23.32
N LEU E 356 46.56 -27.71 -22.22
CA LEU E 356 46.89 -26.68 -21.26
C LEU E 356 48.39 -26.64 -20.99
N ASN E 357 49.04 -27.81 -20.98
CA ASN E 357 50.47 -27.89 -20.71
C ASN E 357 51.28 -28.14 -21.97
N THR E 358 50.68 -27.72 -23.09
CA THR E 358 51.24 -27.80 -24.42
C THR E 358 51.76 -29.15 -24.88
N LYS E 359 51.68 -30.17 -24.01
CA LYS E 359 52.14 -31.49 -24.40
C LYS E 359 51.14 -32.01 -25.42
N ILE E 360 51.38 -31.65 -26.68
CA ILE E 360 50.50 -31.99 -27.81
C ILE E 360 50.35 -33.45 -28.24
N PRO E 361 51.47 -34.16 -28.43
CA PRO E 361 51.45 -35.56 -28.85
C PRO E 361 50.61 -36.44 -27.93
N GLU E 362 50.49 -36.02 -26.68
CA GLU E 362 49.69 -36.77 -25.72
C GLU E 362 48.24 -36.58 -26.06
N ILE E 363 47.87 -35.32 -26.31
CA ILE E 363 46.51 -34.93 -26.64
C ILE E 363 45.86 -35.88 -27.63
N GLU E 364 46.68 -36.48 -28.47
CA GLU E 364 46.20 -37.39 -29.49
C GLU E 364 46.04 -38.80 -28.96
N THR E 365 47.11 -39.37 -28.41
CA THR E 365 47.04 -40.73 -27.88
C THR E 365 45.88 -40.88 -26.92
N THR E 366 45.78 -39.93 -26.01
CA THR E 366 44.72 -39.94 -25.02
C THR E 366 43.37 -39.96 -25.72
N ILE E 367 43.19 -39.18 -26.78
CA ILE E 367 41.92 -39.19 -27.48
C ILE E 367 41.75 -40.47 -28.26
N LEU E 368 42.85 -41.04 -28.74
CA LEU E 368 42.76 -42.30 -29.48
C LEU E 368 42.56 -43.48 -28.53
N SER E 369 43.36 -43.55 -27.47
CA SER E 369 43.20 -44.63 -26.52
C SER E 369 41.71 -44.88 -26.27
N CYS E 370 40.97 -43.83 -25.96
CA CYS E 370 39.54 -43.91 -25.70
C CYS E 370 38.81 -44.37 -26.96
N ILE E 371 39.21 -43.83 -28.10
CA ILE E 371 38.59 -44.24 -29.37
C ILE E 371 38.72 -45.75 -29.54
N ASP E 372 39.94 -46.23 -29.67
CA ASP E 372 40.22 -47.64 -29.83
C ASP E 372 39.42 -48.48 -28.84
N ARG E 373 39.48 -48.09 -27.57
CA ARG E 373 38.76 -48.80 -26.52
C ARG E 373 37.29 -48.93 -26.93
N ILE E 374 36.70 -47.86 -27.46
CA ILE E 374 35.30 -47.89 -27.87
C ILE E 374 35.09 -48.78 -29.09
N HIS E 375 36.12 -48.90 -29.92
CA HIS E 375 36.04 -49.73 -31.11
C HIS E 375 35.77 -51.17 -30.77
N LEU E 376 36.51 -51.69 -29.79
CA LEU E 376 36.35 -53.09 -29.35
C LEU E 376 35.12 -53.25 -28.46
N ASP E 377 34.71 -52.19 -27.77
CA ASP E 377 33.52 -52.28 -26.97
C ASP E 377 32.44 -52.53 -28.00
N LEU E 378 32.63 -51.99 -29.20
CA LEU E 378 31.68 -52.14 -30.31
C LEU E 378 31.92 -53.42 -31.10
N ALA E 379 33.19 -53.73 -31.35
CA ALA E 379 33.58 -54.94 -32.09
C ALA E 379 33.01 -56.21 -31.45
N ALA E 380 33.03 -56.26 -30.11
CA ALA E 380 32.52 -57.39 -29.37
C ALA E 380 31.00 -57.38 -29.40
N LEU E 381 30.38 -56.52 -28.59
CA LEU E 381 28.92 -56.45 -28.53
C LEU E 381 28.26 -56.84 -29.85
N MET E 382 28.84 -56.38 -30.96
CA MET E 382 28.27 -56.72 -32.25
C MET E 382 28.22 -58.23 -32.42
N GLU E 383 29.38 -58.89 -32.39
CA GLU E 383 29.42 -60.35 -32.54
C GLU E 383 28.67 -61.05 -31.38
N ASP E 384 28.91 -60.58 -30.15
CA ASP E 384 28.29 -61.14 -28.95
C ASP E 384 26.78 -61.11 -28.85
N ASP E 385 26.12 -60.42 -29.78
CA ASP E 385 24.66 -60.34 -29.83
C ASP E 385 24.18 -59.25 -30.79
N PRO E 386 24.37 -59.49 -32.09
CA PRO E 386 23.99 -58.57 -33.16
C PRO E 386 22.49 -58.39 -33.21
N THR E 387 21.86 -58.66 -32.07
CA THR E 387 20.43 -58.53 -31.94
C THR E 387 20.08 -57.32 -31.11
N ASN E 388 21.08 -56.72 -30.46
CA ASN E 388 20.80 -55.56 -29.64
C ASN E 388 21.15 -54.27 -30.36
N GLU E 389 20.36 -53.93 -31.38
CA GLU E 389 20.59 -52.72 -32.17
C GLU E 389 20.37 -51.51 -31.27
N SER E 390 19.26 -51.51 -30.55
CA SER E 390 18.94 -50.41 -29.67
C SER E 390 20.15 -50.14 -28.78
N ALA E 391 21.08 -51.10 -28.78
CA ALA E 391 22.30 -50.99 -27.99
C ALA E 391 23.47 -50.74 -28.92
N ILE E 392 23.72 -51.67 -29.82
CA ILE E 392 24.83 -51.54 -30.76
C ILE E 392 24.87 -50.18 -31.40
N ASN E 393 23.71 -49.59 -31.64
CA ASN E 393 23.69 -48.27 -32.25
C ASN E 393 24.13 -47.23 -31.22
N GLN E 394 23.49 -47.27 -30.06
CA GLN E 394 23.81 -46.34 -28.99
C GLN E 394 25.32 -46.23 -28.80
N LEU E 395 26.00 -47.36 -28.89
CA LEU E 395 27.47 -47.41 -28.74
C LEU E 395 28.18 -46.90 -29.99
N LYS E 396 27.54 -47.09 -31.14
CA LYS E 396 28.10 -46.66 -32.41
C LYS E 396 28.14 -45.14 -32.48
N SER E 397 27.18 -44.52 -31.80
CA SER E 397 27.04 -43.06 -31.77
C SER E 397 28.10 -42.47 -30.86
N LYS E 398 28.37 -43.14 -29.74
CA LYS E 398 29.39 -42.71 -28.79
C LYS E 398 30.70 -42.75 -29.56
N LEU E 399 30.91 -43.85 -30.28
CA LEU E 399 32.11 -44.01 -31.08
C LEU E 399 32.28 -42.84 -32.05
N THR E 400 31.23 -42.51 -32.78
CA THR E 400 31.28 -41.42 -33.77
C THR E 400 31.47 -40.04 -33.16
N TYR E 401 30.72 -39.73 -32.11
CA TYR E 401 30.82 -38.46 -31.43
C TYR E 401 32.28 -38.24 -31.05
N VAL E 402 32.86 -39.21 -30.38
CA VAL E 402 34.27 -39.09 -29.99
C VAL E 402 35.08 -38.68 -31.22
N TYR E 403 34.91 -39.40 -32.32
CA TYR E 403 35.62 -39.10 -33.55
C TYR E 403 35.40 -37.65 -33.92
N CYS E 404 34.17 -37.18 -33.76
CA CYS E 404 33.85 -35.79 -34.06
C CYS E 404 34.73 -34.87 -33.25
N VAL E 405 34.41 -34.73 -31.98
CA VAL E 405 35.19 -33.85 -31.10
C VAL E 405 36.68 -34.10 -31.27
N TYR E 406 37.03 -35.27 -31.78
CA TYR E 406 38.43 -35.59 -32.03
C TYR E 406 38.89 -34.78 -33.23
N MET E 407 38.29 -35.08 -34.38
CA MET E 407 38.55 -34.39 -35.64
C MET E 407 38.47 -32.89 -35.40
N ASN E 408 37.48 -32.51 -34.61
CA ASN E 408 37.25 -31.12 -34.26
C ASN E 408 38.49 -30.54 -33.58
N THR E 409 39.07 -31.32 -32.67
CA THR E 409 40.23 -30.87 -31.92
C THR E 409 41.49 -30.66 -32.76
N MET E 410 41.88 -31.63 -33.58
CA MET E 410 43.07 -31.47 -34.39
C MET E 410 42.97 -30.27 -35.30
N LYS E 411 41.78 -29.97 -35.78
CA LYS E 411 41.57 -28.83 -36.67
C LYS E 411 42.09 -27.61 -35.94
N ARG E 412 41.72 -27.53 -34.67
CA ARG E 412 42.11 -26.42 -33.83
C ARG E 412 43.57 -26.44 -33.40
N ILE E 413 44.24 -27.58 -33.54
CA ILE E 413 45.63 -27.65 -33.10
C ILE E 413 46.61 -27.84 -34.23
N GLN E 414 46.26 -28.70 -35.19
CA GLN E 414 47.11 -28.99 -36.33
C GLN E 414 46.57 -28.44 -37.63
N GLY E 415 45.45 -27.75 -37.57
CA GLY E 415 44.90 -27.15 -38.77
C GLY E 415 44.06 -28.04 -39.68
N LEU E 416 43.44 -27.39 -40.67
CA LEU E 416 42.57 -28.04 -41.64
C LEU E 416 43.20 -29.34 -42.10
N ALA E 417 44.43 -29.23 -42.57
CA ALA E 417 45.18 -30.37 -43.02
C ALA E 417 44.80 -31.66 -42.27
N ALA E 418 45.16 -31.74 -40.99
CA ALA E 418 44.89 -32.90 -40.17
C ALA E 418 43.42 -33.25 -40.07
N SER E 419 42.57 -32.25 -40.07
CA SER E 419 41.14 -32.47 -39.96
C SER E 419 40.74 -33.57 -40.94
N ARG E 420 40.92 -33.29 -42.22
CA ARG E 420 40.59 -34.21 -43.30
C ARG E 420 41.17 -35.59 -43.09
N LYS E 421 42.31 -35.69 -42.43
CA LYS E 421 42.88 -36.99 -42.19
C LYS E 421 41.85 -37.74 -41.38
N ILE E 422 41.47 -37.15 -40.25
CA ILE E 422 40.51 -37.75 -39.36
C ILE E 422 39.19 -38.13 -40.02
N PHE E 423 38.71 -37.30 -40.93
CA PHE E 423 37.45 -37.59 -41.63
C PHE E 423 37.68 -38.75 -42.62
N GLY E 424 38.87 -38.78 -43.20
CA GLY E 424 39.19 -39.83 -44.15
C GLY E 424 39.16 -41.18 -43.46
N LYS E 425 40.01 -41.36 -42.45
CA LYS E 425 40.03 -42.64 -41.75
C LYS E 425 38.60 -42.97 -41.37
N CYS E 426 37.92 -41.98 -40.80
CA CYS E 426 36.54 -42.16 -40.36
C CYS E 426 35.65 -42.61 -41.50
N ARG E 427 35.68 -41.86 -42.59
CA ARG E 427 34.87 -42.18 -43.76
C ARG E 427 35.04 -43.64 -44.17
N ARG E 428 36.30 -44.07 -44.27
CA ARG E 428 36.60 -45.44 -44.66
C ARG E 428 36.13 -46.48 -43.65
N LEU E 429 35.48 -46.04 -42.58
CA LEU E 429 34.96 -46.96 -41.57
C LEU E 429 33.59 -47.44 -42.01
N LYS E 430 33.22 -47.05 -43.24
CA LYS E 430 31.95 -47.42 -43.84
C LYS E 430 30.78 -47.00 -42.95
N LYS E 431 29.81 -47.89 -42.84
CA LYS E 431 28.60 -47.65 -42.06
C LYS E 431 28.76 -48.05 -40.60
N LEU E 432 29.98 -47.93 -40.10
CA LEU E 432 30.28 -48.28 -38.73
C LEU E 432 30.23 -47.01 -37.87
N VAL E 433 29.99 -45.88 -38.52
CA VAL E 433 29.91 -44.57 -37.86
C VAL E 433 28.67 -43.82 -38.27
N THR E 434 27.84 -43.40 -37.31
CA THR E 434 26.63 -42.68 -37.65
C THR E 434 26.97 -41.54 -38.60
N PRO E 435 25.97 -40.94 -39.24
CA PRO E 435 26.17 -39.83 -40.18
C PRO E 435 26.93 -38.65 -39.59
N ASP E 436 26.48 -38.18 -38.42
CA ASP E 436 27.06 -37.03 -37.72
C ASP E 436 28.44 -36.64 -38.18
N ILE E 437 29.37 -37.58 -38.18
CA ILE E 437 30.73 -37.28 -38.60
C ILE E 437 30.77 -36.55 -39.95
N TYR E 438 29.84 -36.86 -40.85
CA TYR E 438 29.81 -36.18 -42.14
C TYR E 438 29.22 -34.76 -42.01
N LEU E 439 28.25 -34.59 -41.12
CA LEU E 439 27.64 -33.27 -40.91
C LEU E 439 28.63 -32.38 -40.19
N GLU E 440 29.25 -32.93 -39.14
CA GLU E 440 30.23 -32.19 -38.37
C GLU E 440 31.41 -31.82 -39.24
N ASN E 441 31.79 -32.72 -40.16
CA ASN E 441 32.91 -32.41 -41.05
C ASN E 441 32.51 -31.26 -41.95
N ALA E 442 31.25 -31.25 -42.38
CA ALA E 442 30.73 -30.21 -43.27
C ALA E 442 30.77 -28.81 -42.67
N TYR E 443 30.07 -28.59 -41.56
CA TYR E 443 30.06 -27.26 -40.92
C TYR E 443 31.47 -26.78 -40.68
N ILE E 444 32.43 -27.70 -40.79
CA ILE E 444 33.83 -27.36 -40.62
C ILE E 444 34.32 -26.74 -41.93
N GLU E 445 34.22 -27.50 -43.01
CA GLU E 445 34.66 -27.05 -44.34
C GLU E 445 33.90 -25.82 -44.80
N TYR E 446 32.72 -25.59 -44.24
CA TYR E 446 31.93 -24.44 -44.59
C TYR E 446 32.40 -23.26 -43.77
N HIS E 447 32.40 -23.42 -42.45
CA HIS E 447 32.83 -22.36 -41.55
C HIS E 447 34.31 -22.07 -41.57
N ILE E 448 34.97 -22.54 -42.64
CA ILE E 448 36.40 -22.34 -42.85
C ILE E 448 36.64 -21.16 -43.74
N SER E 449 35.86 -21.09 -44.82
CA SER E 449 36.01 -20.02 -45.81
C SER E 449 34.66 -19.48 -46.29
N LYS E 450 33.59 -20.19 -45.97
CA LYS E 450 32.22 -19.83 -46.37
C LYS E 450 31.86 -20.51 -47.71
N ASP E 451 32.82 -21.22 -48.27
CA ASP E 451 32.59 -21.90 -49.55
C ASP E 451 32.02 -23.30 -49.41
N THR E 452 30.90 -23.52 -50.09
CA THR E 452 30.16 -24.78 -50.07
C THR E 452 30.61 -25.90 -51.01
N LYS E 453 31.44 -25.58 -52.00
CA LYS E 453 31.89 -26.60 -52.94
C LYS E 453 32.42 -27.85 -52.22
N THR E 454 33.18 -27.60 -51.15
CA THR E 454 33.78 -28.64 -50.34
C THR E 454 32.78 -29.33 -49.43
N ALA E 455 32.02 -28.53 -48.68
CA ALA E 455 31.02 -29.08 -47.76
C ALA E 455 30.05 -30.05 -48.43
N CYS E 456 29.24 -29.51 -49.34
CA CYS E 456 28.25 -30.31 -50.05
C CYS E 456 28.84 -31.59 -50.61
N LYS E 457 29.96 -31.48 -51.31
CA LYS E 457 30.62 -32.64 -51.90
C LYS E 457 30.82 -33.68 -50.78
N VAL E 458 30.98 -33.19 -49.56
CA VAL E 458 31.16 -34.07 -48.41
C VAL E 458 29.91 -34.87 -48.15
N LEU E 459 28.86 -34.19 -47.70
CA LEU E 459 27.60 -34.83 -47.39
C LEU E 459 27.17 -35.79 -48.51
N GLU E 460 27.45 -35.43 -49.76
CA GLU E 460 27.10 -36.30 -50.88
C GLU E 460 27.65 -37.67 -50.57
N LEU E 461 28.92 -37.71 -50.20
CA LEU E 461 29.53 -38.97 -49.85
C LEU E 461 28.68 -39.63 -48.79
N GLY E 462 28.23 -38.82 -47.84
CA GLY E 462 27.40 -39.35 -46.78
C GLY E 462 26.18 -40.10 -47.29
N LEU E 463 25.75 -39.80 -48.51
CA LEU E 463 24.58 -40.46 -49.05
C LEU E 463 24.87 -41.86 -49.53
N LYS E 464 26.15 -42.17 -49.78
CA LYS E 464 26.49 -43.51 -50.20
C LYS E 464 25.85 -44.49 -49.25
N TYR E 465 26.10 -44.31 -47.95
CA TYR E 465 25.57 -45.22 -46.92
C TYR E 465 24.42 -44.68 -46.09
N PHE E 466 23.91 -43.50 -46.40
CA PHE E 466 22.84 -42.95 -45.60
C PHE E 466 21.67 -42.31 -46.34
N ALA E 467 21.63 -42.43 -47.66
CA ALA E 467 20.55 -41.85 -48.44
C ALA E 467 19.16 -42.25 -47.97
N THR E 468 19.11 -43.21 -47.05
CA THR E 468 17.84 -43.66 -46.50
C THR E 468 17.59 -43.05 -45.14
N ASP E 469 18.60 -43.11 -44.27
CA ASP E 469 18.50 -42.56 -42.93
C ASP E 469 17.83 -41.21 -43.00
N GLY E 470 16.57 -41.13 -42.56
CA GLY E 470 15.88 -39.85 -42.59
C GLY E 470 16.56 -38.87 -41.65
N GLU E 471 16.90 -39.37 -40.47
CA GLU E 471 17.57 -38.59 -39.44
C GLU E 471 18.67 -37.73 -40.06
N TYR E 472 19.35 -38.30 -41.05
CA TYR E 472 20.45 -37.62 -41.71
C TYR E 472 19.93 -36.57 -42.66
N ILE E 473 19.21 -37.01 -43.69
CA ILE E 473 18.64 -36.12 -44.69
C ILE E 473 18.06 -34.86 -44.07
N ASN E 474 17.44 -35.01 -42.91
CA ASN E 474 16.88 -33.86 -42.22
C ASN E 474 18.00 -32.87 -41.93
N LYS E 475 19.07 -33.35 -41.31
CA LYS E 475 20.22 -32.52 -40.96
C LYS E 475 20.82 -31.95 -42.23
N TYR E 476 20.85 -32.78 -43.27
CA TYR E 476 21.39 -32.41 -44.57
C TYR E 476 20.66 -31.20 -45.11
N LEU E 477 19.34 -31.30 -45.22
CA LEU E 477 18.51 -30.20 -45.72
C LEU E 477 18.81 -28.93 -44.97
N ASP E 478 18.73 -29.00 -43.65
CA ASP E 478 19.00 -27.86 -42.80
C ASP E 478 20.26 -27.13 -43.25
N PHE E 479 21.37 -27.85 -43.34
CA PHE E 479 22.64 -27.26 -43.75
C PHE E 479 22.58 -26.59 -45.11
N LEU E 480 21.78 -27.15 -46.01
CA LEU E 480 21.63 -26.61 -47.35
C LEU E 480 20.80 -25.33 -47.27
N ILE E 481 19.82 -25.32 -46.39
CA ILE E 481 18.99 -24.14 -46.19
C ILE E 481 19.87 -23.07 -45.54
N TYR E 482 20.67 -23.50 -44.57
CA TYR E 482 21.60 -22.66 -43.82
C TYR E 482 22.41 -21.81 -44.80
N VAL E 483 23.01 -22.46 -45.79
CA VAL E 483 23.84 -21.78 -46.78
C VAL E 483 23.11 -21.28 -48.03
N ASN E 484 21.89 -21.74 -48.22
CA ASN E 484 21.06 -21.35 -49.35
C ASN E 484 21.44 -21.86 -50.74
N GLU E 485 21.57 -23.18 -50.84
CA GLU E 485 21.88 -23.82 -52.11
C GLU E 485 20.57 -24.43 -52.58
N GLU E 486 19.55 -23.59 -52.69
CA GLU E 486 18.22 -24.03 -53.10
C GLU E 486 18.29 -25.11 -54.16
N SER E 487 19.10 -24.88 -55.17
CA SER E 487 19.26 -25.85 -56.25
C SER E 487 19.49 -27.24 -55.68
N GLN E 488 20.28 -27.31 -54.61
CA GLN E 488 20.62 -28.54 -53.92
C GLN E 488 19.46 -29.00 -53.04
N VAL E 489 18.94 -28.06 -52.26
CA VAL E 489 17.83 -28.33 -51.37
C VAL E 489 16.78 -29.15 -52.10
N LYS E 490 16.31 -28.57 -53.20
CA LYS E 490 15.27 -29.13 -54.05
C LYS E 490 15.58 -30.52 -54.62
N SER E 491 16.81 -30.71 -55.04
CA SER E 491 17.22 -31.98 -55.61
C SER E 491 17.41 -33.07 -54.56
N LEU E 492 17.76 -32.67 -53.34
CA LEU E 492 17.94 -33.65 -52.27
C LEU E 492 16.56 -34.06 -51.81
N PHE E 493 15.71 -33.06 -51.67
CA PHE E 493 14.36 -33.31 -51.24
C PHE E 493 13.75 -34.27 -52.24
N GLU E 494 13.62 -33.81 -53.48
CA GLU E 494 13.04 -34.59 -54.56
C GLU E 494 13.56 -36.03 -54.58
N SER E 495 14.88 -36.15 -54.51
CA SER E 495 15.55 -37.44 -54.51
C SER E 495 15.19 -38.32 -53.33
N SER E 496 15.13 -37.71 -52.15
CA SER E 496 14.86 -38.42 -50.91
C SER E 496 13.41 -38.85 -50.66
N ILE E 497 12.46 -38.11 -51.23
CA ILE E 497 11.04 -38.39 -51.00
C ILE E 497 10.59 -39.83 -50.96
N ASP E 498 11.09 -40.68 -51.85
CA ASP E 498 10.67 -42.08 -51.80
C ASP E 498 11.83 -43.00 -51.44
N LYS E 499 12.84 -42.45 -50.79
CA LYS E 499 14.00 -43.22 -50.38
C LYS E 499 14.01 -43.28 -48.84
N ILE E 500 13.16 -42.48 -48.22
CA ILE E 500 13.09 -42.44 -46.77
C ILE E 500 11.79 -43.02 -46.24
N SER E 501 11.87 -44.11 -45.49
CA SER E 501 10.66 -44.68 -44.92
C SER E 501 10.33 -43.80 -43.71
N ASP E 502 9.70 -44.35 -42.68
CA ASP E 502 9.35 -43.57 -41.49
C ASP E 502 8.52 -42.33 -41.87
N SER E 503 7.20 -42.48 -41.86
CA SER E 503 6.32 -41.37 -42.23
C SER E 503 6.68 -40.07 -41.53
N HIS E 504 6.85 -40.13 -40.21
CA HIS E 504 7.17 -38.93 -39.46
C HIS E 504 8.43 -38.22 -39.94
N LEU E 505 9.53 -38.96 -40.06
CA LEU E 505 10.78 -38.36 -40.53
C LEU E 505 10.57 -37.78 -41.92
N LEU E 506 9.66 -38.39 -42.68
CA LEU E 506 9.35 -37.91 -44.03
C LEU E 506 8.52 -36.63 -43.95
N LYS E 507 7.51 -36.63 -43.10
CA LYS E 507 6.66 -35.46 -42.92
C LYS E 507 7.55 -34.25 -42.65
N MET E 508 8.49 -34.40 -41.74
CA MET E 508 9.40 -33.33 -41.41
C MET E 508 10.16 -32.78 -42.61
N ILE E 509 10.37 -33.62 -43.62
CA ILE E 509 11.08 -33.19 -44.81
C ILE E 509 10.24 -32.22 -45.63
N PHE E 510 8.96 -32.53 -45.76
CA PHE E 510 8.07 -31.64 -46.50
C PHE E 510 7.98 -30.36 -45.70
N GLN E 511 7.53 -30.48 -44.46
CA GLN E 511 7.40 -29.32 -43.61
C GLN E 511 8.55 -28.36 -43.78
N LYS E 512 9.78 -28.88 -43.69
CA LYS E 512 10.96 -28.05 -43.83
C LYS E 512 11.06 -27.47 -45.24
N VAL E 513 11.11 -28.35 -46.24
CA VAL E 513 11.19 -27.91 -47.63
C VAL E 513 10.14 -26.84 -47.85
N ILE E 514 8.90 -27.16 -47.54
CA ILE E 514 7.79 -26.22 -47.71
C ILE E 514 8.11 -24.87 -47.08
N PHE E 515 8.32 -24.85 -45.78
CA PHE E 515 8.64 -23.60 -45.12
C PHE E 515 9.68 -22.85 -45.94
N PHE E 516 10.75 -23.56 -46.30
CA PHE E 516 11.80 -22.96 -47.10
C PHE E 516 11.18 -22.34 -48.35
N GLU E 517 10.59 -23.18 -49.19
CA GLU E 517 9.94 -22.75 -50.43
C GLU E 517 9.20 -21.43 -50.26
N SER E 518 8.44 -21.34 -49.18
CA SER E 518 7.66 -20.15 -48.88
C SER E 518 8.54 -18.96 -48.50
N LYS E 519 9.70 -19.23 -47.95
CA LYS E 519 10.57 -18.14 -47.57
C LYS E 519 11.40 -17.58 -48.75
N VAL E 520 11.84 -18.43 -49.67
CA VAL E 520 12.66 -17.96 -50.80
C VAL E 520 11.93 -17.97 -52.13
N GLY E 521 11.10 -18.99 -52.33
CA GLY E 521 10.40 -19.12 -53.58
C GLY E 521 9.16 -18.30 -53.79
N SER E 522 8.18 -18.91 -54.45
CA SER E 522 6.92 -18.26 -54.74
C SER E 522 5.77 -19.01 -54.10
N LEU E 523 4.77 -18.25 -53.68
CA LEU E 523 3.55 -18.76 -53.08
C LEU E 523 3.07 -19.97 -53.91
N ASN E 524 3.10 -19.80 -55.22
CA ASN E 524 2.65 -20.86 -56.13
C ASN E 524 3.48 -22.12 -55.98
N SER E 525 4.79 -21.96 -55.94
CA SER E 525 5.64 -23.13 -55.81
C SER E 525 5.30 -23.88 -54.52
N VAL E 526 4.95 -23.12 -53.49
CA VAL E 526 4.58 -23.71 -52.22
C VAL E 526 3.27 -24.47 -52.35
N ARG E 527 2.27 -23.80 -52.93
CA ARG E 527 0.96 -24.41 -53.10
C ARG E 527 1.10 -25.73 -53.83
N THR E 528 2.01 -25.75 -54.80
CA THR E 528 2.22 -26.94 -55.58
C THR E 528 2.74 -28.02 -54.65
N LEU E 529 3.63 -27.61 -53.75
CA LEU E 529 4.23 -28.51 -52.79
C LEU E 529 3.22 -29.07 -51.80
N GLU E 530 2.48 -28.18 -51.14
CA GLU E 530 1.49 -28.58 -50.16
C GLU E 530 0.52 -29.55 -50.82
N LYS E 531 0.25 -29.32 -52.09
CA LYS E 531 -0.64 -30.20 -52.83
C LYS E 531 -0.17 -31.66 -52.65
N ARG E 532 1.10 -31.91 -52.97
CA ARG E 532 1.66 -33.26 -52.89
C ARG E 532 1.80 -33.74 -51.48
N PHE E 533 2.03 -32.81 -50.57
CA PHE E 533 2.18 -33.12 -49.15
C PHE E 533 0.86 -33.63 -48.56
N PHE E 534 -0.23 -32.91 -48.81
CA PHE E 534 -1.54 -33.33 -48.31
C PHE E 534 -1.89 -34.58 -49.09
N GLU E 535 -1.29 -34.72 -50.27
CA GLU E 535 -1.56 -35.88 -51.11
C GLU E 535 -0.95 -37.16 -50.50
N LYS E 536 0.34 -37.13 -50.12
CA LYS E 536 1.02 -38.31 -49.53
C LYS E 536 0.74 -38.48 -48.05
N PHE E 537 0.38 -37.39 -47.39
CA PHE E 537 0.07 -37.42 -45.98
C PHE E 537 -1.38 -37.02 -45.77
N PRO E 538 -2.31 -37.55 -46.60
CA PRO E 538 -3.71 -37.16 -46.39
C PRO E 538 -4.01 -37.16 -44.91
N GLU E 539 -4.88 -36.27 -44.47
CA GLU E 539 -5.18 -36.22 -43.05
C GLU E 539 -3.94 -35.67 -42.33
N VAL E 540 -3.94 -34.36 -42.14
CA VAL E 540 -2.88 -33.60 -41.48
C VAL E 540 -3.57 -32.30 -41.24
N ASN E 541 -3.87 -31.94 -40.00
CA ASN E 541 -4.57 -30.70 -39.82
C ASN E 541 -4.05 -29.57 -40.69
N LYS E 542 -4.78 -29.25 -41.76
CA LYS E 542 -4.37 -28.19 -42.68
C LYS E 542 -4.05 -26.88 -41.99
N LEU E 543 -4.93 -26.43 -41.10
CA LEU E 543 -4.68 -25.16 -40.41
C LEU E 543 -3.39 -25.23 -39.60
N GLU E 544 -3.12 -26.38 -39.01
CA GLU E 544 -1.91 -26.54 -38.22
C GLU E 544 -0.71 -26.25 -39.10
N GLU E 545 -0.62 -26.98 -40.20
CA GLU E 545 0.49 -26.76 -41.09
C GLU E 545 0.56 -25.27 -41.38
N PHE E 546 -0.54 -24.70 -41.84
CA PHE E 546 -0.57 -23.28 -42.15
C PHE E 546 0.25 -22.45 -41.15
N THR E 547 0.17 -22.80 -39.87
CA THR E 547 0.91 -22.03 -38.86
C THR E 547 2.40 -22.24 -38.98
N ASN E 548 2.78 -23.49 -39.19
CA ASN E 548 4.18 -23.84 -39.34
C ASN E 548 4.79 -22.92 -40.38
N LYS E 549 4.26 -23.00 -41.59
CA LYS E 549 4.73 -22.19 -42.71
C LYS E 549 4.96 -20.75 -42.28
N TYR E 550 4.09 -20.25 -41.42
CA TYR E 550 4.17 -18.88 -40.97
C TYR E 550 4.93 -18.59 -39.67
N LYS E 551 6.03 -19.30 -39.45
CA LYS E 551 6.85 -19.10 -38.25
C LYS E 551 7.87 -17.97 -38.44
N VAL E 552 8.36 -17.42 -37.34
CA VAL E 552 9.37 -16.33 -37.38
C VAL E 552 10.41 -16.59 -36.30
N LEU E 553 11.68 -16.35 -36.61
CA LEU E 553 12.71 -16.62 -35.63
C LEU E 553 12.34 -17.94 -34.96
N ASP E 554 11.91 -18.89 -35.76
CA ASP E 554 11.53 -20.22 -35.30
C ASP E 554 10.62 -20.35 -34.07
N VAL E 555 9.45 -19.73 -34.13
CA VAL E 555 8.46 -19.80 -33.06
C VAL E 555 7.11 -19.68 -33.71
N ASN E 556 6.23 -20.62 -33.44
CA ASN E 556 4.91 -20.55 -34.05
C ASN E 556 4.04 -19.48 -33.39
N TYR E 557 4.43 -18.21 -33.50
CA TYR E 557 3.68 -17.11 -32.92
C TYR E 557 2.22 -17.15 -33.37
N LEU E 558 2.04 -17.34 -34.66
CA LEU E 558 0.71 -17.40 -35.23
C LEU E 558 -0.12 -18.44 -34.47
N GLN E 559 0.54 -19.26 -33.67
CA GLN E 559 -0.14 -20.30 -32.90
C GLN E 559 -0.19 -19.95 -31.40
N ARG E 560 0.97 -19.67 -30.83
CA ARG E 560 1.05 -19.32 -29.42
C ARG E 560 0.50 -17.92 -29.18
N LEU E 561 -0.39 -17.45 -30.04
CA LEU E 561 -0.99 -16.12 -29.90
C LEU E 561 -2.34 -16.01 -30.60
N GLU E 562 -2.96 -17.14 -30.87
CA GLU E 562 -4.24 -17.11 -31.55
C GLU E 562 -4.82 -18.48 -31.73
N LEU E 563 -4.01 -19.50 -31.49
CA LEU E 563 -4.49 -20.86 -31.62
C LEU E 563 -3.88 -21.76 -30.56
N ASP E 564 -3.68 -21.17 -29.38
CA ASP E 564 -3.09 -21.86 -28.25
C ASP E 564 -3.59 -23.26 -27.95
N TYR E 565 -4.86 -23.55 -28.24
CA TYR E 565 -5.40 -24.88 -27.96
C TYR E 565 -4.72 -25.99 -28.73
N MET E 566 -3.44 -25.77 -29.05
CA MET E 566 -2.63 -26.74 -29.80
C MET E 566 -1.21 -26.85 -29.18
N PRO E 608 -6.99 17.18 -33.14
CA PRO E 608 -7.45 18.42 -33.76
C PRO E 608 -8.67 18.26 -34.66
N PRO E 609 -9.73 17.59 -34.15
CA PRO E 609 -11.02 17.28 -34.81
C PRO E 609 -11.50 18.26 -35.89
N GLU E 610 -10.88 18.19 -37.06
CA GLU E 610 -11.22 19.05 -38.18
C GLU E 610 -10.34 18.59 -39.35
N ILE E 611 -9.21 18.01 -38.97
CA ILE E 611 -8.23 17.46 -39.90
C ILE E 611 -8.52 15.97 -39.88
N VAL E 612 -9.33 15.57 -38.90
CA VAL E 612 -9.72 14.19 -38.73
C VAL E 612 -10.78 13.82 -39.76
N GLU E 613 -11.50 14.84 -40.23
CA GLU E 613 -12.55 14.64 -41.23
C GLU E 613 -12.05 14.74 -42.67
N LEU E 614 -10.81 15.20 -42.84
CA LEU E 614 -10.21 15.27 -44.17
C LEU E 614 -9.51 13.94 -44.40
N LEU E 615 -9.11 13.30 -43.30
CA LEU E 615 -8.43 12.02 -43.40
C LEU E 615 -9.42 10.94 -43.79
N LYS E 616 -10.46 10.72 -42.96
CA LYS E 616 -11.45 9.68 -43.24
C LYS E 616 -11.94 9.57 -44.68
N VAL E 617 -11.68 10.58 -45.52
CA VAL E 617 -12.09 10.52 -46.92
C VAL E 617 -10.90 10.49 -47.89
N LEU E 618 -9.70 10.66 -47.36
CA LEU E 618 -8.50 10.63 -48.19
C LEU E 618 -8.02 9.17 -48.26
N PRO E 619 -7.38 8.78 -49.39
CA PRO E 619 -6.89 7.41 -49.54
C PRO E 619 -6.11 6.95 -48.31
N LYS E 620 -5.81 5.66 -48.22
CA LYS E 620 -5.05 5.15 -47.09
C LYS E 620 -3.56 5.43 -47.25
N ARG E 621 -2.80 5.06 -46.24
CA ARG E 621 -1.36 5.27 -46.21
C ARG E 621 -0.54 4.66 -47.34
N GLN E 622 -1.10 3.74 -48.13
CA GLN E 622 -0.36 3.07 -49.21
C GLN E 622 -0.13 3.83 -50.50
N TYR E 623 -1.20 3.97 -51.27
CA TYR E 623 -1.22 4.66 -52.55
C TYR E 623 -0.16 5.75 -52.73
N PHE E 624 0.18 6.44 -51.64
CA PHE E 624 1.17 7.51 -51.66
C PHE E 624 2.43 7.16 -50.89
N LYS E 625 2.32 6.30 -49.86
CA LYS E 625 3.46 5.91 -49.04
C LYS E 625 4.68 5.57 -49.90
N VAL E 626 4.42 4.91 -51.02
CA VAL E 626 5.46 4.49 -51.96
C VAL E 626 6.53 5.57 -52.12
N THR E 627 6.19 6.81 -51.77
CA THR E 627 7.15 7.90 -51.87
C THR E 627 6.87 9.05 -50.90
N ILE E 628 7.77 10.03 -50.94
CA ILE E 628 7.68 11.23 -50.12
C ILE E 628 8.01 12.43 -51.02
N PHE E 629 7.07 13.38 -51.09
CA PHE E 629 7.26 14.57 -51.90
C PHE E 629 7.61 15.79 -51.04
N GLU E 630 7.67 15.59 -49.72
CA GLU E 630 7.97 16.68 -48.77
C GLU E 630 7.90 16.20 -47.31
N ALA E 631 9.07 16.00 -46.68
CA ALA E 631 9.12 15.51 -45.29
C ALA E 631 9.13 16.57 -44.19
N HIS E 632 10.20 16.55 -43.38
CA HIS E 632 10.37 17.49 -42.27
C HIS E 632 10.32 18.92 -42.81
N ALA E 633 10.94 19.11 -43.98
CA ALA E 633 11.03 20.40 -44.64
C ALA E 633 9.65 20.99 -44.99
N PHE E 634 8.62 20.16 -44.93
CA PHE E 634 7.27 20.60 -45.25
C PHE E 634 6.73 21.48 -44.13
N SER E 635 6.83 21.02 -42.88
CA SER E 635 6.34 21.81 -41.76
C SER E 635 7.01 23.18 -41.86
N GLU E 636 8.31 23.19 -42.15
CA GLU E 636 9.06 24.43 -42.29
C GLU E 636 8.90 24.95 -43.72
N PHE E 637 7.68 25.41 -44.03
CA PHE E 637 7.31 25.94 -45.34
C PHE E 637 5.94 26.57 -45.14
N LEU E 638 5.08 25.86 -44.43
CA LEU E 638 3.73 26.30 -44.13
C LEU E 638 3.82 27.22 -42.91
N SER E 639 4.53 26.74 -41.88
CA SER E 639 4.71 27.47 -40.64
C SER E 639 5.35 28.84 -40.91
N ASP E 640 6.64 28.83 -41.27
CA ASP E 640 7.37 30.07 -41.54
C ASP E 640 7.85 30.25 -42.99
N LYS E 641 6.91 30.39 -43.92
CA LYS E 641 7.23 30.60 -45.32
C LYS E 641 5.96 30.67 -46.17
N ARG F 12 -16.28 13.28 -24.88
CA ARG F 12 -17.06 13.73 -23.69
C ARG F 12 -18.58 13.69 -23.92
N ASP F 13 -19.21 12.59 -23.51
CA ASP F 13 -20.65 12.46 -23.65
C ASP F 13 -21.28 12.67 -22.28
N GLU F 14 -22.30 13.53 -22.23
CA GLU F 14 -23.00 13.85 -20.99
C GLU F 14 -23.50 12.60 -20.29
N SER F 15 -24.82 12.39 -20.32
CA SER F 15 -25.40 11.22 -19.73
C SER F 15 -26.73 10.89 -20.38
N ASP F 16 -26.69 10.84 -21.71
CA ASP F 16 -27.85 10.51 -22.53
C ASP F 16 -27.77 9.00 -22.82
N VAL F 17 -26.74 8.36 -22.27
CA VAL F 17 -26.50 6.92 -22.40
C VAL F 17 -26.38 6.41 -23.84
N ILE F 18 -27.33 6.82 -24.67
CA ILE F 18 -27.36 6.42 -26.07
C ILE F 18 -26.03 6.74 -26.78
N GLY F 19 -25.43 7.88 -26.43
CA GLY F 19 -24.16 8.29 -27.04
C GLY F 19 -22.93 7.55 -26.56
N LYS F 20 -23.10 6.74 -25.52
CA LYS F 20 -22.00 5.94 -24.96
C LYS F 20 -21.94 4.59 -25.66
N LEU F 21 -22.71 4.46 -26.73
CA LEU F 21 -22.75 3.23 -27.51
C LEU F 21 -22.68 3.56 -29.00
N ASN F 22 -22.49 4.84 -29.31
CA ASN F 22 -22.35 5.31 -30.70
C ASN F 22 -20.86 5.37 -30.85
N ASP F 23 -20.19 5.12 -29.73
CA ASP F 23 -18.75 5.13 -29.64
C ASP F 23 -18.25 3.79 -29.10
N MET F 24 -18.72 3.41 -27.92
CA MET F 24 -18.33 2.15 -27.29
C MET F 24 -18.45 0.98 -28.29
N ILE F 25 -19.25 1.21 -29.32
CA ILE F 25 -19.52 0.26 -30.39
C ILE F 25 -18.66 0.63 -31.61
N GLU F 26 -18.29 1.90 -31.69
CA GLU F 26 -17.49 2.39 -32.80
C GLU F 26 -15.98 2.12 -32.63
N GLU F 27 -15.53 2.01 -31.39
CA GLU F 27 -14.12 1.76 -31.13
C GLU F 27 -13.99 0.28 -30.74
N GLN F 28 -14.97 -0.52 -31.15
CA GLN F 28 -15.03 -1.96 -30.85
C GLN F 28 -16.25 -2.69 -31.45
N PRO F 29 -16.60 -2.43 -32.73
CA PRO F 29 -17.76 -3.01 -33.44
C PRO F 29 -17.96 -4.53 -33.40
N THR F 30 -16.90 -5.26 -33.10
CA THR F 30 -16.99 -6.71 -33.02
C THR F 30 -18.03 -7.17 -32.00
N ASP F 31 -18.08 -6.49 -30.84
CA ASP F 31 -18.99 -6.83 -29.74
C ASP F 31 -20.47 -6.83 -30.10
N ILE F 32 -21.12 -7.99 -29.96
CA ILE F 32 -22.53 -8.09 -30.31
C ILE F 32 -23.42 -7.37 -29.32
N PHE F 33 -23.40 -7.81 -28.07
CA PHE F 33 -24.26 -7.21 -27.05
C PHE F 33 -24.42 -5.69 -27.19
N LEU F 34 -23.32 -4.95 -27.25
CA LEU F 34 -23.41 -3.51 -27.39
C LEU F 34 -24.51 -3.16 -28.38
N TYR F 35 -24.40 -3.69 -29.58
CA TYR F 35 -25.39 -3.44 -30.60
C TYR F 35 -26.80 -3.66 -30.04
N VAL F 36 -26.94 -4.64 -29.15
CA VAL F 36 -28.22 -4.98 -28.53
C VAL F 36 -28.72 -3.85 -27.61
N LYS F 37 -27.93 -3.49 -26.61
CA LYS F 37 -28.33 -2.41 -25.72
C LYS F 37 -28.84 -1.21 -26.53
N LEU F 38 -28.10 -0.79 -27.56
CA LEU F 38 -28.51 0.35 -28.38
C LEU F 38 -29.76 0.06 -29.21
N LEU F 39 -30.22 -1.19 -29.17
CA LEU F 39 -31.42 -1.56 -29.91
C LEU F 39 -32.64 -1.49 -29.01
N LYS F 40 -32.55 -2.12 -27.83
CA LYS F 40 -33.63 -2.12 -26.86
C LYS F 40 -33.93 -0.72 -26.37
N HIS F 41 -32.97 0.17 -26.54
CA HIS F 41 -33.12 1.54 -26.12
C HIS F 41 -33.64 2.42 -27.27
N HIS F 42 -33.27 2.10 -28.51
CA HIS F 42 -33.75 2.88 -29.65
C HIS F 42 -35.19 2.50 -29.91
N VAL F 43 -35.58 1.37 -29.32
CA VAL F 43 -36.94 0.82 -29.41
C VAL F 43 -37.80 1.42 -28.30
N SER F 44 -37.25 1.43 -27.08
CA SER F 44 -37.95 1.98 -25.94
C SER F 44 -38.24 3.46 -26.14
N LEU F 45 -37.82 4.01 -27.28
CA LEU F 45 -38.04 5.41 -27.58
C LEU F 45 -38.63 5.49 -28.97
N LYS F 46 -39.06 4.34 -29.47
CA LYS F 46 -39.66 4.22 -30.78
C LYS F 46 -39.06 5.12 -31.86
N GLN F 47 -37.73 5.15 -31.94
CA GLN F 47 -37.05 5.94 -32.96
C GLN F 47 -36.61 4.92 -33.99
N TRP F 48 -37.47 4.65 -34.96
CA TRP F 48 -37.22 3.65 -36.00
C TRP F 48 -36.31 4.02 -37.16
N LYS F 49 -35.98 5.30 -37.31
CA LYS F 49 -35.08 5.71 -38.39
C LYS F 49 -33.68 5.30 -37.90
N GLN F 50 -33.60 5.06 -36.59
CA GLN F 50 -32.37 4.63 -35.93
C GLN F 50 -32.30 3.09 -35.84
N VAL F 51 -33.32 2.48 -35.24
CA VAL F 51 -33.37 1.02 -35.10
C VAL F 51 -32.87 0.28 -36.34
N TYR F 52 -33.32 0.73 -37.51
CA TYR F 52 -32.92 0.11 -38.78
C TYR F 52 -31.47 0.46 -39.15
N GLU F 53 -31.03 1.65 -38.80
CA GLU F 53 -29.65 2.01 -39.10
C GLU F 53 -28.73 1.24 -38.13
N THR F 54 -29.31 0.70 -37.05
CA THR F 54 -28.53 -0.06 -36.05
C THR F 54 -28.47 -1.54 -36.43
N PHE F 55 -29.58 -2.09 -36.89
CA PHE F 55 -29.61 -3.49 -37.30
C PHE F 55 -28.79 -3.67 -38.58
N ASP F 56 -28.73 -2.63 -39.40
CA ASP F 56 -27.97 -2.67 -40.65
C ASP F 56 -26.47 -2.70 -40.37
N LYS F 57 -26.03 -1.96 -39.36
CA LYS F 57 -24.62 -1.97 -39.01
C LYS F 57 -24.30 -3.42 -38.84
N LEU F 58 -24.99 -4.06 -37.90
CA LEU F 58 -24.79 -5.47 -37.61
C LEU F 58 -24.73 -6.35 -38.87
N HIS F 59 -25.70 -6.21 -39.76
CA HIS F 59 -25.73 -7.03 -40.98
C HIS F 59 -24.45 -6.98 -41.79
N ASP F 60 -24.02 -5.76 -42.12
CA ASP F 60 -22.79 -5.57 -42.89
C ASP F 60 -21.69 -6.48 -42.36
N ARG F 61 -21.55 -6.53 -41.05
CA ARG F 61 -20.53 -7.37 -40.42
C ARG F 61 -20.96 -8.80 -40.20
N PHE F 62 -22.19 -9.01 -39.76
CA PHE F 62 -22.66 -10.36 -39.47
C PHE F 62 -23.81 -10.84 -40.37
N PRO F 63 -23.60 -10.90 -41.69
CA PRO F 63 -24.63 -11.34 -42.63
C PRO F 63 -24.95 -12.82 -42.55
N LEU F 64 -24.20 -13.56 -41.74
CA LEU F 64 -24.46 -14.99 -41.59
C LEU F 64 -24.84 -15.35 -40.15
N MET F 65 -25.22 -14.33 -39.39
CA MET F 65 -25.65 -14.56 -38.02
C MET F 65 -27.15 -14.78 -38.14
N ALA F 66 -27.58 -16.04 -38.12
CA ALA F 66 -29.01 -16.33 -38.22
C ALA F 66 -29.76 -15.65 -37.09
N ASN F 67 -29.34 -15.92 -35.87
CA ASN F 67 -29.99 -15.35 -34.70
C ASN F 67 -30.05 -13.83 -34.67
N ILE F 68 -29.50 -13.16 -35.68
CA ILE F 68 -29.54 -11.71 -35.70
C ILE F 68 -30.59 -11.20 -36.69
N TRP F 69 -31.15 -12.12 -37.46
CA TRP F 69 -32.20 -11.75 -38.38
C TRP F 69 -33.44 -12.19 -37.63
N CYS F 70 -33.34 -13.34 -36.97
CA CYS F 70 -34.43 -13.86 -36.17
C CYS F 70 -34.82 -12.86 -35.08
N MET F 71 -33.89 -11.99 -34.72
CA MET F 71 -34.16 -10.97 -33.71
C MET F 71 -34.89 -9.79 -34.36
N ARG F 72 -34.66 -9.58 -35.66
CA ARG F 72 -35.31 -8.48 -36.37
C ARG F 72 -36.67 -8.85 -36.90
N LEU F 73 -36.92 -10.16 -37.03
CA LEU F 73 -38.22 -10.62 -37.51
C LEU F 73 -39.14 -10.93 -36.32
N SER F 74 -38.58 -10.85 -35.12
CA SER F 74 -39.34 -11.07 -33.90
C SER F 74 -39.65 -9.68 -33.36
N LEU F 75 -39.86 -8.76 -34.29
CA LEU F 75 -40.17 -7.38 -33.98
C LEU F 75 -41.30 -7.03 -34.92
N GLU F 76 -41.06 -7.26 -36.21
CA GLU F 76 -42.07 -6.97 -37.20
C GLU F 76 -43.23 -7.93 -36.99
N PHE F 77 -43.02 -8.91 -36.10
CA PHE F 77 -44.04 -9.90 -35.79
C PHE F 77 -44.70 -9.60 -34.44
N ASP F 78 -44.66 -8.33 -34.03
CA ASP F 78 -45.28 -7.93 -32.77
C ASP F 78 -46.11 -6.66 -32.93
N LYS F 79 -45.58 -5.69 -33.65
CA LYS F 79 -46.27 -4.42 -33.87
C LYS F 79 -47.31 -4.47 -34.99
N GLU F 82 -50.35 -5.77 -36.15
CA GLU F 82 -50.36 -5.48 -37.60
C GLU F 82 -49.07 -5.99 -38.24
N LEU F 83 -49.10 -6.24 -39.54
CA LEU F 83 -47.91 -6.73 -40.26
C LEU F 83 -47.68 -6.01 -41.58
N ASP F 84 -46.80 -5.01 -41.56
CA ASP F 84 -46.49 -4.22 -42.76
C ASP F 84 -45.63 -5.03 -43.71
N ALA F 85 -46.29 -5.62 -44.71
CA ALA F 85 -45.62 -6.46 -45.69
C ALA F 85 -44.73 -5.74 -46.69
N ALA F 86 -44.87 -4.43 -46.78
CA ALA F 86 -44.04 -3.68 -47.71
C ALA F 86 -42.60 -3.63 -47.21
N VAL F 87 -42.42 -3.91 -45.92
CA VAL F 87 -41.10 -3.89 -45.27
C VAL F 87 -40.41 -5.24 -45.06
N ILE F 88 -41.08 -6.17 -44.39
CA ILE F 88 -40.49 -7.48 -44.14
C ILE F 88 -39.86 -8.15 -45.35
N GLU F 89 -40.58 -8.15 -46.48
CA GLU F 89 -40.07 -8.79 -47.69
C GLU F 89 -38.68 -8.34 -48.13
N PRO F 90 -38.47 -7.03 -48.32
CA PRO F 90 -37.12 -6.60 -48.74
C PRO F 90 -36.00 -7.12 -47.84
N VAL F 91 -36.36 -7.51 -46.62
CA VAL F 91 -35.41 -8.04 -45.63
C VAL F 91 -35.11 -9.50 -45.92
N LEU F 92 -36.16 -10.31 -45.98
CA LEU F 92 -35.98 -11.72 -46.26
C LEU F 92 -35.21 -11.85 -47.56
N ALA F 93 -35.26 -10.79 -48.36
CA ALA F 93 -34.57 -10.74 -49.64
C ALA F 93 -33.06 -10.65 -49.43
N ARG F 94 -32.67 -10.26 -48.22
CA ARG F 94 -31.26 -10.14 -47.90
C ARG F 94 -30.77 -11.42 -47.29
N CYS F 95 -31.25 -11.70 -46.09
CA CYS F 95 -30.82 -12.88 -45.34
C CYS F 95 -31.04 -14.23 -46.00
N LEU F 96 -32.00 -14.32 -46.93
CA LEU F 96 -32.25 -15.60 -47.56
C LEU F 96 -31.95 -15.63 -49.05
N SER F 97 -31.21 -14.63 -49.54
CA SER F 97 -30.85 -14.53 -50.95
C SER F 97 -29.77 -15.54 -51.33
N LYS F 98 -29.04 -15.25 -52.41
CA LYS F 98 -27.98 -16.15 -52.89
C LYS F 98 -26.71 -16.11 -52.06
N GLU F 99 -25.75 -15.26 -52.44
CA GLU F 99 -24.50 -15.16 -51.70
C GLU F 99 -24.68 -15.29 -50.19
N LEU F 100 -25.25 -14.29 -49.55
CA LEU F 100 -25.44 -14.37 -48.12
C LEU F 100 -26.60 -15.29 -47.76
N GLY F 101 -26.83 -16.32 -48.58
CA GLY F 101 -27.92 -17.22 -48.29
C GLY F 101 -27.75 -17.86 -46.94
N ASN F 102 -28.62 -17.54 -45.99
CA ASN F 102 -28.55 -18.14 -44.66
C ASN F 102 -29.31 -19.44 -44.66
N ASN F 103 -29.05 -20.28 -43.68
CA ASN F 103 -29.74 -21.55 -43.61
C ASN F 103 -29.70 -22.08 -42.18
N ASP F 104 -30.63 -21.56 -41.38
CA ASP F 104 -30.80 -21.94 -39.97
C ASP F 104 -32.28 -22.19 -39.77
N LEU F 105 -32.61 -23.30 -39.13
CA LEU F 105 -33.99 -23.68 -38.88
C LEU F 105 -34.85 -22.56 -38.30
N SER F 106 -34.34 -21.85 -37.30
CA SER F 106 -35.10 -20.75 -36.70
C SER F 106 -35.41 -19.65 -37.72
N LEU F 107 -34.40 -19.18 -38.44
CA LEU F 107 -34.63 -18.15 -39.43
C LEU F 107 -35.59 -18.67 -40.48
N TRP F 108 -35.69 -19.99 -40.59
CA TRP F 108 -36.59 -20.59 -41.56
C TRP F 108 -38.01 -20.62 -41.02
N LEU F 109 -38.20 -21.28 -39.87
CA LEU F 109 -39.52 -21.37 -39.27
C LEU F 109 -40.11 -19.98 -39.25
N SER F 110 -39.34 -19.03 -38.74
CA SER F 110 -39.78 -17.66 -38.67
C SER F 110 -39.98 -17.08 -40.08
N TYR F 111 -39.94 -17.94 -41.09
CA TYR F 111 -40.17 -17.52 -42.46
C TYR F 111 -41.46 -18.17 -42.86
N ILE F 112 -41.76 -19.27 -42.19
CA ILE F 112 -42.97 -20.02 -42.42
C ILE F 112 -44.08 -19.25 -41.71
N THR F 113 -43.71 -18.62 -40.60
CA THR F 113 -44.65 -17.84 -39.81
C THR F 113 -45.27 -16.72 -40.66
N TYR F 114 -44.43 -16.13 -41.51
CA TYR F 114 -44.86 -15.04 -42.39
C TYR F 114 -45.67 -15.56 -43.56
N VAL F 115 -45.12 -16.51 -44.30
CA VAL F 115 -45.83 -17.06 -45.45
C VAL F 115 -47.25 -17.47 -45.09
N ARG F 116 -47.38 -18.12 -43.93
CA ARG F 116 -48.68 -18.59 -43.44
C ARG F 116 -49.63 -17.43 -43.19
N LYS F 117 -49.07 -16.31 -42.75
CA LYS F 117 -49.88 -15.13 -42.48
C LYS F 117 -50.03 -14.27 -43.74
N LYS F 118 -49.21 -14.52 -44.76
CA LYS F 118 -49.27 -13.74 -46.00
C LYS F 118 -50.22 -14.37 -47.00
N ASN F 119 -50.39 -15.67 -46.89
CA ASN F 119 -51.28 -16.40 -47.77
C ASN F 119 -52.10 -17.32 -46.89
N ASP F 120 -53.31 -16.88 -46.57
CA ASP F 120 -54.21 -17.63 -45.70
C ASP F 120 -54.57 -19.01 -46.24
N ILE F 121 -54.82 -19.94 -45.33
CA ILE F 121 -55.16 -21.33 -45.69
C ILE F 121 -56.67 -21.58 -45.96
N ILE F 122 -57.50 -20.63 -45.56
CA ILE F 122 -58.95 -20.71 -45.73
C ILE F 122 -59.33 -19.94 -47.01
N THR F 123 -58.91 -18.69 -47.06
CA THR F 123 -59.13 -17.78 -48.19
C THR F 123 -58.84 -18.41 -49.56
N GLY F 124 -57.68 -19.01 -49.70
CA GLY F 124 -57.30 -19.62 -50.97
C GLY F 124 -57.59 -21.09 -51.03
N GLY F 125 -57.11 -21.82 -50.02
CA GLY F 125 -57.35 -23.26 -49.97
C GLY F 125 -56.95 -24.03 -51.21
N GLU F 126 -56.38 -23.34 -52.21
CA GLU F 126 -55.97 -23.99 -53.44
C GLU F 126 -54.67 -23.39 -53.96
N GLU F 127 -54.74 -22.17 -54.48
CA GLU F 127 -53.57 -21.51 -55.00
C GLU F 127 -52.82 -20.84 -53.85
N ALA F 128 -53.58 -20.41 -52.86
CA ALA F 128 -53.01 -19.75 -51.69
C ALA F 128 -52.67 -20.74 -50.58
N ARG F 129 -52.91 -22.03 -50.83
CA ARG F 129 -52.56 -23.02 -49.82
C ARG F 129 -51.36 -23.80 -50.30
N ASN F 130 -51.11 -23.75 -51.61
CA ASN F 130 -49.97 -24.43 -52.19
C ASN F 130 -48.73 -23.60 -51.92
N ILE F 131 -48.92 -22.30 -51.76
CA ILE F 131 -47.78 -21.45 -51.48
C ILE F 131 -47.23 -21.85 -50.11
N VAL F 132 -48.10 -22.35 -49.24
CA VAL F 132 -47.70 -22.76 -47.89
C VAL F 132 -46.82 -24.00 -47.97
N ILE F 133 -47.18 -24.92 -48.84
CA ILE F 133 -46.42 -26.15 -49.02
C ILE F 133 -45.07 -25.82 -49.64
N GLN F 134 -45.05 -24.85 -50.55
CA GLN F 134 -43.84 -24.40 -51.22
C GLN F 134 -42.76 -24.05 -50.21
N ALA F 135 -43.14 -23.28 -49.20
CA ALA F 135 -42.21 -22.87 -48.16
C ALA F 135 -41.85 -24.07 -47.32
N PHE F 136 -42.85 -24.73 -46.76
CA PHE F 136 -42.61 -25.90 -45.93
C PHE F 136 -41.68 -26.87 -46.63
N GLN F 137 -41.75 -26.90 -47.96
CA GLN F 137 -40.92 -27.76 -48.79
C GLN F 137 -39.49 -27.24 -48.86
N VAL F 138 -39.32 -26.07 -49.47
CA VAL F 138 -38.01 -25.47 -49.60
C VAL F 138 -37.23 -25.50 -48.28
N VAL F 139 -37.92 -25.49 -47.16
CA VAL F 139 -37.24 -25.53 -45.88
C VAL F 139 -36.84 -26.95 -45.56
N VAL F 140 -37.43 -27.91 -46.24
CA VAL F 140 -37.09 -29.31 -46.03
C VAL F 140 -35.87 -29.69 -46.85
N ASP F 141 -35.87 -29.29 -48.13
CA ASP F 141 -34.76 -29.60 -49.01
C ASP F 141 -33.52 -28.80 -48.67
N LYS F 142 -33.71 -27.60 -48.13
CA LYS F 142 -32.59 -26.72 -47.81
C LYS F 142 -32.12 -26.76 -46.37
N CYS F 143 -32.75 -27.58 -45.54
CA CYS F 143 -32.35 -27.62 -44.16
C CYS F 143 -32.78 -28.86 -43.39
N ALA F 144 -34.07 -28.91 -43.05
CA ALA F 144 -34.70 -30.00 -42.31
C ALA F 144 -34.01 -31.37 -42.35
N ILE F 145 -33.64 -31.83 -43.54
CA ILE F 145 -33.00 -33.13 -43.69
C ILE F 145 -31.51 -33.08 -43.43
N PHE F 146 -31.06 -31.98 -42.86
CA PHE F 146 -29.65 -31.77 -42.58
C PHE F 146 -29.43 -31.50 -41.11
N GLU F 147 -30.48 -31.05 -40.45
CA GLU F 147 -30.44 -30.74 -39.04
C GLU F 147 -31.11 -31.85 -38.24
N PRO F 148 -30.38 -32.44 -37.27
CA PRO F 148 -30.88 -33.53 -36.43
C PRO F 148 -31.83 -33.08 -35.32
N LYS F 149 -31.66 -31.85 -34.84
CA LYS F 149 -32.53 -31.33 -33.80
C LYS F 149 -33.62 -30.53 -34.50
N SER F 150 -34.49 -31.22 -35.22
CA SER F 150 -35.55 -30.58 -35.97
C SER F 150 -36.95 -31.01 -35.60
N ILE F 151 -37.09 -31.84 -34.57
CA ILE F 151 -38.42 -32.29 -34.17
C ILE F 151 -39.37 -31.10 -34.27
N GLN F 152 -38.93 -29.96 -33.79
CA GLN F 152 -39.70 -28.73 -33.83
C GLN F 152 -40.39 -28.57 -35.19
N PHE F 153 -39.60 -28.21 -36.21
CA PHE F 153 -40.11 -28.00 -37.58
C PHE F 153 -41.05 -29.06 -38.10
N TRP F 154 -40.50 -30.25 -38.32
CA TRP F 154 -41.27 -31.37 -38.83
C TRP F 154 -42.69 -31.39 -38.31
N ASN F 155 -42.89 -31.60 -37.02
CA ASN F 155 -44.25 -31.63 -36.48
C ASN F 155 -45.13 -30.52 -37.02
N GLU F 156 -44.59 -29.31 -37.12
CA GLU F 156 -45.39 -28.20 -37.62
C GLU F 156 -45.73 -28.41 -39.10
N TYR F 157 -44.97 -29.24 -39.78
CA TYR F 157 -45.23 -29.50 -41.19
C TYR F 157 -46.16 -30.69 -41.35
N LEU F 158 -46.08 -31.64 -40.42
CA LEU F 158 -46.92 -32.83 -40.47
C LEU F 158 -48.33 -32.45 -40.06
N HIS F 159 -48.42 -31.66 -38.99
CA HIS F 159 -49.72 -31.20 -38.49
C HIS F 159 -50.45 -30.48 -39.61
N PHE F 160 -49.79 -29.50 -40.23
CA PHE F 160 -50.40 -28.73 -41.31
C PHE F 160 -50.95 -29.57 -42.47
N LEU F 161 -50.48 -30.80 -42.62
CA LEU F 161 -51.00 -31.62 -43.71
C LEU F 161 -52.22 -32.39 -43.22
N GLU F 162 -52.16 -32.84 -41.96
CA GLU F 162 -53.27 -33.58 -41.39
C GLU F 162 -54.50 -32.67 -41.24
N HIS F 163 -54.25 -31.37 -41.17
CA HIS F 163 -55.28 -30.34 -41.01
C HIS F 163 -55.96 -30.06 -42.34
N TRP F 164 -55.25 -30.33 -43.42
CA TRP F 164 -55.78 -30.12 -44.75
C TRP F 164 -57.10 -30.83 -44.85
N LYS F 165 -58.09 -30.17 -45.45
CA LYS F 165 -59.42 -30.76 -45.63
C LYS F 165 -59.61 -31.16 -47.11
N PRO F 166 -59.66 -32.48 -47.38
CA PRO F 166 -59.84 -32.98 -48.75
C PRO F 166 -61.03 -32.32 -49.43
N VAL F 167 -60.90 -32.07 -50.73
CA VAL F 167 -61.96 -31.43 -51.49
C VAL F 167 -62.60 -32.28 -52.59
N ASN F 168 -61.96 -33.40 -52.95
CA ASN F 168 -62.52 -34.28 -53.98
C ASN F 168 -61.76 -35.59 -54.20
N LYS F 169 -61.50 -35.90 -55.48
CA LYS F 169 -60.79 -37.12 -55.82
C LYS F 169 -59.28 -36.91 -55.81
N PHE F 170 -58.80 -35.84 -56.41
CA PHE F 170 -57.36 -35.57 -56.44
C PHE F 170 -56.84 -34.93 -55.16
N GLU F 171 -57.67 -34.13 -54.48
CA GLU F 171 -57.25 -33.50 -53.22
C GLU F 171 -57.38 -34.54 -52.11
N GLU F 172 -57.03 -35.77 -52.47
CA GLU F 172 -57.08 -36.89 -51.55
C GLU F 172 -55.89 -37.78 -51.89
N GLN F 173 -55.75 -38.12 -53.18
CA GLN F 173 -54.63 -38.97 -53.63
C GLN F 173 -53.35 -38.16 -53.48
N GLN F 174 -53.51 -36.85 -53.35
CA GLN F 174 -52.38 -35.95 -53.20
C GLN F 174 -52.02 -35.82 -51.73
N ARG F 175 -53.02 -35.93 -50.85
CA ARG F 175 -52.78 -35.84 -49.43
C ARG F 175 -51.91 -37.00 -48.94
N VAL F 176 -52.32 -38.23 -49.21
CA VAL F 176 -51.54 -39.38 -48.79
C VAL F 176 -50.11 -39.29 -49.30
N GLN F 177 -49.97 -38.84 -50.55
CA GLN F 177 -48.65 -38.69 -51.16
C GLN F 177 -47.78 -37.80 -50.30
N TYR F 178 -48.20 -36.55 -50.16
CA TYR F 178 -47.48 -35.57 -49.37
C TYR F 178 -47.12 -36.07 -47.97
N ILE F 179 -48.07 -36.69 -47.28
CA ILE F 179 -47.79 -37.20 -45.94
C ILE F 179 -46.71 -38.27 -46.06
N ARG F 180 -46.90 -39.15 -47.03
CA ARG F 180 -45.97 -40.25 -47.27
C ARG F 180 -44.63 -39.68 -47.71
N LYS F 181 -44.67 -38.67 -48.55
CA LYS F 181 -43.46 -38.05 -49.04
C LYS F 181 -42.74 -37.39 -47.87
N LEU F 182 -43.50 -36.92 -46.90
CA LEU F 182 -42.89 -36.29 -45.74
C LEU F 182 -42.34 -37.39 -44.83
N TYR F 183 -43.21 -38.29 -44.38
CA TYR F 183 -42.79 -39.37 -43.50
C TYR F 183 -41.53 -40.06 -43.99
N LYS F 184 -41.50 -40.39 -45.28
CA LYS F 184 -40.35 -41.07 -45.87
C LYS F 184 -39.10 -40.21 -45.92
N THR F 185 -39.25 -38.90 -46.03
CA THR F 185 -38.10 -38.01 -46.10
C THR F 185 -37.38 -37.89 -44.77
N LEU F 186 -38.15 -37.97 -43.68
CA LEU F 186 -37.56 -37.81 -42.35
C LEU F 186 -37.28 -39.08 -41.58
N LEU F 187 -37.80 -40.21 -42.05
CA LEU F 187 -37.52 -41.45 -41.35
C LEU F 187 -36.22 -42.04 -41.85
N CYS F 188 -35.33 -41.18 -42.34
CA CYS F 188 -34.05 -41.62 -42.84
C CYS F 188 -32.93 -40.85 -42.15
N GLN F 189 -33.00 -39.53 -42.21
CA GLN F 189 -31.99 -38.66 -41.59
C GLN F 189 -32.02 -38.81 -40.07
N PRO F 190 -30.85 -38.76 -39.42
CA PRO F 190 -30.84 -38.89 -37.96
C PRO F 190 -31.37 -37.63 -37.32
N MET F 191 -32.46 -37.77 -36.59
CA MET F 191 -33.09 -36.63 -35.93
C MET F 191 -33.56 -36.96 -34.53
N ASP F 192 -33.86 -35.90 -33.78
CA ASP F 192 -34.30 -36.01 -32.40
C ASP F 192 -35.72 -36.53 -32.23
N CYS F 193 -36.40 -36.85 -33.32
CA CYS F 193 -37.76 -37.35 -33.24
C CYS F 193 -37.92 -38.60 -34.07
N LEU F 194 -36.80 -39.23 -34.40
CA LEU F 194 -36.82 -40.44 -35.19
C LEU F 194 -37.86 -41.44 -34.69
N GLU F 195 -37.71 -41.92 -33.47
CA GLU F 195 -38.64 -42.90 -32.91
C GLU F 195 -40.02 -42.29 -32.64
N SER F 196 -40.04 -41.00 -32.36
CA SER F 196 -41.30 -40.29 -32.07
C SER F 196 -42.22 -40.31 -33.29
N MET F 197 -41.65 -40.12 -34.47
CA MET F 197 -42.45 -40.09 -35.69
C MET F 197 -42.79 -41.48 -36.19
N TRP F 198 -41.80 -42.37 -36.26
CA TRP F 198 -42.00 -43.74 -36.71
C TRP F 198 -43.20 -44.36 -36.01
N GLN F 199 -43.37 -44.01 -34.74
CA GLN F 199 -44.47 -44.50 -33.93
C GLN F 199 -45.77 -44.11 -34.63
N ARG F 200 -45.86 -42.85 -35.05
CA ARG F 200 -47.03 -42.33 -35.75
C ARG F 200 -47.17 -42.92 -37.14
N TYR F 201 -46.10 -42.88 -37.91
CA TYR F 201 -46.10 -43.40 -39.27
C TYR F 201 -46.59 -44.83 -39.37
N THR F 202 -46.05 -45.71 -38.52
CA THR F 202 -46.43 -47.12 -38.53
C THR F 202 -47.93 -47.28 -38.39
N GLN F 203 -48.51 -46.52 -37.47
CA GLN F 203 -49.94 -46.56 -37.21
C GLN F 203 -50.75 -46.02 -38.38
N TRP F 204 -50.19 -45.03 -39.06
CA TRP F 204 -50.83 -44.38 -40.21
C TRP F 204 -50.95 -45.26 -41.44
N GLU F 205 -49.87 -45.96 -41.78
CA GLU F 205 -49.89 -46.84 -42.96
C GLU F 205 -51.06 -47.82 -42.92
N GLN F 206 -51.62 -48.03 -41.73
CA GLN F 206 -52.74 -48.93 -41.57
C GLN F 206 -54.06 -48.17 -41.70
N ASP F 207 -54.09 -46.95 -41.21
CA ASP F 207 -55.30 -46.15 -41.31
C ASP F 207 -55.65 -46.01 -42.78
N VAL F 208 -54.65 -45.67 -43.60
CA VAL F 208 -54.88 -45.51 -45.01
C VAL F 208 -55.29 -46.82 -45.67
N ASN F 209 -54.30 -47.58 -46.14
CA ASN F 209 -54.55 -48.86 -46.82
C ASN F 209 -54.10 -49.99 -45.89
N GLN F 210 -55.01 -50.50 -45.05
CA GLN F 210 -54.64 -51.55 -44.11
C GLN F 210 -54.24 -52.86 -44.77
N LEU F 211 -53.88 -52.79 -46.04
CA LEU F 211 -53.46 -53.98 -46.77
C LEU F 211 -52.01 -53.85 -47.23
N THR F 212 -51.53 -52.61 -47.32
CA THR F 212 -50.16 -52.37 -47.73
C THR F 212 -49.38 -51.60 -46.66
N ALA F 213 -49.56 -52.01 -45.41
CA ALA F 213 -48.85 -51.40 -44.29
C ALA F 213 -47.55 -52.19 -44.13
N ARG F 214 -47.60 -53.47 -44.47
CA ARG F 214 -46.43 -54.33 -44.41
C ARG F 214 -45.57 -54.01 -45.60
N ARG F 215 -46.22 -53.88 -46.76
CA ARG F 215 -45.56 -53.58 -48.02
C ARG F 215 -44.70 -52.32 -47.97
N HIS F 216 -45.05 -51.37 -47.11
CA HIS F 216 -44.32 -50.11 -47.02
C HIS F 216 -43.39 -49.99 -45.82
N ILE F 217 -43.91 -50.30 -44.65
CA ILE F 217 -43.11 -50.23 -43.44
C ILE F 217 -41.89 -51.14 -43.53
N GLY F 218 -41.90 -52.03 -44.53
CA GLY F 218 -40.79 -52.96 -44.70
C GLY F 218 -39.73 -52.47 -45.67
N GLU F 219 -39.77 -51.18 -45.98
CA GLU F 219 -38.80 -50.57 -46.90
C GLU F 219 -38.11 -49.49 -46.11
N LEU F 220 -38.93 -48.75 -45.37
CA LEU F 220 -38.44 -47.69 -44.52
C LEU F 220 -38.06 -48.32 -43.20
N SER F 221 -37.87 -49.63 -43.24
CA SER F 221 -37.47 -50.38 -42.05
C SER F 221 -35.97 -50.30 -41.94
N ALA F 222 -35.30 -50.70 -43.02
CA ALA F 222 -33.84 -50.70 -43.06
C ALA F 222 -33.27 -49.29 -42.93
N GLN F 223 -33.86 -48.36 -43.68
CA GLN F 223 -33.41 -46.97 -43.68
C GLN F 223 -33.66 -46.31 -42.33
N TYR F 224 -34.71 -46.74 -41.65
CA TYR F 224 -35.07 -46.20 -40.35
C TYR F 224 -34.03 -46.59 -39.30
N MET F 225 -33.84 -47.90 -39.12
CA MET F 225 -32.86 -48.40 -38.16
C MET F 225 -31.60 -47.56 -38.33
N ASN F 226 -31.03 -47.66 -39.54
CA ASN F 226 -29.80 -46.94 -39.89
C ASN F 226 -29.88 -45.49 -39.45
N ALA F 227 -31.10 -44.94 -39.42
CA ALA F 227 -31.30 -43.56 -39.00
C ALA F 227 -31.03 -43.42 -37.52
N ARG F 228 -31.73 -44.22 -36.73
CA ARG F 228 -31.56 -44.19 -35.30
C ARG F 228 -30.07 -44.24 -34.95
N SER F 229 -29.44 -45.34 -35.33
CA SER F 229 -28.03 -45.55 -35.05
C SER F 229 -27.18 -44.30 -35.22
N LEU F 230 -27.22 -43.72 -36.41
CA LEU F 230 -26.42 -42.53 -36.66
C LEU F 230 -26.76 -41.34 -35.78
N TYR F 231 -28.00 -41.25 -35.31
CA TYR F 231 -28.37 -40.13 -34.44
C TYR F 231 -27.72 -40.33 -33.09
N GLN F 232 -27.71 -41.57 -32.61
CA GLN F 232 -27.07 -41.89 -31.34
C GLN F 232 -25.63 -41.45 -31.40
N ASP F 233 -24.91 -42.01 -32.37
CA ASP F 233 -23.51 -41.65 -32.54
C ASP F 233 -23.41 -40.13 -32.53
N TRP F 234 -24.40 -39.46 -33.12
CA TRP F 234 -24.44 -38.00 -33.19
C TRP F 234 -24.70 -37.44 -31.81
N LEU F 235 -25.48 -38.19 -31.05
CA LEU F 235 -25.86 -37.82 -29.69
C LEU F 235 -24.64 -37.77 -28.79
N ASN F 236 -23.70 -38.70 -29.02
CA ASN F 236 -22.48 -38.73 -28.23
C ASN F 236 -21.59 -37.58 -28.65
N ILE F 237 -21.18 -37.61 -29.91
CA ILE F 237 -20.32 -36.59 -30.49
C ILE F 237 -20.69 -35.18 -30.07
N THR F 238 -21.97 -34.84 -30.22
CA THR F 238 -22.47 -33.54 -29.83
C THR F 238 -22.13 -33.28 -28.36
N LYS F 239 -22.93 -33.85 -27.47
CA LYS F 239 -22.72 -33.70 -26.03
C LYS F 239 -22.95 -32.27 -25.58
N GLY F 240 -21.93 -31.70 -24.94
CA GLY F 240 -22.03 -30.34 -24.45
C GLY F 240 -22.21 -29.30 -25.52
N LEU F 241 -22.67 -29.70 -26.69
CA LEU F 241 -22.88 -28.73 -27.76
C LEU F 241 -23.94 -27.77 -27.28
N LYS F 242 -23.55 -26.53 -27.07
CA LYS F 242 -24.48 -25.51 -26.61
C LYS F 242 -24.92 -24.78 -27.86
N ARG F 243 -26.23 -24.64 -28.01
CA ARG F 243 -26.81 -23.94 -29.14
C ARG F 243 -28.02 -23.19 -28.64
N ASN F 244 -27.82 -21.96 -28.19
CA ASN F 244 -28.91 -21.17 -27.65
C ASN F 244 -28.74 -19.67 -27.83
N LEU F 245 -28.20 -19.25 -28.96
CA LEU F 245 -28.02 -17.83 -29.16
C LEU F 245 -29.39 -17.18 -28.96
N PRO F 246 -29.42 -15.85 -28.78
CA PRO F 246 -30.69 -15.18 -28.58
C PRO F 246 -31.50 -14.93 -29.84
N ILE F 247 -32.66 -15.59 -29.94
CA ILE F 247 -33.54 -15.43 -31.09
C ILE F 247 -34.33 -14.11 -31.10
N THR F 248 -34.76 -13.67 -29.92
CA THR F 248 -35.54 -12.42 -29.79
C THR F 248 -34.77 -11.26 -29.19
N LEU F 249 -34.93 -10.09 -29.79
CA LEU F 249 -34.24 -8.90 -29.34
C LEU F 249 -34.29 -8.70 -27.83
N ASN F 250 -35.45 -9.01 -27.26
CA ASN F 250 -35.67 -8.87 -25.81
C ASN F 250 -34.98 -9.99 -25.04
N GLN F 251 -34.78 -11.12 -25.71
CA GLN F 251 -34.14 -12.30 -25.13
C GLN F 251 -32.62 -12.11 -25.09
N ALA F 252 -32.16 -11.08 -25.79
CA ALA F 252 -30.73 -10.73 -25.89
C ALA F 252 -30.13 -10.37 -24.54
N THR F 253 -29.23 -11.21 -24.05
CA THR F 253 -28.57 -10.99 -22.76
C THR F 253 -27.06 -10.91 -22.97
N GLU F 254 -26.35 -10.32 -22.02
CA GLU F 254 -24.89 -10.18 -22.10
C GLU F 254 -24.23 -11.53 -21.79
N SER F 255 -25.04 -12.55 -21.62
CA SER F 255 -24.53 -13.87 -21.31
C SER F 255 -24.46 -14.83 -22.49
N ASN F 256 -25.57 -15.00 -23.21
CA ASN F 256 -25.61 -15.91 -24.36
C ASN F 256 -24.74 -15.44 -25.53
N LEU F 257 -24.66 -14.14 -25.73
CA LEU F 257 -23.84 -13.57 -26.80
C LEU F 257 -22.37 -13.55 -26.37
N PRO F 258 -21.45 -13.84 -27.28
CA PRO F 258 -20.02 -13.83 -26.95
C PRO F 258 -19.39 -12.45 -27.13
N LYS F 259 -18.35 -12.21 -26.34
CA LYS F 259 -17.62 -10.95 -26.33
C LYS F 259 -16.57 -10.96 -27.45
N PRO F 260 -15.99 -9.80 -27.78
CA PRO F 260 -14.98 -9.77 -28.85
C PRO F 260 -13.96 -10.87 -28.63
N ASN F 261 -13.65 -11.57 -29.72
CA ASN F 261 -12.67 -12.65 -29.71
C ASN F 261 -13.00 -13.73 -28.68
N GLU F 262 -14.19 -13.69 -28.12
CA GLU F 262 -14.60 -14.65 -27.12
C GLU F 262 -15.21 -15.89 -27.76
N TYR F 263 -14.94 -17.04 -27.16
CA TYR F 263 -15.51 -18.28 -27.66
C TYR F 263 -14.95 -19.46 -26.91
N ASP F 264 -15.84 -20.31 -26.40
CA ASP F 264 -15.41 -21.49 -25.67
C ASP F 264 -14.80 -22.48 -26.62
N VAL F 265 -13.54 -22.81 -26.39
CA VAL F 265 -12.85 -23.77 -27.24
C VAL F 265 -13.58 -25.09 -27.20
N GLN F 266 -13.83 -25.59 -26.01
CA GLN F 266 -14.54 -26.86 -25.91
C GLN F 266 -15.70 -26.85 -26.90
N GLN F 267 -16.34 -25.69 -27.05
CA GLN F 267 -17.44 -25.56 -27.98
C GLN F 267 -16.83 -25.93 -29.33
N LEU F 268 -15.96 -25.05 -29.82
CA LEU F 268 -15.26 -25.23 -31.09
C LEU F 268 -14.88 -26.67 -31.35
N LEU F 269 -14.08 -27.25 -30.47
CA LEU F 269 -13.66 -28.63 -30.61
C LEU F 269 -14.78 -29.62 -30.86
N ILE F 270 -16.00 -29.28 -30.47
CA ILE F 270 -17.15 -30.18 -30.68
C ILE F 270 -17.69 -29.94 -32.07
N TRP F 271 -17.96 -28.67 -32.41
CA TRP F 271 -18.43 -28.36 -33.74
C TRP F 271 -17.54 -29.10 -34.72
N LEU F 272 -16.24 -28.82 -34.63
CA LEU F 272 -15.25 -29.42 -35.50
C LEU F 272 -15.37 -30.92 -35.58
N GLU F 273 -15.78 -31.55 -34.48
CA GLU F 273 -15.93 -32.99 -34.49
C GLU F 273 -17.24 -33.39 -35.15
N TRP F 274 -18.18 -32.46 -35.19
CA TRP F 274 -19.46 -32.71 -35.86
C TRP F 274 -19.12 -32.66 -37.33
N ILE F 275 -18.58 -31.52 -37.76
CA ILE F 275 -18.18 -31.32 -39.13
C ILE F 275 -17.39 -32.54 -39.61
N ARG F 276 -16.51 -33.04 -38.74
CA ARG F 276 -15.72 -34.21 -39.09
C ARG F 276 -16.63 -35.38 -39.38
N TRP F 277 -17.44 -35.75 -38.39
CA TRP F 277 -18.35 -36.86 -38.56
C TRP F 277 -19.15 -36.78 -39.85
N GLU F 278 -19.54 -35.57 -40.24
CA GLU F 278 -20.33 -35.39 -41.45
C GLU F 278 -19.55 -35.76 -42.71
N SER F 279 -18.36 -35.20 -42.86
CA SER F 279 -17.50 -35.45 -44.02
C SER F 279 -17.33 -36.93 -44.36
N ASP F 280 -17.47 -37.78 -43.35
CA ASP F 280 -17.35 -39.23 -43.53
C ASP F 280 -18.56 -39.65 -44.40
N ASN F 281 -19.56 -38.78 -44.45
CA ASN F 281 -20.80 -39.01 -45.18
C ASN F 281 -21.28 -40.44 -44.96
N LYS F 282 -21.87 -40.68 -43.80
CA LYS F 282 -22.30 -42.01 -43.49
C LYS F 282 -23.64 -42.39 -44.08
N LEU F 283 -24.49 -41.40 -44.35
CA LEU F 283 -25.79 -41.70 -44.92
C LEU F 283 -25.63 -42.03 -46.39
N GLU F 284 -24.38 -41.96 -46.85
CA GLU F 284 -24.06 -42.25 -48.24
C GLU F 284 -24.90 -41.38 -49.18
N LEU F 285 -24.78 -40.06 -49.04
CA LEU F 285 -25.54 -39.13 -49.87
C LEU F 285 -24.84 -38.82 -51.19
N SER F 286 -25.61 -38.28 -52.12
CA SER F 286 -25.10 -37.93 -53.43
C SER F 286 -24.11 -36.80 -53.25
N ASP F 287 -23.22 -36.65 -54.21
CA ASP F 287 -22.22 -35.60 -54.16
C ASP F 287 -22.82 -34.23 -53.87
N ASP F 288 -23.93 -33.93 -54.54
CA ASP F 288 -24.57 -32.63 -54.35
C ASP F 288 -25.30 -32.49 -53.02
N LEU F 289 -25.72 -33.59 -52.42
CA LEU F 289 -26.39 -33.46 -51.14
C LEU F 289 -25.36 -33.47 -50.03
N HIS F 290 -24.28 -34.19 -50.22
CA HIS F 290 -23.24 -34.22 -49.21
C HIS F 290 -22.72 -32.79 -49.09
N LYS F 291 -22.41 -32.18 -50.23
CA LYS F 291 -21.93 -30.81 -50.26
C LYS F 291 -22.94 -29.88 -49.58
N ALA F 292 -24.22 -30.07 -49.89
CA ALA F 292 -25.28 -29.26 -49.30
C ALA F 292 -25.27 -29.38 -47.79
N ARG F 293 -25.12 -30.62 -47.33
CA ARG F 293 -25.08 -30.93 -45.91
C ARG F 293 -23.89 -30.28 -45.21
N MET F 294 -22.68 -30.69 -45.58
CA MET F 294 -21.47 -30.13 -45.00
C MET F 294 -21.51 -28.60 -44.90
N THR F 295 -22.08 -27.96 -45.90
CA THR F 295 -22.15 -26.50 -45.88
C THR F 295 -23.15 -26.01 -44.85
N TYR F 296 -24.17 -26.82 -44.55
CA TYR F 296 -25.15 -26.40 -43.54
C TYR F 296 -24.49 -26.41 -42.17
N VAL F 297 -23.93 -27.54 -41.79
CA VAL F 297 -23.27 -27.67 -40.51
C VAL F 297 -22.07 -26.71 -40.45
N TYR F 298 -21.55 -26.34 -41.61
CA TYR F 298 -20.42 -25.41 -41.66
C TYR F 298 -20.87 -23.97 -41.50
N MET F 299 -22.18 -23.77 -41.49
CA MET F 299 -22.75 -22.44 -41.30
C MET F 299 -23.06 -22.33 -39.82
N GLN F 300 -23.80 -23.31 -39.30
CA GLN F 300 -24.13 -23.32 -37.88
C GLN F 300 -22.86 -22.98 -37.14
N ALA F 301 -21.85 -23.85 -37.27
CA ALA F 301 -20.57 -23.66 -36.62
C ALA F 301 -20.14 -22.19 -36.61
N ALA F 302 -19.91 -21.62 -37.78
CA ALA F 302 -19.48 -20.22 -37.89
C ALA F 302 -20.51 -19.20 -37.40
N GLN F 303 -21.68 -19.67 -36.99
CA GLN F 303 -22.72 -18.79 -36.48
C GLN F 303 -22.57 -18.68 -34.98
N HIS F 304 -22.29 -19.81 -34.34
CA HIS F 304 -22.11 -19.83 -32.92
C HIS F 304 -20.70 -19.42 -32.58
N VAL F 305 -19.70 -20.24 -32.93
CA VAL F 305 -18.32 -19.87 -32.64
C VAL F 305 -17.80 -18.85 -33.64
N CYS F 306 -18.60 -17.83 -33.95
CA CYS F 306 -18.23 -16.81 -34.90
C CYS F 306 -16.96 -16.01 -34.64
N PHE F 307 -16.29 -16.27 -33.52
CA PHE F 307 -15.07 -15.53 -33.22
C PHE F 307 -13.85 -16.42 -33.14
N ALA F 308 -14.02 -17.65 -33.59
CA ALA F 308 -12.94 -18.62 -33.60
C ALA F 308 -12.37 -18.59 -35.02
N PRO F 309 -11.22 -17.92 -35.23
CA PRO F 309 -10.71 -17.91 -36.59
C PRO F 309 -10.65 -19.31 -37.22
N GLU F 310 -10.31 -20.31 -36.43
CA GLU F 310 -10.22 -21.65 -37.01
C GLU F 310 -11.42 -22.15 -37.78
N ILE F 311 -12.62 -21.81 -37.36
CA ILE F 311 -13.78 -22.28 -38.09
C ILE F 311 -13.88 -21.61 -39.44
N TRP F 312 -13.50 -20.33 -39.53
CA TRP F 312 -13.58 -19.62 -40.80
C TRP F 312 -12.52 -20.03 -41.80
N PHE F 313 -11.49 -20.69 -41.30
CA PHE F 313 -10.40 -21.13 -42.15
C PHE F 313 -10.80 -22.49 -42.70
N ASN F 314 -11.24 -23.38 -41.82
CA ASN F 314 -11.66 -24.71 -42.23
C ASN F 314 -12.93 -24.73 -43.10
N MET F 315 -13.54 -23.56 -43.30
CA MET F 315 -14.73 -23.50 -44.13
C MET F 315 -14.35 -22.86 -45.43
N ALA F 316 -13.71 -21.71 -45.35
CA ALA F 316 -13.28 -21.01 -46.54
C ALA F 316 -12.48 -21.99 -47.39
N ASN F 317 -11.67 -22.82 -46.74
CA ASN F 317 -10.84 -23.79 -47.44
C ASN F 317 -11.65 -24.97 -47.99
N TYR F 318 -12.72 -25.33 -47.29
CA TYR F 318 -13.58 -26.40 -47.74
C TYR F 318 -14.20 -25.90 -49.01
N GLN F 319 -15.14 -24.97 -48.86
CA GLN F 319 -15.86 -24.36 -49.97
C GLN F 319 -15.03 -24.18 -51.22
N GLY F 320 -13.89 -23.51 -51.09
CA GLY F 320 -13.04 -23.27 -52.24
C GLY F 320 -12.46 -24.52 -52.85
N GLU F 321 -12.33 -25.55 -52.03
CA GLU F 321 -11.79 -26.83 -52.48
C GLU F 321 -12.86 -27.83 -52.92
N LYS F 322 -14.10 -27.61 -52.50
CA LYS F 322 -15.21 -28.50 -52.88
C LYS F 322 -15.71 -28.12 -54.27
N ASN F 323 -14.86 -27.43 -55.02
CA ASN F 323 -15.18 -27.01 -56.38
C ASN F 323 -14.04 -26.20 -57.01
N THR F 324 -14.39 -25.06 -57.60
CA THR F 324 -13.41 -24.21 -58.25
C THR F 324 -13.51 -22.78 -57.72
N ASP F 325 -14.07 -21.91 -58.55
CA ASP F 325 -14.28 -20.50 -58.26
C ASP F 325 -13.23 -19.88 -57.33
N SER F 326 -12.36 -19.04 -57.91
CA SER F 326 -11.28 -18.35 -57.18
C SER F 326 -11.75 -17.52 -56.01
N THR F 327 -12.80 -16.75 -56.24
CA THR F 327 -13.35 -15.87 -55.23
C THR F 327 -14.07 -16.55 -54.08
N VAL F 328 -14.53 -17.78 -54.29
CA VAL F 328 -15.26 -18.49 -53.24
C VAL F 328 -14.55 -18.53 -51.90
N ILE F 329 -13.23 -18.65 -51.94
CA ILE F 329 -12.48 -18.66 -50.69
C ILE F 329 -12.40 -17.23 -50.17
N THR F 330 -11.76 -16.34 -50.92
CA THR F 330 -11.65 -14.97 -50.49
C THR F 330 -12.98 -14.46 -49.93
N LYS F 331 -14.08 -15.01 -50.44
CA LYS F 331 -15.42 -14.60 -50.00
C LYS F 331 -15.68 -14.89 -48.55
N TYR F 332 -15.40 -16.11 -48.12
CA TYR F 332 -15.60 -16.49 -46.72
C TYR F 332 -14.46 -15.98 -45.82
N LEU F 333 -13.24 -15.93 -46.33
CA LEU F 333 -12.13 -15.41 -45.56
C LEU F 333 -12.42 -13.97 -45.26
N LYS F 334 -13.06 -13.31 -46.21
CA LYS F 334 -13.44 -11.91 -46.09
C LYS F 334 -14.43 -11.76 -44.94
N LEU F 335 -15.26 -12.76 -44.71
CA LEU F 335 -16.26 -12.72 -43.66
C LEU F 335 -15.73 -12.97 -42.24
N GLY F 336 -14.71 -13.81 -42.13
CA GLY F 336 -14.12 -14.07 -40.83
C GLY F 336 -13.33 -12.82 -40.47
N GLN F 337 -12.66 -12.25 -41.48
CA GLN F 337 -11.88 -11.03 -41.29
C GLN F 337 -12.74 -9.98 -40.58
N GLN F 338 -14.05 -10.02 -40.80
CA GLN F 338 -14.95 -9.07 -40.15
C GLN F 338 -15.31 -9.60 -38.76
N CYS F 339 -15.67 -10.88 -38.69
CA CYS F 339 -16.00 -11.48 -37.41
C CYS F 339 -14.84 -11.33 -36.44
N ILE F 340 -13.63 -11.19 -36.94
CA ILE F 340 -12.45 -11.09 -36.07
C ILE F 340 -11.37 -10.31 -36.79
N PRO F 341 -11.63 -9.05 -37.14
CA PRO F 341 -10.66 -8.20 -37.86
C PRO F 341 -9.21 -8.26 -37.38
N ASN F 342 -9.01 -8.60 -36.11
CA ASN F 342 -7.68 -8.66 -35.53
C ASN F 342 -7.05 -10.05 -35.65
N SER F 343 -7.65 -10.92 -36.44
CA SER F 343 -7.09 -12.26 -36.60
C SER F 343 -6.04 -12.22 -37.68
N ALA F 344 -4.83 -12.67 -37.35
CA ALA F 344 -3.72 -12.70 -38.31
C ALA F 344 -3.77 -14.01 -39.09
N VAL F 345 -4.36 -15.04 -38.50
CA VAL F 345 -4.51 -16.31 -39.19
C VAL F 345 -5.29 -15.97 -40.45
N LEU F 346 -6.48 -15.43 -40.28
CA LEU F 346 -7.31 -15.07 -41.42
C LEU F 346 -6.72 -13.95 -42.29
N ALA F 347 -5.95 -13.04 -41.71
CA ALA F 347 -5.38 -11.93 -42.49
C ALA F 347 -4.35 -12.47 -43.44
N PHE F 348 -3.74 -13.59 -43.07
CA PHE F 348 -2.76 -14.22 -43.92
C PHE F 348 -3.53 -14.98 -44.96
N SER F 349 -4.38 -15.91 -44.53
CA SER F 349 -5.20 -16.67 -45.45
C SER F 349 -5.77 -15.80 -46.56
N LEU F 350 -6.18 -14.59 -46.20
CA LEU F 350 -6.71 -13.65 -47.18
C LEU F 350 -5.53 -13.13 -47.99
N SER F 351 -4.57 -12.52 -47.33
CA SER F 351 -3.39 -11.98 -47.98
C SER F 351 -2.80 -12.96 -49.00
N GLU F 352 -3.09 -14.25 -48.83
CA GLU F 352 -2.61 -15.28 -49.74
C GLU F 352 -3.49 -15.29 -50.99
N GLN F 353 -4.78 -15.51 -50.80
CA GLN F 353 -5.72 -15.54 -51.92
C GLN F 353 -5.47 -14.34 -52.82
N TYR F 354 -5.30 -13.16 -52.23
CA TYR F 354 -5.05 -11.99 -53.05
C TYR F 354 -3.77 -12.25 -53.82
N GLU F 355 -2.75 -12.76 -53.15
CA GLU F 355 -1.48 -13.03 -53.83
C GLU F 355 -1.67 -14.01 -54.95
N LEU F 356 -2.21 -15.18 -54.63
CA LEU F 356 -2.41 -16.17 -55.66
C LEU F 356 -3.18 -15.58 -56.85
N ASN F 357 -3.91 -14.49 -56.62
CA ASN F 357 -4.65 -13.84 -57.70
C ASN F 357 -4.02 -12.52 -58.13
N THR F 358 -2.71 -12.40 -57.94
CA THR F 358 -1.94 -11.21 -58.30
C THR F 358 -2.56 -9.86 -57.91
N LYS F 359 -3.53 -9.89 -56.99
CA LYS F 359 -4.17 -8.66 -56.49
C LYS F 359 -3.24 -8.14 -55.41
N ILE F 360 -2.24 -7.38 -55.85
CA ILE F 360 -1.21 -6.82 -54.98
C ILE F 360 -1.63 -5.84 -53.88
N PRO F 361 -2.32 -4.75 -54.23
CA PRO F 361 -2.75 -3.75 -53.24
C PRO F 361 -3.70 -4.31 -52.17
N GLU F 362 -4.47 -5.34 -52.55
CA GLU F 362 -5.39 -5.99 -51.63
C GLU F 362 -4.52 -6.57 -50.54
N ILE F 363 -3.46 -7.27 -50.92
CA ILE F 363 -2.53 -7.88 -49.98
C ILE F 363 -2.02 -6.92 -48.91
N GLU F 364 -1.56 -5.76 -49.34
CA GLU F 364 -1.04 -4.80 -48.39
C GLU F 364 -2.15 -4.31 -47.47
N THR F 365 -3.31 -3.98 -48.03
CA THR F 365 -4.43 -3.50 -47.23
C THR F 365 -5.00 -4.54 -46.29
N THR F 366 -5.06 -5.78 -46.73
CA THR F 366 -5.60 -6.83 -45.88
C THR F 366 -4.67 -7.10 -44.71
N ILE F 367 -3.38 -6.79 -44.88
CA ILE F 367 -2.44 -7.00 -43.79
C ILE F 367 -2.51 -5.87 -42.79
N LEU F 368 -2.45 -4.64 -43.30
CA LEU F 368 -2.50 -3.45 -42.48
C LEU F 368 -3.75 -3.39 -41.60
N SER F 369 -4.93 -3.53 -42.22
CA SER F 369 -6.20 -3.52 -41.49
C SER F 369 -6.08 -4.35 -40.19
N CYS F 370 -5.44 -5.51 -40.29
CA CYS F 370 -5.25 -6.35 -39.12
C CYS F 370 -4.25 -5.66 -38.21
N ILE F 371 -3.17 -5.16 -38.79
CA ILE F 371 -2.19 -4.47 -37.99
C ILE F 371 -2.93 -3.42 -37.18
N ASP F 372 -3.58 -2.46 -37.86
CA ASP F 372 -4.32 -1.41 -37.17
C ASP F 372 -5.22 -1.96 -36.05
N ARG F 373 -6.09 -2.91 -36.36
CA ARG F 373 -6.96 -3.47 -35.33
C ARG F 373 -6.20 -3.90 -34.10
N ILE F 374 -4.94 -4.34 -34.27
CA ILE F 374 -4.16 -4.74 -33.10
C ILE F 374 -3.50 -3.49 -32.53
N HIS F 375 -3.09 -2.58 -33.41
CA HIS F 375 -2.47 -1.34 -32.95
C HIS F 375 -3.44 -0.75 -31.93
N LEU F 376 -4.75 -0.88 -32.19
CA LEU F 376 -5.78 -0.35 -31.30
C LEU F 376 -6.02 -1.23 -30.09
N ASP F 377 -6.13 -2.54 -30.25
CA ASP F 377 -6.34 -3.41 -29.09
C ASP F 377 -5.20 -3.15 -28.09
N LEU F 378 -4.16 -2.46 -28.58
CA LEU F 378 -3.00 -2.12 -27.76
C LEU F 378 -3.24 -0.76 -27.10
N ALA F 379 -3.26 0.30 -27.92
CA ALA F 379 -3.50 1.66 -27.42
C ALA F 379 -4.57 1.57 -26.35
N ALA F 380 -5.56 0.72 -26.59
CA ALA F 380 -6.63 0.52 -25.64
C ALA F 380 -6.02 -0.12 -24.39
N LEU F 381 -5.87 -1.43 -24.41
CA LEU F 381 -5.34 -2.17 -23.27
C LEU F 381 -4.28 -1.48 -22.42
N MET F 382 -3.41 -0.69 -23.03
CA MET F 382 -2.37 -0.01 -22.25
C MET F 382 -2.97 0.97 -21.24
N GLU F 383 -3.48 2.09 -21.73
CA GLU F 383 -4.07 3.07 -20.83
C GLU F 383 -5.03 2.37 -19.87
N ASP F 384 -5.85 1.47 -20.40
CA ASP F 384 -6.84 0.73 -19.62
C ASP F 384 -6.30 -0.11 -18.45
N ASP F 385 -5.01 0.06 -18.13
CA ASP F 385 -4.34 -0.63 -17.01
C ASP F 385 -2.89 -0.99 -17.31
N PRO F 386 -2.05 0.01 -17.55
CA PRO F 386 -0.64 -0.23 -17.84
C PRO F 386 0.02 -1.21 -16.88
N THR F 387 -0.65 -1.48 -15.78
CA THR F 387 -0.16 -2.40 -14.75
C THR F 387 -0.06 -3.86 -15.20
N ASN F 388 -0.79 -4.24 -16.25
CA ASN F 388 -0.74 -5.62 -16.73
C ASN F 388 0.23 -5.65 -17.90
N GLU F 389 1.46 -6.08 -17.64
CA GLU F 389 2.47 -6.14 -18.68
C GLU F 389 2.61 -7.56 -19.23
N SER F 390 2.38 -8.56 -18.38
CA SER F 390 2.48 -9.93 -18.83
C SER F 390 1.57 -10.13 -20.04
N ALA F 391 0.50 -9.35 -20.09
CA ALA F 391 -0.46 -9.43 -21.19
C ALA F 391 -0.29 -8.29 -22.19
N ILE F 392 0.20 -7.14 -21.74
CA ILE F 392 0.40 -5.99 -22.63
C ILE F 392 1.60 -6.23 -23.53
N ASN F 393 2.48 -7.14 -23.12
CA ASN F 393 3.67 -7.47 -23.90
C ASN F 393 3.33 -8.65 -24.80
N GLN F 394 2.36 -9.44 -24.37
CA GLN F 394 1.92 -10.57 -25.15
C GLN F 394 1.18 -10.05 -26.39
N LEU F 395 0.57 -8.88 -26.25
CA LEU F 395 -0.15 -8.23 -27.35
C LEU F 395 0.89 -7.42 -28.13
N LYS F 396 1.84 -6.86 -27.40
CA LYS F 396 2.91 -6.05 -27.97
C LYS F 396 3.68 -6.84 -29.04
N SER F 397 3.86 -8.14 -28.81
CA SER F 397 4.58 -8.96 -29.74
C SER F 397 3.69 -9.27 -30.95
N LYS F 398 2.50 -9.79 -30.73
CA LYS F 398 1.58 -10.10 -31.83
C LYS F 398 1.59 -8.93 -32.81
N LEU F 399 1.56 -7.70 -32.29
CA LEU F 399 1.61 -6.52 -33.16
C LEU F 399 2.90 -6.59 -33.96
N THR F 400 3.99 -6.94 -33.28
CA THR F 400 5.29 -7.05 -33.93
C THR F 400 5.32 -8.28 -34.86
N TYR F 401 4.91 -9.43 -34.35
CA TYR F 401 4.88 -10.64 -35.18
C TYR F 401 4.22 -10.34 -36.53
N VAL F 402 3.01 -9.79 -36.51
CA VAL F 402 2.32 -9.47 -37.75
C VAL F 402 3.17 -8.53 -38.58
N TYR F 403 3.80 -7.56 -37.92
CA TYR F 403 4.65 -6.59 -38.60
C TYR F 403 5.78 -7.26 -39.37
N CYS F 404 6.37 -8.30 -38.78
CA CYS F 404 7.45 -9.06 -39.42
C CYS F 404 6.93 -9.69 -40.71
N VAL F 405 6.14 -10.74 -40.51
CA VAL F 405 5.54 -11.50 -41.60
C VAL F 405 4.99 -10.58 -42.72
N TYR F 406 4.70 -9.32 -42.42
CA TYR F 406 4.22 -8.41 -43.45
C TYR F 406 5.44 -7.87 -44.19
N MET F 407 6.47 -7.53 -43.43
CA MET F 407 7.72 -7.03 -43.99
C MET F 407 8.38 -8.11 -44.84
N ASN F 408 8.20 -9.37 -44.44
CA ASN F 408 8.75 -10.49 -45.19
C ASN F 408 8.04 -10.51 -46.54
N THR F 409 6.72 -10.46 -46.48
CA THR F 409 5.86 -10.47 -47.65
C THR F 409 6.14 -9.31 -48.60
N MET F 410 6.16 -8.08 -48.10
CA MET F 410 6.45 -6.98 -49.01
C MET F 410 7.79 -7.21 -49.68
N LYS F 411 8.71 -7.85 -48.96
CA LYS F 411 10.04 -8.13 -49.49
C LYS F 411 9.91 -9.06 -50.71
N ARG F 412 9.10 -10.10 -50.55
CA ARG F 412 8.90 -11.08 -51.62
C ARG F 412 8.00 -10.57 -52.75
N ILE F 413 7.35 -9.44 -52.53
CA ILE F 413 6.46 -8.89 -53.53
C ILE F 413 7.07 -7.68 -54.21
N GLN F 414 7.44 -6.68 -53.43
CA GLN F 414 8.00 -5.45 -53.97
C GLN F 414 9.52 -5.39 -53.84
N GLY F 415 10.11 -6.32 -53.10
CA GLY F 415 11.55 -6.29 -52.95
C GLY F 415 12.05 -5.42 -51.81
N LEU F 416 13.33 -5.52 -51.53
CA LEU F 416 13.99 -4.80 -50.44
C LEU F 416 13.59 -3.33 -50.24
N ALA F 417 13.33 -2.62 -51.33
CA ALA F 417 12.93 -1.22 -51.23
C ALA F 417 11.81 -1.07 -50.21
N ALA F 418 10.71 -1.80 -50.45
CA ALA F 418 9.54 -1.79 -49.58
C ALA F 418 9.86 -2.45 -48.23
N SER F 419 10.70 -3.47 -48.28
CA SER F 419 11.12 -4.19 -47.07
C SER F 419 11.65 -3.23 -46.03
N ARG F 420 12.28 -2.17 -46.52
CA ARG F 420 12.84 -1.18 -45.63
C ARG F 420 11.78 -0.21 -45.12
N LYS F 421 10.97 0.36 -46.00
CA LYS F 421 9.93 1.30 -45.56
C LYS F 421 9.22 0.73 -44.33
N ILE F 422 8.82 -0.54 -44.42
CA ILE F 422 8.14 -1.20 -43.31
C ILE F 422 9.01 -1.27 -42.06
N PHE F 423 10.33 -1.25 -42.23
CA PHE F 423 11.23 -1.30 -41.07
C PHE F 423 11.29 0.10 -40.45
N GLY F 424 11.12 1.12 -41.28
CA GLY F 424 11.14 2.48 -40.79
C GLY F 424 9.98 2.66 -39.82
N LYS F 425 8.75 2.60 -40.32
CA LYS F 425 7.58 2.74 -39.47
C LYS F 425 7.74 1.79 -38.27
N CYS F 426 8.29 0.61 -38.52
CA CYS F 426 8.50 -0.38 -37.46
C CYS F 426 9.50 0.11 -36.43
N ARG F 427 10.47 0.87 -36.91
CA ARG F 427 11.52 1.44 -36.05
C ARG F 427 10.93 2.67 -35.33
N ARG F 428 10.13 3.46 -36.04
CA ARG F 428 9.52 4.65 -35.50
C ARG F 428 8.48 4.38 -34.42
N LEU F 429 8.13 3.12 -34.22
CA LEU F 429 7.17 2.79 -33.18
C LEU F 429 7.92 2.67 -31.85
N LYS F 430 9.24 2.85 -31.92
CA LYS F 430 10.08 2.80 -30.74
C LYS F 430 9.89 1.51 -29.94
N LYS F 431 9.97 1.60 -28.61
CA LYS F 431 9.83 0.43 -27.75
C LYS F 431 8.41 -0.13 -27.71
N LEU F 432 7.66 0.11 -28.78
CA LEU F 432 6.26 -0.36 -28.87
C LEU F 432 6.19 -1.73 -29.57
N VAL F 433 7.31 -2.10 -30.18
CA VAL F 433 7.42 -3.36 -30.89
C VAL F 433 8.56 -4.13 -30.25
N THR F 434 8.36 -5.41 -30.03
CA THR F 434 9.38 -6.23 -29.40
C THR F 434 10.61 -6.34 -30.32
N PRO F 435 11.75 -6.83 -29.78
CA PRO F 435 12.99 -6.99 -30.55
C PRO F 435 12.80 -7.70 -31.89
N ASP F 436 12.13 -8.85 -31.86
CA ASP F 436 11.86 -9.69 -33.04
C ASP F 436 11.93 -9.04 -34.43
N ILE F 437 11.29 -7.88 -34.58
CA ILE F 437 11.28 -7.20 -35.86
C ILE F 437 12.72 -6.88 -36.28
N TYR F 438 13.54 -6.48 -35.32
CA TYR F 438 14.94 -6.16 -35.59
C TYR F 438 15.68 -7.39 -36.07
N LEU F 439 15.58 -8.48 -35.32
CA LEU F 439 16.26 -9.70 -35.70
C LEU F 439 15.92 -10.01 -37.16
N GLU F 440 14.61 -10.13 -37.44
CA GLU F 440 14.08 -10.45 -38.78
C GLU F 440 14.49 -9.46 -39.88
N ASN F 441 14.52 -8.17 -39.56
CA ASN F 441 14.90 -7.20 -40.58
C ASN F 441 16.39 -7.37 -40.98
N ALA F 442 17.18 -7.84 -40.03
CA ALA F 442 18.61 -8.08 -40.25
C ALA F 442 18.77 -9.33 -41.13
N TYR F 443 18.27 -10.47 -40.66
CA TYR F 443 18.34 -11.71 -41.42
C TYR F 443 17.87 -11.55 -42.86
N ILE F 444 17.14 -10.47 -43.14
CA ILE F 444 16.63 -10.21 -44.49
C ILE F 444 17.64 -9.34 -45.25
N GLU F 445 18.45 -8.57 -44.51
CA GLU F 445 19.47 -7.71 -45.11
C GLU F 445 20.74 -8.50 -45.38
N TYR F 446 20.94 -9.56 -44.62
CA TYR F 446 22.09 -10.43 -44.78
C TYR F 446 21.77 -11.40 -45.92
N HIS F 447 20.72 -12.19 -45.77
CA HIS F 447 20.33 -13.15 -46.80
C HIS F 447 19.97 -12.57 -48.16
N ILE F 448 20.37 -11.33 -48.41
CA ILE F 448 20.10 -10.71 -49.70
C ILE F 448 21.36 -10.75 -50.54
N SER F 449 22.43 -10.21 -49.98
CA SER F 449 23.74 -10.17 -50.67
C SER F 449 24.81 -10.82 -49.80
N LYS F 450 24.37 -11.62 -48.84
CA LYS F 450 25.27 -12.30 -47.91
C LYS F 450 26.20 -11.30 -47.21
N ASP F 451 25.71 -10.08 -47.07
CA ASP F 451 26.46 -9.01 -46.44
C ASP F 451 26.00 -8.73 -45.01
N THR F 452 26.87 -8.12 -44.22
CA THR F 452 26.57 -7.78 -42.84
C THR F 452 26.74 -6.29 -42.54
N LYS F 453 27.34 -5.56 -43.48
CA LYS F 453 27.53 -4.12 -43.29
C LYS F 453 26.22 -3.59 -42.76
N THR F 454 25.15 -3.86 -43.49
CA THR F 454 23.80 -3.41 -43.13
C THR F 454 23.17 -4.18 -41.98
N ALA F 455 22.94 -5.47 -42.18
CA ALA F 455 22.33 -6.33 -41.16
C ALA F 455 22.81 -5.99 -39.76
N CYS F 456 24.03 -5.47 -39.68
CA CYS F 456 24.60 -5.11 -38.41
C CYS F 456 24.03 -3.82 -37.88
N LYS F 457 24.34 -2.71 -38.53
CA LYS F 457 23.83 -1.41 -38.07
C LYS F 457 22.42 -1.56 -37.51
N VAL F 458 21.59 -2.32 -38.21
CA VAL F 458 20.21 -2.55 -37.80
C VAL F 458 20.16 -2.93 -36.32
N LEU F 459 20.59 -4.14 -36.02
CA LEU F 459 20.60 -4.63 -34.66
C LEU F 459 21.19 -3.64 -33.69
N GLU F 460 22.24 -2.93 -34.12
CA GLU F 460 22.88 -1.95 -33.26
C GLU F 460 21.80 -0.98 -32.77
N LEU F 461 21.06 -0.41 -33.73
CA LEU F 461 19.96 0.53 -33.44
C LEU F 461 18.89 -0.12 -32.58
N GLY F 462 19.02 -1.43 -32.38
CA GLY F 462 18.05 -2.16 -31.58
C GLY F 462 18.50 -2.14 -30.13
N LEU F 463 19.78 -1.90 -29.94
CA LEU F 463 20.35 -1.83 -28.62
C LEU F 463 19.82 -0.58 -27.94
N LYS F 464 19.54 0.44 -28.76
CA LYS F 464 19.01 1.70 -28.25
C LYS F 464 17.91 1.45 -27.24
N TYR F 465 16.99 0.55 -27.58
CA TYR F 465 15.86 0.23 -26.71
C TYR F 465 15.93 -1.17 -26.13
N PHE F 466 16.83 -2.00 -26.64
CA PHE F 466 16.90 -3.36 -26.11
C PHE F 466 18.26 -3.82 -25.65
N ALA F 467 19.18 -2.87 -25.45
CA ALA F 467 20.52 -3.22 -24.98
C ALA F 467 20.44 -4.03 -23.68
N THR F 468 19.28 -3.99 -23.03
CA THR F 468 19.05 -4.69 -21.77
C THR F 468 18.29 -6.01 -21.88
N ASP F 469 17.58 -6.17 -22.99
CA ASP F 469 16.78 -7.35 -23.24
C ASP F 469 17.65 -8.59 -23.35
N GLY F 470 17.75 -9.36 -22.27
CA GLY F 470 18.56 -10.56 -22.30
C GLY F 470 18.14 -11.51 -23.41
N GLU F 471 16.83 -11.63 -23.60
CA GLU F 471 16.26 -12.48 -24.63
C GLU F 471 16.86 -12.05 -25.96
N TYR F 472 16.76 -10.77 -26.25
CA TYR F 472 17.25 -10.17 -27.49
C TYR F 472 18.73 -10.36 -27.73
N ILE F 473 19.53 -10.20 -26.68
CA ILE F 473 20.97 -10.37 -26.78
C ILE F 473 21.31 -11.77 -27.31
N ASN F 474 20.70 -12.80 -26.73
CA ASN F 474 20.95 -14.15 -27.19
C ASN F 474 20.75 -14.26 -28.69
N LYS F 475 19.57 -13.88 -29.15
CA LYS F 475 19.27 -13.94 -30.58
C LYS F 475 20.26 -13.13 -31.38
N TYR F 476 20.75 -12.04 -30.79
CA TYR F 476 21.70 -11.14 -31.46
C TYR F 476 23.06 -11.80 -31.71
N LEU F 477 23.59 -12.46 -30.67
CA LEU F 477 24.88 -13.13 -30.75
C LEU F 477 24.90 -14.19 -31.82
N ASP F 478 23.85 -15.02 -31.84
CA ASP F 478 23.71 -16.11 -32.82
C ASP F 478 23.80 -15.60 -34.24
N PHE F 479 23.23 -14.42 -34.48
CA PHE F 479 23.28 -13.81 -35.81
C PHE F 479 24.71 -13.40 -36.11
N LEU F 480 25.42 -12.97 -35.07
CA LEU F 480 26.80 -12.58 -35.21
C LEU F 480 27.66 -13.83 -35.38
N ILE F 481 27.29 -14.91 -34.69
CA ILE F 481 28.01 -16.18 -34.79
C ILE F 481 27.57 -16.86 -36.08
N TYR F 482 26.39 -16.46 -36.56
CA TYR F 482 25.82 -17.00 -37.80
C TYR F 482 26.78 -16.60 -38.90
N VAL F 483 27.02 -15.30 -39.01
CA VAL F 483 27.89 -14.76 -40.04
C VAL F 483 29.33 -14.60 -39.56
N ASN F 484 29.65 -15.30 -38.48
CA ASN F 484 30.99 -15.29 -37.87
C ASN F 484 31.67 -13.91 -37.89
N GLU F 485 31.15 -12.99 -37.08
CA GLU F 485 31.69 -11.64 -36.97
C GLU F 485 32.27 -11.51 -35.56
N GLU F 486 33.13 -12.45 -35.17
CA GLU F 486 33.75 -12.46 -33.84
C GLU F 486 34.24 -11.12 -33.32
N SER F 487 34.61 -10.26 -34.25
CA SER F 487 35.08 -8.92 -33.88
C SER F 487 33.92 -8.29 -33.12
N GLN F 488 32.73 -8.74 -33.49
CA GLN F 488 31.47 -8.28 -32.91
C GLN F 488 31.02 -9.17 -31.74
N VAL F 489 30.83 -10.47 -31.96
CA VAL F 489 30.40 -11.34 -30.87
C VAL F 489 31.08 -10.98 -29.56
N LYS F 490 32.36 -10.65 -29.64
CA LYS F 490 33.13 -10.31 -28.46
C LYS F 490 32.66 -8.97 -27.89
N SER F 491 32.76 -7.92 -28.71
CA SER F 491 32.38 -6.56 -28.33
C SER F 491 31.01 -6.45 -27.68
N LEU F 492 30.05 -7.23 -28.16
CA LEU F 492 28.71 -7.21 -27.59
C LEU F 492 28.75 -7.97 -26.28
N PHE F 493 29.26 -9.20 -26.33
CA PHE F 493 29.35 -10.01 -25.11
C PHE F 493 29.98 -9.18 -24.01
N GLU F 494 31.06 -8.50 -24.34
CA GLU F 494 31.76 -7.70 -23.36
C GLU F 494 30.85 -6.62 -22.79
N SER F 495 30.46 -5.65 -23.61
CA SER F 495 29.62 -4.58 -23.10
C SER F 495 28.31 -5.06 -22.44
N SER F 496 27.79 -6.20 -22.89
CA SER F 496 26.54 -6.71 -22.36
C SER F 496 26.59 -7.55 -21.10
N ILE F 497 27.77 -8.02 -20.71
CA ILE F 497 27.86 -8.84 -19.50
C ILE F 497 27.20 -8.15 -18.33
N ASP F 498 27.53 -6.89 -18.15
CA ASP F 498 26.97 -6.10 -17.05
C ASP F 498 25.94 -5.06 -17.52
N LYS F 499 25.04 -5.47 -18.41
CA LYS F 499 23.98 -4.61 -18.93
C LYS F 499 22.70 -5.42 -18.98
N ILE F 500 22.79 -6.66 -18.52
CA ILE F 500 21.67 -7.57 -18.51
C ILE F 500 21.55 -8.18 -17.13
N SER F 501 20.33 -8.22 -16.61
CA SER F 501 20.10 -8.84 -15.31
C SER F 501 19.51 -10.20 -15.69
N ASP F 502 18.75 -10.83 -14.79
CA ASP F 502 18.17 -12.15 -15.10
C ASP F 502 19.29 -13.17 -15.31
N SER F 503 19.90 -13.60 -14.21
CA SER F 503 20.99 -14.56 -14.28
C SER F 503 20.82 -15.57 -15.40
N HIS F 504 19.63 -16.17 -15.52
CA HIS F 504 19.40 -17.16 -16.55
C HIS F 504 19.70 -16.64 -17.96
N LEU F 505 19.20 -15.46 -18.30
CA LEU F 505 19.46 -14.89 -19.62
C LEU F 505 20.95 -14.62 -19.83
N LEU F 506 21.62 -14.20 -18.77
CA LEU F 506 23.06 -13.93 -18.86
C LEU F 506 23.82 -15.24 -18.88
N LYS F 507 23.58 -16.09 -17.88
CA LYS F 507 24.24 -17.38 -17.81
C LYS F 507 24.26 -18.04 -19.19
N MET F 508 23.17 -17.86 -19.93
CA MET F 508 23.02 -18.41 -21.27
C MET F 508 24.02 -17.71 -22.17
N ILE F 509 24.14 -16.40 -22.01
CA ILE F 509 25.08 -15.62 -22.79
C ILE F 509 26.50 -16.17 -22.70
N PHE F 510 26.97 -16.38 -21.48
CA PHE F 510 28.32 -16.91 -21.26
C PHE F 510 28.52 -18.22 -22.00
N GLN F 511 27.66 -19.19 -21.73
CA GLN F 511 27.77 -20.50 -22.37
C GLN F 511 27.84 -20.42 -23.88
N LYS F 512 27.05 -19.55 -24.48
CA LYS F 512 27.09 -19.42 -25.92
C LYS F 512 28.52 -19.05 -26.28
N VAL F 513 28.98 -17.91 -25.78
CA VAL F 513 30.33 -17.41 -26.07
C VAL F 513 31.43 -18.43 -25.77
N ILE F 514 31.43 -19.00 -24.57
CA ILE F 514 32.44 -20.00 -24.21
C ILE F 514 32.47 -21.07 -25.31
N PHE F 515 31.30 -21.59 -25.64
CA PHE F 515 31.18 -22.61 -26.67
C PHE F 515 31.82 -22.07 -27.94
N PHE F 516 31.43 -20.86 -28.31
CA PHE F 516 31.94 -20.20 -29.51
C PHE F 516 33.44 -20.06 -29.48
N GLU F 517 33.94 -19.65 -28.32
CA GLU F 517 35.36 -19.47 -28.11
C GLU F 517 36.05 -20.80 -28.35
N SER F 518 35.55 -21.84 -27.70
CA SER F 518 36.12 -23.16 -27.86
C SER F 518 36.15 -23.56 -29.33
N LYS F 519 35.18 -23.08 -30.09
CA LYS F 519 35.06 -23.42 -31.51
C LYS F 519 35.91 -22.56 -32.44
N VAL F 520 36.13 -21.28 -32.09
CA VAL F 520 36.94 -20.41 -32.97
C VAL F 520 38.19 -19.82 -32.30
N GLY F 521 38.37 -20.07 -31.01
CA GLY F 521 39.52 -19.54 -30.30
C GLY F 521 40.49 -20.59 -29.77
N SER F 522 41.21 -20.24 -28.71
CA SER F 522 42.18 -21.14 -28.11
C SER F 522 41.75 -21.69 -26.74
N LEU F 523 42.28 -22.84 -26.37
CA LEU F 523 41.94 -23.46 -25.09
C LEU F 523 42.12 -22.47 -23.96
N ASN F 524 43.20 -21.72 -24.01
CA ASN F 524 43.43 -20.75 -22.97
C ASN F 524 42.30 -19.74 -22.99
N SER F 525 42.00 -19.21 -24.18
CA SER F 525 40.92 -18.22 -24.33
C SER F 525 39.72 -18.70 -23.56
N VAL F 526 39.16 -19.80 -24.03
CA VAL F 526 38.01 -20.40 -23.42
C VAL F 526 38.21 -20.48 -21.91
N ARG F 527 39.22 -21.22 -21.48
CA ARG F 527 39.48 -21.39 -20.05
C ARG F 527 39.38 -20.08 -19.26
N THR F 528 39.77 -18.98 -19.88
CA THR F 528 39.72 -17.69 -19.19
C THR F 528 38.31 -17.17 -19.14
N LEU F 529 37.56 -17.42 -20.20
CA LEU F 529 36.19 -16.97 -20.28
C LEU F 529 35.39 -17.76 -19.24
N GLU F 530 35.77 -19.03 -19.05
CA GLU F 530 35.11 -19.89 -18.08
C GLU F 530 35.48 -19.36 -16.70
N LYS F 531 36.76 -19.08 -16.53
CA LYS F 531 37.27 -18.54 -15.28
C LYS F 531 36.35 -17.42 -14.82
N ARG F 532 36.08 -16.47 -15.72
CA ARG F 532 35.22 -15.34 -15.42
C ARG F 532 33.79 -15.77 -15.16
N PHE F 533 33.29 -16.68 -15.98
CA PHE F 533 31.94 -17.19 -15.85
C PHE F 533 31.75 -17.88 -14.50
N PHE F 534 32.68 -18.76 -14.13
CA PHE F 534 32.59 -19.47 -12.87
C PHE F 534 32.74 -18.48 -11.72
N GLU F 535 33.24 -17.30 -12.05
CA GLU F 535 33.47 -16.27 -11.05
C GLU F 535 32.22 -15.47 -10.74
N LYS F 536 31.31 -15.39 -11.70
CA LYS F 536 30.09 -14.63 -11.51
C LYS F 536 28.91 -15.52 -11.17
N PHE F 537 29.00 -16.79 -11.54
CA PHE F 537 27.90 -17.70 -11.26
C PHE F 537 28.29 -18.92 -10.42
N PRO F 538 29.28 -18.80 -9.51
CA PRO F 538 29.68 -19.95 -8.69
C PRO F 538 28.51 -20.88 -8.39
N GLU F 539 28.84 -22.14 -8.15
CA GLU F 539 27.81 -23.14 -7.91
C GLU F 539 27.11 -23.31 -9.25
N VAL F 540 27.76 -24.03 -10.16
CA VAL F 540 27.22 -24.32 -11.48
C VAL F 540 27.95 -25.57 -11.90
N ASN F 541 27.46 -26.71 -11.44
CA ASN F 541 28.08 -28.00 -11.74
C ASN F 541 29.12 -27.96 -12.84
N LYS F 542 30.39 -28.07 -12.44
CA LYS F 542 31.50 -28.04 -13.37
C LYS F 542 31.34 -29.08 -14.47
N LEU F 543 31.15 -30.33 -14.06
CA LEU F 543 31.00 -31.39 -15.02
C LEU F 543 29.95 -31.07 -16.08
N GLU F 544 28.82 -30.53 -15.66
CA GLU F 544 27.75 -30.23 -16.61
C GLU F 544 28.21 -29.28 -17.70
N GLU F 545 28.64 -28.08 -17.32
CA GLU F 545 29.08 -27.12 -18.32
C GLU F 545 30.02 -27.83 -19.28
N PHE F 546 31.03 -28.47 -18.73
CA PHE F 546 32.00 -29.21 -19.52
C PHE F 546 31.22 -29.84 -20.66
N THR F 547 30.21 -30.61 -20.28
CA THR F 547 29.34 -31.32 -21.21
C THR F 547 28.73 -30.42 -22.28
N ASN F 548 28.24 -29.25 -21.89
CA ASN F 548 27.66 -28.34 -22.87
C ASN F 548 28.75 -27.79 -23.78
N LYS F 549 29.96 -27.70 -23.26
CA LYS F 549 31.06 -27.18 -24.02
C LYS F 549 31.34 -28.05 -25.22
N TYR F 550 31.29 -29.37 -24.99
CA TYR F 550 31.56 -30.38 -26.00
C TYR F 550 30.35 -30.98 -26.73
N LYS F 551 29.58 -30.14 -27.42
CA LYS F 551 28.41 -30.63 -28.12
C LYS F 551 28.59 -30.58 -29.63
N VAL F 552 28.30 -31.67 -30.32
CA VAL F 552 28.39 -31.62 -31.78
C VAL F 552 26.95 -31.49 -32.23
N LEU F 553 26.75 -31.12 -33.49
CA LEU F 553 25.41 -30.93 -34.04
C LEU F 553 24.34 -30.61 -32.99
N ASP F 554 24.70 -29.70 -32.11
CA ASP F 554 23.85 -29.20 -31.04
C ASP F 554 23.35 -30.20 -30.04
N VAL F 555 23.60 -31.47 -30.27
CA VAL F 555 23.13 -32.43 -29.31
C VAL F 555 24.22 -32.74 -28.30
N ASN F 556 23.87 -32.62 -27.03
CA ASN F 556 24.82 -32.88 -25.97
C ASN F 556 25.07 -34.39 -25.86
N TYR F 557 25.77 -34.96 -26.84
CA TYR F 557 26.07 -36.39 -26.80
C TYR F 557 26.83 -36.84 -25.55
N LEU F 558 27.69 -35.97 -25.02
CA LEU F 558 28.47 -36.33 -23.84
C LEU F 558 27.66 -36.94 -22.72
N GLN F 559 26.48 -36.41 -22.44
CA GLN F 559 25.68 -36.99 -21.37
C GLN F 559 24.56 -37.89 -21.86
N ARG F 560 24.08 -37.66 -23.07
CA ARG F 560 23.01 -38.49 -23.61
C ARG F 560 23.57 -39.85 -24.04
N LEU F 561 24.82 -40.12 -23.68
CA LEU F 561 25.48 -41.40 -24.02
C LEU F 561 26.51 -41.74 -22.96
N GLU F 562 26.65 -40.89 -21.94
CA GLU F 562 27.64 -41.17 -20.90
C GLU F 562 27.22 -40.86 -19.46
N LEU F 563 26.45 -39.78 -19.28
CA LEU F 563 26.01 -39.41 -17.94
C LEU F 563 24.51 -39.15 -17.95
N ASP F 564 23.76 -40.01 -18.63
CA ASP F 564 22.32 -39.82 -18.70
C ASP F 564 21.83 -39.69 -17.27
N TYR F 565 22.55 -40.38 -16.38
CA TYR F 565 22.30 -40.38 -14.94
C TYR F 565 22.55 -38.96 -14.46
N MET F 566 21.98 -38.02 -15.21
CA MET F 566 22.09 -36.58 -14.96
C MET F 566 20.72 -35.94 -15.16
N PRO G 28 -35.13 -11.40 -6.33
CA PRO G 28 -34.72 -10.02 -5.94
C PRO G 28 -35.87 -8.99 -5.92
N TRP G 29 -36.38 -8.61 -7.09
CA TRP G 29 -37.49 -7.65 -7.16
C TRP G 29 -38.66 -8.19 -7.98
N LEU G 30 -38.78 -9.52 -8.06
CA LEU G 30 -39.88 -10.14 -8.81
C LEU G 30 -41.22 -9.80 -8.22
N PRO G 31 -42.30 -9.95 -9.00
CA PRO G 31 -43.64 -9.64 -8.50
C PRO G 31 -44.02 -10.59 -7.39
N VAL G 32 -44.32 -9.98 -6.26
CA VAL G 32 -44.71 -10.65 -5.02
C VAL G 32 -45.90 -11.59 -5.22
N GLY G 33 -46.84 -11.17 -6.06
CA GLY G 33 -48.02 -11.98 -6.31
C GLY G 33 -49.25 -11.18 -5.93
N VAL G 34 -50.38 -11.87 -5.72
CA VAL G 34 -51.63 -11.21 -5.34
C VAL G 34 -52.30 -11.85 -4.12
N ASP G 35 -52.95 -11.01 -3.30
CA ASP G 35 -53.66 -11.50 -2.12
C ASP G 35 -54.96 -12.09 -2.70
N VAL G 36 -55.22 -13.36 -2.47
CA VAL G 36 -56.45 -13.94 -2.97
C VAL G 36 -57.46 -13.97 -1.84
N ASN G 37 -58.59 -13.27 -1.99
CA ASN G 37 -59.62 -13.28 -0.96
C ASN G 37 -60.15 -14.72 -0.75
N ILE G 38 -59.52 -15.48 0.13
CA ILE G 38 -59.91 -16.86 0.38
C ILE G 38 -61.38 -17.06 0.76
N ASN G 39 -61.97 -16.04 1.39
CA ASN G 39 -63.36 -16.12 1.84
C ASN G 39 -64.40 -16.18 0.70
N MET G 40 -63.96 -16.01 -0.54
CA MET G 40 -64.87 -16.02 -1.69
C MET G 40 -64.39 -16.68 -3.00
N THR G 41 -63.15 -17.16 -3.04
CA THR G 41 -62.60 -17.81 -4.24
C THR G 41 -61.64 -18.93 -3.83
N THR G 42 -60.70 -19.28 -4.72
CA THR G 42 -59.72 -20.30 -4.43
C THR G 42 -58.47 -19.83 -5.17
N PRO G 43 -57.29 -20.20 -4.67
CA PRO G 43 -56.14 -19.72 -5.45
C PRO G 43 -56.20 -20.37 -6.85
N ALA G 44 -56.70 -21.61 -6.89
CA ALA G 44 -56.84 -22.39 -8.13
C ALA G 44 -57.91 -21.83 -9.06
N MET G 45 -59.10 -21.56 -8.52
CA MET G 45 -60.21 -21.01 -9.30
C MET G 45 -59.80 -19.61 -9.78
N CYS G 46 -58.68 -19.16 -9.26
CA CYS G 46 -58.10 -17.87 -9.58
C CYS G 46 -56.99 -18.06 -10.61
N ILE G 47 -56.16 -19.08 -10.42
CA ILE G 47 -55.10 -19.37 -11.38
C ILE G 47 -55.80 -19.47 -12.73
N SER G 48 -56.81 -20.33 -12.78
CA SER G 48 -57.61 -20.57 -13.97
C SER G 48 -58.07 -19.23 -14.53
N SER G 49 -58.82 -18.49 -13.73
CA SER G 49 -59.37 -17.19 -14.14
C SER G 49 -58.36 -16.23 -14.80
N GLU G 50 -57.08 -16.34 -14.44
CA GLU G 50 -56.08 -15.47 -15.04
C GLU G 50 -55.59 -16.02 -16.37
N LEU G 51 -55.27 -17.32 -16.38
CA LEU G 51 -54.81 -17.98 -17.59
C LEU G 51 -55.96 -18.00 -18.60
N GLY G 52 -57.18 -17.99 -18.06
CA GLY G 52 -58.38 -18.02 -18.87
C GLY G 52 -58.71 -16.77 -19.66
N LYS G 53 -57.81 -15.79 -19.68
CA LYS G 53 -58.06 -14.56 -20.45
C LYS G 53 -56.89 -14.24 -21.39
N LEU G 54 -56.26 -15.31 -21.89
CA LEU G 54 -55.14 -15.23 -22.82
C LEU G 54 -55.36 -16.23 -23.95
N GLN G 55 -56.11 -15.83 -24.98
CA GLN G 55 -56.40 -16.68 -26.13
C GLN G 55 -55.30 -17.69 -26.40
N LYS G 56 -55.70 -18.84 -26.91
CA LYS G 56 -54.79 -19.94 -27.20
C LYS G 56 -53.46 -19.50 -27.84
N ASP G 57 -53.40 -18.28 -28.36
CA ASP G 57 -52.17 -17.75 -28.96
C ASP G 57 -51.17 -17.59 -27.83
N GLN G 58 -51.32 -16.47 -27.12
CA GLN G 58 -50.48 -16.12 -25.99
C GLN G 58 -50.24 -17.33 -25.10
N GLN G 59 -51.24 -18.17 -24.98
CA GLN G 59 -51.15 -19.37 -24.15
C GLN G 59 -50.00 -20.24 -24.65
N MET G 60 -49.98 -20.54 -25.95
CA MET G 60 -48.93 -21.35 -26.54
C MET G 60 -47.65 -20.53 -26.70
N ALA G 61 -47.81 -19.20 -26.74
CA ALA G 61 -46.67 -18.29 -26.87
C ALA G 61 -45.87 -18.33 -25.58
N LEU G 62 -46.56 -18.14 -24.45
CA LEU G 62 -45.95 -18.15 -23.12
C LEU G 62 -45.19 -19.46 -22.95
N LEU G 63 -45.93 -20.57 -23.00
CA LEU G 63 -45.37 -21.90 -22.86
C LEU G 63 -44.02 -22.10 -23.56
N LYS G 64 -43.86 -21.43 -24.70
CA LYS G 64 -42.61 -21.51 -25.46
C LYS G 64 -41.53 -20.83 -24.61
N VAL G 65 -41.82 -19.62 -24.13
CA VAL G 65 -40.89 -18.88 -23.30
C VAL G 65 -40.45 -19.67 -22.06
N ILE G 66 -41.31 -20.58 -21.60
CA ILE G 66 -41.00 -21.43 -20.44
C ILE G 66 -40.36 -22.75 -20.87
N GLN G 67 -40.33 -22.98 -22.18
CA GLN G 67 -39.71 -24.16 -22.75
C GLN G 67 -38.21 -23.86 -22.83
N HIS G 68 -37.90 -22.74 -23.49
CA HIS G 68 -36.54 -22.26 -23.69
C HIS G 68 -35.85 -21.86 -22.39
N PHE G 69 -36.56 -21.09 -21.56
CA PHE G 69 -35.99 -20.63 -20.30
C PHE G 69 -35.52 -21.79 -19.41
N CYS G 70 -36.09 -22.97 -19.63
CA CYS G 70 -35.72 -24.14 -18.84
C CYS G 70 -34.39 -24.72 -19.31
N LYS G 71 -34.15 -24.63 -20.62
CA LYS G 71 -32.93 -25.13 -21.25
C LYS G 71 -31.69 -24.33 -20.82
N ASP G 72 -31.93 -23.28 -20.04
CA ASP G 72 -30.85 -22.42 -19.52
C ASP G 72 -31.38 -21.40 -18.50
N GLU G 75 -31.94 -23.90 -16.30
CA GLU G 75 -31.15 -24.23 -15.12
C GLU G 75 -31.35 -23.15 -14.06
N THR G 76 -31.32 -21.89 -14.50
CA THR G 76 -31.52 -20.74 -13.62
C THR G 76 -33.01 -20.71 -13.25
N PHE G 77 -33.76 -21.53 -14.00
CA PHE G 77 -35.20 -21.70 -13.88
C PHE G 77 -35.62 -22.22 -12.51
N VAL G 78 -35.01 -23.32 -12.09
CA VAL G 78 -35.31 -23.95 -10.81
C VAL G 78 -35.54 -22.95 -9.68
N ALA G 79 -34.66 -21.96 -9.55
CA ALA G 79 -34.78 -20.94 -8.50
C ALA G 79 -36.14 -20.25 -8.56
N LEU G 80 -36.43 -19.63 -9.70
CA LEU G 80 -37.68 -18.91 -9.93
C LEU G 80 -38.90 -19.81 -9.80
N LEU G 81 -38.67 -21.11 -9.62
CA LEU G 81 -39.77 -22.04 -9.47
C LEU G 81 -39.84 -22.48 -8.03
N GLU G 82 -38.81 -22.09 -7.28
CA GLU G 82 -38.73 -22.41 -5.85
C GLU G 82 -39.45 -21.30 -5.10
N GLU G 83 -38.99 -20.07 -5.31
CA GLU G 83 -39.56 -18.89 -4.66
C GLU G 83 -40.87 -18.43 -5.31
N ALA G 84 -41.63 -19.40 -5.82
CA ALA G 84 -42.93 -19.16 -6.46
C ALA G 84 -43.46 -20.51 -6.92
N PRO G 85 -44.11 -21.25 -6.02
CA PRO G 85 -44.66 -22.56 -6.35
C PRO G 85 -45.98 -22.38 -7.08
N GLN G 86 -46.46 -21.14 -7.12
CA GLN G 86 -47.70 -20.82 -7.81
C GLN G 86 -47.43 -20.72 -9.30
N LEU G 87 -46.19 -20.38 -9.65
CA LEU G 87 -45.81 -20.28 -11.05
C LEU G 87 -45.68 -21.71 -11.62
N SER G 88 -45.59 -22.70 -10.73
CA SER G 88 -45.51 -24.09 -11.16
C SER G 88 -46.89 -24.45 -11.66
N TYR G 89 -47.88 -24.26 -10.79
CA TYR G 89 -49.27 -24.56 -11.13
C TYR G 89 -49.77 -23.76 -12.32
N ALA G 90 -49.33 -22.51 -12.45
CA ALA G 90 -49.78 -21.75 -13.60
C ALA G 90 -49.27 -22.45 -14.87
N ILE G 91 -48.08 -23.01 -14.78
CA ILE G 91 -47.45 -23.72 -15.90
C ILE G 91 -47.99 -25.13 -16.10
N ALA G 92 -48.17 -25.85 -14.99
CA ALA G 92 -48.67 -27.22 -15.05
C ALA G 92 -50.12 -27.29 -15.57
N GLU G 93 -50.93 -26.28 -15.25
CA GLU G 93 -52.31 -26.25 -15.73
C GLU G 93 -52.22 -25.76 -17.16
N LEU G 94 -51.32 -24.82 -17.40
CA LEU G 94 -51.11 -24.24 -18.73
C LEU G 94 -50.77 -25.33 -19.73
N LEU G 95 -50.19 -26.42 -19.24
CA LEU G 95 -49.83 -27.55 -20.09
C LEU G 95 -51.03 -28.45 -20.23
N LEU G 96 -51.17 -29.43 -19.34
CA LEU G 96 -52.28 -30.36 -19.39
C LEU G 96 -53.51 -29.81 -20.09
N SER G 97 -53.87 -28.58 -19.74
CA SER G 97 -55.02 -27.88 -20.33
C SER G 97 -55.01 -27.92 -21.86
N ASN G 98 -53.95 -27.37 -22.45
CA ASN G 98 -53.82 -27.35 -23.91
C ASN G 98 -53.09 -28.60 -24.41
N GLY G 99 -53.56 -29.76 -23.97
CA GLY G 99 -52.98 -31.04 -24.37
C GLY G 99 -51.48 -31.19 -24.33
N VAL G 100 -50.96 -31.81 -23.26
CA VAL G 100 -49.52 -32.02 -23.12
C VAL G 100 -49.18 -33.33 -22.41
N CYS G 101 -50.12 -33.86 -21.63
CA CYS G 101 -49.93 -35.13 -20.90
C CYS G 101 -51.06 -35.40 -19.94
N SER G 102 -50.91 -36.47 -19.17
CA SER G 102 -51.91 -36.85 -18.17
C SER G 102 -51.55 -38.23 -17.64
N VAL G 103 -50.67 -38.91 -18.35
CA VAL G 103 -50.20 -40.22 -17.94
C VAL G 103 -48.74 -39.97 -17.55
N ASP G 104 -48.24 -38.79 -17.93
CA ASP G 104 -46.87 -38.35 -17.63
C ASP G 104 -46.90 -37.42 -16.42
N GLN G 105 -48.02 -36.72 -16.24
CA GLN G 105 -48.19 -35.83 -15.10
C GLN G 105 -47.81 -36.59 -13.83
N LEU G 106 -48.41 -37.78 -13.67
CA LEU G 106 -48.19 -38.64 -12.52
C LEU G 106 -46.73 -39.06 -12.36
N THR G 107 -45.93 -38.82 -13.40
CA THR G 107 -44.52 -39.16 -13.37
C THR G 107 -43.70 -38.06 -12.68
N GLN G 108 -44.35 -36.91 -12.47
CA GLN G 108 -43.69 -35.78 -11.82
C GLN G 108 -43.55 -35.99 -10.31
N LEU G 109 -44.68 -36.21 -9.64
CA LEU G 109 -44.69 -36.45 -8.21
C LEU G 109 -43.87 -37.71 -7.96
N ALA G 110 -44.32 -38.81 -8.56
CA ALA G 110 -43.66 -40.09 -8.45
C ALA G 110 -42.25 -39.99 -9.03
N PRO H 28 -2.61 7.57 -32.92
CA PRO H 28 -2.83 6.32 -32.15
C PRO H 28 -4.27 5.81 -32.20
N TRP H 29 -5.07 6.48 -33.01
CA TRP H 29 -6.47 6.15 -33.25
C TRP H 29 -6.94 6.84 -34.53
N LEU H 30 -6.08 7.68 -35.09
CA LEU H 30 -6.36 8.43 -36.32
C LEU H 30 -7.19 7.66 -37.34
N PRO H 31 -7.78 8.37 -38.32
CA PRO H 31 -8.58 7.72 -39.36
C PRO H 31 -7.59 6.99 -40.27
N VAL H 32 -7.82 5.71 -40.52
CA VAL H 32 -6.92 4.93 -41.37
C VAL H 32 -7.07 5.31 -42.86
N GLY H 33 -8.14 6.05 -43.16
CA GLY H 33 -8.39 6.49 -44.51
C GLY H 33 -9.29 5.58 -45.32
N VAL H 34 -9.56 5.97 -46.56
CA VAL H 34 -10.41 5.18 -47.45
C VAL H 34 -9.53 4.36 -48.40
N ASP H 35 -10.12 3.37 -49.07
CA ASP H 35 -9.36 2.56 -50.03
C ASP H 35 -9.59 3.07 -51.45
N VAL H 36 -8.69 2.70 -52.36
CA VAL H 36 -8.81 3.11 -53.75
C VAL H 36 -8.91 1.92 -54.70
N ASN H 37 -9.79 2.05 -55.68
CA ASN H 37 -10.02 1.01 -56.66
C ASN H 37 -9.12 1.34 -57.85
N ILE H 38 -7.83 1.06 -57.73
CA ILE H 38 -6.85 1.37 -58.78
C ILE H 38 -7.08 0.86 -60.21
N ASN H 39 -8.11 0.05 -60.42
CA ASN H 39 -8.38 -0.47 -61.76
C ASN H 39 -9.30 0.42 -62.59
N MET H 40 -9.80 1.49 -61.97
CA MET H 40 -10.67 2.43 -62.64
C MET H 40 -10.18 3.85 -62.39
N THR H 41 -9.64 4.09 -61.20
CA THR H 41 -9.15 5.40 -60.81
C THR H 41 -7.70 5.49 -60.30
N THR H 42 -7.32 6.68 -59.86
CA THR H 42 -5.97 6.92 -59.38
C THR H 42 -6.04 7.49 -57.97
N PRO H 43 -5.03 7.22 -57.14
CA PRO H 43 -5.06 7.77 -55.78
C PRO H 43 -5.30 9.29 -55.78
N ALA H 44 -4.57 9.99 -56.64
CA ALA H 44 -4.68 11.45 -56.76
C ALA H 44 -5.93 11.85 -57.54
N MET H 45 -6.51 10.91 -58.27
CA MET H 45 -7.72 11.17 -59.03
C MET H 45 -8.82 11.20 -57.98
N CYS H 46 -8.58 10.46 -56.90
CA CYS H 46 -9.49 10.36 -55.77
C CYS H 46 -9.35 11.54 -54.82
N ILE H 47 -8.20 12.21 -54.88
CA ILE H 47 -7.94 13.38 -54.05
C ILE H 47 -8.55 14.58 -54.76
N SER H 48 -8.43 14.57 -56.08
CA SER H 48 -8.98 15.63 -56.94
C SER H 48 -10.50 15.62 -56.85
N SER H 49 -11.08 14.42 -56.89
CA SER H 49 -12.53 14.27 -56.83
C SER H 49 -13.07 14.37 -55.40
N GLU H 50 -12.17 14.41 -54.42
CA GLU H 50 -12.57 14.55 -53.02
C GLU H 50 -12.46 15.99 -52.56
N LEU H 51 -11.26 16.54 -52.68
CA LEU H 51 -11.03 17.94 -52.30
C LEU H 51 -11.50 18.84 -53.44
N GLY H 52 -12.28 18.27 -54.36
CA GLY H 52 -12.77 19.03 -55.48
C GLY H 52 -14.12 19.68 -55.28
N LYS H 53 -14.51 19.89 -54.01
CA LYS H 53 -15.78 20.52 -53.69
C LYS H 53 -15.56 21.51 -52.55
N LEU H 54 -16.66 22.12 -52.09
CA LEU H 54 -16.62 23.06 -50.97
C LEU H 54 -16.35 24.53 -51.34
N GLN H 55 -16.31 24.83 -52.65
CA GLN H 55 -16.07 26.20 -53.13
C GLN H 55 -14.69 26.79 -52.76
N LYS H 56 -14.40 27.98 -53.30
CA LYS H 56 -13.14 28.69 -53.08
C LYS H 56 -12.94 29.09 -51.61
N ASP H 57 -14.04 29.12 -50.85
CA ASP H 57 -13.98 29.48 -49.44
C ASP H 57 -13.71 28.30 -48.50
N GLN H 58 -14.68 27.40 -48.35
CA GLN H 58 -14.50 26.24 -47.48
C GLN H 58 -13.24 25.46 -47.81
N GLN H 59 -12.67 25.73 -48.97
CA GLN H 59 -11.44 25.06 -49.37
C GLN H 59 -10.29 25.66 -48.54
N MET H 60 -10.09 26.97 -48.66
CA MET H 60 -9.05 27.68 -47.93
C MET H 60 -9.41 27.81 -46.45
N ALA H 61 -10.58 27.27 -46.10
CA ALA H 61 -11.09 27.30 -44.73
C ALA H 61 -10.49 26.16 -43.93
N LEU H 62 -10.44 24.97 -44.53
CA LEU H 62 -9.86 23.80 -43.87
C LEU H 62 -8.36 23.83 -44.12
N LEU H 63 -7.95 24.51 -45.20
CA LEU H 63 -6.52 24.63 -45.51
C LEU H 63 -5.88 25.40 -44.36
N LYS H 64 -6.54 26.48 -43.97
CA LYS H 64 -6.09 27.34 -42.88
C LYS H 64 -6.07 26.60 -41.53
N VAL H 65 -7.13 25.86 -41.23
CA VAL H 65 -7.22 25.13 -39.96
C VAL H 65 -5.96 24.27 -39.75
N ILE H 66 -5.30 23.91 -40.85
CA ILE H 66 -4.08 23.12 -40.82
C ILE H 66 -2.89 24.07 -40.75
N GLN H 67 -3.02 25.22 -41.40
CA GLN H 67 -1.97 26.24 -41.42
C GLN H 67 -1.65 26.65 -39.98
N HIS H 68 -2.67 27.04 -39.24
CA HIS H 68 -2.54 27.48 -37.85
C HIS H 68 -2.01 26.36 -36.92
N PHE H 69 -2.31 25.11 -37.25
CA PHE H 69 -1.87 23.98 -36.42
C PHE H 69 -0.40 23.65 -36.68
N CYS H 70 0.06 23.90 -37.91
CA CYS H 70 1.45 23.62 -38.28
C CYS H 70 2.39 24.43 -37.40
N LYS H 71 1.87 25.55 -36.90
CA LYS H 71 2.61 26.48 -36.04
C LYS H 71 2.85 25.94 -34.63
N ASP H 72 2.42 24.70 -34.38
CA ASP H 72 2.58 24.02 -33.09
C ASP H 72 1.65 22.81 -32.94
N GLU H 75 4.87 21.96 -35.25
CA GLU H 75 5.84 20.91 -34.91
C GLU H 75 5.23 19.51 -34.92
N THR H 76 4.25 19.26 -34.04
CA THR H 76 3.59 17.96 -33.97
C THR H 76 2.87 17.72 -35.29
N PHE H 77 3.13 18.61 -36.25
CA PHE H 77 2.56 18.55 -37.58
C PHE H 77 3.23 17.38 -38.26
N VAL H 78 4.56 17.40 -38.27
CA VAL H 78 5.31 16.31 -38.87
C VAL H 78 5.03 15.02 -38.11
N ALA H 79 4.45 15.15 -36.91
CA ALA H 79 4.12 13.99 -36.07
C ALA H 79 3.18 13.02 -36.78
N LEU H 80 2.00 13.50 -37.19
CA LEU H 80 1.03 12.68 -37.90
C LEU H 80 1.26 12.78 -39.42
N LEU H 81 1.74 13.94 -39.87
CA LEU H 81 2.01 14.15 -41.30
C LEU H 81 3.10 13.20 -41.82
N GLU H 82 3.72 12.50 -40.88
CA GLU H 82 4.80 11.55 -41.19
C GLU H 82 4.24 10.14 -41.18
N GLU H 83 3.15 9.94 -40.44
CA GLU H 83 2.50 8.64 -40.33
C GLU H 83 1.19 8.65 -41.13
N ALA H 84 1.29 9.18 -42.34
CA ALA H 84 0.17 9.29 -43.28
C ALA H 84 0.55 10.35 -44.30
N PRO H 85 1.52 10.02 -45.16
CA PRO H 85 1.97 10.97 -46.19
C PRO H 85 0.87 11.41 -47.15
N GLN H 86 -0.25 10.69 -47.16
CA GLN H 86 -1.35 11.03 -48.06
C GLN H 86 -1.97 12.36 -47.64
N LEU H 87 -1.89 12.63 -46.33
CA LEU H 87 -2.42 13.86 -45.76
C LEU H 87 -1.52 15.02 -46.16
N SER H 88 -0.44 14.69 -46.85
CA SER H 88 0.51 15.68 -47.32
C SER H 88 0.21 16.01 -48.78
N TYR H 89 -0.22 14.99 -49.53
CA TYR H 89 -0.55 15.17 -50.93
C TYR H 89 -1.85 15.95 -51.05
N ALA H 90 -2.49 16.14 -49.90
CA ALA H 90 -3.73 16.90 -49.85
C ALA H 90 -3.32 18.33 -49.54
N ILE H 91 -2.59 18.51 -48.44
CA ILE H 91 -2.12 19.82 -48.03
C ILE H 91 -1.18 20.41 -49.08
N ALA H 92 -0.87 19.63 -50.12
CA ALA H 92 0.00 20.09 -51.19
C ALA H 92 -0.89 20.44 -52.38
N GLU H 93 -2.11 19.93 -52.35
CA GLU H 93 -3.09 20.17 -53.41
C GLU H 93 -4.01 21.35 -53.04
N LEU H 94 -4.23 21.56 -51.74
CA LEU H 94 -5.08 22.65 -51.26
C LEU H 94 -4.38 24.00 -51.46
N LEU H 95 -3.07 23.97 -51.64
CA LEU H 95 -2.26 25.17 -51.83
C LEU H 95 -1.98 25.45 -53.30
N LEU H 96 -2.58 24.68 -54.20
CA LEU H 96 -2.37 24.89 -55.63
C LEU H 96 -3.72 25.02 -56.33
N SER H 97 -4.77 24.51 -55.68
CA SER H 97 -6.11 24.60 -56.23
C SER H 97 -6.59 26.03 -55.97
N ASN H 98 -6.02 26.65 -54.94
CA ASN H 98 -6.35 28.02 -54.58
C ASN H 98 -5.21 28.98 -54.85
N GLY H 99 -4.12 28.87 -54.09
CA GLY H 99 -2.98 29.75 -54.30
C GLY H 99 -1.82 29.67 -53.31
N VAL H 100 -0.64 29.34 -53.83
CA VAL H 100 0.58 29.22 -53.01
C VAL H 100 1.87 29.19 -53.85
N CYS H 101 1.74 28.95 -55.16
CA CYS H 101 2.89 28.94 -56.07
C CYS H 101 2.64 28.24 -57.41
N SER H 102 3.61 28.36 -58.32
CA SER H 102 3.54 27.78 -59.65
C SER H 102 4.93 27.51 -60.24
N VAL H 103 5.97 27.89 -59.50
CA VAL H 103 7.35 27.70 -59.95
C VAL H 103 8.26 27.33 -58.76
N ASP H 104 7.85 27.76 -57.56
CA ASP H 104 8.61 27.49 -56.33
C ASP H 104 8.07 26.32 -55.52
N GLN H 105 7.07 25.63 -56.04
CA GLN H 105 6.52 24.47 -55.33
C GLN H 105 7.58 23.41 -55.50
N LEU H 106 8.68 23.83 -56.14
CA LEU H 106 9.81 22.98 -56.42
C LEU H 106 10.75 22.94 -55.21
N THR H 107 10.42 23.69 -54.15
CA THR H 107 11.24 23.69 -52.93
C THR H 107 11.15 22.28 -52.35
N GLN H 108 10.19 21.53 -52.85
CA GLN H 108 9.93 20.16 -52.38
C GLN H 108 10.69 19.10 -53.17
N LEU H 109 11.19 19.46 -54.34
CA LEU H 109 11.97 18.53 -55.17
C LEU H 109 13.39 18.52 -54.61
N ALA H 110 13.63 19.47 -53.71
CA ALA H 110 14.92 19.60 -53.05
C ALA H 110 14.70 19.26 -51.58
N PRO I 28 -19.08 28.03 5.85
CA PRO I 28 -18.54 27.60 4.54
C PRO I 28 -19.07 28.43 3.39
N TRP I 29 -19.38 27.79 2.26
CA TRP I 29 -19.86 28.49 1.06
C TRP I 29 -20.97 29.53 1.18
N LEU I 30 -21.48 29.77 2.40
CA LEU I 30 -22.54 30.76 2.61
C LEU I 30 -22.44 31.98 1.71
N PRO I 31 -23.56 32.68 1.49
CA PRO I 31 -23.63 33.89 0.65
C PRO I 31 -23.02 35.11 1.37
N VAL I 32 -21.94 35.64 0.81
CA VAL I 32 -21.26 36.80 1.40
C VAL I 32 -22.23 37.95 1.68
N GLY I 33 -23.06 38.27 0.68
CA GLY I 33 -24.03 39.35 0.84
C GLY I 33 -23.93 40.41 -0.25
N VAL I 34 -25.03 41.15 -0.42
CA VAL I 34 -25.11 42.21 -1.41
C VAL I 34 -24.20 43.37 -1.01
N ASP I 35 -23.80 44.16 -2.00
CA ASP I 35 -22.97 45.33 -1.71
C ASP I 35 -23.91 46.53 -1.59
N VAL I 36 -23.58 47.44 -0.66
CA VAL I 36 -24.39 48.63 -0.40
C VAL I 36 -23.68 49.94 -0.76
N ASN I 37 -24.17 50.63 -1.79
CA ASN I 37 -23.59 51.90 -2.18
C ASN I 37 -23.86 52.85 -1.03
N ILE I 38 -22.85 53.10 -0.19
CA ILE I 38 -22.99 53.99 0.98
C ILE I 38 -23.09 55.47 0.63
N ASN I 39 -22.62 55.83 -0.56
CA ASN I 39 -22.65 57.20 -0.99
C ASN I 39 -24.07 57.73 -1.12
N MET I 40 -25.05 56.82 -1.24
CA MET I 40 -26.45 57.22 -1.39
C MET I 40 -27.48 56.45 -0.55
N THR I 41 -27.07 55.43 0.20
CA THR I 41 -28.02 54.65 1.00
C THR I 41 -27.47 54.14 2.34
N THR I 42 -28.38 53.94 3.30
CA THR I 42 -28.02 53.45 4.63
C THR I 42 -28.08 51.93 4.64
N PRO I 43 -27.05 51.26 5.19
CA PRO I 43 -27.09 49.80 5.23
C PRO I 43 -28.41 49.22 5.75
N ALA I 44 -29.06 49.91 6.69
CA ALA I 44 -30.32 49.43 7.26
C ALA I 44 -31.53 50.00 6.51
N MET I 45 -31.24 50.76 5.46
CA MET I 45 -32.25 51.35 4.60
C MET I 45 -32.21 50.44 3.38
N CYS I 46 -31.17 49.60 3.36
CA CYS I 46 -30.95 48.64 2.31
C CYS I 46 -31.57 47.36 2.87
N ILE I 47 -31.86 47.37 4.17
CA ILE I 47 -32.51 46.22 4.81
C ILE I 47 -34.02 46.47 4.72
N SER I 48 -34.39 47.76 4.70
CA SER I 48 -35.79 48.15 4.58
C SER I 48 -36.17 47.91 3.12
N SER I 49 -35.17 48.05 2.26
CA SER I 49 -35.35 47.83 0.83
C SER I 49 -35.66 46.35 0.61
N GLU I 50 -35.25 45.51 1.55
CA GLU I 50 -35.49 44.08 1.41
C GLU I 50 -36.65 43.57 2.27
N LEU I 51 -36.44 43.53 3.58
CA LEU I 51 -37.47 43.05 4.50
C LEU I 51 -38.75 43.86 4.29
N GLY I 52 -38.68 44.79 3.33
CA GLY I 52 -39.81 45.63 3.00
C GLY I 52 -40.44 45.23 1.68
N LYS I 53 -40.89 43.98 1.62
CA LYS I 53 -41.55 43.44 0.44
C LYS I 53 -41.93 41.98 0.68
N LEU I 54 -42.29 41.70 1.93
CA LEU I 54 -42.69 40.36 2.38
C LEU I 54 -43.99 40.46 3.20
N GLN I 55 -45.12 40.12 2.58
CA GLN I 55 -46.39 40.18 3.31
C GLN I 55 -46.15 39.54 4.67
N LYS I 56 -46.69 40.17 5.71
CA LYS I 56 -46.53 39.71 7.10
C LYS I 56 -46.33 38.21 7.27
N ASP I 57 -47.03 37.43 6.45
CA ASP I 57 -46.93 35.97 6.51
C ASP I 57 -45.47 35.52 6.46
N GLN I 58 -44.90 35.50 5.26
CA GLN I 58 -43.52 35.09 5.05
C GLN I 58 -42.57 35.76 6.03
N GLN I 59 -42.97 36.92 6.54
CA GLN I 59 -42.15 37.68 7.49
C GLN I 59 -42.02 36.96 8.83
N MET I 60 -43.13 36.51 9.39
CA MET I 60 -43.08 35.78 10.65
C MET I 60 -42.38 34.44 10.40
N ALA I 61 -42.57 33.89 9.20
CA ALA I 61 -41.98 32.62 8.80
C ALA I 61 -40.50 32.55 9.16
N LEU I 62 -39.70 33.45 8.60
CA LEU I 62 -38.27 33.47 8.87
C LEU I 62 -37.98 33.32 10.37
N LEU I 63 -38.77 34.00 11.19
CA LEU I 63 -38.60 33.94 12.64
C LEU I 63 -39.03 32.59 13.20
N LYS I 64 -40.10 32.02 12.67
CA LYS I 64 -40.59 30.71 13.10
C LYS I 64 -39.46 29.72 12.83
N VAL I 65 -38.71 30.01 11.77
CA VAL I 65 -37.59 29.19 11.36
C VAL I 65 -36.40 29.44 12.25
N ILE I 66 -36.06 30.71 12.41
CA ILE I 66 -34.94 31.14 13.24
C ILE I 66 -35.16 30.62 14.67
N GLN I 67 -36.41 30.64 15.11
CA GLN I 67 -36.79 30.16 16.44
C GLN I 67 -36.29 28.74 16.57
N HIS I 68 -36.78 27.87 15.69
CA HIS I 68 -36.42 26.47 15.65
C HIS I 68 -34.90 26.29 15.53
N PHE I 69 -34.28 27.13 14.70
CA PHE I 69 -32.84 27.07 14.46
C PHE I 69 -31.99 27.88 15.44
N CYS I 70 -32.63 28.55 16.40
CA CYS I 70 -31.91 29.33 17.41
C CYS I 70 -30.94 28.46 18.21
N LYS I 71 -31.48 27.40 18.79
CA LYS I 71 -30.67 26.47 19.58
C LYS I 71 -29.90 25.57 18.60
N ASP I 72 -30.56 24.51 18.14
CA ASP I 72 -29.97 23.56 17.20
C ASP I 72 -29.80 24.16 15.80
N GLU I 75 -26.37 26.08 18.69
CA GLU I 75 -24.91 26.00 18.71
C GLU I 75 -24.39 26.34 17.33
N THR I 76 -25.27 26.27 16.35
CA THR I 76 -24.89 26.57 14.98
C THR I 76 -25.46 27.94 14.61
N PHE I 77 -26.26 28.48 15.52
CA PHE I 77 -26.87 29.79 15.36
C PHE I 77 -25.82 30.83 15.71
N VAL I 78 -25.02 30.53 16.72
CA VAL I 78 -23.95 31.40 17.20
C VAL I 78 -22.89 31.59 16.12
N ALA I 79 -22.48 30.49 15.51
CA ALA I 79 -21.47 30.53 14.45
C ALA I 79 -21.96 31.36 13.25
N LEU I 80 -23.28 31.44 13.08
CA LEU I 80 -23.86 32.19 11.98
C LEU I 80 -24.09 33.66 12.35
N LEU I 81 -24.37 33.89 13.62
CA LEU I 81 -24.61 35.23 14.12
C LEU I 81 -23.30 36.03 14.14
N GLU I 82 -22.20 35.31 14.36
CA GLU I 82 -20.87 35.90 14.41
C GLU I 82 -20.30 36.14 13.01
N GLU I 83 -20.69 35.32 12.04
CA GLU I 83 -20.20 35.45 10.66
C GLU I 83 -21.13 36.28 9.80
N ALA I 84 -22.29 36.59 10.36
CA ALA I 84 -23.27 37.41 9.67
C ALA I 84 -23.91 38.36 10.68
N PRO I 85 -23.22 39.46 10.98
CA PRO I 85 -23.76 40.42 11.94
C PRO I 85 -24.79 41.32 11.29
N GLN I 86 -25.17 40.99 10.07
CA GLN I 86 -26.17 41.78 9.36
C GLN I 86 -27.51 41.04 9.35
N LEU I 87 -27.45 39.74 9.65
CA LEU I 87 -28.64 38.90 9.69
C LEU I 87 -29.37 39.16 11.00
N SER I 88 -28.65 39.67 11.99
CA SER I 88 -29.25 39.98 13.28
C SER I 88 -29.97 41.31 13.18
N TYR I 89 -29.61 42.10 12.18
CA TYR I 89 -30.26 43.38 11.95
C TYR I 89 -31.48 43.08 11.09
N ALA I 90 -31.53 41.85 10.61
CA ALA I 90 -32.64 41.37 9.80
C ALA I 90 -33.65 40.80 10.80
N ILE I 91 -33.17 39.87 11.64
CA ILE I 91 -33.97 39.23 12.67
C ILE I 91 -34.59 40.32 13.56
N ALA I 92 -33.76 41.30 13.94
CA ALA I 92 -34.21 42.40 14.78
C ALA I 92 -35.31 43.17 14.06
N GLU I 93 -35.11 43.42 12.77
CA GLU I 93 -36.08 44.15 11.96
C GLU I 93 -37.48 43.57 12.08
N LEU I 94 -37.59 42.26 11.86
CA LEU I 94 -38.86 41.54 11.92
C LEU I 94 -39.28 41.23 13.36
N LEU I 95 -38.31 40.92 14.21
CA LEU I 95 -38.63 40.61 15.60
C LEU I 95 -38.92 41.92 16.34
N LEU I 96 -39.49 42.88 15.61
CA LEU I 96 -39.85 44.18 16.18
C LEU I 96 -40.82 44.91 15.27
N SER I 97 -40.44 45.09 14.01
CA SER I 97 -41.29 45.78 13.04
C SER I 97 -42.70 45.25 13.19
N ASN I 98 -42.83 43.92 13.27
CA ASN I 98 -44.13 43.26 13.43
C ASN I 98 -44.61 43.45 14.87
N GLY I 99 -43.92 42.82 15.80
CA GLY I 99 -44.32 42.96 17.19
C GLY I 99 -43.58 42.01 18.11
N VAL I 100 -42.75 42.57 18.98
CA VAL I 100 -41.98 41.78 19.95
C VAL I 100 -41.71 42.57 21.23
N CYS I 101 -41.06 43.73 21.12
CA CYS I 101 -40.76 44.52 22.30
C CYS I 101 -40.39 45.99 22.10
N SER I 102 -39.68 46.52 23.09
CA SER I 102 -39.21 47.90 23.12
C SER I 102 -38.08 48.06 24.15
N VAL I 103 -38.46 48.25 25.42
CA VAL I 103 -37.52 48.40 26.55
C VAL I 103 -36.80 47.07 26.77
N ASP I 104 -37.26 46.05 26.06
CA ASP I 104 -36.72 44.70 26.12
C ASP I 104 -35.42 44.63 25.33
N GLN I 105 -35.54 44.76 24.01
CA GLN I 105 -34.39 44.71 23.11
C GLN I 105 -33.35 45.73 23.55
N LEU I 106 -33.77 46.69 24.36
CA LEU I 106 -32.85 47.69 24.86
C LEU I 106 -31.96 47.00 25.88
N THR I 107 -32.42 45.88 26.42
CA THR I 107 -31.65 45.10 27.38
C THR I 107 -30.72 44.21 26.54
N GLN I 108 -31.07 44.04 25.27
CA GLN I 108 -30.27 43.26 24.33
C GLN I 108 -28.93 43.94 24.17
N LEU I 109 -28.96 45.23 23.83
CA LEU I 109 -27.75 45.99 23.66
C LEU I 109 -26.85 45.90 24.89
N ALA I 110 -27.31 46.44 26.03
CA ALA I 110 -26.54 46.41 27.27
C ALA I 110 -26.11 44.97 27.61
#